data_5SZS
#
_entry.id   5SZS
#
loop_
_entity.id
_entity.type
_entity.pdbx_description
1 polymer 'Spike glycoprotein'
2 branched alpha-D-mannopyranose-(1-2)-alpha-D-mannopyranose-(1-3)-[alpha-D-mannopyranose-(1-6)]beta-D-mannopyranose-(1-4)-2-acetamido-2-deoxy-beta-D-glucopyranose-(1-4)-2-acetamido-2-deoxy-beta-D-glucopyranose
3 branched 2-acetamido-2-deoxy-beta-D-glucopyranose-(1-4)-2-acetamido-2-deoxy-beta-D-glucopyranose
4 branched alpha-D-mannopyranose-(1-3)-beta-D-mannopyranose-(1-4)-2-acetamido-2-deoxy-beta-D-glucopyranose-(1-4)-2-acetamido-2-deoxy-beta-D-glucopyranose
5 branched alpha-D-mannopyranose-(1-6)-beta-D-mannopyranose-(1-4)-2-acetamido-2-deoxy-beta-D-glucopyranose-(1-4)-2-acetamido-2-deoxy-beta-D-glucopyranose
6 branched alpha-D-mannopyranose-(1-2)-alpha-D-mannopyranose-(1-2)-alpha-D-mannopyranose-(1-3)-[alpha-D-mannopyranose-(1-3)-alpha-D-mannopyranose-(1-6)]beta-D-mannopyranose-(1-4)-2-acetamido-2-deoxy-beta-D-glucopyranose-(1-4)-2-acetamido-2-deoxy-beta-D-glucopyranose
7 branched beta-D-mannopyranose-(1-4)-2-acetamido-2-deoxy-beta-D-glucopyranose-(1-4)-2-acetamido-2-deoxy-beta-D-glucopyranose
8 branched alpha-D-mannopyranose-(1-3)-[alpha-D-mannopyranose-(1-6)]beta-D-mannopyranose-(1-4)-2-acetamido-2-deoxy-beta-D-glucopyranose-(1-4)-2-acetamido-2-deoxy-beta-D-glucopyranose
9 non-polymer 2-acetamido-2-deoxy-beta-D-glucopyranose
#
_entity_poly.entity_id   1
_entity_poly.type   'polypeptide(L)'
_entity_poly.pdbx_seq_one_letter_code
;FFTCNSNANLSMLQLGVPDNSSTIVTGLLPTHWFCANQSTSVYSANGFFYIDVGNHRSAFALHTGYYDANQYYIYVTNEI
GLNASVTLKICKFSRNTTFDFLSNASSSFDCIVNLLFTEQLGAPLGITISGETVRLHLYNVTRTFYVPAAYKLTKLSVKC
YFNYSCVFSVVNATVTVNVTTHNGRVVNYTVCDDCNGYTDNIFSVQQDGRIPNGFPFNNWFLLTNGSTLVDGVSRLYQPL
RLTCLWPVPGLKSSTGFVYFNATGSDVNCNGYQHNSVVDVMRYNLNFSANSLDNLKSGVIVFKTLQYDVLFYCSNSSSGV
LDTTIPFGPSSQPYYCFINSTINTTHVSTFVGILPPTVREIVVARTGQFYINGFKYFDLGFIEAVNFNVTTASATDFWTV
AFATFVDVLVNVSATNIQNLLYCDSPFEKLQCEHLQFGLQDGFYSANFLDDNVLPETYVALPIYYQHTDINFTATASFGG
SCYVCKPHQVNISLNGNTSVCVRTSHFSIRYIYNRVKSGSPGDSSWHIYLKSGTCPFSFSKLNNFQKFKTICFSTVEVPG
SCNFPLEATWHYTSYTIVGALYVTWSEGNSITGVPYPVSGIREFSNLVLNNCTKYNIYDYVGTGIIRSSNQSLAGGITYV
SNSGNLLGFKNVSTGNIFIVTPCNQPDQVAVYQQSIIGAMTAVNESRYGLQNLLQLPNFYYVSNGGNNCTTAVMTYSNFG
ICADGSLIPVRPRNSSDNGISAIITANLSIPSNWTTSVQVEYLQITSTPIVVDCATYVCNGNPRCKNLLKQYTSACKTIE
DALRLSAHLETNDVSSMLTFDSNAFSLANVTSFGDYNLSSVLPQRNIRSSRIAGRSALEDLLFSKVVTSGLGTVDVDYKS
CTKGLSIADLACAQYYNGIMVLPGVADAERMAMYTGSLIGGMVLGGLTSAAAIPFSLALQARLNYVALQTDVLQENQKIL
AASFNKAINNIVASFSSVNDAITQTAEAIHTVTIALNKIQDVVNQQGSALNHLTSQLRHNFQAISNSIQAIYDRLDSIQA
DQQVDRLITGRLAALNAFVSQVLNKYTEVRGSRRLAQQKINECVKSQSNRYGFCGNGTHIFSIVNSAPDGLLFLHTVLLP
TDYKNVKAWSGICVDGIYGYVLRQPNLVLYSDNGVFRVTSRVMFQPRLPVLSDFVQIYNCNVTFVNISRVELHTVIPDYV
DVNKTLQEFAQNLPKYVKPNFDLTPFNLTYLNLSSELKQLEAKTASLFQTTVELQGLIDQINSTYVDLKLLNRFENLIKR
MKQIEDKIEEIESKQKKIENEIARIKKIKLVPRGSLEWSHPQFEK
;
_entity_poly.pdbx_strand_id   A,B,C
#
# COMPACT_ATOMS: atom_id res chain seq x y z
N ALA A 8 -42.33 -0.63 -49.30
CA ALA A 8 -41.51 -1.60 -48.60
C ALA A 8 -42.37 -2.62 -47.88
N ASN A 9 -42.26 -3.89 -48.28
CA ASN A 9 -43.11 -4.94 -47.71
C ASN A 9 -42.63 -5.42 -46.34
N LEU A 10 -42.64 -4.51 -45.38
CA LEU A 10 -42.16 -4.74 -44.02
C LEU A 10 -43.22 -5.39 -43.16
N SER A 11 -42.78 -6.11 -42.14
CA SER A 11 -43.68 -6.66 -41.14
C SER A 11 -44.05 -5.61 -40.13
N MET A 12 -45.12 -5.86 -39.36
CA MET A 12 -45.49 -4.93 -38.32
C MET A 12 -44.42 -4.82 -37.26
N LEU A 13 -43.68 -5.92 -37.08
CA LEU A 13 -42.63 -5.98 -36.10
C LEU A 13 -41.48 -5.06 -36.49
N GLN A 14 -41.13 -5.06 -37.76
CA GLN A 14 -40.11 -4.13 -38.25
C GLN A 14 -40.55 -2.69 -38.17
N LEU A 15 -41.81 -2.45 -38.50
CA LEU A 15 -42.34 -1.10 -38.48
C LEU A 15 -42.53 -0.58 -37.07
N GLY A 16 -42.86 -1.48 -36.14
CA GLY A 16 -43.10 -1.09 -34.77
C GLY A 16 -44.50 -0.54 -34.61
N VAL A 17 -45.46 -1.21 -35.27
CA VAL A 17 -46.84 -0.74 -35.27
C VAL A 17 -47.79 -1.78 -34.67
N PRO A 18 -48.95 -1.35 -34.17
CA PRO A 18 -50.03 -2.18 -33.69
C PRO A 18 -50.85 -2.72 -34.84
N ASP A 19 -51.53 -3.83 -34.60
CA ASP A 19 -52.42 -4.42 -35.57
C ASP A 19 -53.73 -3.67 -35.69
N ASN A 20 -54.40 -3.90 -36.80
CA ASN A 20 -55.70 -3.32 -37.10
C ASN A 20 -55.80 -1.82 -36.83
N SER A 21 -54.81 -1.04 -37.27
CA SER A 21 -54.80 0.37 -36.96
C SER A 21 -54.09 1.25 -38.01
N SER A 22 -53.90 2.52 -37.63
CA SER A 22 -53.27 3.51 -38.50
C SER A 22 -52.36 4.45 -37.73
N THR A 23 -51.06 4.42 -38.06
CA THR A 23 -50.07 5.17 -37.31
C THR A 23 -49.04 5.88 -38.18
N ILE A 24 -48.29 6.77 -37.55
CA ILE A 24 -47.16 7.44 -38.16
C ILE A 24 -45.86 6.83 -37.68
N VAL A 25 -45.04 6.37 -38.61
CA VAL A 25 -43.76 5.79 -38.30
C VAL A 25 -42.64 6.70 -38.78
N THR A 26 -41.70 7.02 -37.90
CA THR A 26 -40.63 7.94 -38.26
C THR A 26 -39.24 7.31 -38.11
N GLY A 27 -38.32 7.67 -39.02
CA GLY A 27 -36.92 7.33 -38.82
C GLY A 27 -36.18 6.80 -40.05
N LEU A 28 -35.28 5.85 -39.82
CA LEU A 28 -34.44 5.32 -40.88
C LEU A 28 -35.13 4.22 -41.67
N LEU A 29 -36.10 4.63 -42.46
CA LEU A 29 -36.97 3.72 -43.19
C LEU A 29 -36.50 3.52 -44.63
N PRO A 30 -36.82 2.37 -45.26
CA PRO A 30 -36.66 2.08 -46.69
C PRO A 30 -37.73 2.76 -47.53
N THR A 31 -37.38 3.08 -48.76
CA THR A 31 -38.31 3.78 -49.65
C THR A 31 -38.28 3.18 -51.07
N HIS A 32 -37.39 3.68 -51.92
CA HIS A 32 -37.22 3.21 -53.29
C HIS A 32 -36.35 1.97 -53.34
N TRP A 33 -36.63 1.11 -54.32
CA TRP A 33 -35.89 -0.13 -54.48
C TRP A 33 -35.09 -0.17 -55.78
N PHE A 34 -33.80 -0.38 -55.65
CA PHE A 34 -32.87 -0.34 -56.76
C PHE A 34 -32.89 -1.60 -57.61
N CYS A 35 -33.99 -1.79 -58.30
CA CYS A 35 -34.21 -3.01 -59.06
C CYS A 35 -33.44 -2.98 -60.37
N ALA A 36 -32.13 -3.18 -60.27
CA ALA A 36 -31.23 -3.05 -61.41
C ALA A 36 -30.15 -4.13 -61.46
N ASN A 37 -29.51 -4.24 -62.62
CA ASN A 37 -28.46 -5.22 -62.89
C ASN A 37 -27.10 -4.61 -63.12
N GLN A 38 -26.76 -3.61 -62.32
CA GLN A 38 -25.50 -2.89 -62.45
C GLN A 38 -24.36 -3.52 -61.66
N SER A 39 -24.63 -4.65 -61.02
CA SER A 39 -23.68 -5.48 -60.27
C SER A 39 -23.14 -4.87 -59.00
N THR A 40 -22.36 -3.81 -59.16
CA THR A 40 -21.63 -3.27 -58.04
C THR A 40 -21.72 -1.76 -58.00
N SER A 41 -22.11 -1.23 -56.84
CA SER A 41 -22.25 0.22 -56.70
C SER A 41 -22.03 0.75 -55.28
N VAL A 42 -21.74 2.05 -55.19
CA VAL A 42 -21.52 2.71 -53.91
C VAL A 42 -22.44 3.90 -53.68
N TYR A 43 -23.02 3.97 -52.49
CA TYR A 43 -23.94 5.04 -52.12
C TYR A 43 -23.55 5.70 -50.82
N SER A 44 -23.97 6.95 -50.62
CA SER A 44 -23.97 7.50 -49.27
C SER A 44 -25.10 6.82 -48.52
N ALA A 45 -24.88 6.43 -47.26
CA ALA A 45 -25.93 5.72 -46.55
C ALA A 45 -25.83 5.76 -45.04
N ASN A 46 -26.97 5.63 -44.36
CA ASN A 46 -27.02 5.39 -42.92
C ASN A 46 -27.49 3.99 -42.64
N GLY A 47 -27.59 3.20 -43.69
CA GLY A 47 -28.10 1.85 -43.57
C GLY A 47 -28.65 1.32 -44.89
N PHE A 48 -29.24 0.14 -44.82
CA PHE A 48 -29.85 -0.47 -45.99
C PHE A 48 -30.82 -1.58 -45.65
N PHE A 49 -31.76 -1.81 -46.55
CA PHE A 49 -32.59 -3.01 -46.51
C PHE A 49 -32.51 -3.79 -47.79
N TYR A 50 -32.63 -5.11 -47.70
CA TYR A 50 -32.67 -5.88 -48.93
C TYR A 50 -33.53 -7.11 -48.84
N ILE A 51 -34.01 -7.54 -50.01
CA ILE A 51 -34.80 -8.75 -50.11
C ILE A 51 -34.22 -9.69 -51.15
N ASP A 52 -33.92 -10.92 -50.72
CA ASP A 52 -33.47 -11.98 -51.61
C ASP A 52 -34.41 -13.21 -51.50
N VAL A 53 -34.57 -13.93 -52.62
CA VAL A 53 -35.14 -15.27 -52.62
C VAL A 53 -34.31 -16.22 -53.49
N GLY A 54 -33.59 -15.65 -54.45
CA GLY A 54 -32.87 -16.43 -55.46
C GLY A 54 -31.65 -17.16 -54.94
N ASN A 55 -31.32 -18.28 -55.57
CA ASN A 55 -30.20 -19.10 -55.12
C ASN A 55 -28.87 -18.57 -55.60
N HIS A 56 -28.47 -17.43 -55.05
CA HIS A 56 -27.24 -16.75 -55.42
C HIS A 56 -26.74 -15.94 -54.25
N ARG A 57 -25.42 -15.81 -54.15
CA ARG A 57 -24.83 -15.00 -53.08
C ARG A 57 -25.05 -13.52 -53.29
N SER A 58 -25.24 -12.79 -52.19
CA SER A 58 -25.25 -11.32 -52.21
C SER A 58 -24.41 -10.79 -51.05
N ALA A 59 -23.93 -9.56 -51.17
CA ALA A 59 -23.19 -8.99 -50.04
C ALA A 59 -23.26 -7.48 -49.95
N PHE A 60 -23.14 -7.00 -48.72
CA PHE A 60 -23.22 -5.58 -48.45
C PHE A 60 -22.15 -5.14 -47.46
N ALA A 61 -21.71 -3.90 -47.57
CA ALA A 61 -20.80 -3.41 -46.55
C ALA A 61 -20.95 -1.93 -46.27
N LEU A 62 -20.85 -1.58 -44.99
CA LEU A 62 -20.85 -0.19 -44.58
C LEU A 62 -19.45 0.19 -44.14
N HIS A 63 -18.92 1.24 -44.74
CA HIS A 63 -17.53 1.59 -44.55
C HIS A 63 -17.23 3.08 -44.69
N THR A 64 -15.97 3.41 -44.44
CA THR A 64 -15.48 4.76 -44.55
C THR A 64 -14.98 5.05 -45.96
N GLY A 65 -14.57 6.30 -46.21
CA GLY A 65 -14.12 6.70 -47.54
C GLY A 65 -12.63 6.43 -47.78
N TYR A 66 -11.98 5.81 -46.81
CA TYR A 66 -10.56 5.50 -46.83
C TYR A 66 -10.33 4.31 -45.91
N TYR A 67 -9.17 3.69 -45.98
CA TYR A 67 -8.91 2.58 -45.06
C TYR A 67 -8.39 3.03 -43.70
N ASP A 68 -9.09 2.67 -42.63
CA ASP A 68 -8.63 2.97 -41.29
C ASP A 68 -8.39 1.70 -40.51
N ALA A 69 -7.15 1.47 -40.14
CA ALA A 69 -6.75 0.25 -39.45
C ALA A 69 -7.52 0.00 -38.15
N ASN A 70 -8.06 1.05 -37.53
CA ASN A 70 -8.76 0.86 -36.28
C ASN A 70 -10.24 1.16 -36.32
N GLN A 71 -10.83 1.17 -37.51
CA GLN A 71 -12.28 1.33 -37.57
C GLN A 71 -12.96 -0.01 -37.72
N TYR A 72 -14.02 -0.20 -36.97
CA TYR A 72 -14.84 -1.39 -37.15
C TYR A 72 -15.71 -1.18 -38.37
N TYR A 73 -15.69 -2.14 -39.27
CA TYR A 73 -16.46 -2.09 -40.48
C TYR A 73 -17.57 -3.10 -40.42
N ILE A 74 -18.68 -2.86 -41.10
CA ILE A 74 -19.79 -3.81 -41.03
C ILE A 74 -19.95 -4.55 -42.32
N TYR A 75 -19.83 -5.86 -42.26
CA TYR A 75 -19.92 -6.70 -43.44
C TYR A 75 -21.01 -7.74 -43.35
N VAL A 76 -21.82 -7.82 -44.41
CA VAL A 76 -22.91 -8.77 -44.46
C VAL A 76 -22.87 -9.66 -45.70
N THR A 77 -23.06 -10.97 -45.48
CA THR A 77 -23.20 -11.90 -46.59
C THR A 77 -24.47 -12.74 -46.50
N ASN A 78 -25.14 -12.91 -47.62
CA ASN A 78 -26.30 -13.76 -47.64
C ASN A 78 -26.16 -14.88 -48.68
N GLU A 79 -26.45 -16.10 -48.24
CA GLU A 79 -26.50 -17.25 -49.14
C GLU A 79 -27.83 -17.97 -48.97
N ILE A 80 -28.40 -18.46 -50.05
CA ILE A 80 -29.73 -19.07 -49.97
C ILE A 80 -29.81 -20.54 -50.37
N GLY A 81 -30.55 -21.29 -49.55
CA GLY A 81 -30.90 -22.68 -49.82
C GLY A 81 -32.41 -22.80 -49.59
N LEU A 82 -32.79 -23.58 -48.59
CA LEU A 82 -34.21 -23.61 -48.20
C LEU A 82 -34.59 -22.30 -47.52
N ASN A 83 -33.64 -21.77 -46.77
CA ASN A 83 -33.79 -20.54 -46.01
C ASN A 83 -32.60 -19.66 -46.31
N ALA A 84 -32.62 -18.43 -45.81
CA ALA A 84 -31.47 -17.57 -45.99
C ALA A 84 -30.48 -17.81 -44.87
N SER A 85 -29.24 -18.05 -45.23
CA SER A 85 -28.12 -18.09 -44.31
C SER A 85 -27.48 -16.72 -44.28
N VAL A 86 -27.67 -16.02 -43.18
CA VAL A 86 -27.29 -14.63 -43.11
C VAL A 86 -26.14 -14.43 -42.16
N THR A 87 -25.02 -13.90 -42.65
CA THR A 87 -23.88 -13.68 -41.78
C THR A 87 -23.61 -12.21 -41.55
N LEU A 88 -23.43 -11.87 -40.29
CA LEU A 88 -23.04 -10.52 -39.88
C LEU A 88 -21.69 -10.51 -39.19
N LYS A 89 -20.80 -9.68 -39.69
CA LYS A 89 -19.54 -9.46 -39.00
C LYS A 89 -19.25 -7.99 -38.79
N ILE A 90 -18.92 -7.63 -37.55
CA ILE A 90 -18.50 -6.27 -37.29
C ILE A 90 -17.12 -6.30 -36.71
N CYS A 91 -16.16 -5.87 -37.52
CA CYS A 91 -14.76 -6.14 -37.25
C CYS A 91 -13.82 -5.14 -37.90
N LYS A 92 -12.58 -5.15 -37.44
CA LYS A 92 -11.49 -4.47 -38.15
C LYS A 92 -10.87 -5.45 -39.15
N PHE A 93 -10.54 -4.96 -40.35
CA PHE A 93 -10.03 -5.81 -41.42
C PHE A 93 -8.65 -5.41 -41.95
N SER A 94 -7.90 -6.40 -42.42
CA SER A 94 -6.57 -6.16 -42.97
C SER A 94 -6.60 -5.68 -44.41
N ARG A 95 -7.04 -4.45 -44.61
CA ARG A 95 -7.19 -3.89 -45.97
C ARG A 95 -7.97 -4.80 -46.90
N SER A 106 -11.03 -10.66 -47.23
CA SER A 106 -11.91 -10.36 -46.11
C SER A 106 -11.34 -10.91 -44.81
N SER A 107 -10.15 -10.46 -44.46
CA SER A 107 -9.47 -10.94 -43.27
C SER A 107 -9.70 -10.06 -42.05
N SER A 108 -10.54 -10.56 -41.13
CA SER A 108 -10.86 -9.85 -39.89
C SER A 108 -9.84 -10.21 -38.81
N PHE A 109 -9.59 -9.29 -37.88
CA PHE A 109 -8.66 -9.61 -36.78
C PHE A 109 -9.08 -9.10 -35.39
N ASP A 110 -10.20 -8.42 -35.34
CA ASP A 110 -10.72 -7.78 -34.13
C ASP A 110 -12.21 -7.62 -34.29
N CYS A 111 -12.99 -8.43 -33.57
CA CYS A 111 -14.42 -8.47 -33.85
C CYS A 111 -15.30 -8.22 -32.64
N ILE A 112 -16.35 -7.47 -32.89
CA ILE A 112 -17.42 -7.18 -31.95
C ILE A 112 -18.47 -8.24 -32.05
N VAL A 113 -18.76 -8.61 -33.28
CA VAL A 113 -19.75 -9.65 -33.47
C VAL A 113 -19.47 -10.48 -34.71
N ASN A 114 -19.73 -11.77 -34.62
CA ASN A 114 -19.67 -12.70 -35.74
C ASN A 114 -20.81 -13.72 -35.65
N LEU A 115 -21.94 -13.42 -36.29
CA LEU A 115 -23.17 -14.19 -36.10
C LEU A 115 -23.77 -14.73 -37.39
N LEU A 116 -24.45 -15.86 -37.24
CA LEU A 116 -25.22 -16.46 -38.31
C LEU A 116 -26.69 -16.58 -37.94
N PHE A 117 -27.56 -16.11 -38.82
CA PHE A 117 -28.99 -16.22 -38.61
C PHE A 117 -29.60 -17.03 -39.73
N THR A 118 -30.75 -17.63 -39.47
CA THR A 118 -31.49 -18.30 -40.53
C THR A 118 -32.83 -17.61 -40.73
N GLU A 119 -33.04 -17.06 -41.92
CA GLU A 119 -34.19 -16.22 -42.15
C GLU A 119 -35.13 -16.70 -43.25
N GLN A 120 -36.38 -16.29 -43.11
CA GLN A 120 -37.43 -16.53 -44.09
C GLN A 120 -37.13 -15.89 -45.43
N LEU A 121 -37.19 -16.67 -46.51
CA LEU A 121 -36.92 -16.11 -47.82
C LEU A 121 -37.98 -15.09 -48.17
N GLY A 122 -37.55 -14.00 -48.81
CA GLY A 122 -38.47 -12.93 -49.12
C GLY A 122 -38.54 -11.87 -48.02
N ALA A 123 -37.96 -12.16 -46.85
CA ALA A 123 -37.95 -11.19 -45.78
C ALA A 123 -37.13 -9.98 -46.17
N PRO A 124 -37.51 -8.77 -45.75
CA PRO A 124 -36.62 -7.62 -45.84
C PRO A 124 -35.73 -7.54 -44.64
N LEU A 125 -34.45 -7.67 -44.87
CA LEU A 125 -33.48 -7.66 -43.80
C LEU A 125 -32.64 -6.42 -43.90
N GLY A 126 -32.10 -5.95 -42.80
CA GLY A 126 -31.30 -4.74 -42.97
C GLY A 126 -30.57 -4.23 -41.74
N ILE A 127 -29.84 -3.16 -41.96
CA ILE A 127 -29.03 -2.52 -40.95
C ILE A 127 -29.23 -1.03 -40.92
N THR A 128 -29.39 -0.48 -39.73
CA THR A 128 -29.46 0.97 -39.59
C THR A 128 -28.53 1.46 -38.49
N ILE A 129 -27.89 2.61 -38.71
CA ILE A 129 -26.95 3.17 -37.74
C ILE A 129 -27.31 4.56 -37.25
N SER A 130 -27.22 4.76 -35.94
CA SER A 130 -27.38 6.09 -35.34
C SER A 130 -26.33 6.35 -34.27
N GLY A 131 -25.45 7.31 -34.49
CA GLY A 131 -24.38 7.51 -33.54
C GLY A 131 -23.55 6.24 -33.49
N GLU A 132 -23.37 5.70 -32.29
CA GLU A 132 -22.58 4.47 -32.16
C GLU A 132 -23.48 3.24 -31.99
N THR A 133 -24.77 3.41 -32.23
CA THR A 133 -25.71 2.31 -32.12
C THR A 133 -25.97 1.67 -33.46
N VAL A 134 -25.80 0.36 -33.53
CA VAL A 134 -26.07 -0.37 -34.74
C VAL A 134 -27.23 -1.32 -34.53
N ARG A 135 -28.27 -1.16 -35.34
CA ARG A 135 -29.45 -1.97 -35.20
C ARG A 135 -29.58 -2.94 -36.35
N LEU A 136 -29.70 -4.20 -35.99
CA LEU A 136 -29.84 -5.26 -36.95
C LEU A 136 -31.28 -5.70 -37.04
N HIS A 137 -31.86 -5.55 -38.23
CA HIS A 137 -33.25 -5.87 -38.44
C HIS A 137 -33.39 -7.25 -39.06
N LEU A 138 -33.89 -8.20 -38.27
CA LEU A 138 -34.04 -9.57 -38.71
C LEU A 138 -35.48 -9.94 -38.77
N TYR A 139 -36.25 -9.15 -39.52
CA TYR A 139 -37.63 -9.45 -39.88
C TYR A 139 -38.61 -9.51 -38.72
N ASN A 140 -38.41 -10.49 -37.87
CA ASN A 140 -39.23 -10.71 -36.71
C ASN A 140 -38.67 -10.02 -35.47
N VAL A 141 -37.35 -9.88 -35.43
CA VAL A 141 -36.70 -9.31 -34.25
C VAL A 141 -35.69 -8.23 -34.59
N THR A 142 -35.28 -7.49 -33.57
CA THR A 142 -34.18 -6.54 -33.71
C THR A 142 -33.13 -6.81 -32.66
N ARG A 143 -31.87 -6.76 -33.07
CA ARG A 143 -30.76 -6.91 -32.14
C ARG A 143 -29.86 -5.68 -32.21
N THR A 144 -29.40 -5.23 -31.06
CA THR A 144 -28.61 -4.00 -31.03
C THR A 144 -27.20 -4.21 -30.55
N PHE A 145 -26.26 -3.57 -31.24
CA PHE A 145 -24.87 -3.59 -30.87
C PHE A 145 -24.34 -2.18 -30.67
N TYR A 146 -23.33 -2.05 -29.84
CA TYR A 146 -22.67 -0.76 -29.71
C TYR A 146 -21.31 -0.85 -30.33
N VAL A 147 -21.11 -0.03 -31.33
CA VAL A 147 -19.95 -0.11 -32.18
C VAL A 147 -19.23 1.22 -32.28
N PRO A 148 -18.02 1.33 -31.74
CA PRO A 148 -17.28 2.55 -31.68
C PRO A 148 -17.17 3.22 -33.03
N ALA A 149 -17.56 4.47 -33.05
CA ALA A 149 -17.57 5.34 -34.22
C ALA A 149 -18.34 4.77 -35.40
N ALA A 150 -19.39 4.00 -35.16
CA ALA A 150 -20.21 3.47 -36.25
C ALA A 150 -20.74 4.54 -37.18
N TYR A 151 -20.93 5.75 -36.67
CA TYR A 151 -21.42 6.86 -37.46
C TYR A 151 -20.49 7.25 -38.60
N LYS A 152 -19.25 6.77 -38.60
CA LYS A 152 -18.33 7.05 -39.68
C LYS A 152 -18.62 6.19 -40.91
N LEU A 153 -19.39 5.13 -40.73
CA LEU A 153 -19.59 4.16 -41.79
C LEU A 153 -20.67 4.61 -42.75
N THR A 154 -20.38 5.69 -43.45
CA THR A 154 -21.37 6.38 -44.27
C THR A 154 -21.35 6.00 -45.74
N LYS A 155 -20.47 5.11 -46.15
CA LYS A 155 -20.49 4.61 -47.51
C LYS A 155 -21.04 3.21 -47.53
N LEU A 156 -21.94 2.95 -48.45
CA LEU A 156 -22.49 1.63 -48.62
C LEU A 156 -22.06 1.01 -49.91
N SER A 157 -21.41 -0.14 -49.83
CA SER A 157 -21.08 -0.91 -51.01
C SER A 157 -22.09 -2.03 -51.17
N VAL A 158 -22.57 -2.21 -52.39
CA VAL A 158 -23.52 -3.26 -52.70
C VAL A 158 -23.05 -4.20 -53.80
N LYS A 159 -23.13 -5.51 -53.55
CA LYS A 159 -22.86 -6.55 -54.54
C LYS A 159 -24.13 -7.39 -54.76
N CYS A 160 -24.90 -7.05 -55.80
CA CYS A 160 -26.27 -7.55 -55.91
C CYS A 160 -27.00 -7.10 -57.17
N TYR A 161 -27.70 -8.07 -57.78
CA TYR A 161 -28.37 -7.91 -59.07
C TYR A 161 -29.84 -8.29 -59.00
N PHE A 162 -30.65 -7.56 -59.74
CA PHE A 162 -32.03 -7.93 -59.94
C PHE A 162 -32.17 -9.29 -60.64
N ASN A 163 -31.17 -9.62 -61.46
CA ASN A 163 -31.08 -10.92 -62.13
C ASN A 163 -31.19 -12.10 -61.19
N TYR A 164 -30.79 -11.92 -59.93
CA TYR A 164 -30.79 -13.02 -59.00
C TYR A 164 -31.79 -12.80 -57.87
N SER A 165 -32.77 -11.94 -58.14
CA SER A 165 -33.89 -11.61 -57.25
C SER A 165 -33.59 -10.51 -56.24
N CYS A 166 -32.32 -10.21 -56.00
CA CYS A 166 -32.02 -9.13 -55.10
C CYS A 166 -32.47 -7.74 -55.48
N VAL A 167 -33.18 -7.14 -54.53
CA VAL A 167 -33.54 -5.74 -54.57
C VAL A 167 -33.12 -5.11 -53.28
N PHE A 168 -32.76 -3.83 -53.30
CA PHE A 168 -32.40 -3.19 -52.05
C PHE A 168 -32.80 -1.74 -52.01
N SER A 169 -32.89 -1.21 -50.81
CA SER A 169 -33.18 0.19 -50.62
C SER A 169 -32.10 0.81 -49.76
N VAL A 170 -31.46 1.83 -50.28
CA VAL A 170 -30.44 2.55 -49.55
C VAL A 170 -31.11 3.48 -48.56
N VAL A 171 -30.74 3.43 -47.30
CA VAL A 171 -31.42 4.26 -46.34
C VAL A 171 -30.70 5.57 -46.11
N ASN A 172 -31.43 6.65 -46.23
CA ASN A 172 -30.93 7.98 -45.97
C ASN A 172 -31.34 8.42 -44.57
N ALA A 173 -32.26 9.38 -44.47
CA ALA A 173 -32.66 9.81 -43.14
C ALA A 173 -33.97 10.53 -43.12
N THR A 174 -34.55 10.61 -41.92
CA THR A 174 -35.76 11.38 -41.62
C THR A 174 -36.94 11.07 -42.53
N VAL A 175 -37.35 9.81 -42.55
CA VAL A 175 -38.49 9.46 -43.36
C VAL A 175 -39.72 9.36 -42.48
N THR A 176 -40.84 9.92 -42.92
CA THR A 176 -42.10 9.74 -42.19
C THR A 176 -43.07 8.99 -43.06
N VAL A 177 -43.61 7.89 -42.53
CA VAL A 177 -44.52 7.05 -43.28
C VAL A 177 -45.86 6.83 -42.61
N ASN A 178 -46.91 6.94 -43.41
CA ASN A 178 -48.25 6.58 -42.97
C ASN A 178 -48.46 5.09 -43.16
N VAL A 179 -48.69 4.40 -42.05
CA VAL A 179 -48.85 2.96 -42.08
C VAL A 179 -50.24 2.51 -41.67
N THR A 180 -50.80 1.61 -42.47
CA THR A 180 -52.09 1.00 -42.15
C THR A 180 -51.90 -0.47 -41.99
N THR A 181 -52.46 -1.04 -40.93
CA THR A 181 -52.41 -2.48 -40.69
C THR A 181 -53.80 -3.09 -40.64
N HIS A 182 -53.90 -4.36 -40.99
CA HIS A 182 -55.16 -5.08 -40.94
C HIS A 182 -54.98 -6.59 -40.93
N ASN A 183 -55.57 -7.25 -39.95
CA ASN A 183 -55.51 -8.70 -39.82
C ASN A 183 -54.07 -9.24 -39.87
N GLY A 184 -53.16 -8.54 -39.21
CA GLY A 184 -51.77 -8.97 -39.16
C GLY A 184 -50.92 -8.51 -40.34
N ARG A 185 -51.55 -7.96 -41.37
CA ARG A 185 -50.85 -7.54 -42.55
C ARG A 185 -50.54 -6.06 -42.51
N VAL A 186 -49.47 -5.68 -43.19
CA VAL A 186 -49.30 -4.27 -43.46
C VAL A 186 -49.99 -4.00 -44.78
N VAL A 187 -50.84 -3.00 -44.77
CA VAL A 187 -51.68 -2.64 -45.90
C VAL A 187 -51.10 -1.47 -46.66
N ASN A 188 -50.83 -0.39 -45.93
CA ASN A 188 -50.29 0.81 -46.56
C ASN A 188 -48.93 1.13 -45.99
N TYR A 189 -48.11 1.71 -46.84
CA TYR A 189 -46.79 2.23 -46.50
C TYR A 189 -46.53 3.45 -47.36
N THR A 190 -47.02 4.60 -46.92
CA THR A 190 -47.00 5.80 -47.73
C THR A 190 -46.13 6.91 -47.17
N VAL A 191 -45.12 7.31 -47.92
CA VAL A 191 -44.20 8.33 -47.43
C VAL A 191 -44.88 9.69 -47.48
N CYS A 192 -44.76 10.45 -46.39
CA CYS A 192 -45.34 11.80 -46.37
C CYS A 192 -44.48 12.78 -47.17
N ASP A 193 -45.23 13.62 -47.91
CA ASP A 193 -44.73 14.90 -48.40
C ASP A 193 -45.08 15.97 -47.36
N ASP A 194 -46.07 15.64 -46.54
CA ASP A 194 -46.54 16.41 -45.41
C ASP A 194 -45.73 15.94 -44.19
N CYS A 195 -46.26 16.05 -42.98
CA CYS A 195 -45.51 15.64 -41.80
C CYS A 195 -44.22 16.44 -41.60
N ASN A 196 -44.26 17.72 -41.94
CA ASN A 196 -43.09 18.55 -41.73
C ASN A 196 -42.75 18.63 -40.25
N GLY A 197 -41.50 18.32 -39.93
CA GLY A 197 -40.99 18.39 -38.56
C GLY A 197 -41.36 17.18 -37.72
N TYR A 198 -42.11 16.24 -38.28
CA TYR A 198 -42.51 15.09 -37.49
C TYR A 198 -41.33 14.29 -37.03
N THR A 199 -40.32 14.15 -37.84
CA THR A 199 -39.21 13.30 -37.47
C THR A 199 -38.41 13.82 -36.28
N ASP A 200 -38.66 15.05 -35.84
CA ASP A 200 -38.00 15.59 -34.67
C ASP A 200 -38.85 15.48 -33.40
N ASN A 201 -40.14 15.18 -33.54
CA ASN A 201 -41.06 15.27 -32.41
C ASN A 201 -42.05 14.10 -32.28
N ILE A 202 -42.35 13.46 -33.40
CA ILE A 202 -43.38 12.45 -33.48
C ILE A 202 -42.82 11.06 -33.67
N PHE A 203 -43.35 10.12 -32.93
CA PHE A 203 -42.97 8.72 -33.03
C PHE A 203 -44.13 7.87 -32.57
N SER A 204 -44.01 6.57 -32.75
CA SER A 204 -45.05 5.66 -32.28
C SER A 204 -44.63 5.00 -30.99
N VAL A 205 -45.57 4.85 -30.07
CA VAL A 205 -45.29 4.18 -28.81
C VAL A 205 -45.06 2.72 -29.05
N GLN A 206 -43.95 2.17 -28.56
CA GLN A 206 -43.66 0.79 -28.81
C GLN A 206 -44.27 -0.10 -27.78
N GLN A 207 -44.24 -1.38 -28.05
CA GLN A 207 -44.68 -2.36 -27.08
C GLN A 207 -44.00 -2.06 -25.73
N ASP A 208 -44.79 -2.14 -24.66
CA ASP A 208 -44.37 -1.91 -23.29
C ASP A 208 -44.06 -0.45 -22.99
N GLY A 209 -44.34 0.43 -23.93
CA GLY A 209 -44.20 1.86 -23.70
C GLY A 209 -42.83 2.41 -24.00
N ARG A 210 -41.98 1.65 -24.67
CA ARG A 210 -40.66 2.20 -24.93
C ARG A 210 -40.68 3.27 -26.02
N ILE A 211 -39.81 4.25 -25.89
CA ILE A 211 -39.55 5.20 -26.96
C ILE A 211 -38.61 4.52 -27.93
N PRO A 212 -38.83 4.56 -29.26
CA PRO A 212 -38.04 3.86 -30.23
C PRO A 212 -36.58 4.26 -30.20
N ASN A 213 -35.73 3.28 -30.36
CA ASN A 213 -34.31 3.55 -30.43
C ASN A 213 -34.05 4.38 -31.66
N GLY A 214 -33.24 5.41 -31.53
CA GLY A 214 -32.92 6.28 -32.64
C GLY A 214 -33.72 7.58 -32.62
N PHE A 215 -34.74 7.68 -31.78
CA PHE A 215 -35.51 8.91 -31.68
C PHE A 215 -34.65 10.08 -31.23
N PRO A 216 -34.86 11.29 -31.78
CA PRO A 216 -34.22 12.49 -31.27
C PRO A 216 -35.09 13.23 -30.29
N PHE A 217 -34.64 13.36 -29.08
CA PHE A 217 -35.47 13.91 -28.03
C PHE A 217 -35.53 15.42 -28.05
N ASN A 218 -36.07 15.96 -29.13
CA ASN A 218 -35.94 17.38 -29.48
C ASN A 218 -36.25 18.34 -28.36
N ASN A 219 -37.36 18.14 -27.67
CA ASN A 219 -37.71 19.00 -26.56
C ASN A 219 -37.96 18.21 -25.29
N TRP A 220 -37.31 17.08 -25.12
CA TRP A 220 -37.56 16.32 -23.90
C TRP A 220 -36.49 16.55 -22.87
N PHE A 221 -36.87 17.12 -21.75
CA PHE A 221 -35.91 17.40 -20.72
C PHE A 221 -35.87 16.29 -19.69
N LEU A 222 -34.77 16.21 -18.98
CA LEU A 222 -34.72 15.37 -17.81
C LEU A 222 -35.27 16.19 -16.67
N LEU A 223 -36.08 15.59 -15.83
CA LEU A 223 -36.64 16.35 -14.73
C LEU A 223 -35.66 16.41 -13.59
N THR A 224 -35.63 17.53 -12.89
CA THR A 224 -34.87 17.58 -11.65
C THR A 224 -35.59 18.27 -10.54
N ASN A 225 -35.00 18.14 -9.35
CA ASN A 225 -35.47 18.76 -8.13
C ASN A 225 -34.44 19.75 -7.61
N GLY A 226 -33.32 19.85 -8.32
CA GLY A 226 -32.22 20.71 -7.92
C GLY A 226 -31.24 20.96 -9.06
N SER A 227 -30.08 20.33 -8.99
CA SER A 227 -29.05 20.49 -10.00
C SER A 227 -29.41 19.77 -11.27
N THR A 228 -28.68 20.08 -12.33
CA THR A 228 -28.91 19.43 -13.61
C THR A 228 -27.64 18.77 -14.09
N LEU A 229 -27.81 17.75 -14.89
CA LEU A 229 -26.69 17.10 -15.53
C LEU A 229 -26.39 17.86 -16.78
N VAL A 230 -25.13 17.94 -17.15
CA VAL A 230 -24.84 18.55 -18.43
C VAL A 230 -24.28 17.50 -19.37
N ASP A 231 -23.17 16.87 -18.99
CA ASP A 231 -22.59 15.82 -19.83
C ASP A 231 -22.14 14.61 -19.02
N GLY A 232 -22.56 13.42 -19.45
CA GLY A 232 -22.11 12.18 -18.81
C GLY A 232 -23.11 11.02 -18.91
N VAL A 233 -22.78 9.91 -18.27
CA VAL A 233 -23.65 8.74 -18.27
C VAL A 233 -24.08 8.36 -16.88
N SER A 234 -25.37 8.16 -16.68
CA SER A 234 -25.83 7.73 -15.36
C SER A 234 -27.19 7.06 -15.38
N ARG A 235 -27.50 6.34 -14.31
CA ARG A 235 -28.83 5.76 -14.15
C ARG A 235 -29.77 6.74 -13.51
N LEU A 236 -30.88 6.96 -14.16
CA LEU A 236 -31.85 7.94 -13.71
C LEU A 236 -33.20 7.31 -13.48
N TYR A 237 -34.03 7.98 -12.70
CA TYR A 237 -35.41 7.59 -12.52
C TYR A 237 -36.28 8.65 -13.16
N GLN A 238 -36.75 8.40 -14.37
CA GLN A 238 -37.38 9.44 -15.19
C GLN A 238 -38.65 8.95 -15.85
N PRO A 239 -39.65 9.81 -16.09
CA PRO A 239 -40.93 9.49 -16.69
C PRO A 239 -40.83 9.27 -18.18
N LEU A 240 -40.18 8.18 -18.54
CA LEU A 240 -39.89 7.83 -19.92
C LEU A 240 -40.53 6.55 -20.43
N ARG A 241 -41.51 6.01 -19.73
CA ARG A 241 -42.27 4.89 -20.29
C ARG A 241 -43.66 5.35 -20.64
N LEU A 242 -44.06 5.16 -21.87
CA LEU A 242 -45.31 5.72 -22.31
C LEU A 242 -46.48 4.77 -22.27
N THR A 243 -47.62 5.30 -21.87
CA THR A 243 -48.87 4.59 -21.95
C THR A 243 -49.67 5.11 -23.14
N CYS A 244 -49.39 6.36 -23.51
CA CYS A 244 -49.97 6.97 -24.68
C CYS A 244 -49.04 8.04 -25.24
N LEU A 245 -49.41 8.58 -26.39
CA LEU A 245 -48.70 9.66 -27.07
C LEU A 245 -49.65 10.22 -28.10
N TRP A 246 -50.01 11.48 -27.95
CA TRP A 246 -51.05 12.10 -28.76
C TRP A 246 -50.55 13.28 -29.64
N PRO A 247 -50.24 13.04 -30.92
CA PRO A 247 -49.70 14.01 -31.86
C PRO A 247 -50.62 15.14 -32.17
N VAL A 248 -50.04 16.32 -32.25
CA VAL A 248 -50.68 17.55 -32.66
C VAL A 248 -52.12 17.61 -32.19
N PRO A 249 -52.29 17.45 -30.88
CA PRO A 249 -53.47 16.98 -30.19
C PRO A 249 -54.75 17.76 -30.47
N GLY A 250 -54.63 18.99 -30.94
CA GLY A 250 -55.81 19.79 -31.20
C GLY A 250 -56.37 20.44 -29.95
N LEU A 251 -55.52 20.64 -28.95
CA LEU A 251 -55.99 21.26 -27.72
C LEU A 251 -56.44 22.69 -27.97
N LYS A 252 -57.66 22.99 -27.56
CA LYS A 252 -58.25 24.32 -27.68
C LYS A 252 -58.92 24.71 -26.38
N SER A 253 -59.32 25.97 -26.25
CA SER A 253 -60.02 26.45 -25.05
C SER A 253 -61.34 25.69 -24.79
N SER A 254 -61.88 25.03 -25.81
CA SER A 254 -63.07 24.20 -25.69
C SER A 254 -62.80 22.75 -25.26
N THR A 255 -61.53 22.34 -25.16
CA THR A 255 -61.18 20.96 -24.83
C THR A 255 -61.56 20.51 -23.41
N GLY A 256 -61.35 21.36 -22.42
CA GLY A 256 -61.64 20.99 -21.04
C GLY A 256 -60.44 20.35 -20.35
N PHE A 257 -60.72 19.60 -19.28
CA PHE A 257 -59.68 19.05 -18.43
C PHE A 257 -59.26 17.65 -18.82
N VAL A 258 -57.96 17.37 -18.69
CA VAL A 258 -57.43 16.05 -18.93
C VAL A 258 -56.99 15.41 -17.63
N TYR A 259 -57.40 14.17 -17.43
CA TYR A 259 -57.25 13.47 -16.15
C TYR A 259 -56.07 12.52 -16.07
N PHE A 260 -54.97 12.87 -16.71
CA PHE A 260 -53.71 12.10 -16.66
C PHE A 260 -53.78 10.77 -17.38
N ASN A 261 -54.71 9.91 -17.01
CA ASN A 261 -54.91 8.68 -17.74
C ASN A 261 -55.42 9.00 -19.15
N ALA A 262 -54.72 8.54 -20.17
CA ALA A 262 -55.07 8.86 -21.54
C ALA A 262 -56.29 8.10 -22.02
N THR A 263 -57.43 8.44 -21.46
CA THR A 263 -58.67 7.76 -21.78
C THR A 263 -59.72 8.74 -22.28
N GLY A 264 -59.26 9.95 -22.64
CA GLY A 264 -60.14 10.99 -23.16
C GLY A 264 -60.63 10.65 -24.55
N SER A 265 -61.81 11.16 -24.90
CA SER A 265 -62.45 10.86 -26.19
C SER A 265 -61.65 11.24 -27.42
N ASP A 266 -60.74 12.20 -27.29
CA ASP A 266 -59.98 12.67 -28.42
C ASP A 266 -58.59 12.06 -28.51
N VAL A 267 -58.21 11.25 -27.53
CA VAL A 267 -56.81 10.92 -27.44
C VAL A 267 -56.42 9.73 -28.32
N ASN A 268 -56.31 10.01 -29.60
CA ASN A 268 -55.99 8.99 -30.58
C ASN A 268 -54.51 8.68 -30.59
N CYS A 269 -54.07 7.91 -29.61
CA CYS A 269 -52.64 7.81 -29.40
C CYS A 269 -51.98 7.19 -30.64
N ASN A 270 -50.75 7.59 -30.94
CA ASN A 270 -49.99 7.03 -32.05
C ASN A 270 -49.11 5.85 -31.62
N GLY A 271 -49.45 4.67 -32.05
CA GLY A 271 -48.72 3.46 -31.64
C GLY A 271 -49.51 2.64 -30.64
N TYR A 272 -48.80 1.91 -29.79
CA TYR A 272 -49.42 1.03 -28.81
C TYR A 272 -50.01 1.84 -27.67
N GLN A 273 -51.09 1.36 -27.08
CA GLN A 273 -51.69 2.05 -25.95
C GLN A 273 -51.91 1.13 -24.77
N HIS A 274 -51.55 1.62 -23.59
CA HIS A 274 -51.73 0.84 -22.37
C HIS A 274 -52.67 1.54 -21.41
N ASN A 275 -53.87 0.99 -21.30
CA ASN A 275 -54.97 1.64 -20.57
C ASN A 275 -54.81 1.60 -19.05
N SER A 276 -53.87 2.39 -18.56
CA SER A 276 -53.57 2.52 -17.14
C SER A 276 -53.48 3.98 -16.71
N VAL A 277 -52.90 4.21 -15.54
CA VAL A 277 -52.77 5.55 -14.98
C VAL A 277 -51.30 5.93 -14.88
N VAL A 278 -51.00 7.14 -15.28
CA VAL A 278 -49.64 7.60 -15.39
C VAL A 278 -49.17 8.41 -14.21
N ASP A 279 -47.90 8.80 -14.25
CA ASP A 279 -47.35 9.66 -13.22
C ASP A 279 -47.42 11.10 -13.70
N VAL A 280 -47.08 11.33 -14.98
CA VAL A 280 -47.04 12.68 -15.50
C VAL A 280 -47.67 12.84 -16.88
N MET A 281 -48.02 14.09 -17.19
CA MET A 281 -48.31 14.51 -18.56
C MET A 281 -47.22 15.44 -19.05
N ARG A 282 -46.75 15.21 -20.27
CA ARG A 282 -45.69 16.04 -20.82
C ARG A 282 -46.16 16.77 -22.06
N TYR A 283 -46.04 18.09 -22.07
CA TYR A 283 -46.45 18.91 -23.19
C TYR A 283 -45.28 19.42 -24.00
N ASN A 284 -45.12 18.88 -25.20
CA ASN A 284 -44.06 19.28 -26.13
C ASN A 284 -44.58 20.45 -26.95
N LEU A 285 -44.07 21.64 -26.66
CA LEU A 285 -44.66 22.87 -27.16
C LEU A 285 -44.11 23.28 -28.51
N ASN A 286 -44.97 23.86 -29.34
CA ASN A 286 -44.55 24.38 -30.64
C ASN A 286 -44.34 25.89 -30.58
N PHE A 287 -43.46 26.39 -31.43
CA PHE A 287 -43.19 27.82 -31.52
C PHE A 287 -42.35 28.15 -32.75
N SER A 288 -42.25 29.44 -33.05
CA SER A 288 -41.40 29.89 -34.15
C SER A 288 -40.40 30.94 -33.69
N ALA A 289 -39.81 31.66 -34.65
CA ALA A 289 -38.83 32.72 -34.38
C ALA A 289 -39.51 34.06 -34.14
N ASN A 290 -40.78 34.15 -34.54
CA ASN A 290 -41.56 35.36 -34.38
C ASN A 290 -42.16 35.46 -32.99
N SER A 291 -41.69 36.40 -32.19
CA SER A 291 -42.22 36.51 -30.85
C SER A 291 -43.75 36.73 -30.83
N LEU A 292 -44.30 37.32 -31.89
CA LEU A 292 -45.72 37.63 -31.89
C LEU A 292 -46.58 36.42 -32.23
N ASP A 293 -45.95 35.33 -32.64
CA ASP A 293 -46.65 34.07 -32.86
C ASP A 293 -46.36 33.11 -31.71
N ASN A 294 -45.61 33.60 -30.74
CA ASN A 294 -45.16 32.81 -29.62
C ASN A 294 -45.87 33.16 -28.32
N LEU A 295 -46.13 34.44 -28.12
CA LEU A 295 -46.86 34.84 -26.92
C LEU A 295 -48.35 34.63 -27.11
N LYS A 296 -48.96 33.82 -26.24
CA LYS A 296 -50.38 33.56 -26.34
C LYS A 296 -51.08 34.01 -25.09
N SER A 297 -52.32 34.46 -25.22
CA SER A 297 -53.12 34.68 -24.03
C SER A 297 -53.63 33.35 -23.55
N GLY A 298 -53.67 33.17 -22.23
CA GLY A 298 -54.18 31.91 -21.70
C GLY A 298 -53.68 31.59 -20.31
N VAL A 299 -54.22 30.52 -19.76
CA VAL A 299 -53.91 30.07 -18.41
C VAL A 299 -53.70 28.58 -18.33
N ILE A 300 -53.09 28.12 -17.26
CA ILE A 300 -53.12 26.72 -16.96
C ILE A 300 -53.88 26.52 -15.67
N VAL A 301 -54.92 25.69 -15.71
CA VAL A 301 -55.70 25.47 -14.52
C VAL A 301 -55.61 24.04 -14.04
N PHE A 302 -55.42 23.90 -12.74
CA PHE A 302 -55.31 22.58 -12.14
C PHE A 302 -56.49 22.34 -11.24
N LYS A 303 -57.04 21.15 -11.33
CA LYS A 303 -58.08 20.74 -10.42
C LYS A 303 -57.44 19.96 -9.32
N THR A 304 -57.43 20.52 -8.11
CA THR A 304 -56.86 19.81 -6.98
C THR A 304 -58.00 19.16 -6.26
N LEU A 305 -57.70 18.48 -5.18
CA LEU A 305 -58.71 17.82 -4.38
C LEU A 305 -59.67 18.79 -3.69
N GLN A 306 -59.30 20.08 -3.60
CA GLN A 306 -60.13 21.03 -2.87
C GLN A 306 -60.52 22.25 -3.70
N TYR A 307 -59.57 22.83 -4.42
CA TYR A 307 -59.79 24.10 -5.11
C TYR A 307 -59.18 24.10 -6.50
N ASP A 308 -59.65 25.00 -7.34
CA ASP A 308 -58.95 25.25 -8.57
C ASP A 308 -57.73 26.10 -8.30
N VAL A 309 -56.66 25.79 -9.00
CA VAL A 309 -55.45 26.61 -8.96
C VAL A 309 -55.12 27.12 -10.35
N LEU A 310 -54.87 28.41 -10.41
CA LEU A 310 -54.62 29.10 -11.65
C LEU A 310 -53.18 29.58 -11.82
N PHE A 311 -52.51 29.16 -12.88
CA PHE A 311 -51.16 29.59 -13.18
C PHE A 311 -51.11 30.45 -14.45
N TYR A 312 -50.43 31.59 -14.37
CA TYR A 312 -50.34 32.50 -15.51
C TYR A 312 -49.19 33.46 -15.40
N CYS A 313 -48.84 34.11 -16.51
CA CYS A 313 -47.71 35.03 -16.46
C CYS A 313 -47.97 36.38 -17.13
N SER A 314 -47.09 37.34 -16.82
CA SER A 314 -47.14 38.69 -17.39
C SER A 314 -45.73 39.22 -17.64
N ASN A 315 -45.60 40.23 -18.50
CA ASN A 315 -44.27 40.74 -18.77
C ASN A 315 -43.76 41.63 -17.66
N SER A 316 -44.58 42.51 -17.15
CA SER A 316 -44.16 43.30 -16.00
C SER A 316 -44.49 42.51 -14.76
N SER A 317 -44.06 43.01 -13.61
CA SER A 317 -44.35 42.35 -12.34
C SER A 317 -45.79 42.58 -11.88
N SER A 318 -46.52 43.46 -12.55
CA SER A 318 -47.88 43.76 -12.16
C SER A 318 -48.82 42.74 -12.76
N GLY A 319 -48.81 41.54 -12.19
CA GLY A 319 -49.50 40.37 -12.72
C GLY A 319 -50.96 40.62 -13.04
N VAL A 320 -51.56 41.53 -12.30
CA VAL A 320 -52.95 41.94 -12.45
C VAL A 320 -53.28 42.57 -13.81
N LEU A 321 -52.27 42.93 -14.59
CA LEU A 321 -52.49 43.56 -15.88
C LEU A 321 -52.53 42.62 -17.08
N ASP A 322 -52.26 41.32 -16.91
CA ASP A 322 -52.29 40.45 -18.07
C ASP A 322 -52.47 38.97 -17.71
N THR A 323 -52.62 38.12 -18.72
CA THR A 323 -52.74 36.69 -18.46
C THR A 323 -52.26 35.87 -19.63
N THR A 324 -50.95 35.58 -19.66
CA THR A 324 -50.32 34.96 -20.82
C THR A 324 -49.50 33.74 -20.50
N ILE A 325 -49.19 33.03 -21.58
CA ILE A 325 -48.21 31.97 -21.58
C ILE A 325 -47.27 32.20 -22.77
N PRO A 326 -46.00 32.48 -22.56
CA PRO A 326 -45.05 32.51 -23.65
C PRO A 326 -44.56 31.14 -23.99
N PHE A 327 -44.52 30.85 -25.28
CA PHE A 327 -43.91 29.62 -25.76
C PHE A 327 -42.64 29.97 -26.51
N GLY A 328 -41.61 29.15 -26.45
CA GLY A 328 -40.49 29.49 -27.29
C GLY A 328 -39.72 30.65 -26.71
N PRO A 329 -38.84 31.28 -27.48
CA PRO A 329 -37.94 32.33 -27.06
C PRO A 329 -38.64 33.65 -26.81
N SER A 330 -38.20 34.32 -25.76
CA SER A 330 -38.65 35.66 -25.42
C SER A 330 -37.59 36.69 -25.81
N SER A 331 -37.79 37.91 -25.32
CA SER A 331 -36.89 39.03 -25.52
C SER A 331 -36.95 39.87 -24.27
N GLN A 332 -37.79 39.43 -23.35
CA GLN A 332 -37.98 40.09 -22.06
C GLN A 332 -38.30 39.06 -20.98
N PRO A 333 -38.09 39.40 -19.71
CA PRO A 333 -38.51 38.56 -18.61
C PRO A 333 -40.00 38.44 -18.54
N TYR A 334 -40.47 37.28 -18.09
CA TYR A 334 -41.87 37.08 -17.75
C TYR A 334 -42.02 36.56 -16.35
N TYR A 335 -42.92 37.16 -15.63
CA TYR A 335 -43.18 36.87 -14.23
C TYR A 335 -44.33 35.94 -14.16
N CYS A 336 -44.24 34.92 -13.32
CA CYS A 336 -45.31 33.97 -13.24
C CYS A 336 -45.82 33.84 -11.84
N PHE A 337 -47.14 33.75 -11.76
CA PHE A 337 -47.90 33.79 -10.53
C PHE A 337 -48.88 32.65 -10.40
N ILE A 338 -49.25 32.38 -9.16
CA ILE A 338 -50.33 31.47 -8.84
C ILE A 338 -51.49 32.14 -8.14
N ASN A 339 -52.68 31.87 -8.63
CA ASN A 339 -53.91 32.35 -8.03
C ASN A 339 -54.76 31.18 -7.53
N SER A 340 -55.42 31.36 -6.41
CA SER A 340 -56.45 30.38 -6.01
C SER A 340 -57.39 31.05 -5.02
N THR A 341 -58.67 30.76 -5.11
CA THR A 341 -59.62 31.53 -4.34
C THR A 341 -60.48 30.72 -3.39
N ILE A 342 -60.51 31.14 -2.13
CA ILE A 342 -61.35 30.47 -1.15
C ILE A 342 -62.41 31.41 -0.61
N ASN A 343 -63.67 31.24 -1.05
CA ASN A 343 -64.74 32.15 -0.68
C ASN A 343 -64.36 33.61 -0.88
N THR A 344 -63.92 33.93 -2.10
CA THR A 344 -63.45 35.25 -2.52
C THR A 344 -62.08 35.63 -1.92
N THR A 345 -61.50 34.75 -1.10
CA THR A 345 -60.17 35.01 -0.62
C THR A 345 -59.21 34.76 -1.75
N HIS A 346 -59.04 35.75 -2.58
CA HIS A 346 -58.25 35.59 -3.78
C HIS A 346 -56.78 35.61 -3.42
N VAL A 347 -56.27 34.43 -3.10
CA VAL A 347 -54.88 34.31 -2.74
C VAL A 347 -54.06 34.38 -4.00
N SER A 348 -53.05 35.23 -4.01
CA SER A 348 -52.25 35.39 -5.21
C SER A 348 -50.79 35.58 -4.86
N THR A 349 -49.91 34.82 -5.51
CA THR A 349 -48.49 34.95 -5.25
C THR A 349 -47.60 34.85 -6.45
N PHE A 350 -46.52 35.58 -6.38
CA PHE A 350 -45.45 35.42 -7.33
C PHE A 350 -44.79 34.10 -7.08
N VAL A 351 -44.40 33.42 -8.15
CA VAL A 351 -43.65 32.19 -8.04
C VAL A 351 -42.25 32.34 -8.59
N GLY A 352 -42.13 32.88 -9.79
CA GLY A 352 -40.80 32.96 -10.38
C GLY A 352 -40.72 33.59 -11.76
N ILE A 353 -39.51 33.59 -12.30
CA ILE A 353 -39.24 34.13 -13.63
C ILE A 353 -39.00 32.98 -14.59
N LEU A 354 -39.57 33.08 -15.77
CA LEU A 354 -39.39 32.06 -16.79
C LEU A 354 -37.99 32.08 -17.39
N PRO A 355 -37.54 30.98 -17.98
CA PRO A 355 -36.31 30.91 -18.72
C PRO A 355 -36.48 31.72 -19.98
N PRO A 356 -35.40 32.15 -20.62
CA PRO A 356 -35.36 32.79 -21.91
C PRO A 356 -36.16 32.06 -23.00
N THR A 357 -36.22 30.73 -22.92
CA THR A 357 -36.98 29.95 -23.87
C THR A 357 -37.80 28.87 -23.17
N VAL A 358 -39.08 28.77 -23.51
CA VAL A 358 -39.92 27.71 -22.94
C VAL A 358 -40.23 26.62 -23.95
N ARG A 359 -39.85 25.38 -23.64
CA ARG A 359 -39.99 24.28 -24.59
C ARG A 359 -40.85 23.14 -24.10
N GLU A 360 -40.84 22.88 -22.80
CA GLU A 360 -41.61 21.76 -22.29
C GLU A 360 -42.23 22.03 -20.94
N ILE A 361 -43.50 21.66 -20.81
CA ILE A 361 -44.16 21.72 -19.52
C ILE A 361 -44.59 20.35 -19.04
N VAL A 362 -44.24 20.03 -17.79
CA VAL A 362 -44.58 18.72 -17.25
C VAL A 362 -45.36 18.83 -15.95
N VAL A 363 -46.46 18.09 -15.89
CA VAL A 363 -47.28 18.12 -14.69
C VAL A 363 -47.46 16.73 -14.11
N ALA A 364 -47.09 16.59 -12.84
CA ALA A 364 -47.25 15.32 -12.14
C ALA A 364 -48.57 15.25 -11.39
N ARG A 365 -49.12 14.05 -11.25
CA ARG A 365 -50.31 13.86 -10.40
C ARG A 365 -50.03 14.23 -8.96
N THR A 366 -48.77 14.11 -8.58
CA THR A 366 -48.30 14.44 -7.27
C THR A 366 -48.42 15.90 -6.95
N GLY A 367 -48.63 16.73 -7.97
CA GLY A 367 -48.75 18.15 -7.79
C GLY A 367 -47.52 18.89 -8.23
N GLN A 368 -46.47 18.16 -8.57
CA GLN A 368 -45.26 18.85 -8.96
C GLN A 368 -45.31 19.38 -10.40
N PHE A 369 -44.96 20.66 -10.55
CA PHE A 369 -44.99 21.35 -11.83
C PHE A 369 -43.62 21.82 -12.28
N TYR A 370 -43.20 21.36 -13.47
CA TYR A 370 -41.87 21.63 -14.00
C TYR A 370 -41.90 22.36 -15.33
N ILE A 371 -40.92 23.25 -15.54
CA ILE A 371 -40.72 23.89 -16.84
C ILE A 371 -39.31 23.63 -17.32
N ASN A 372 -39.19 23.03 -18.50
CA ASN A 372 -37.91 22.65 -19.06
C ASN A 372 -37.09 21.84 -18.05
N GLY A 373 -37.74 20.96 -17.31
CA GLY A 373 -37.11 20.11 -16.32
C GLY A 373 -37.04 20.72 -14.91
N PHE A 374 -37.22 22.03 -14.77
CA PHE A 374 -37.01 22.64 -13.47
C PHE A 374 -38.27 22.81 -12.67
N LYS A 375 -38.27 22.33 -11.44
CA LYS A 375 -39.46 22.43 -10.61
C LYS A 375 -39.75 23.84 -10.15
N TYR A 376 -40.93 24.37 -10.48
CA TYR A 376 -41.36 25.69 -10.05
C TYR A 376 -42.28 25.70 -8.83
N PHE A 377 -43.20 24.75 -8.76
CA PHE A 377 -44.09 24.74 -7.58
C PHE A 377 -44.70 23.38 -7.33
N ASP A 378 -45.37 23.22 -6.18
CA ASP A 378 -45.85 21.93 -5.77
C ASP A 378 -47.23 21.97 -5.13
N LEU A 379 -48.25 21.55 -5.87
CA LEU A 379 -49.61 21.58 -5.36
C LEU A 379 -49.85 20.33 -4.54
N GLY A 380 -50.82 20.32 -3.66
CA GLY A 380 -51.00 19.12 -2.84
C GLY A 380 -51.31 17.85 -3.64
N PHE A 381 -52.10 17.98 -4.70
CA PHE A 381 -52.48 16.86 -5.55
C PHE A 381 -53.22 17.38 -6.76
N ILE A 382 -53.01 16.80 -7.93
CA ILE A 382 -53.80 17.23 -9.08
C ILE A 382 -54.65 16.10 -9.66
N GLU A 383 -55.94 16.35 -9.77
CA GLU A 383 -56.87 15.44 -10.40
C GLU A 383 -56.85 15.61 -11.91
N ALA A 384 -56.81 16.86 -12.36
CA ALA A 384 -56.83 17.11 -13.80
C ALA A 384 -56.26 18.45 -14.20
N VAL A 385 -55.88 18.57 -15.47
CA VAL A 385 -55.28 19.81 -15.98
C VAL A 385 -55.94 20.36 -17.24
N ASN A 386 -56.14 21.67 -17.28
CA ASN A 386 -56.62 22.33 -18.50
C ASN A 386 -55.60 23.33 -19.04
N PHE A 387 -54.91 22.95 -20.10
CA PHE A 387 -53.85 23.79 -20.63
C PHE A 387 -54.50 24.82 -21.57
N ASN A 388 -55.09 25.81 -20.95
CA ASN A 388 -56.07 26.70 -21.56
C ASN A 388 -55.46 27.80 -22.41
N VAL A 389 -54.84 27.42 -23.51
CA VAL A 389 -54.21 28.41 -24.38
C VAL A 389 -55.31 28.87 -25.32
N THR A 390 -55.45 30.18 -25.48
CA THR A 390 -56.45 30.74 -26.40
C THR A 390 -55.68 30.61 -27.70
N THR A 391 -56.37 30.33 -28.81
CA THR A 391 -55.65 30.16 -30.03
C THR A 391 -56.53 30.42 -31.23
N ALA A 392 -56.03 30.03 -32.39
CA ALA A 392 -56.70 30.18 -33.66
C ALA A 392 -56.47 28.91 -34.41
N SER A 393 -55.53 28.15 -33.89
CA SER A 393 -55.04 26.98 -34.59
C SER A 393 -54.96 25.76 -33.71
N ALA A 394 -54.29 24.75 -34.22
CA ALA A 394 -53.97 23.54 -33.51
C ALA A 394 -52.50 23.60 -33.13
N THR A 395 -51.79 24.43 -33.87
CA THR A 395 -50.34 24.47 -33.86
C THR A 395 -49.66 25.07 -32.66
N ASP A 396 -50.02 24.63 -31.40
CA ASP A 396 -49.42 25.19 -30.21
C ASP A 396 -48.65 24.05 -29.59
N PHE A 397 -49.07 22.84 -29.92
CA PHE A 397 -48.44 21.65 -29.37
C PHE A 397 -48.01 20.67 -30.44
N TRP A 398 -46.89 20.02 -30.20
CA TRP A 398 -46.44 18.94 -31.05
C TRP A 398 -47.02 17.65 -30.58
N THR A 399 -47.02 17.46 -29.27
CA THR A 399 -47.58 16.23 -28.73
C THR A 399 -47.77 16.27 -27.23
N VAL A 400 -48.73 15.48 -26.77
CA VAL A 400 -48.85 15.23 -25.34
C VAL A 400 -48.47 13.79 -25.04
N ALA A 401 -47.54 13.61 -24.12
CA ALA A 401 -47.13 12.25 -23.75
C ALA A 401 -47.67 11.91 -22.38
N PHE A 402 -48.03 10.65 -22.21
CA PHE A 402 -48.58 10.20 -20.94
C PHE A 402 -47.71 9.10 -20.39
N ALA A 403 -46.94 9.42 -19.33
CA ALA A 403 -45.80 8.59 -18.95
C ALA A 403 -45.67 8.21 -17.49
N THR A 404 -44.92 7.13 -17.27
CA THR A 404 -44.53 6.70 -15.94
C THR A 404 -43.02 6.59 -15.77
N PHE A 405 -42.60 6.64 -14.52
CA PHE A 405 -41.18 6.56 -14.16
C PHE A 405 -40.53 5.22 -14.35
N VAL A 406 -39.32 5.26 -14.90
CA VAL A 406 -38.48 4.10 -15.13
C VAL A 406 -37.02 4.27 -14.81
N ASP A 407 -36.38 3.15 -14.49
CA ASP A 407 -34.94 3.06 -14.30
C ASP A 407 -34.25 2.87 -15.66
N VAL A 408 -33.56 3.92 -16.07
CA VAL A 408 -32.94 3.97 -17.38
C VAL A 408 -31.49 4.42 -17.33
N LEU A 409 -30.69 3.93 -18.26
CA LEU A 409 -29.33 4.40 -18.40
C LEU A 409 -29.32 5.45 -19.47
N VAL A 410 -28.87 6.65 -19.12
CA VAL A 410 -28.94 7.73 -20.07
C VAL A 410 -27.60 8.35 -20.36
N ASN A 411 -27.36 8.53 -21.65
CA ASN A 411 -26.24 9.32 -22.14
C ASN A 411 -26.70 10.75 -22.34
N VAL A 412 -26.21 11.64 -21.50
CA VAL A 412 -26.63 13.02 -21.46
C VAL A 412 -25.61 13.91 -22.12
N SER A 413 -26.05 14.82 -22.97
CA SER A 413 -25.10 15.76 -23.54
C SER A 413 -25.71 17.14 -23.76
N ALA A 414 -25.04 18.15 -23.23
CA ALA A 414 -25.62 19.51 -23.14
C ALA A 414 -27.00 19.45 -22.52
N THR A 415 -27.16 18.64 -21.48
CA THR A 415 -28.41 18.41 -20.75
C THR A 415 -29.45 17.57 -21.53
N ASN A 416 -29.18 17.25 -22.79
CA ASN A 416 -30.15 16.57 -23.64
C ASN A 416 -29.96 15.06 -23.65
N ILE A 417 -31.02 14.31 -23.92
CA ILE A 417 -30.88 12.87 -24.06
C ILE A 417 -30.30 12.50 -25.42
N GLN A 418 -29.23 11.72 -25.41
CA GLN A 418 -28.62 11.21 -26.64
C GLN A 418 -28.95 9.75 -26.81
N ASN A 419 -28.73 9.00 -25.74
CA ASN A 419 -28.98 7.56 -25.79
C ASN A 419 -29.75 7.12 -24.58
N LEU A 420 -30.91 6.56 -24.83
CA LEU A 420 -31.78 6.07 -23.77
C LEU A 420 -31.85 4.56 -23.76
N LEU A 421 -31.36 3.94 -22.70
CA LEU A 421 -31.43 2.49 -22.54
C LEU A 421 -32.32 2.08 -21.38
N TYR A 422 -33.39 1.38 -21.66
CA TYR A 422 -34.22 0.88 -20.58
C TYR A 422 -33.57 -0.36 -20.06
N CYS A 423 -33.51 -0.56 -18.76
CA CYS A 423 -32.93 -1.80 -18.24
C CYS A 423 -33.98 -2.65 -17.56
N ASP A 424 -34.61 -3.49 -18.38
CA ASP A 424 -35.57 -4.50 -17.98
C ASP A 424 -35.00 -5.93 -18.07
N SER A 425 -34.25 -6.23 -19.14
CA SER A 425 -33.71 -7.56 -19.36
C SER A 425 -32.40 -7.73 -18.61
N PRO A 426 -31.95 -8.96 -18.36
CA PRO A 426 -30.68 -9.24 -17.70
C PRO A 426 -29.49 -8.59 -18.37
N PHE A 427 -29.43 -8.62 -19.69
CA PHE A 427 -28.28 -8.00 -20.30
C PHE A 427 -28.35 -6.50 -20.18
N GLU A 428 -29.53 -5.93 -20.36
CA GLU A 428 -29.62 -4.49 -20.24
C GLU A 428 -29.27 -4.09 -18.81
N LYS A 429 -29.66 -4.92 -17.84
CA LYS A 429 -29.33 -4.67 -16.46
C LYS A 429 -27.83 -4.70 -16.24
N LEU A 430 -27.10 -5.60 -16.89
CA LEU A 430 -25.65 -5.51 -16.73
C LEU A 430 -25.13 -4.18 -17.26
N GLN A 431 -25.67 -3.72 -18.39
CA GLN A 431 -25.19 -2.45 -18.90
C GLN A 431 -25.44 -1.34 -17.87
N CYS A 432 -26.67 -1.23 -17.36
CA CYS A 432 -26.93 -0.38 -16.22
C CYS A 432 -25.98 -0.55 -15.04
N GLU A 433 -25.74 -1.77 -14.58
CA GLU A 433 -24.93 -1.96 -13.40
C GLU A 433 -23.51 -1.43 -13.55
N HIS A 434 -22.96 -1.53 -14.75
CA HIS A 434 -21.62 -1.05 -14.99
C HIS A 434 -21.60 0.35 -15.62
N LEU A 435 -22.78 0.97 -15.76
CA LEU A 435 -22.93 2.24 -16.46
C LEU A 435 -22.24 2.27 -17.79
N GLN A 436 -22.43 1.25 -18.61
CA GLN A 436 -21.68 1.19 -19.84
C GLN A 436 -22.47 0.70 -21.04
N PHE A 437 -22.46 1.48 -22.11
CA PHE A 437 -23.24 1.13 -23.29
C PHE A 437 -22.55 0.09 -24.15
N GLY A 438 -22.67 -1.14 -23.70
CA GLY A 438 -22.09 -2.32 -24.34
C GLY A 438 -20.93 -2.81 -23.51
N LEU A 439 -20.76 -4.12 -23.47
CA LEU A 439 -19.74 -4.72 -22.60
C LEU A 439 -18.61 -5.32 -23.39
N GLN A 440 -17.63 -5.86 -22.70
CA GLN A 440 -16.55 -6.56 -23.35
C GLN A 440 -16.73 -8.04 -23.11
N ASP A 441 -16.72 -8.84 -24.15
CA ASP A 441 -16.95 -10.27 -23.98
C ASP A 441 -15.98 -10.85 -22.94
N GLY A 442 -16.49 -11.74 -22.07
CA GLY A 442 -15.74 -12.27 -20.92
C GLY A 442 -16.65 -12.58 -19.73
N PHE A 443 -16.09 -12.55 -18.52
CA PHE A 443 -16.90 -12.86 -17.33
C PHE A 443 -17.12 -11.65 -16.44
N TYR A 444 -18.35 -11.53 -15.92
CA TYR A 444 -18.74 -10.46 -15.04
C TYR A 444 -19.40 -10.95 -13.77
N SER A 445 -19.18 -10.26 -12.67
CA SER A 445 -19.92 -10.57 -11.46
C SER A 445 -21.29 -9.93 -11.55
N ALA A 446 -22.29 -10.53 -10.94
CA ALA A 446 -23.62 -9.92 -10.89
C ALA A 446 -24.34 -10.20 -9.59
N ASN A 447 -25.15 -9.24 -9.15
CA ASN A 447 -26.01 -9.42 -7.99
C ASN A 447 -27.17 -8.43 -8.07
N PHE A 448 -28.19 -8.79 -8.82
CA PHE A 448 -29.25 -7.84 -9.09
C PHE A 448 -30.19 -7.75 -7.91
N LEU A 449 -29.80 -6.94 -6.94
CA LEU A 449 -30.49 -6.89 -5.66
C LEU A 449 -31.99 -6.69 -5.79
N ASP A 450 -32.76 -7.60 -5.19
CA ASP A 450 -34.21 -7.58 -5.29
C ASP A 450 -34.82 -6.54 -4.35
N ASP A 451 -34.60 -5.27 -4.66
CA ASP A 451 -35.05 -4.19 -3.79
C ASP A 451 -36.55 -4.24 -3.56
N ASN A 452 -36.94 -4.24 -2.28
CA ASN A 452 -38.35 -4.29 -1.89
C ASN A 452 -38.51 -3.99 -0.41
N VAL A 453 -39.76 -4.00 0.05
CA VAL A 453 -40.08 -3.81 1.46
C VAL A 453 -40.10 -5.12 2.21
N LEU A 454 -39.36 -5.18 3.31
CA LEU A 454 -39.28 -6.39 4.10
C LEU A 454 -40.03 -6.23 5.42
N PRO A 455 -40.51 -7.33 6.03
CA PRO A 455 -41.02 -7.38 7.38
C PRO A 455 -39.87 -7.28 8.35
N GLU A 456 -40.13 -6.72 9.52
CA GLU A 456 -39.06 -6.58 10.51
C GLU A 456 -39.23 -7.50 11.70
N THR A 457 -38.14 -8.16 12.05
CA THR A 457 -38.07 -9.06 13.20
C THR A 457 -37.31 -8.40 14.32
N TYR A 458 -37.58 -8.85 15.54
CA TYR A 458 -37.01 -8.21 16.70
C TYR A 458 -36.76 -9.21 17.80
N VAL A 459 -35.50 -9.39 18.13
CA VAL A 459 -35.16 -10.37 19.13
C VAL A 459 -34.29 -9.73 20.18
N ALA A 460 -34.67 -9.88 21.43
CA ALA A 460 -33.96 -9.20 22.49
C ALA A 460 -33.95 -10.01 23.74
N LEU A 461 -33.10 -9.62 24.67
CA LEU A 461 -33.01 -10.32 25.92
C LEU A 461 -34.27 -10.07 26.71
N PRO A 462 -34.66 -10.96 27.65
CA PRO A 462 -35.91 -10.90 28.39
C PRO A 462 -36.15 -9.58 29.07
N ILE A 463 -37.41 -9.12 28.99
CA ILE A 463 -37.82 -7.85 29.57
C ILE A 463 -39.33 -7.71 29.54
N TYR A 464 -39.93 -7.16 30.59
CA TYR A 464 -41.36 -6.95 30.49
C TYR A 464 -41.68 -5.78 29.59
N TYR A 465 -42.69 -5.96 28.74
CA TYR A 465 -43.10 -4.92 27.83
C TYR A 465 -43.83 -3.80 28.53
N GLN A 466 -43.48 -2.56 28.25
CA GLN A 466 -44.15 -1.42 28.89
C GLN A 466 -44.07 -0.16 28.05
N HIS A 467 -45.19 0.30 27.50
CA HIS A 467 -45.12 1.33 26.47
C HIS A 467 -45.95 2.57 26.69
N THR A 468 -45.38 3.72 26.32
CA THR A 468 -46.10 4.99 26.31
C THR A 468 -46.16 5.66 24.93
N ASP A 469 -47.31 6.28 24.65
CA ASP A 469 -47.53 7.09 23.44
C ASP A 469 -47.24 8.57 23.63
N ILE A 470 -46.60 9.16 22.64
CA ILE A 470 -46.52 10.60 22.56
C ILE A 470 -46.94 11.07 21.19
N ASN A 471 -47.72 12.13 21.12
CA ASN A 471 -47.78 12.82 19.83
C ASN A 471 -47.31 14.26 19.96
N PHE A 472 -46.54 14.65 18.97
CA PHE A 472 -46.17 16.04 18.75
C PHE A 472 -47.21 16.58 17.80
N THR A 473 -48.01 17.49 18.29
CA THR A 473 -49.14 17.93 17.53
C THR A 473 -49.01 19.39 17.20
N ALA A 474 -49.58 19.76 16.07
CA ALA A 474 -49.68 21.15 15.69
C ALA A 474 -51.07 21.45 15.14
N THR A 475 -51.63 22.57 15.59
CA THR A 475 -52.90 23.06 15.08
C THR A 475 -52.68 24.47 14.56
N ALA A 476 -53.21 24.82 13.39
CA ALA A 476 -52.85 26.12 12.83
C ALA A 476 -54.02 26.92 12.28
N SER A 477 -53.84 28.24 12.32
CA SER A 477 -54.74 29.20 11.70
C SER A 477 -54.01 30.07 10.69
N PHE A 478 -54.72 30.43 9.63
CA PHE A 478 -54.19 31.22 8.53
C PHE A 478 -55.12 32.38 8.19
N GLY A 479 -54.62 33.36 7.43
CA GLY A 479 -55.47 34.46 6.99
C GLY A 479 -55.53 35.62 7.97
N GLY A 480 -54.51 35.70 8.82
CA GLY A 480 -54.44 36.79 9.82
C GLY A 480 -54.45 38.18 9.18
N SER A 481 -53.82 38.29 8.01
CA SER A 481 -53.79 39.52 7.24
C SER A 481 -53.59 39.13 5.79
N CYS A 482 -53.14 37.90 5.62
CA CYS A 482 -52.80 37.30 4.34
C CYS A 482 -52.53 35.82 4.52
N TYR A 483 -52.36 35.21 3.35
CA TYR A 483 -51.96 33.85 3.11
C TYR A 483 -50.65 33.96 2.40
N VAL A 484 -49.91 32.86 2.26
CA VAL A 484 -48.60 32.81 1.58
C VAL A 484 -47.49 33.46 2.41
N CYS A 485 -47.73 34.68 2.85
CA CYS A 485 -46.87 35.27 3.84
C CYS A 485 -46.51 34.42 5.06
N LYS A 486 -47.50 33.88 5.75
CA LYS A 486 -47.24 33.14 6.98
C LYS A 486 -48.52 32.49 7.50
N PRO A 487 -48.40 31.53 8.42
CA PRO A 487 -49.45 31.14 9.33
C PRO A 487 -49.75 32.29 10.26
N HIS A 488 -51.00 32.41 10.67
CA HIS A 488 -51.39 33.39 11.67
C HIS A 488 -50.92 32.93 13.02
N GLN A 489 -51.22 31.68 13.33
CA GLN A 489 -50.86 31.11 14.60
C GLN A 489 -50.77 29.61 14.56
N VAL A 490 -49.76 29.05 15.22
CA VAL A 490 -49.69 27.62 15.35
C VAL A 490 -49.53 27.22 16.81
N ASN A 491 -50.40 26.35 17.26
CA ASN A 491 -50.36 25.80 18.62
C ASN A 491 -49.67 24.46 18.63
N ILE A 492 -48.55 24.40 19.33
CA ILE A 492 -47.72 23.21 19.35
C ILE A 492 -47.76 22.55 20.71
N SER A 493 -47.96 21.22 20.75
CA SER A 493 -47.97 20.53 22.05
C SER A 493 -47.50 19.08 22.01
N LEU A 494 -47.03 18.60 23.16
CA LEU A 494 -46.66 17.20 23.37
C LEU A 494 -47.66 16.54 24.27
N ASN A 495 -48.58 15.79 23.70
CA ASN A 495 -49.71 15.28 24.49
C ASN A 495 -50.44 16.39 25.27
N GLY A 496 -50.48 17.61 24.72
CA GLY A 496 -51.12 18.73 25.39
C GLY A 496 -50.17 19.53 26.32
N ASN A 497 -48.98 19.01 26.58
CA ASN A 497 -48.01 19.63 27.47
C ASN A 497 -46.93 20.38 26.72
N THR A 498 -46.09 21.09 27.47
CA THR A 498 -44.88 21.64 26.91
C THR A 498 -43.69 20.72 27.12
N SER A 499 -43.89 19.68 27.92
CA SER A 499 -42.82 18.73 28.19
C SER A 499 -43.35 17.35 28.55
N VAL A 500 -42.82 16.34 27.85
CA VAL A 500 -43.19 14.94 28.05
C VAL A 500 -41.97 14.05 28.09
N CYS A 501 -41.89 13.19 29.10
CA CYS A 501 -40.76 12.29 29.16
C CYS A 501 -41.19 10.83 29.18
N VAL A 502 -40.28 9.99 28.74
CA VAL A 502 -40.45 8.56 28.76
C VAL A 502 -39.89 8.02 30.06
N ARG A 503 -40.72 7.31 30.79
CA ARG A 503 -40.37 6.71 32.06
C ARG A 503 -40.72 5.24 31.99
N THR A 504 -40.75 4.76 30.76
CA THR A 504 -41.15 3.42 30.44
C THR A 504 -40.09 2.71 29.64
N SER A 505 -40.16 1.40 29.63
CA SER A 505 -39.23 0.58 28.90
C SER A 505 -39.29 0.84 27.40
N HIS A 506 -40.49 1.08 26.89
CA HIS A 506 -40.71 1.29 25.48
C HIS A 506 -41.50 2.56 25.19
N PHE A 507 -41.34 3.12 23.99
CA PHE A 507 -42.17 4.25 23.62
C PHE A 507 -42.32 4.41 22.13
N SER A 508 -43.28 5.23 21.72
CA SER A 508 -43.34 5.62 20.31
C SER A 508 -43.94 7.01 20.12
N ILE A 509 -43.56 7.67 19.00
CA ILE A 509 -43.98 9.06 18.78
C ILE A 509 -44.58 9.34 17.40
N ARG A 510 -45.68 10.06 17.38
CA ARG A 510 -46.29 10.49 16.12
C ARG A 510 -46.17 11.98 15.88
N TYR A 511 -46.44 12.41 14.66
CA TYR A 511 -46.60 13.83 14.33
C TYR A 511 -47.92 14.08 13.66
N ILE A 512 -48.68 15.01 14.23
CA ILE A 512 -50.03 15.29 13.76
C ILE A 512 -50.27 16.75 13.41
N TYR A 513 -50.76 17.01 12.20
CA TYR A 513 -51.09 18.36 11.76
C TYR A 513 -52.60 18.53 11.55
N ASN A 514 -53.26 19.17 12.50
CA ASN A 514 -54.71 19.23 12.56
C ASN A 514 -55.37 20.24 11.65
N ARG A 515 -55.23 20.04 10.35
CA ARG A 515 -55.90 20.87 9.34
C ARG A 515 -57.41 20.78 9.53
N VAL A 516 -57.83 19.62 10.01
CA VAL A 516 -59.20 19.26 10.28
C VAL A 516 -59.86 20.17 11.32
N LYS A 517 -59.07 20.89 12.11
CA LYS A 517 -59.60 21.81 13.11
C LYS A 517 -60.47 22.89 12.48
N SER A 518 -60.21 23.23 11.21
CA SER A 518 -60.98 24.25 10.52
C SER A 518 -62.36 23.76 10.15
N GLY A 519 -62.55 22.44 10.08
CA GLY A 519 -63.79 21.84 9.60
C GLY A 519 -63.95 21.87 8.07
N SER A 520 -63.09 22.63 7.38
CA SER A 520 -63.25 22.89 5.96
C SER A 520 -61.88 23.24 5.40
N PRO A 521 -61.06 22.24 5.05
CA PRO A 521 -59.60 22.31 5.03
C PRO A 521 -59.01 23.18 3.93
N GLY A 522 -59.23 24.50 4.01
CA GLY A 522 -58.50 25.48 3.20
C GLY A 522 -57.03 25.40 3.56
N ASP A 523 -56.77 24.89 4.75
CA ASP A 523 -55.46 24.63 5.29
C ASP A 523 -54.75 23.54 4.49
N SER A 524 -55.45 22.86 3.59
CA SER A 524 -54.82 21.89 2.69
C SER A 524 -53.86 22.57 1.73
N SER A 525 -53.93 23.90 1.63
CA SER A 525 -52.96 24.63 0.84
C SER A 525 -51.66 24.87 1.62
N TRP A 526 -51.66 24.54 2.91
CA TRP A 526 -50.49 24.70 3.74
C TRP A 526 -49.90 23.38 4.13
N HIS A 527 -48.59 23.32 4.07
CA HIS A 527 -47.86 22.14 4.42
C HIS A 527 -47.00 22.43 5.62
N ILE A 528 -47.28 21.79 6.74
CA ILE A 528 -46.51 22.04 7.95
C ILE A 528 -45.88 20.76 8.47
N TYR A 529 -44.57 20.76 8.59
CA TYR A 529 -43.82 19.54 8.91
C TYR A 529 -42.48 19.78 9.56
N LEU A 530 -41.94 18.75 10.19
CA LEU A 530 -40.63 18.85 10.79
C LEU A 530 -39.52 18.74 9.77
N LYS A 531 -38.52 19.59 9.93
CA LYS A 531 -37.33 19.57 9.11
C LYS A 531 -36.30 18.66 9.72
N SER A 532 -35.29 18.30 8.95
CA SER A 532 -34.16 17.60 9.53
C SER A 532 -33.63 18.47 10.63
N GLY A 533 -33.31 17.87 11.76
CA GLY A 533 -32.93 18.64 12.91
C GLY A 533 -31.44 18.79 13.05
N THR A 534 -31.06 19.18 14.24
CA THR A 534 -29.70 19.42 14.66
C THR A 534 -29.24 18.27 15.54
N CYS A 535 -29.95 17.18 15.42
CA CYS A 535 -29.85 16.01 16.27
C CYS A 535 -29.25 14.83 15.51
N PRO A 536 -28.57 13.89 16.15
CA PRO A 536 -28.00 12.72 15.52
C PRO A 536 -29.01 11.61 15.34
N PHE A 537 -30.17 11.98 14.83
CA PHE A 537 -31.27 11.08 14.55
C PHE A 537 -32.37 11.80 13.82
N SER A 538 -33.14 11.08 13.04
CA SER A 538 -34.30 11.67 12.41
C SER A 538 -35.50 11.44 13.27
N PHE A 539 -36.35 12.44 13.42
CA PHE A 539 -37.51 12.32 14.27
C PHE A 539 -38.36 11.12 13.91
N SER A 540 -38.64 10.95 12.64
CA SER A 540 -39.52 9.89 12.19
C SER A 540 -38.94 8.49 12.39
N LYS A 541 -37.64 8.40 12.67
CA LYS A 541 -37.00 7.11 12.84
C LYS A 541 -36.85 6.76 14.30
N LEU A 542 -37.35 7.62 15.20
CA LEU A 542 -37.28 7.33 16.63
C LEU A 542 -38.19 6.19 17.02
N ASN A 543 -39.02 5.74 16.09
CA ASN A 543 -39.90 4.62 16.31
C ASN A 543 -39.26 3.31 15.87
N ASN A 544 -38.07 3.37 15.30
CA ASN A 544 -37.37 2.14 15.02
C ASN A 544 -36.75 1.76 16.32
N PHE A 545 -36.07 0.64 16.40
CA PHE A 545 -35.58 0.18 17.69
C PHE A 545 -34.34 0.92 18.17
N GLN A 546 -34.51 2.20 18.44
CA GLN A 546 -33.46 3.08 18.91
C GLN A 546 -33.37 3.00 20.39
N LYS A 547 -32.16 3.11 20.94
CA LYS A 547 -31.99 2.94 22.37
C LYS A 547 -31.33 4.09 23.09
N PHE A 548 -31.92 4.43 24.23
CA PHE A 548 -31.45 5.53 25.08
C PHE A 548 -31.36 5.12 26.54
N LYS A 549 -30.62 5.88 27.31
CA LYS A 549 -30.71 5.84 28.76
C LYS A 549 -31.87 6.69 29.22
N THR A 550 -31.96 7.87 28.62
CA THR A 550 -33.00 8.84 28.96
C THR A 550 -33.28 9.73 27.79
N ILE A 551 -34.50 10.31 27.72
CA ILE A 551 -34.81 11.19 26.59
C ILE A 551 -35.35 12.58 26.97
N CYS A 552 -36.63 12.65 27.33
CA CYS A 552 -37.40 13.91 27.49
C CYS A 552 -37.52 14.83 26.26
N PHE A 553 -38.77 15.19 25.96
CA PHE A 553 -39.12 16.09 24.86
C PHE A 553 -39.74 17.38 25.34
N SER A 554 -39.51 18.46 24.60
CA SER A 554 -40.07 19.76 24.95
C SER A 554 -40.54 20.60 23.75
N THR A 555 -41.55 21.44 23.98
CA THR A 555 -41.98 22.36 22.94
C THR A 555 -41.39 23.74 23.17
N VAL A 556 -40.62 23.87 24.23
CA VAL A 556 -40.00 25.13 24.59
C VAL A 556 -38.51 24.93 24.74
N GLU A 557 -37.76 26.01 24.57
CA GLU A 557 -36.32 25.99 24.61
C GLU A 557 -35.76 25.39 25.90
N VAL A 558 -34.87 24.42 25.73
CA VAL A 558 -34.17 23.77 26.83
C VAL A 558 -32.66 23.84 26.60
N PRO A 559 -31.88 24.32 27.55
CA PRO A 559 -30.44 24.41 27.39
C PRO A 559 -29.84 23.06 27.11
N GLY A 560 -28.96 23.02 26.11
CA GLY A 560 -28.28 21.79 25.73
C GLY A 560 -29.09 20.89 24.79
N SER A 561 -30.33 21.26 24.49
CA SER A 561 -31.19 20.41 23.69
C SER A 561 -31.16 20.69 22.20
N CYS A 562 -30.83 19.67 21.42
CA CYS A 562 -30.91 19.77 19.96
C CYS A 562 -32.36 19.83 19.58
N ASN A 563 -32.65 20.21 18.33
CA ASN A 563 -34.04 20.31 17.97
C ASN A 563 -34.37 20.02 16.52
N PHE A 564 -35.67 19.95 16.26
CA PHE A 564 -36.26 19.74 14.95
C PHE A 564 -37.19 20.89 14.60
N PRO A 565 -36.78 21.82 13.76
CA PRO A 565 -37.57 22.96 13.38
C PRO A 565 -38.85 22.53 12.72
N LEU A 566 -39.91 23.24 13.01
CA LEU A 566 -41.21 23.02 12.40
C LEU A 566 -41.42 24.11 11.38
N GLU A 567 -41.58 23.72 10.12
CA GLU A 567 -41.65 24.67 9.00
C GLU A 567 -42.98 24.65 8.30
N ALA A 568 -43.41 25.83 7.84
CA ALA A 568 -44.64 25.96 7.09
C ALA A 568 -44.42 26.55 5.71
N THR A 569 -45.22 26.06 4.77
CA THR A 569 -45.26 26.63 3.44
C THR A 569 -46.62 26.63 2.79
N TRP A 570 -46.81 27.58 1.89
CA TRP A 570 -47.97 27.58 0.99
C TRP A 570 -47.53 27.10 -0.38
N HIS A 571 -47.93 25.88 -0.67
CA HIS A 571 -47.50 25.15 -1.86
C HIS A 571 -46.01 25.25 -2.24
N TYR A 572 -45.13 25.30 -1.25
CA TYR A 572 -43.69 25.22 -1.42
C TYR A 572 -43.12 26.39 -2.19
N THR A 573 -43.82 27.53 -2.11
CA THR A 573 -43.34 28.78 -2.64
C THR A 573 -42.60 29.54 -1.53
N SER A 574 -43.34 30.10 -0.59
CA SER A 574 -42.80 30.70 0.63
C SER A 574 -42.41 29.65 1.65
N TYR A 575 -41.43 29.95 2.50
CA TYR A 575 -41.09 29.08 3.62
C TYR A 575 -40.87 29.89 4.88
N THR A 576 -41.43 29.42 6.00
CA THR A 576 -41.17 30.07 7.27
C THR A 576 -41.13 29.11 8.43
N ILE A 577 -40.37 29.46 9.44
CA ILE A 577 -40.34 28.62 10.63
C ILE A 577 -41.47 28.97 11.58
N VAL A 578 -42.13 27.92 12.04
CA VAL A 578 -43.23 27.99 12.96
C VAL A 578 -42.78 27.85 14.40
N GLY A 579 -41.94 26.84 14.63
CA GLY A 579 -41.50 26.51 15.98
C GLY A 579 -40.48 25.39 15.94
N ALA A 580 -40.38 24.61 17.00
CA ALA A 580 -39.45 23.49 17.00
C ALA A 580 -39.78 22.50 18.08
N LEU A 581 -39.38 21.26 17.86
CA LEU A 581 -39.40 20.25 18.90
C LEU A 581 -38.01 20.09 19.48
N TYR A 582 -37.91 20.14 20.79
CA TYR A 582 -36.64 20.02 21.48
C TYR A 582 -36.52 18.65 22.10
N VAL A 583 -35.33 18.10 22.08
CA VAL A 583 -35.11 16.81 22.70
C VAL A 583 -33.79 16.74 23.42
N THR A 584 -33.77 16.10 24.56
CA THR A 584 -32.54 15.83 25.27
C THR A 584 -32.34 14.34 25.27
N TRP A 585 -31.15 13.88 25.63
CA TRP A 585 -30.99 12.45 25.77
C TRP A 585 -29.65 12.12 26.34
N SER A 586 -29.54 10.87 26.74
CA SER A 586 -28.25 10.26 26.96
C SER A 586 -28.30 8.84 26.49
N GLU A 587 -27.18 8.37 25.97
CA GLU A 587 -27.06 7.04 25.41
C GLU A 587 -27.07 5.98 26.49
N GLY A 588 -27.52 4.78 26.12
CA GLY A 588 -27.61 3.67 27.04
C GLY A 588 -28.73 2.77 26.56
N ASN A 589 -29.15 1.82 27.40
CA ASN A 589 -30.17 0.87 26.96
C ASN A 589 -31.27 0.66 27.98
N SER A 590 -31.94 1.72 28.36
CA SER A 590 -33.06 1.65 29.28
C SER A 590 -34.38 1.80 28.54
N ILE A 591 -34.37 2.64 27.52
CA ILE A 591 -35.55 2.98 26.76
C ILE A 591 -35.42 2.58 25.30
N THR A 592 -36.38 1.82 24.77
CA THR A 592 -36.33 1.41 23.37
C THR A 592 -37.52 1.93 22.55
N GLY A 593 -37.25 2.48 21.37
CA GLY A 593 -38.34 2.91 20.49
C GLY A 593 -39.05 1.70 19.90
N VAL A 594 -40.36 1.78 19.73
CA VAL A 594 -41.10 0.68 19.11
C VAL A 594 -41.90 1.17 17.90
N PRO A 595 -41.91 0.43 16.78
CA PRO A 595 -42.58 0.80 15.55
C PRO A 595 -44.07 1.07 15.67
N TYR A 596 -44.74 0.41 16.59
CA TYR A 596 -46.17 0.60 16.73
C TYR A 596 -46.58 0.23 18.15
N PRO A 597 -47.75 0.64 18.64
CA PRO A 597 -48.22 0.42 19.98
C PRO A 597 -48.65 -1.02 20.21
N VAL A 598 -47.67 -1.87 20.35
CA VAL A 598 -47.86 -3.25 20.74
C VAL A 598 -48.70 -3.34 22.01
N SER A 599 -49.64 -4.26 22.02
CA SER A 599 -50.55 -4.45 23.15
C SER A 599 -50.80 -5.92 23.40
N GLY A 600 -51.32 -6.28 24.58
CA GLY A 600 -51.64 -7.68 24.89
C GLY A 600 -50.42 -8.48 25.31
N ILE A 601 -49.41 -8.44 24.47
CA ILE A 601 -48.12 -9.06 24.69
C ILE A 601 -47.45 -8.63 25.98
N ARG A 602 -46.99 -9.62 26.75
CA ARG A 602 -46.29 -9.41 28.02
C ARG A 602 -44.82 -9.07 27.83
N GLU A 603 -44.21 -9.69 26.83
CA GLU A 603 -42.81 -9.54 26.48
C GLU A 603 -42.68 -9.47 24.97
N PHE A 604 -42.14 -8.38 24.46
CA PHE A 604 -42.19 -8.12 23.02
C PHE A 604 -41.00 -8.64 22.24
N SER A 605 -41.32 -9.41 21.21
CA SER A 605 -40.38 -9.90 20.22
C SER A 605 -41.13 -10.27 18.96
N ASN A 606 -40.42 -10.46 17.86
CA ASN A 606 -41.00 -10.94 16.62
C ASN A 606 -40.02 -11.76 15.83
N LEU A 607 -40.46 -12.87 15.26
CA LEU A 607 -39.57 -13.63 14.40
C LEU A 607 -40.29 -14.20 13.18
N VAL A 608 -39.78 -13.85 12.01
CA VAL A 608 -40.31 -14.26 10.73
C VAL A 608 -39.30 -15.14 10.04
N LEU A 609 -39.90 -16.17 9.61
CA LEU A 609 -39.01 -17.10 8.93
C LEU A 609 -39.27 -17.22 7.45
N ASN A 610 -38.28 -17.73 6.76
CA ASN A 610 -38.35 -18.19 5.37
C ASN A 610 -38.49 -17.21 4.22
N ASN A 611 -38.61 -15.91 4.44
CA ASN A 611 -38.13 -15.02 3.39
C ASN A 611 -37.67 -13.69 3.92
N CYS A 612 -37.14 -12.85 3.04
CA CYS A 612 -36.28 -11.76 3.48
C CYS A 612 -36.98 -10.96 4.57
N THR A 613 -36.16 -10.54 5.54
CA THR A 613 -36.61 -9.70 6.60
C THR A 613 -35.56 -8.66 6.87
N LYS A 614 -35.95 -7.64 7.56
CA LYS A 614 -34.99 -6.83 8.23
C LYS A 614 -34.93 -7.20 9.66
N TYR A 615 -33.87 -7.34 10.25
CA TYR A 615 -33.83 -7.75 11.62
C TYR A 615 -32.99 -6.91 12.52
N ASN A 616 -33.39 -6.92 13.79
CA ASN A 616 -32.60 -6.42 14.90
C ASN A 616 -32.55 -7.48 15.98
N ILE A 617 -31.44 -8.20 16.06
CA ILE A 617 -31.29 -9.36 16.92
C ILE A 617 -30.14 -9.22 17.88
N TYR A 618 -30.45 -9.00 19.15
CA TYR A 618 -29.40 -8.76 20.15
C TYR A 618 -28.43 -7.70 19.66
N ASP A 619 -28.98 -6.62 19.11
CA ASP A 619 -28.24 -5.48 18.59
C ASP A 619 -27.44 -5.72 17.30
N TYR A 620 -27.58 -6.89 16.70
CA TYR A 620 -27.07 -7.04 15.35
C TYR A 620 -28.14 -6.65 14.39
N VAL A 621 -27.82 -5.76 13.47
CA VAL A 621 -28.82 -5.27 12.56
C VAL A 621 -28.45 -5.52 11.11
N GLY A 622 -29.38 -6.07 10.36
CA GLY A 622 -29.12 -6.39 8.97
C GLY A 622 -30.34 -7.00 8.31
N THR A 623 -30.13 -7.60 7.14
CA THR A 623 -31.21 -8.22 6.41
C THR A 623 -30.84 -9.62 5.98
N GLY A 624 -31.85 -10.40 5.64
CA GLY A 624 -31.61 -11.76 5.13
C GLY A 624 -32.74 -12.72 5.46
N ILE A 625 -32.45 -14.00 5.41
CA ILE A 625 -33.44 -15.03 5.67
C ILE A 625 -33.09 -15.84 6.88
N ILE A 626 -34.04 -15.99 7.76
CA ILE A 626 -33.84 -16.78 8.95
C ILE A 626 -34.55 -18.11 8.81
N ARG A 627 -33.84 -19.19 9.14
CA ARG A 627 -34.44 -20.52 9.12
C ARG A 627 -34.16 -21.24 10.42
N SER A 628 -35.09 -22.07 10.86
CA SER A 628 -34.83 -22.83 12.08
C SER A 628 -33.95 -24.03 11.82
N SER A 629 -33.16 -24.40 12.82
CA SER A 629 -32.41 -25.64 12.83
C SER A 629 -32.19 -26.15 14.26
N ASN A 630 -31.38 -27.19 14.38
CA ASN A 630 -31.08 -27.82 15.66
C ASN A 630 -29.75 -28.54 15.65
N GLN A 631 -28.76 -27.92 16.28
CA GLN A 631 -27.42 -28.45 16.40
C GLN A 631 -27.01 -28.33 17.86
N SER A 632 -26.08 -29.16 18.31
CA SER A 632 -25.68 -29.12 19.71
C SER A 632 -24.74 -27.96 20.02
N LEU A 633 -25.26 -26.77 19.90
CA LEU A 633 -24.42 -25.60 20.04
C LEU A 633 -24.28 -25.22 21.50
N ALA A 634 -23.42 -25.94 22.19
CA ALA A 634 -23.08 -25.60 23.56
C ALA A 634 -22.42 -24.23 23.55
N GLY A 635 -22.68 -23.42 24.57
CA GLY A 635 -22.11 -22.07 24.59
C GLY A 635 -23.17 -20.98 24.56
N GLY A 636 -22.76 -19.78 24.12
CA GLY A 636 -23.58 -18.58 24.15
C GLY A 636 -24.64 -18.54 23.07
N ILE A 637 -25.30 -17.40 22.95
CA ILE A 637 -26.47 -17.33 22.08
C ILE A 637 -26.26 -16.63 20.76
N THR A 638 -25.10 -16.03 20.56
CA THR A 638 -24.82 -15.33 19.32
C THR A 638 -23.65 -15.90 18.56
N TYR A 639 -23.86 -16.19 17.29
CA TYR A 639 -22.81 -16.71 16.45
C TYR A 639 -22.56 -15.77 15.29
N VAL A 640 -21.35 -15.26 15.20
CA VAL A 640 -21.00 -14.32 14.15
C VAL A 640 -19.78 -14.71 13.37
N SER A 641 -19.68 -14.12 12.20
CA SER A 641 -18.53 -14.23 11.35
C SER A 641 -17.43 -13.36 11.88
N ASN A 642 -16.24 -13.48 11.33
CA ASN A 642 -15.16 -12.59 11.73
C ASN A 642 -15.27 -11.22 11.09
N SER A 643 -16.37 -10.99 10.35
CA SER A 643 -16.67 -9.70 9.79
C SER A 643 -17.78 -9.05 10.61
N GLY A 644 -18.21 -9.73 11.67
CA GLY A 644 -19.22 -9.21 12.58
C GLY A 644 -20.66 -9.44 12.14
N ASN A 645 -20.87 -10.38 11.24
CA ASN A 645 -22.22 -10.62 10.75
C ASN A 645 -22.81 -11.85 11.35
N LEU A 646 -24.10 -11.82 11.67
CA LEU A 646 -24.72 -12.99 12.25
C LEU A 646 -24.70 -14.15 11.32
N LEU A 647 -24.33 -15.28 11.86
CA LEU A 647 -24.49 -16.55 11.19
C LEU A 647 -25.69 -17.25 11.78
N GLY A 648 -25.93 -17.01 13.06
CA GLY A 648 -27.07 -17.60 13.70
C GLY A 648 -27.23 -17.17 15.14
N PHE A 649 -28.28 -17.67 15.75
CA PHE A 649 -28.51 -17.38 17.16
C PHE A 649 -29.31 -18.46 17.84
N LYS A 650 -29.16 -18.55 19.14
CA LYS A 650 -29.87 -19.55 19.92
C LYS A 650 -30.92 -18.87 20.77
N ASN A 651 -32.11 -19.41 20.80
CA ASN A 651 -33.20 -18.61 21.35
C ASN A 651 -33.27 -18.83 22.89
N VAL A 652 -32.28 -18.25 23.54
CA VAL A 652 -32.17 -18.01 24.98
C VAL A 652 -32.91 -18.97 25.92
N SER A 653 -34.25 -18.96 25.84
CA SER A 653 -35.15 -19.70 26.72
C SER A 653 -35.18 -21.16 26.35
N THR A 654 -34.76 -21.45 25.13
CA THR A 654 -34.69 -22.81 24.65
C THR A 654 -33.47 -23.06 23.77
N GLY A 655 -33.39 -24.29 23.28
CA GLY A 655 -32.22 -24.78 22.53
C GLY A 655 -32.39 -24.70 21.02
N ASN A 656 -33.49 -24.12 20.58
CA ASN A 656 -33.71 -23.97 19.15
C ASN A 656 -32.69 -22.99 18.62
N ILE A 657 -32.15 -23.27 17.43
CA ILE A 657 -31.19 -22.33 16.87
C ILE A 657 -31.65 -21.89 15.51
N PHE A 658 -31.25 -20.70 15.14
CA PHE A 658 -31.65 -20.17 13.88
C PHE A 658 -30.46 -19.79 13.05
N ILE A 659 -30.58 -20.03 11.77
CA ILE A 659 -29.53 -19.77 10.82
C ILE A 659 -29.90 -18.56 10.00
N VAL A 660 -28.95 -17.64 9.84
CA VAL A 660 -29.20 -16.40 9.13
C VAL A 660 -28.38 -16.35 7.84
N THR A 661 -29.06 -16.18 6.70
CA THR A 661 -28.36 -16.15 5.42
C THR A 661 -28.71 -14.90 4.62
N PRO A 662 -27.82 -14.41 3.76
CA PRO A 662 -28.10 -13.29 2.90
C PRO A 662 -28.79 -13.74 1.62
N CYS A 663 -30.07 -13.42 1.49
CA CYS A 663 -30.80 -13.85 0.30
C CYS A 663 -30.27 -13.36 -1.05
N ASN A 664 -29.76 -12.14 -1.11
CA ASN A 664 -29.23 -11.69 -2.40
C ASN A 664 -27.82 -12.21 -2.65
N GLN A 665 -27.74 -13.43 -3.14
CA GLN A 665 -26.47 -14.07 -3.47
C GLN A 665 -25.87 -13.50 -4.75
N PRO A 666 -24.54 -13.40 -4.86
CA PRO A 666 -23.78 -13.06 -6.05
C PRO A 666 -23.52 -14.25 -6.94
N ASP A 667 -23.42 -14.02 -8.25
CA ASP A 667 -23.12 -15.04 -9.24
C ASP A 667 -22.14 -14.57 -10.31
N GLN A 668 -21.66 -15.51 -11.13
CA GLN A 668 -20.77 -15.14 -12.25
C GLN A 668 -21.46 -15.35 -13.58
N VAL A 669 -21.41 -14.35 -14.44
CA VAL A 669 -22.08 -14.39 -15.72
C VAL A 669 -21.10 -14.36 -16.88
N ALA A 670 -21.30 -15.28 -17.82
CA ALA A 670 -20.49 -15.33 -19.02
C ALA A 670 -21.19 -14.56 -20.12
N VAL A 671 -20.45 -13.63 -20.73
CA VAL A 671 -20.93 -12.76 -21.80
C VAL A 671 -20.19 -12.98 -23.10
N TYR A 672 -20.93 -13.11 -24.20
CA TYR A 672 -20.33 -13.31 -25.51
C TYR A 672 -21.22 -12.71 -26.59
N GLN A 673 -20.64 -12.04 -27.57
CA GLN A 673 -21.36 -11.37 -28.65
C GLN A 673 -22.41 -10.44 -28.10
N GLN A 674 -22.02 -9.70 -27.06
CA GLN A 674 -22.95 -8.82 -26.36
C GLN A 674 -24.23 -9.50 -25.85
N SER A 675 -24.15 -10.74 -25.38
CA SER A 675 -25.31 -11.37 -24.78
C SER A 675 -24.94 -12.30 -23.64
N ILE A 676 -25.88 -12.63 -22.78
CA ILE A 676 -25.57 -13.60 -21.73
C ILE A 676 -25.61 -15.00 -22.26
N ILE A 677 -24.53 -15.70 -22.01
CA ILE A 677 -24.31 -17.05 -22.48
C ILE A 677 -24.69 -18.06 -21.45
N GLY A 678 -24.26 -17.79 -20.24
CA GLY A 678 -24.53 -18.73 -19.16
C GLY A 678 -24.09 -18.16 -17.84
N ALA A 679 -24.35 -18.88 -16.78
CA ALA A 679 -23.93 -18.39 -15.49
C ALA A 679 -23.58 -19.50 -14.52
N MET A 680 -22.66 -19.17 -13.63
CA MET A 680 -22.21 -20.06 -12.57
C MET A 680 -22.85 -19.59 -11.28
N THR A 681 -23.55 -20.48 -10.62
CA THR A 681 -24.29 -20.10 -9.42
C THR A 681 -24.16 -21.07 -8.27
N ALA A 682 -24.62 -20.59 -7.12
CA ALA A 682 -24.67 -21.35 -5.89
C ALA A 682 -26.06 -21.91 -5.66
N VAL A 683 -27.02 -21.47 -6.45
CA VAL A 683 -28.40 -21.82 -6.22
C VAL A 683 -28.98 -22.70 -7.31
N ASN A 684 -29.65 -23.75 -6.89
CA ASN A 684 -30.20 -24.73 -7.82
C ASN A 684 -31.47 -24.24 -8.48
N GLU A 685 -31.33 -23.25 -9.38
CA GLU A 685 -32.49 -22.65 -10.05
C GLU A 685 -32.17 -22.10 -11.44
N SER A 686 -33.20 -21.96 -12.28
CA SER A 686 -33.06 -21.29 -13.57
C SER A 686 -32.88 -19.79 -13.36
N ARG A 687 -32.28 -19.09 -14.32
CA ARG A 687 -31.92 -17.68 -14.06
C ARG A 687 -32.23 -16.72 -15.20
N TYR A 688 -31.19 -16.21 -15.87
CA TYR A 688 -31.33 -15.07 -16.76
C TYR A 688 -31.86 -15.43 -18.13
N GLY A 689 -32.99 -16.09 -18.16
CA GLY A 689 -33.55 -16.68 -19.38
C GLY A 689 -33.00 -18.08 -19.60
N LEU A 690 -31.89 -18.36 -18.93
CA LEU A 690 -31.16 -19.61 -18.99
C LEU A 690 -31.93 -20.70 -18.25
N GLN A 691 -32.07 -21.86 -18.89
CA GLN A 691 -32.95 -22.93 -18.38
C GLN A 691 -32.24 -24.23 -18.04
N ASN A 692 -31.17 -24.53 -18.73
CA ASN A 692 -30.56 -25.84 -18.67
C ASN A 692 -29.57 -25.91 -17.54
N LEU A 693 -29.92 -26.60 -16.46
CA LEU A 693 -29.07 -26.58 -15.27
C LEU A 693 -28.26 -27.86 -15.10
N LEU A 694 -26.95 -27.69 -14.96
CA LEU A 694 -26.03 -28.76 -14.65
C LEU A 694 -25.56 -28.68 -13.23
N GLN A 695 -25.32 -29.83 -12.62
CA GLN A 695 -24.63 -29.85 -11.33
C GLN A 695 -23.19 -30.28 -11.52
N LEU A 696 -22.29 -29.47 -10.99
CA LEU A 696 -20.86 -29.70 -11.09
C LEU A 696 -20.30 -29.76 -9.67
N PRO A 697 -19.16 -30.42 -9.43
CA PRO A 697 -18.67 -30.77 -8.11
C PRO A 697 -18.82 -29.71 -7.02
N ASN A 698 -18.80 -28.44 -7.39
CA ASN A 698 -18.89 -27.38 -6.41
C ASN A 698 -19.70 -26.16 -6.85
N PHE A 699 -20.59 -26.34 -7.83
CA PHE A 699 -21.44 -25.25 -8.30
C PHE A 699 -22.51 -25.72 -9.27
N TYR A 700 -23.41 -24.82 -9.66
CA TYR A 700 -24.32 -25.17 -10.73
C TYR A 700 -24.02 -24.30 -11.92
N TYR A 701 -24.23 -24.85 -13.10
CA TYR A 701 -24.06 -24.06 -14.31
C TYR A 701 -25.35 -24.01 -15.05
N VAL A 702 -25.77 -22.82 -15.41
CA VAL A 702 -27.04 -22.69 -16.08
C VAL A 702 -26.83 -22.11 -17.47
N SER A 703 -27.41 -22.77 -18.47
CA SER A 703 -27.27 -22.36 -19.86
C SER A 703 -28.58 -22.46 -20.62
N ASN A 704 -28.50 -22.41 -21.93
CA ASN A 704 -29.62 -22.62 -22.82
C ASN A 704 -29.06 -23.30 -24.05
N GLY A 705 -27.77 -23.61 -23.96
CA GLY A 705 -27.04 -24.34 -25.00
C GLY A 705 -27.31 -25.83 -24.94
N GLY A 706 -26.72 -26.56 -25.90
CA GLY A 706 -26.90 -28.01 -26.03
C GLY A 706 -25.75 -28.79 -25.42
N ASN A 707 -25.35 -29.88 -26.07
CA ASN A 707 -24.23 -30.69 -25.61
C ASN A 707 -23.36 -31.09 -26.78
N ASN A 708 -23.22 -30.20 -27.74
CA ASN A 708 -22.56 -30.49 -29.02
C ASN A 708 -22.05 -29.21 -29.66
N CYS A 709 -20.91 -28.68 -29.22
CA CYS A 709 -20.65 -27.28 -29.50
C CYS A 709 -19.21 -26.93 -29.86
N THR A 710 -18.57 -27.76 -30.65
CA THR A 710 -17.24 -27.50 -31.27
C THR A 710 -16.05 -27.14 -30.33
N THR A 711 -16.07 -25.94 -29.74
CA THR A 711 -14.92 -25.35 -29.04
C THR A 711 -15.27 -24.32 -28.00
N ALA A 712 -14.42 -24.23 -26.99
CA ALA A 712 -14.58 -23.16 -26.03
C ALA A 712 -14.30 -21.85 -26.73
N VAL A 713 -14.95 -20.78 -26.27
CA VAL A 713 -14.62 -19.43 -26.69
C VAL A 713 -14.14 -18.64 -25.47
N MET A 714 -14.59 -19.07 -24.29
CA MET A 714 -14.15 -18.52 -23.01
C MET A 714 -13.69 -19.65 -22.12
N THR A 715 -12.60 -19.46 -21.40
CA THR A 715 -12.09 -20.56 -20.57
C THR A 715 -11.74 -20.18 -19.14
N TYR A 716 -11.80 -21.18 -18.27
CA TYR A 716 -11.24 -21.09 -16.93
C TYR A 716 -10.96 -22.49 -16.38
N SER A 717 -9.91 -22.65 -15.59
CA SER A 717 -9.64 -23.94 -14.99
C SER A 717 -9.61 -25.04 -16.03
N ASN A 718 -10.36 -26.10 -15.75
CA ASN A 718 -10.41 -27.25 -16.64
C ASN A 718 -11.67 -27.29 -17.50
N PHE A 719 -12.30 -26.16 -17.72
CA PHE A 719 -13.47 -26.15 -18.58
C PHE A 719 -13.58 -24.89 -19.42
N GLY A 720 -14.33 -24.99 -20.50
CA GLY A 720 -14.63 -23.80 -21.25
C GLY A 720 -16.07 -23.70 -21.65
N ILE A 721 -16.48 -22.49 -21.94
CA ILE A 721 -17.81 -22.19 -22.38
C ILE A 721 -17.75 -21.93 -23.85
N CYS A 722 -18.53 -22.69 -24.60
CA CYS A 722 -18.44 -22.66 -26.03
C CYS A 722 -19.37 -21.60 -26.55
N ALA A 723 -19.41 -21.43 -27.86
CA ALA A 723 -20.20 -20.38 -28.47
C ALA A 723 -21.70 -20.43 -28.10
N ASP A 724 -22.29 -21.62 -27.94
CA ASP A 724 -23.72 -21.65 -27.59
C ASP A 724 -23.92 -21.77 -26.10
N GLY A 725 -22.86 -21.65 -25.31
CA GLY A 725 -22.97 -21.71 -23.87
C GLY A 725 -22.80 -23.06 -23.20
N SER A 726 -22.75 -24.14 -23.95
CA SER A 726 -22.52 -25.42 -23.31
C SER A 726 -21.07 -25.58 -22.83
N LEU A 727 -20.87 -26.48 -21.87
CA LEU A 727 -19.52 -26.66 -21.33
C LEU A 727 -18.73 -27.73 -22.02
N ILE A 728 -17.47 -27.42 -22.26
CA ILE A 728 -16.51 -28.30 -22.85
C ILE A 728 -15.36 -28.56 -21.89
N PRO A 729 -15.00 -29.81 -21.63
CA PRO A 729 -13.84 -30.12 -20.81
C PRO A 729 -12.54 -29.73 -21.50
N VAL A 730 -11.59 -29.26 -20.73
CA VAL A 730 -10.26 -28.96 -21.25
C VAL A 730 -9.35 -30.18 -21.19
N ARG A 731 -8.56 -30.36 -22.24
CA ARG A 731 -7.62 -31.45 -22.29
C ARG A 731 -6.21 -30.90 -22.51
N PRO A 732 -5.19 -31.45 -21.84
CA PRO A 732 -3.83 -30.97 -21.88
C PRO A 732 -3.23 -31.18 -23.25
N ARG A 733 -2.36 -30.29 -23.66
CA ARG A 733 -1.75 -30.39 -24.96
C ARG A 733 -1.07 -31.73 -25.15
N ASN A 734 -1.37 -32.38 -26.26
CA ASN A 734 -0.73 -33.65 -26.59
C ASN A 734 0.69 -33.41 -27.06
N SER A 735 1.64 -34.11 -26.47
CA SER A 735 3.02 -34.08 -26.92
C SER A 735 3.78 -35.26 -26.39
N SER A 736 4.75 -35.74 -27.15
CA SER A 736 5.54 -36.88 -26.73
C SER A 736 6.83 -37.01 -27.50
N ASP A 737 7.73 -37.82 -26.96
CA ASP A 737 8.97 -38.19 -27.64
C ASP A 737 9.52 -39.45 -27.01
N ASN A 738 10.62 -39.94 -27.55
CA ASN A 738 11.29 -41.13 -27.03
C ASN A 738 12.32 -40.72 -25.99
N GLY A 739 12.97 -41.69 -25.38
CA GLY A 739 14.02 -41.44 -24.40
C GLY A 739 15.37 -41.39 -25.08
N ILE A 740 16.41 -41.60 -24.29
CA ILE A 740 17.77 -41.58 -24.79
C ILE A 740 18.28 -42.98 -24.96
N SER A 741 18.75 -43.31 -26.16
CA SER A 741 19.19 -44.67 -26.39
C SER A 741 20.42 -44.99 -25.55
N ALA A 742 20.53 -46.24 -25.13
CA ALA A 742 21.61 -46.68 -24.25
C ALA A 742 22.60 -47.54 -24.97
N ILE A 743 23.67 -47.90 -24.28
CA ILE A 743 24.62 -48.82 -24.88
C ILE A 743 24.12 -50.24 -24.78
N ILE A 744 23.22 -50.57 -25.67
CA ILE A 744 22.59 -51.86 -25.71
C ILE A 744 22.37 -52.33 -27.13
N THR A 745 22.56 -53.63 -27.34
CA THR A 745 22.33 -54.24 -28.64
C THR A 745 20.82 -54.20 -28.90
N ALA A 746 20.40 -53.54 -29.97
CA ALA A 746 19.01 -53.08 -30.05
C ALA A 746 18.64 -52.51 -31.41
N ASN A 747 17.34 -52.33 -31.64
CA ASN A 747 16.88 -51.57 -32.79
C ASN A 747 16.59 -50.13 -32.40
N LEU A 748 17.46 -49.22 -32.83
CA LEU A 748 17.36 -47.83 -32.44
C LEU A 748 16.70 -47.01 -33.52
N SER A 749 16.14 -45.87 -33.13
CA SER A 749 15.58 -44.92 -34.10
C SER A 749 16.41 -43.65 -34.13
N ILE A 750 17.14 -43.42 -35.21
CA ILE A 750 18.05 -42.28 -35.27
C ILE A 750 17.68 -41.30 -36.40
N PRO A 751 17.32 -40.04 -36.08
CA PRO A 751 16.92 -39.01 -37.03
C PRO A 751 17.88 -38.82 -38.15
N SER A 752 17.34 -38.78 -39.35
CA SER A 752 18.08 -38.62 -40.56
C SER A 752 17.75 -37.28 -41.19
N ASN A 753 16.46 -37.12 -41.44
CA ASN A 753 15.97 -35.89 -42.05
C ASN A 753 15.50 -34.91 -41.01
N TRP A 754 15.93 -33.68 -41.19
CA TRP A 754 15.62 -32.59 -40.30
C TRP A 754 14.96 -31.43 -41.02
N THR A 755 14.13 -30.72 -40.29
CA THR A 755 13.60 -29.46 -40.74
C THR A 755 13.87 -28.42 -39.70
N THR A 756 13.32 -27.24 -39.89
CA THR A 756 13.57 -26.18 -38.93
C THR A 756 12.37 -25.34 -38.69
N SER A 757 12.32 -24.78 -37.51
CA SER A 757 11.24 -23.92 -37.12
C SER A 757 11.79 -22.78 -36.31
N VAL A 758 11.03 -21.70 -36.27
CA VAL A 758 11.46 -20.54 -35.52
C VAL A 758 10.48 -20.25 -34.41
N GLN A 759 11.01 -20.19 -33.20
CA GLN A 759 10.18 -20.02 -32.02
C GLN A 759 10.32 -18.63 -31.46
N VAL A 760 9.21 -18.04 -31.06
CA VAL A 760 9.18 -16.64 -30.70
C VAL A 760 9.03 -16.40 -29.20
N GLU A 761 9.95 -15.63 -28.63
CA GLU A 761 9.90 -15.31 -27.21
C GLU A 761 10.07 -13.83 -26.92
N TYR A 762 9.21 -13.27 -26.07
CA TYR A 762 9.35 -11.86 -25.69
C TYR A 762 9.74 -11.66 -24.23
N LEU A 763 10.77 -10.83 -24.02
CA LEU A 763 11.22 -10.45 -22.68
C LEU A 763 11.23 -8.94 -22.49
N GLN A 764 10.66 -8.49 -21.39
CA GLN A 764 10.68 -7.06 -21.08
C GLN A 764 12.05 -6.66 -20.54
N ILE A 765 12.59 -5.52 -20.95
CA ILE A 765 13.87 -5.11 -20.39
C ILE A 765 13.80 -3.76 -19.72
N THR A 766 12.78 -2.98 -20.04
CA THR A 766 12.64 -1.66 -19.47
C THR A 766 11.18 -1.31 -19.22
N SER A 767 10.94 -0.07 -18.85
CA SER A 767 9.62 0.54 -18.70
C SER A 767 9.83 2.03 -18.64
N THR A 768 8.80 2.82 -18.87
CA THR A 768 8.96 4.27 -18.89
C THR A 768 9.11 4.84 -17.48
N PRO A 769 10.09 5.74 -17.22
CA PRO A 769 10.20 6.49 -15.99
C PRO A 769 9.08 7.49 -15.84
N ILE A 770 8.59 7.63 -14.61
CA ILE A 770 7.59 8.63 -14.30
C ILE A 770 8.08 9.51 -13.18
N VAL A 771 7.92 10.81 -13.35
CA VAL A 771 8.24 11.75 -12.28
C VAL A 771 7.04 12.61 -12.00
N VAL A 772 6.65 12.70 -10.74
CA VAL A 772 5.47 13.47 -10.39
C VAL A 772 5.84 14.58 -9.46
N ASP A 773 5.37 15.78 -9.77
CA ASP A 773 5.67 16.94 -8.93
C ASP A 773 4.99 16.85 -7.56
N CYS A 774 5.78 17.04 -6.49
CA CYS A 774 5.29 17.03 -5.12
C CYS A 774 4.07 17.94 -4.94
N ALA A 775 4.05 19.09 -5.61
CA ALA A 775 3.05 20.08 -5.25
C ALA A 775 1.96 20.15 -6.27
N THR A 776 2.32 20.12 -7.54
CA THR A 776 1.35 20.28 -8.59
C THR A 776 0.32 19.18 -8.56
N TYR A 777 0.71 17.98 -8.15
CA TYR A 777 -0.25 16.90 -8.07
C TYR A 777 -1.11 16.92 -6.83
N VAL A 778 -0.91 17.89 -5.96
CA VAL A 778 -1.65 17.97 -4.73
C VAL A 778 -2.56 19.20 -4.76
N CYS A 779 -1.95 20.34 -5.07
CA CYS A 779 -2.65 21.60 -5.27
C CYS A 779 -2.09 22.25 -6.52
N ASN A 780 -2.85 22.10 -7.59
CA ASN A 780 -2.40 22.40 -8.94
C ASN A 780 -2.24 23.87 -9.24
N GLY A 781 -1.20 24.44 -8.64
CA GLY A 781 -0.84 25.83 -8.84
C GLY A 781 -1.48 26.74 -7.83
N ASN A 782 -1.89 26.18 -6.71
CA ASN A 782 -2.55 27.04 -5.73
C ASN A 782 -1.56 27.60 -4.68
N PRO A 783 -1.41 28.93 -4.56
CA PRO A 783 -0.49 29.58 -3.65
C PRO A 783 -0.82 29.38 -2.17
N ARG A 784 -2.02 28.89 -1.86
CA ARG A 784 -2.39 28.66 -0.48
C ARG A 784 -1.73 27.39 0.01
N CYS A 785 -1.99 26.27 -0.67
CA CYS A 785 -1.15 25.12 -0.49
C CYS A 785 0.32 25.29 -0.49
N LYS A 786 0.85 26.19 -1.28
CA LYS A 786 2.29 26.36 -1.18
C LYS A 786 2.74 26.64 0.26
N ASN A 787 1.86 27.23 1.06
CA ASN A 787 2.16 27.46 2.44
C ASN A 787 1.80 26.25 3.27
N LEU A 788 0.63 25.68 3.03
CA LEU A 788 0.18 24.57 3.86
C LEU A 788 1.11 23.37 3.75
N LEU A 789 1.59 23.12 2.54
CA LEU A 789 2.46 22.00 2.29
C LEU A 789 3.82 22.11 2.94
N LYS A 790 4.17 23.27 3.49
CA LYS A 790 5.48 23.37 4.13
C LYS A 790 5.62 22.34 5.22
N GLN A 791 4.53 22.03 5.92
CA GLN A 791 4.62 21.12 7.06
C GLN A 791 4.85 19.67 6.65
N TYR A 792 4.73 19.38 5.36
CA TYR A 792 4.90 18.04 4.89
C TYR A 792 6.19 17.91 4.08
N THR A 793 7.07 18.90 4.13
CA THR A 793 8.26 18.84 3.28
C THR A 793 8.99 17.50 3.36
N SER A 794 9.17 17.00 4.59
CA SER A 794 9.89 15.76 4.84
C SER A 794 9.15 14.50 4.38
N ALA A 795 7.91 14.64 3.96
CA ALA A 795 7.10 13.54 3.49
C ALA A 795 6.69 13.61 2.04
N CYS A 796 6.92 14.76 1.46
CA CYS A 796 6.46 15.09 0.14
C CYS A 796 7.65 15.04 -0.77
N LYS A 797 8.76 15.62 -0.32
CA LYS A 797 10.01 15.53 -1.04
C LYS A 797 10.42 14.08 -1.30
N THR A 798 10.19 13.21 -0.34
CA THR A 798 10.53 11.81 -0.44
C THR A 798 9.89 11.11 -1.65
N ILE A 799 8.79 11.65 -2.14
CA ILE A 799 8.13 11.06 -3.29
C ILE A 799 8.99 11.27 -4.49
N GLU A 800 9.55 12.48 -4.60
CA GLU A 800 10.32 12.84 -5.75
C GLU A 800 11.65 12.13 -5.69
N ASP A 801 12.21 12.03 -4.48
CA ASP A 801 13.46 11.33 -4.30
C ASP A 801 13.37 9.90 -4.80
N ALA A 802 12.30 9.20 -4.42
CA ALA A 802 12.14 7.82 -4.85
C ALA A 802 12.02 7.71 -6.37
N LEU A 803 11.21 8.56 -6.97
CA LEU A 803 10.98 8.44 -8.39
C LEU A 803 12.22 8.80 -9.20
N ARG A 804 12.91 9.87 -8.80
CA ARG A 804 14.10 10.29 -9.52
C ARG A 804 15.20 9.27 -9.42
N LEU A 805 15.40 8.73 -8.22
CA LEU A 805 16.41 7.72 -8.07
C LEU A 805 16.14 6.53 -8.94
N SER A 806 14.91 6.06 -8.93
CA SER A 806 14.60 4.90 -9.70
C SER A 806 14.91 5.13 -11.18
N ALA A 807 14.52 6.30 -11.69
CA ALA A 807 14.79 6.59 -13.09
C ALA A 807 16.28 6.55 -13.39
N HIS A 808 17.06 7.09 -12.48
CA HIS A 808 18.50 7.13 -12.61
C HIS A 808 19.07 5.72 -12.72
N LEU A 809 18.68 4.87 -11.79
CA LEU A 809 19.22 3.52 -11.72
C LEU A 809 18.90 2.73 -12.97
N GLU A 810 17.67 2.85 -13.43
CA GLU A 810 17.22 2.13 -14.60
C GLU A 810 17.94 2.59 -15.84
N THR A 811 18.15 3.89 -15.97
CA THR A 811 18.84 4.44 -17.11
C THR A 811 20.24 3.90 -17.18
N ASN A 812 20.93 3.88 -16.06
CA ASN A 812 22.29 3.37 -16.04
C ASN A 812 22.34 1.90 -16.43
N ASP A 813 21.43 1.11 -15.88
CA ASP A 813 21.44 -0.31 -16.17
C ASP A 813 21.23 -0.59 -17.64
N VAL A 814 20.19 -0.02 -18.23
CA VAL A 814 19.96 -0.29 -19.63
C VAL A 814 21.12 0.19 -20.49
N SER A 815 21.65 1.36 -20.17
CA SER A 815 22.79 1.88 -20.90
C SER A 815 23.97 0.91 -20.88
N SER A 816 24.16 0.20 -19.76
CA SER A 816 25.26 -0.74 -19.66
C SER A 816 25.11 -1.98 -20.56
N MET A 817 23.92 -2.24 -21.08
CA MET A 817 23.72 -3.36 -21.99
C MET A 817 23.95 -2.95 -23.42
N LEU A 818 23.43 -1.79 -23.79
CA LEU A 818 23.34 -1.45 -25.19
C LEU A 818 24.66 -0.95 -25.79
N THR A 819 25.58 -1.89 -25.98
CA THR A 819 26.91 -1.68 -26.54
C THR A 819 26.91 -1.73 -28.07
N PHE A 820 28.01 -1.32 -28.71
CA PHE A 820 28.07 -1.30 -30.17
C PHE A 820 29.39 -1.67 -30.83
N ASP A 821 29.29 -2.50 -31.89
CA ASP A 821 30.38 -2.89 -32.78
C ASP A 821 30.16 -2.51 -34.24
N SER A 822 30.92 -1.55 -34.74
CA SER A 822 30.75 -1.12 -36.12
C SER A 822 31.09 -2.18 -37.17
N ASN A 823 31.93 -3.16 -36.86
CA ASN A 823 32.29 -4.14 -37.89
C ASN A 823 31.13 -5.06 -38.13
N ALA A 824 30.63 -5.66 -37.08
CA ALA A 824 29.48 -6.53 -37.18
C ALA A 824 28.30 -5.76 -37.71
N PHE A 825 28.11 -4.51 -37.29
CA PHE A 825 26.99 -3.78 -37.81
C PHE A 825 27.05 -3.75 -39.33
N SER A 826 28.20 -3.41 -39.89
CA SER A 826 28.33 -3.37 -41.34
C SER A 826 28.08 -4.74 -41.98
N LEU A 827 28.59 -5.79 -41.35
CA LEU A 827 28.49 -7.14 -41.87
C LEU A 827 27.11 -7.75 -41.75
N ALA A 828 26.19 -7.05 -41.08
CA ALA A 828 24.82 -7.51 -40.91
C ALA A 828 24.06 -7.40 -42.24
N ASN A 829 24.70 -6.84 -43.25
CA ASN A 829 24.11 -6.79 -44.57
C ASN A 829 23.45 -8.07 -44.97
N VAL A 830 22.30 -7.96 -45.62
CA VAL A 830 21.53 -9.12 -46.07
C VAL A 830 22.30 -10.02 -47.02
N THR A 831 23.27 -9.47 -47.73
CA THR A 831 24.03 -10.25 -48.68
C THR A 831 24.98 -11.24 -47.99
N SER A 832 25.15 -11.12 -46.68
CA SER A 832 25.95 -12.07 -45.93
C SER A 832 25.14 -13.35 -45.65
N PHE A 833 23.81 -13.25 -45.78
CA PHE A 833 22.88 -14.30 -45.37
C PHE A 833 22.30 -15.03 -46.57
N GLY A 834 22.14 -14.31 -47.67
CA GLY A 834 21.84 -14.93 -48.95
C GLY A 834 20.58 -15.78 -48.96
N ASP A 835 20.77 -17.09 -49.17
CA ASP A 835 19.68 -18.06 -49.29
C ASP A 835 18.72 -18.09 -48.13
N TYR A 836 19.17 -17.65 -46.97
CA TYR A 836 18.32 -17.70 -45.79
C TYR A 836 17.51 -16.43 -45.60
N ASN A 837 17.75 -15.42 -46.40
CA ASN A 837 17.08 -14.15 -46.18
C ASN A 837 17.43 -13.61 -44.80
N LEU A 838 16.92 -12.44 -44.49
CA LEU A 838 17.03 -11.83 -43.17
C LEU A 838 16.41 -10.45 -43.28
N SER A 839 15.84 -10.16 -44.43
CA SER A 839 15.47 -8.80 -44.77
C SER A 839 14.41 -8.16 -43.87
N SER A 840 13.54 -8.97 -43.27
CA SER A 840 12.51 -8.44 -42.37
C SER A 840 13.02 -8.25 -40.95
N VAL A 841 14.24 -8.71 -40.71
CA VAL A 841 14.92 -8.67 -39.43
C VAL A 841 15.97 -7.58 -39.36
N LEU A 842 16.67 -7.37 -40.45
CA LEU A 842 17.70 -6.38 -40.52
C LEU A 842 17.18 -4.96 -40.38
N PRO A 843 17.86 -4.11 -39.60
CA PRO A 843 17.54 -2.70 -39.56
C PRO A 843 17.73 -2.13 -40.93
N GLN A 844 16.86 -1.20 -41.24
CA GLN A 844 17.03 -0.33 -42.36
C GLN A 844 18.38 0.32 -42.27
N ARG A 845 19.20 0.11 -43.30
CA ARG A 845 20.58 0.57 -43.34
C ARG A 845 20.69 2.08 -43.22
N ASN A 846 19.78 2.77 -43.88
CA ASN A 846 19.69 4.22 -43.77
C ASN A 846 18.33 4.68 -44.26
N ILE A 847 17.96 5.83 -43.74
CA ILE A 847 16.73 6.52 -44.02
C ILE A 847 17.07 7.90 -44.57
N ARG A 848 18.21 7.94 -45.27
CA ARG A 848 18.76 9.14 -45.89
C ARG A 848 18.86 10.30 -44.91
N SER A 849 19.25 9.99 -43.67
CA SER A 849 19.25 11.00 -42.62
C SER A 849 20.45 10.83 -41.72
N SER A 850 20.71 11.82 -40.87
CA SER A 850 21.82 11.75 -39.93
C SER A 850 21.50 10.84 -38.74
N ARG A 851 21.37 9.56 -39.02
CA ARG A 851 21.01 8.53 -38.05
C ARG A 851 21.63 7.21 -38.50
N ILE A 852 22.25 6.49 -37.58
CA ILE A 852 22.92 5.26 -37.93
C ILE A 852 22.01 4.15 -38.42
N ALA A 853 20.78 4.11 -37.92
CA ALA A 853 19.91 3.00 -38.28
C ALA A 853 18.43 3.25 -38.04
N GLY A 854 17.59 2.46 -38.70
CA GLY A 854 16.17 2.44 -38.36
C GLY A 854 15.66 1.05 -38.00
N ARG A 855 14.40 0.98 -37.59
CA ARG A 855 13.70 -0.25 -37.30
C ARG A 855 13.47 -1.16 -38.52
N SER A 856 13.62 -2.46 -38.30
CA SER A 856 13.40 -3.52 -39.27
C SER A 856 11.93 -3.56 -39.60
N ALA A 857 11.55 -4.29 -40.64
CA ALA A 857 10.14 -4.42 -40.99
C ALA A 857 9.35 -5.04 -39.85
N LEU A 858 9.89 -6.10 -39.25
CA LEU A 858 9.21 -6.72 -38.13
C LEU A 858 9.03 -5.74 -37.00
N GLU A 859 10.05 -4.94 -36.68
CA GLU A 859 9.88 -4.00 -35.60
C GLU A 859 8.79 -2.98 -35.88
N ASP A 860 8.74 -2.45 -37.09
CA ASP A 860 7.67 -1.52 -37.40
C ASP A 860 6.31 -2.15 -37.21
N LEU A 861 6.18 -3.39 -37.63
CA LEU A 861 4.97 -4.15 -37.41
C LEU A 861 4.61 -4.31 -35.94
N LEU A 862 5.56 -4.74 -35.12
CA LEU A 862 5.25 -5.01 -33.72
C LEU A 862 4.79 -3.75 -33.02
N PHE A 863 5.51 -2.66 -33.26
CA PHE A 863 5.19 -1.43 -32.58
C PHE A 863 3.88 -0.85 -33.05
N SER A 864 3.67 -0.82 -34.37
CA SER A 864 2.46 -0.24 -34.93
C SER A 864 1.21 -0.97 -34.52
N LYS A 865 1.27 -2.30 -34.51
CA LYS A 865 0.11 -3.11 -34.21
C LYS A 865 -0.35 -2.96 -32.78
N VAL A 866 0.58 -3.03 -31.84
CA VAL A 866 0.20 -2.93 -30.44
C VAL A 866 -0.21 -1.53 -30.03
N VAL A 867 0.50 -0.52 -30.50
CA VAL A 867 0.15 0.83 -30.18
C VAL A 867 -1.33 1.08 -30.43
N ASP A 875 6.94 8.58 -26.83
CA ASP A 875 7.21 9.63 -25.84
C ASP A 875 6.37 10.88 -26.15
N VAL A 876 5.80 11.46 -25.11
CA VAL A 876 4.96 12.64 -25.24
C VAL A 876 5.72 13.84 -25.80
N ASP A 877 5.05 14.61 -26.67
CA ASP A 877 5.61 15.86 -27.15
C ASP A 877 5.11 17.03 -26.34
N TYR A 878 5.89 17.44 -25.35
CA TYR A 878 5.38 18.39 -24.38
C TYR A 878 5.34 19.80 -24.94
N LYS A 879 5.88 20.00 -26.14
CA LYS A 879 5.94 21.34 -26.70
C LYS A 879 4.55 21.78 -27.10
N SER A 880 3.64 20.82 -27.29
CA SER A 880 2.32 21.15 -27.75
C SER A 880 1.41 21.59 -26.62
N CYS A 881 1.82 21.35 -25.38
CA CYS A 881 0.90 21.45 -24.26
C CYS A 881 0.83 22.86 -23.71
N THR A 882 1.35 23.81 -24.47
CA THR A 882 1.38 25.19 -24.07
C THR A 882 0.70 26.07 -25.09
N LYS A 883 0.24 25.47 -26.20
CA LYS A 883 -0.27 26.29 -27.28
C LYS A 883 -1.75 26.58 -27.20
N GLY A 884 -2.47 25.86 -26.36
CA GLY A 884 -3.92 25.94 -26.40
C GLY A 884 -4.39 25.39 -27.74
N LEU A 885 -5.23 26.13 -28.47
CA LEU A 885 -5.72 25.77 -29.82
C LEU A 885 -6.66 24.56 -29.91
N SER A 886 -6.25 23.44 -29.37
CA SER A 886 -7.05 22.24 -29.41
C SER A 886 -7.49 21.80 -28.04
N ILE A 887 -8.60 21.08 -27.99
CA ILE A 887 -8.85 20.38 -26.73
C ILE A 887 -7.64 19.49 -26.50
N ALA A 888 -7.12 19.48 -25.28
CA ALA A 888 -5.91 18.76 -24.96
C ALA A 888 -6.06 17.27 -25.14
N ASP A 889 -4.98 16.62 -25.55
CA ASP A 889 -4.94 15.17 -25.58
C ASP A 889 -4.65 14.67 -24.19
N LEU A 890 -4.71 13.36 -24.01
CA LEU A 890 -4.50 12.78 -22.70
C LEU A 890 -3.15 13.08 -22.11
N ALA A 891 -2.11 13.03 -22.93
CA ALA A 891 -0.80 13.26 -22.37
C ALA A 891 -0.74 14.61 -21.70
N CYS A 892 -0.97 15.67 -22.47
CA CYS A 892 -0.99 16.98 -21.85
C CYS A 892 -1.93 17.04 -20.65
N ALA A 893 -3.10 16.42 -20.74
CA ALA A 893 -4.00 16.45 -19.62
C ALA A 893 -3.36 15.87 -18.35
N GLN A 894 -2.49 14.86 -18.49
CA GLN A 894 -1.76 14.35 -17.33
C GLN A 894 -0.64 15.29 -16.92
N TYR A 895 -0.02 15.91 -17.92
CA TYR A 895 1.06 16.87 -17.69
C TYR A 895 0.57 18.00 -16.83
N TYR A 896 -0.65 18.43 -17.06
CA TYR A 896 -1.27 19.50 -16.33
C TYR A 896 -1.49 19.19 -14.86
N ASN A 897 -1.41 17.92 -14.48
CA ASN A 897 -1.56 17.52 -13.11
C ASN A 897 -0.21 17.23 -12.47
N GLY A 898 0.86 17.59 -13.16
CA GLY A 898 2.17 17.42 -12.60
C GLY A 898 2.74 16.05 -12.87
N ILE A 899 2.10 15.28 -13.73
CA ILE A 899 2.58 13.94 -13.99
C ILE A 899 3.32 13.91 -15.29
N MET A 900 4.62 13.76 -15.19
CA MET A 900 5.46 13.81 -16.37
C MET A 900 5.91 12.44 -16.76
N VAL A 901 5.79 12.15 -18.04
CA VAL A 901 6.25 10.89 -18.57
C VAL A 901 7.53 11.15 -19.31
N LEU A 902 8.60 10.53 -18.89
CA LEU A 902 9.87 10.99 -19.38
C LEU A 902 10.24 10.30 -20.69
N PRO A 903 11.26 10.80 -21.38
CA PRO A 903 11.84 10.17 -22.54
C PRO A 903 12.36 8.82 -22.16
N GLY A 904 12.49 7.93 -23.12
CA GLY A 904 12.97 6.60 -22.84
C GLY A 904 14.49 6.54 -22.83
N VAL A 905 15.00 5.33 -22.62
CA VAL A 905 16.42 5.09 -22.60
C VAL A 905 16.81 4.26 -23.80
N ALA A 906 16.11 3.16 -24.00
CA ALA A 906 16.37 2.29 -25.13
C ALA A 906 15.76 2.87 -26.41
N ASP A 907 16.37 3.94 -26.91
CA ASP A 907 15.82 4.62 -28.09
C ASP A 907 16.10 3.79 -29.32
N ALA A 908 15.46 4.13 -30.44
CA ALA A 908 15.53 3.30 -31.63
C ALA A 908 16.94 3.14 -32.19
N GLU A 909 17.76 4.18 -32.13
CA GLU A 909 19.07 4.07 -32.74
C GLU A 909 19.92 3.14 -31.91
N ARG A 910 19.86 3.28 -30.59
CA ARG A 910 20.60 2.37 -29.73
C ARG A 910 20.18 0.94 -29.93
N MET A 911 18.89 0.71 -30.03
CA MET A 911 18.45 -0.66 -30.17
C MET A 911 18.90 -1.25 -31.49
N ALA A 912 18.86 -0.46 -32.56
CA ALA A 912 19.33 -0.95 -33.84
C ALA A 912 20.82 -1.18 -33.84
N MET A 913 21.60 -0.31 -33.23
CA MET A 913 23.03 -0.51 -33.17
C MET A 913 23.37 -1.79 -32.43
N TYR A 914 22.72 -1.98 -31.29
CA TYR A 914 22.91 -3.17 -30.51
C TYR A 914 22.52 -4.40 -31.30
N THR A 915 21.34 -4.36 -31.90
CA THR A 915 20.84 -5.49 -32.63
C THR A 915 21.69 -5.84 -33.83
N GLY A 916 22.07 -4.84 -34.61
CA GLY A 916 22.87 -5.06 -35.78
C GLY A 916 24.20 -5.68 -35.41
N SER A 917 24.77 -5.26 -34.29
CA SER A 917 26.01 -5.85 -33.85
C SER A 917 25.81 -7.34 -33.58
N LEU A 918 24.71 -7.69 -32.93
CA LEU A 918 24.45 -9.09 -32.66
C LEU A 918 24.31 -9.89 -33.94
N ILE A 919 23.61 -9.34 -34.92
CA ILE A 919 23.41 -10.05 -36.17
C ILE A 919 24.67 -10.24 -36.97
N GLY A 920 25.50 -9.22 -37.07
CA GLY A 920 26.74 -9.36 -37.83
C GLY A 920 27.63 -10.45 -37.26
N GLY A 921 27.57 -10.66 -35.95
CA GLY A 921 28.31 -11.74 -35.32
C GLY A 921 27.98 -13.13 -35.92
N MET A 922 26.83 -13.28 -36.56
CA MET A 922 26.45 -14.55 -37.17
C MET A 922 27.28 -14.91 -38.39
N VAL A 923 27.87 -13.90 -39.04
CA VAL A 923 28.62 -14.11 -40.25
C VAL A 923 30.07 -13.69 -40.12
N LEU A 924 30.39 -12.89 -39.12
CA LEU A 924 31.77 -12.52 -38.90
C LEU A 924 32.54 -13.66 -38.27
N GLY A 925 32.79 -14.70 -39.05
CA GLY A 925 33.41 -15.92 -38.54
C GLY A 925 34.84 -15.65 -38.16
N GLY A 926 35.45 -16.57 -37.42
CA GLY A 926 36.77 -16.30 -36.80
C GLY A 926 37.97 -16.28 -37.75
N LEU A 927 37.99 -15.31 -38.64
CA LEU A 927 39.05 -15.10 -39.63
C LEU A 927 39.96 -13.94 -39.30
N THR A 928 41.09 -13.86 -39.99
CA THR A 928 41.91 -12.67 -39.94
C THR A 928 41.19 -11.44 -40.44
N SER A 929 41.77 -10.28 -40.15
CA SER A 929 41.13 -8.99 -40.42
C SER A 929 39.76 -8.99 -39.80
N ALA A 930 38.79 -8.53 -40.57
CA ALA A 930 37.40 -8.62 -40.18
C ALA A 930 36.68 -9.32 -41.30
N ALA A 931 37.37 -10.27 -41.91
CA ALA A 931 36.82 -11.01 -43.01
C ALA A 931 35.62 -11.79 -42.52
N ALA A 932 34.60 -11.89 -43.35
CA ALA A 932 33.42 -12.65 -42.98
C ALA A 932 33.38 -13.96 -43.72
N ILE A 933 32.49 -14.82 -43.31
CA ILE A 933 32.27 -16.08 -43.97
C ILE A 933 30.85 -16.09 -44.47
N PRO A 934 30.50 -16.99 -45.37
CA PRO A 934 29.14 -17.19 -45.77
C PRO A 934 28.33 -17.66 -44.59
N PHE A 935 27.11 -17.17 -44.46
CA PHE A 935 26.23 -17.69 -43.43
C PHE A 935 26.05 -19.20 -43.54
N SER A 936 26.13 -19.74 -44.74
CA SER A 936 26.04 -21.19 -44.91
C SER A 936 27.11 -21.90 -44.10
N LEU A 937 28.32 -21.34 -44.07
CA LEU A 937 29.43 -21.95 -43.37
C LEU A 937 29.21 -21.81 -41.89
N ALA A 938 28.75 -20.63 -41.48
CA ALA A 938 28.53 -20.35 -40.08
C ALA A 938 27.61 -21.40 -39.50
N LEU A 939 26.53 -21.65 -40.22
CA LEU A 939 25.60 -22.65 -39.77
C LEU A 939 26.22 -24.04 -39.77
N GLN A 940 27.03 -24.36 -40.76
CA GLN A 940 27.65 -25.66 -40.78
C GLN A 940 28.49 -25.85 -39.52
N ALA A 941 29.19 -24.81 -39.10
CA ALA A 941 29.98 -24.90 -37.88
C ALA A 941 29.08 -25.20 -36.68
N ARG A 942 27.94 -24.51 -36.62
CA ARG A 942 26.97 -24.70 -35.55
C ARG A 942 26.30 -26.07 -35.59
N LEU A 943 26.31 -26.72 -36.76
CA LEU A 943 25.86 -28.11 -36.83
C LEU A 943 26.91 -29.05 -36.29
N ASN A 944 28.18 -28.82 -36.66
CA ASN A 944 29.26 -29.70 -36.22
C ASN A 944 29.35 -29.72 -34.71
N TYR A 945 29.07 -28.58 -34.09
CA TYR A 945 28.96 -28.47 -32.63
C TYR A 945 28.07 -29.53 -32.01
N VAL A 946 26.96 -29.81 -32.67
CA VAL A 946 25.95 -30.73 -32.17
C VAL A 946 26.35 -32.16 -32.46
N ALA A 947 26.78 -32.38 -33.68
CA ALA A 947 27.19 -33.69 -34.14
C ALA A 947 28.13 -33.52 -35.31
N LEU A 948 29.34 -34.04 -35.20
CA LEU A 948 30.27 -33.84 -36.30
C LEU A 948 29.67 -34.41 -37.55
N GLN A 949 29.64 -33.59 -38.58
CA GLN A 949 29.09 -33.95 -39.89
C GLN A 949 30.09 -34.75 -40.70
N THR A 950 29.62 -35.86 -41.26
CA THR A 950 30.47 -36.73 -42.08
C THR A 950 30.24 -36.62 -43.57
N ASP A 951 29.44 -35.65 -44.00
CA ASP A 951 29.17 -35.52 -45.42
C ASP A 951 29.75 -34.25 -46.02
N VAL A 952 30.51 -34.43 -47.09
CA VAL A 952 31.15 -33.33 -47.81
C VAL A 952 30.13 -32.38 -48.43
N LEU A 953 29.06 -32.95 -48.95
CA LEU A 953 28.02 -32.15 -49.61
C LEU A 953 26.88 -31.84 -48.65
N GLN A 954 26.51 -30.57 -48.60
CA GLN A 954 25.45 -30.10 -47.72
C GLN A 954 24.05 -30.24 -48.30
N GLU A 955 23.53 -31.46 -48.28
CA GLU A 955 22.18 -31.74 -48.77
C GLU A 955 21.19 -30.97 -47.91
N ASN A 956 21.51 -30.94 -46.62
CA ASN A 956 20.67 -30.31 -45.60
C ASN A 956 20.41 -28.82 -45.73
N GLN A 957 21.40 -28.06 -46.19
CA GLN A 957 21.28 -26.61 -46.28
C GLN A 957 20.16 -26.02 -47.15
N LYS A 958 19.87 -26.61 -48.30
CA LYS A 958 18.82 -26.07 -49.15
C LYS A 958 17.48 -26.36 -48.53
N ILE A 959 17.37 -27.52 -47.91
CA ILE A 959 16.15 -27.89 -47.21
C ILE A 959 15.88 -26.94 -46.07
N LEU A 960 16.91 -26.69 -45.29
CA LEU A 960 16.80 -25.86 -44.13
C LEU A 960 16.65 -24.41 -44.50
N ALA A 961 17.34 -23.93 -45.53
CA ALA A 961 17.11 -22.55 -45.94
C ALA A 961 15.68 -22.35 -46.39
N ALA A 962 15.15 -23.27 -47.19
CA ALA A 962 13.78 -23.12 -47.64
C ALA A 962 12.81 -23.18 -46.47
N SER A 963 13.03 -24.12 -45.57
CA SER A 963 12.16 -24.27 -44.42
C SER A 963 12.20 -23.03 -43.56
N PHE A 964 13.40 -22.49 -43.36
CA PHE A 964 13.61 -21.28 -42.60
C PHE A 964 12.85 -20.14 -43.20
N ASN A 965 12.95 -19.98 -44.52
CA ASN A 965 12.29 -18.87 -45.18
C ASN A 965 10.79 -18.94 -44.98
N LYS A 966 10.24 -20.14 -45.06
CA LYS A 966 8.82 -20.26 -44.80
C LYS A 966 8.49 -19.90 -43.37
N ALA A 967 9.31 -20.37 -42.42
CA ALA A 967 9.05 -20.08 -41.03
C ALA A 967 9.04 -18.59 -40.77
N ILE A 968 10.00 -17.88 -41.33
CA ILE A 968 10.04 -16.46 -41.09
C ILE A 968 8.83 -15.77 -41.69
N ASN A 969 8.46 -16.14 -42.89
CA ASN A 969 7.31 -15.54 -43.50
C ASN A 969 6.05 -15.80 -42.70
N ASN A 970 5.92 -17.02 -42.18
CA ASN A 970 4.79 -17.36 -41.36
C ASN A 970 4.74 -16.51 -40.11
N ILE A 971 5.88 -16.30 -39.48
CA ILE A 971 5.92 -15.46 -38.29
C ILE A 971 5.56 -14.03 -38.57
N VAL A 972 6.08 -13.47 -39.64
CA VAL A 972 5.73 -12.10 -39.92
C VAL A 972 4.25 -11.98 -40.24
N ALA A 973 3.72 -12.92 -41.01
CA ALA A 973 2.30 -12.93 -41.32
C ALA A 973 1.46 -13.11 -40.06
N SER A 974 1.91 -13.99 -39.18
CA SER A 974 1.22 -14.26 -37.92
C SER A 974 1.16 -13.02 -37.05
N PHE A 975 2.27 -12.29 -37.00
CA PHE A 975 2.29 -11.01 -36.31
C PHE A 975 1.42 -9.98 -37.00
N SER A 976 1.43 -9.98 -38.33
CA SER A 976 0.63 -9.00 -39.08
C SER A 976 -0.86 -9.15 -38.78
N SER A 977 -1.32 -10.39 -38.77
CA SER A 977 -2.72 -10.72 -38.46
C SER A 977 -2.93 -10.99 -36.97
N ALA A 986 0.64 -23.52 -39.10
CA ALA A 986 1.91 -23.69 -38.39
C ALA A 986 1.73 -23.40 -36.92
N GLU A 987 2.36 -24.22 -36.07
CA GLU A 987 2.27 -24.04 -34.61
C GLU A 987 2.99 -22.78 -34.13
N ALA A 988 3.72 -22.15 -35.04
CA ALA A 988 4.30 -20.85 -34.81
C ALA A 988 3.22 -19.86 -34.39
N ILE A 989 1.99 -20.06 -34.87
CA ILE A 989 0.90 -19.16 -34.54
C ILE A 989 0.62 -19.18 -33.04
N HIS A 990 0.87 -20.31 -32.39
CA HIS A 990 0.65 -20.42 -30.97
C HIS A 990 1.65 -19.53 -30.29
N THR A 991 2.90 -19.73 -30.68
CA THR A 991 3.99 -19.05 -30.04
C THR A 991 3.93 -17.53 -30.28
N VAL A 992 3.60 -17.14 -31.50
CA VAL A 992 3.44 -15.74 -31.83
C VAL A 992 2.31 -15.10 -31.07
N THR A 993 1.17 -15.79 -30.96
CA THR A 993 0.06 -15.26 -30.21
C THR A 993 0.46 -14.94 -28.80
N ILE A 994 1.19 -15.87 -28.17
CA ILE A 994 1.62 -15.62 -26.82
C ILE A 994 2.48 -14.38 -26.72
N ALA A 995 3.44 -14.23 -27.64
CA ALA A 995 4.27 -13.04 -27.62
C ALA A 995 3.41 -11.79 -27.74
N LEU A 996 2.44 -11.78 -28.65
CA LEU A 996 1.61 -10.60 -28.78
C LEU A 996 0.80 -10.31 -27.55
N ASN A 997 0.23 -11.33 -26.95
CA ASN A 997 -0.56 -11.10 -25.76
C ASN A 997 0.28 -10.46 -24.68
N LYS A 998 1.50 -10.97 -24.51
CA LYS A 998 2.38 -10.47 -23.48
C LYS A 998 2.80 -9.03 -23.77
N ILE A 999 3.11 -8.72 -25.01
CA ILE A 999 3.51 -7.35 -25.33
C ILE A 999 2.39 -6.38 -25.04
N GLN A 1000 1.17 -6.74 -25.43
CA GLN A 1000 0.02 -5.89 -25.20
C GLN A 1000 -0.20 -5.66 -23.71
N ASP A 1001 -0.05 -6.72 -22.92
CA ASP A 1001 -0.23 -6.64 -21.49
C ASP A 1001 0.68 -5.60 -20.87
N VAL A 1002 1.96 -5.63 -21.24
CA VAL A 1002 2.89 -4.66 -20.68
C VAL A 1002 2.42 -3.24 -20.94
N VAL A 1003 1.99 -2.99 -22.16
CA VAL A 1003 1.55 -1.67 -22.52
C VAL A 1003 0.34 -1.21 -21.71
N ASN A 1004 -0.63 -2.10 -21.58
CA ASN A 1004 -1.86 -1.76 -20.90
C ASN A 1004 -1.61 -1.38 -19.46
N GLN A 1005 -0.71 -2.10 -18.80
CA GLN A 1005 -0.42 -1.84 -17.40
C GLN A 1005 0.13 -0.46 -17.16
N GLN A 1006 1.04 0.00 -18.02
CA GLN A 1006 1.61 1.31 -17.79
C GLN A 1006 0.53 2.38 -17.86
N GLY A 1007 -0.37 2.24 -18.81
CA GLY A 1007 -1.45 3.19 -18.97
C GLY A 1007 -2.37 3.17 -17.75
N SER A 1008 -2.74 1.98 -17.33
CA SER A 1008 -3.68 1.79 -16.25
C SER A 1008 -3.20 2.41 -14.96
N ALA A 1009 -1.92 2.25 -14.65
CA ALA A 1009 -1.38 2.83 -13.43
C ALA A 1009 -1.53 4.33 -13.41
N LEU A 1010 -1.21 4.99 -14.52
CA LEU A 1010 -1.31 6.44 -14.55
C LEU A 1010 -2.76 6.91 -14.49
N ASN A 1011 -3.64 6.17 -15.13
CA ASN A 1011 -5.03 6.55 -15.09
C ASN A 1011 -5.56 6.48 -13.69
N HIS A 1012 -5.18 5.46 -12.94
CA HIS A 1012 -5.61 5.37 -11.57
C HIS A 1012 -5.12 6.55 -10.76
N LEU A 1013 -3.82 6.84 -10.87
CA LEU A 1013 -3.28 7.97 -10.12
C LEU A 1013 -4.04 9.25 -10.42
N THR A 1014 -4.32 9.49 -11.68
CA THR A 1014 -4.99 10.68 -12.08
C THR A 1014 -6.44 10.73 -11.61
N SER A 1015 -7.15 9.61 -11.73
CA SER A 1015 -8.55 9.53 -11.36
C SER A 1015 -8.77 9.86 -9.90
N GLN A 1016 -7.83 9.47 -9.06
CA GLN A 1016 -7.94 9.73 -7.64
C GLN A 1016 -8.04 11.20 -7.29
N LEU A 1017 -7.65 12.11 -8.17
CA LEU A 1017 -7.79 13.53 -7.88
C LEU A 1017 -9.24 13.94 -7.71
N ARG A 1018 -10.17 13.17 -8.29
CA ARG A 1018 -11.59 13.46 -8.17
C ARG A 1018 -12.18 12.96 -6.88
N HIS A 1019 -11.44 12.17 -6.13
CA HIS A 1019 -12.01 11.54 -4.94
C HIS A 1019 -12.06 12.50 -3.80
N ASN A 1020 -13.01 13.39 -3.86
CA ASN A 1020 -13.19 14.35 -2.81
C ASN A 1020 -13.15 13.62 -1.49
N PHE A 1021 -12.31 14.11 -0.59
CA PHE A 1021 -12.19 13.49 0.70
C PHE A 1021 -13.16 14.19 1.59
N GLN A 1022 -13.04 14.08 2.89
CA GLN A 1022 -14.09 14.66 3.74
C GLN A 1022 -14.00 16.17 3.81
N ALA A 1023 -14.40 16.82 2.73
CA ALA A 1023 -14.30 18.25 2.53
C ALA A 1023 -15.42 18.73 1.62
N ILE A 1024 -15.63 20.03 1.59
CA ILE A 1024 -16.67 20.61 0.75
C ILE A 1024 -16.51 20.28 -0.72
N SER A 1025 -15.30 20.40 -1.23
CA SER A 1025 -15.07 20.19 -2.65
C SER A 1025 -13.79 19.44 -2.92
N ASN A 1026 -13.49 19.25 -4.19
CA ASN A 1026 -12.24 18.68 -4.64
C ASN A 1026 -11.41 19.75 -5.32
N SER A 1027 -12.01 20.94 -5.42
CA SER A 1027 -11.31 22.09 -5.94
C SER A 1027 -10.90 23.00 -4.84
N ILE A 1028 -9.61 23.17 -4.68
CA ILE A 1028 -9.08 24.01 -3.64
C ILE A 1028 -9.53 25.43 -3.84
N GLN A 1029 -9.59 25.86 -5.08
CA GLN A 1029 -10.05 27.20 -5.34
C GLN A 1029 -11.48 27.35 -4.86
N ALA A 1030 -12.32 26.36 -5.14
CA ALA A 1030 -13.70 26.46 -4.73
C ALA A 1030 -13.82 26.58 -3.22
N ILE A 1031 -12.95 25.89 -2.50
CA ILE A 1031 -12.96 26.03 -1.07
C ILE A 1031 -12.59 27.44 -0.64
N TYR A 1032 -11.53 28.00 -1.20
CA TYR A 1032 -11.11 29.34 -0.81
C TYR A 1032 -12.06 30.44 -1.25
N ASP A 1033 -12.89 30.18 -2.24
CA ASP A 1033 -13.90 31.13 -2.63
C ASP A 1033 -15.09 31.19 -1.68
N ARG A 1034 -15.19 30.22 -0.79
CA ARG A 1034 -16.33 30.11 0.08
C ARG A 1034 -15.98 30.35 1.54
N LEU A 1035 -14.86 29.80 1.97
CA LEU A 1035 -14.43 29.90 3.35
C LEU A 1035 -13.16 30.72 3.55
N ASP A 1036 -13.15 31.54 4.58
CA ASP A 1036 -11.90 32.14 5.07
C ASP A 1036 -10.92 31.08 5.51
N SER A 1037 -9.64 31.45 5.48
CA SER A 1037 -8.50 30.60 5.80
C SER A 1037 -8.64 29.85 7.11
N ILE A 1038 -9.27 30.45 8.09
CA ILE A 1038 -9.41 29.79 9.37
C ILE A 1038 -10.12 28.42 9.27
N GLN A 1039 -11.00 28.25 8.28
CA GLN A 1039 -11.65 26.98 8.05
C GLN A 1039 -11.13 26.35 6.78
N ALA A 1040 -10.87 27.18 5.78
CA ALA A 1040 -10.47 26.67 4.48
C ALA A 1040 -9.21 25.86 4.60
N ASP A 1041 -8.27 26.29 5.43
CA ASP A 1041 -7.04 25.57 5.56
C ASP A 1041 -7.26 24.16 6.10
N GLN A 1042 -8.34 23.92 6.83
CA GLN A 1042 -8.60 22.62 7.39
C GLN A 1042 -9.20 21.74 6.31
N GLN A 1043 -10.09 22.33 5.52
CA GLN A 1043 -10.70 21.58 4.45
C GLN A 1043 -9.63 21.17 3.45
N VAL A 1044 -8.73 22.09 3.16
CA VAL A 1044 -7.67 21.82 2.24
C VAL A 1044 -6.69 20.83 2.81
N ASP A 1045 -6.37 20.92 4.09
CA ASP A 1045 -5.49 19.94 4.67
C ASP A 1045 -6.02 18.53 4.50
N ARG A 1046 -7.34 18.36 4.58
CA ARG A 1046 -7.88 17.03 4.34
C ARG A 1046 -7.60 16.58 2.90
N LEU A 1047 -7.77 17.49 1.93
CA LEU A 1047 -7.48 17.12 0.56
C LEU A 1047 -6.00 16.81 0.37
N ILE A 1048 -5.15 17.60 1.02
CA ILE A 1048 -3.72 17.37 0.91
C ILE A 1048 -3.33 16.03 1.44
N THR A 1049 -3.84 15.67 2.61
CA THR A 1049 -3.51 14.38 3.16
C THR A 1049 -3.87 13.27 2.20
N GLY A 1050 -5.08 13.33 1.68
CA GLY A 1050 -5.54 12.30 0.76
C GLY A 1050 -4.65 12.20 -0.47
N ARG A 1051 -4.34 13.33 -1.08
CA ARG A 1051 -3.53 13.31 -2.28
C ARG A 1051 -2.10 12.83 -2.02
N LEU A 1052 -1.52 13.18 -0.89
CA LEU A 1052 -0.20 12.66 -0.58
C LEU A 1052 -0.24 11.16 -0.42
N ALA A 1053 -1.30 10.65 0.21
CA ALA A 1053 -1.42 9.21 0.35
C ALA A 1053 -1.48 8.52 -1.00
N ALA A 1054 -2.22 9.12 -1.94
CA ALA A 1054 -2.31 8.56 -3.28
C ALA A 1054 -0.93 8.48 -3.92
N LEU A 1055 -0.14 9.52 -3.77
CA LEU A 1055 1.19 9.48 -4.32
C LEU A 1055 2.05 8.42 -3.68
N ASN A 1056 1.94 8.24 -2.38
CA ASN A 1056 2.75 7.22 -1.74
C ASN A 1056 2.42 5.85 -2.30
N ALA A 1057 1.13 5.60 -2.52
CA ALA A 1057 0.71 4.34 -3.08
C ALA A 1057 1.29 4.13 -4.47
N PHE A 1058 1.23 5.17 -5.29
CA PHE A 1058 1.77 5.12 -6.64
C PHE A 1058 3.23 4.79 -6.62
N VAL A 1059 4.00 5.46 -5.78
CA VAL A 1059 5.41 5.18 -5.74
C VAL A 1059 5.68 3.73 -5.42
N SER A 1060 4.95 3.16 -4.47
CA SER A 1060 5.19 1.78 -4.14
C SER A 1060 4.96 0.88 -5.34
N GLN A 1061 3.89 1.15 -6.07
CA GLN A 1061 3.59 0.37 -7.27
C GLN A 1061 4.73 0.45 -8.29
N VAL A 1062 5.24 1.65 -8.51
CA VAL A 1062 6.32 1.83 -9.44
C VAL A 1062 7.55 1.03 -9.05
N LEU A 1063 7.91 1.09 -7.80
CA LEU A 1063 9.11 0.40 -7.37
C LEU A 1063 8.98 -1.10 -7.55
N ASN A 1064 7.79 -1.63 -7.29
CA ASN A 1064 7.59 -3.04 -7.48
C ASN A 1064 7.77 -3.44 -8.94
N LYS A 1065 7.29 -2.61 -9.85
CA LYS A 1065 7.44 -2.93 -11.26
C LYS A 1065 8.91 -2.95 -11.64
N TYR A 1066 9.68 -2.01 -11.12
CA TYR A 1066 11.09 -2.00 -11.46
C TYR A 1066 11.76 -3.28 -11.02
N THR A 1067 11.40 -3.76 -9.84
CA THR A 1067 11.97 -5.01 -9.36
C THR A 1067 11.69 -6.15 -10.33
N GLU A 1068 10.45 -6.26 -10.77
CA GLU A 1068 10.10 -7.30 -11.72
C GLU A 1068 10.93 -7.24 -12.98
N VAL A 1069 11.07 -6.03 -13.53
CA VAL A 1069 11.81 -5.88 -14.75
C VAL A 1069 13.28 -6.23 -14.56
N ARG A 1070 13.86 -5.90 -13.42
CA ARG A 1070 15.25 -6.27 -13.17
C ARG A 1070 15.44 -7.76 -13.28
N GLY A 1071 14.49 -8.52 -12.75
CA GLY A 1071 14.56 -9.96 -12.89
C GLY A 1071 14.62 -10.35 -14.36
N SER A 1072 13.72 -9.79 -15.14
CA SER A 1072 13.66 -10.08 -16.56
C SER A 1072 14.94 -9.69 -17.30
N ARG A 1073 15.52 -8.54 -16.96
CA ARG A 1073 16.78 -8.16 -17.60
C ARG A 1073 17.88 -9.17 -17.35
N ARG A 1074 17.95 -9.71 -16.15
CA ARG A 1074 18.99 -10.70 -15.91
C ARG A 1074 18.85 -11.87 -16.86
N LEU A 1075 17.62 -12.35 -17.02
CA LEU A 1075 17.39 -13.46 -17.91
C LEU A 1075 17.73 -13.11 -19.34
N ALA A 1076 17.31 -11.94 -19.77
CA ALA A 1076 17.55 -11.54 -21.13
C ALA A 1076 19.03 -11.54 -21.44
N GLN A 1077 19.84 -11.04 -20.52
CA GLN A 1077 21.27 -11.03 -20.75
C GLN A 1077 21.82 -12.42 -20.86
N GLN A 1078 21.33 -13.34 -20.04
CA GLN A 1078 21.82 -14.71 -20.18
C GLN A 1078 21.50 -15.24 -21.55
N LYS A 1079 20.30 -15.01 -22.03
CA LYS A 1079 19.98 -15.53 -23.34
C LYS A 1079 20.80 -14.89 -24.42
N ILE A 1080 21.08 -13.60 -24.31
CA ILE A 1080 21.96 -13.01 -25.31
C ILE A 1080 23.32 -13.69 -25.33
N ASN A 1081 23.86 -13.94 -24.18
CA ASN A 1081 25.18 -14.51 -24.17
C ASN A 1081 25.18 -15.96 -24.63
N GLU A 1082 24.32 -16.76 -24.04
CA GLU A 1082 24.36 -18.18 -24.28
C GLU A 1082 23.71 -18.59 -25.60
N CYS A 1083 22.66 -17.89 -26.02
CA CYS A 1083 21.87 -18.37 -27.15
C CYS A 1083 22.07 -17.57 -28.42
N VAL A 1084 22.94 -16.59 -28.37
CA VAL A 1084 23.14 -15.74 -29.54
C VAL A 1084 24.61 -15.75 -29.83
N LYS A 1085 25.39 -15.29 -28.85
CA LYS A 1085 26.81 -15.24 -29.03
C LYS A 1085 27.46 -16.63 -29.06
N SER A 1086 27.18 -17.47 -28.07
CA SER A 1086 27.84 -18.79 -28.02
C SER A 1086 27.16 -19.95 -28.76
N GLN A 1087 25.97 -20.37 -28.31
CA GLN A 1087 25.25 -21.60 -28.69
C GLN A 1087 25.40 -22.60 -27.56
N SER A 1088 24.32 -22.85 -26.84
CA SER A 1088 24.38 -23.67 -25.64
C SER A 1088 24.03 -25.12 -25.93
N ASN A 1089 24.11 -25.94 -24.90
CA ASN A 1089 23.64 -27.31 -24.94
C ASN A 1089 22.57 -27.52 -23.87
N ARG A 1090 21.96 -26.42 -23.44
CA ARG A 1090 21.01 -26.48 -22.34
C ARG A 1090 19.65 -26.87 -22.85
N TYR A 1091 19.47 -28.14 -23.10
CA TYR A 1091 18.20 -28.57 -23.64
C TYR A 1091 17.07 -28.07 -22.79
N GLY A 1092 16.08 -27.48 -23.45
CA GLY A 1092 14.91 -26.94 -22.77
C GLY A 1092 15.01 -25.44 -22.53
N PHE A 1093 16.18 -24.87 -22.80
CA PHE A 1093 16.39 -23.44 -22.67
C PHE A 1093 15.96 -22.78 -23.97
N CYS A 1094 16.86 -22.09 -24.65
CA CYS A 1094 16.50 -21.42 -25.90
C CYS A 1094 16.04 -22.30 -27.04
N GLY A 1095 14.79 -22.69 -26.97
CA GLY A 1095 14.12 -23.35 -28.07
C GLY A 1095 13.85 -24.81 -27.77
N ASN A 1096 12.64 -25.26 -28.05
CA ASN A 1096 12.28 -26.64 -27.78
C ASN A 1096 12.75 -27.56 -28.90
N GLY A 1097 14.05 -27.78 -28.97
CA GLY A 1097 14.64 -28.55 -30.07
C GLY A 1097 16.14 -28.38 -30.12
N THR A 1098 16.74 -28.64 -31.27
CA THR A 1098 18.18 -28.46 -31.34
C THR A 1098 18.53 -27.06 -31.77
N HIS A 1099 19.09 -26.29 -30.85
CA HIS A 1099 19.32 -24.88 -31.12
C HIS A 1099 20.49 -24.65 -32.02
N ILE A 1100 20.25 -23.91 -33.09
CA ILE A 1100 21.31 -23.58 -34.01
C ILE A 1100 21.70 -22.13 -33.82
N PHE A 1101 20.72 -21.24 -33.87
CA PHE A 1101 21.02 -19.82 -33.66
C PHE A 1101 19.79 -19.03 -33.30
N SER A 1102 19.97 -17.84 -32.75
CA SER A 1102 18.84 -16.97 -32.50
C SER A 1102 19.05 -15.56 -33.01
N ILE A 1103 17.95 -14.97 -33.42
CA ILE A 1103 17.87 -13.59 -33.86
C ILE A 1103 17.17 -12.74 -32.85
N VAL A 1104 17.68 -11.55 -32.60
CA VAL A 1104 17.04 -10.70 -31.62
C VAL A 1104 16.58 -9.41 -32.27
N ASN A 1105 15.37 -8.99 -31.95
CA ASN A 1105 14.84 -7.71 -32.42
C ASN A 1105 14.24 -6.92 -31.26
N SER A 1106 14.00 -5.64 -31.46
CA SER A 1106 13.38 -4.89 -30.39
C SER A 1106 11.87 -5.05 -30.42
N ALA A 1107 11.25 -4.79 -29.29
CA ALA A 1107 9.81 -4.84 -29.17
C ALA A 1107 9.41 -3.79 -28.14
N PRO A 1108 8.14 -3.43 -28.00
CA PRO A 1108 7.76 -2.45 -27.03
C PRO A 1108 8.26 -2.85 -25.67
N ASP A 1109 9.10 -1.99 -25.08
CA ASP A 1109 9.74 -2.16 -23.78
C ASP A 1109 10.61 -3.41 -23.62
N GLY A 1110 11.01 -4.04 -24.71
CA GLY A 1110 11.69 -5.33 -24.57
C GLY A 1110 12.37 -5.85 -25.82
N LEU A 1111 12.70 -7.13 -25.76
CA LEU A 1111 13.35 -7.84 -26.83
C LEU A 1111 12.52 -9.00 -27.31
N LEU A 1112 12.56 -9.23 -28.60
CA LEU A 1112 11.92 -10.40 -29.17
C LEU A 1112 12.99 -11.32 -29.69
N PHE A 1113 12.95 -12.56 -29.27
CA PHE A 1113 13.91 -13.54 -29.70
C PHE A 1113 13.27 -14.51 -30.65
N LEU A 1114 13.96 -14.79 -31.74
CA LEU A 1114 13.51 -15.78 -32.69
C LEU A 1114 14.49 -16.94 -32.69
N HIS A 1115 14.11 -18.03 -32.04
CA HIS A 1115 15.04 -19.12 -31.82
C HIS A 1115 14.92 -20.13 -32.92
N THR A 1116 15.99 -20.33 -33.68
CA THR A 1116 15.92 -21.24 -34.80
C THR A 1116 16.46 -22.59 -34.38
N VAL A 1117 15.58 -23.58 -34.44
CA VAL A 1117 15.93 -24.92 -33.98
C VAL A 1117 15.70 -25.94 -35.05
N LEU A 1118 16.35 -27.09 -34.90
CA LEU A 1118 16.06 -28.20 -35.77
C LEU A 1118 15.09 -29.15 -35.13
N LEU A 1119 14.22 -29.68 -35.96
CA LEU A 1119 13.28 -30.70 -35.56
C LEU A 1119 13.42 -31.90 -36.48
N PRO A 1120 13.55 -33.10 -35.94
CA PRO A 1120 13.63 -34.29 -36.73
C PRO A 1120 12.33 -34.47 -37.46
N THR A 1121 12.38 -35.04 -38.64
CA THR A 1121 11.19 -35.39 -39.39
C THR A 1121 11.11 -36.90 -39.56
N ASP A 1122 12.20 -37.50 -40.03
CA ASP A 1122 12.26 -38.93 -40.30
C ASP A 1122 13.54 -39.56 -39.80
N TYR A 1123 13.44 -40.72 -39.16
CA TYR A 1123 14.60 -41.42 -38.62
C TYR A 1123 14.68 -42.86 -39.12
N LYS A 1124 15.90 -43.42 -39.07
CA LYS A 1124 16.16 -44.77 -39.53
C LYS A 1124 16.17 -45.78 -38.42
N ASN A 1125 15.86 -47.04 -38.76
CA ASN A 1125 15.99 -48.15 -37.82
C ASN A 1125 17.37 -48.76 -37.90
N VAL A 1126 18.06 -48.76 -36.77
CA VAL A 1126 19.47 -49.11 -36.71
C VAL A 1126 19.81 -50.33 -35.83
N LYS A 1127 20.49 -51.31 -36.42
CA LYS A 1127 20.85 -52.55 -35.73
C LYS A 1127 22.09 -52.41 -34.85
N ALA A 1128 21.88 -51.83 -33.69
CA ALA A 1128 22.96 -51.46 -32.78
C ALA A 1128 23.56 -52.65 -32.08
N TRP A 1129 24.86 -52.56 -31.80
CA TRP A 1129 25.58 -53.49 -30.96
C TRP A 1129 26.26 -52.81 -29.78
N SER A 1130 26.23 -53.47 -28.63
CA SER A 1130 26.86 -52.94 -27.42
C SER A 1130 28.39 -52.94 -27.47
N GLY A 1131 28.97 -53.73 -28.37
CA GLY A 1131 30.42 -53.83 -28.46
C GLY A 1131 30.86 -55.03 -29.28
N ILE A 1132 32.17 -55.18 -29.42
CA ILE A 1132 32.79 -56.28 -30.16
C ILE A 1132 33.63 -57.12 -29.21
N CYS A 1133 33.43 -58.43 -29.17
CA CYS A 1133 34.20 -59.27 -28.25
C CYS A 1133 35.04 -60.30 -28.97
N VAL A 1134 36.24 -59.86 -29.22
CA VAL A 1134 37.23 -60.53 -30.00
C VAL A 1134 37.75 -61.76 -29.29
N ASP A 1135 37.69 -62.88 -29.99
CA ASP A 1135 38.14 -64.19 -29.55
C ASP A 1135 37.35 -64.71 -28.34
N GLY A 1136 36.23 -64.07 -28.01
CA GLY A 1136 35.46 -64.50 -26.85
C GLY A 1136 36.07 -64.01 -25.53
N ILE A 1137 37.10 -63.18 -25.63
CA ILE A 1137 37.84 -62.71 -24.46
C ILE A 1137 37.82 -61.20 -24.33
N TYR A 1138 38.03 -60.49 -25.43
CA TYR A 1138 38.28 -59.06 -25.35
C TYR A 1138 37.17 -58.23 -25.92
N GLY A 1139 36.32 -57.70 -25.05
CA GLY A 1139 35.36 -56.73 -25.45
C GLY A 1139 36.09 -55.45 -25.78
N TYR A 1140 35.62 -54.79 -26.84
CA TYR A 1140 35.98 -53.45 -27.22
C TYR A 1140 34.73 -52.64 -27.45
N VAL A 1141 34.69 -51.47 -26.87
CA VAL A 1141 33.51 -50.64 -27.02
C VAL A 1141 33.87 -49.26 -27.45
N LEU A 1142 32.92 -48.53 -27.99
CA LEU A 1142 33.25 -47.19 -28.42
C LEU A 1142 33.57 -46.36 -27.20
N ARG A 1143 34.63 -45.58 -27.27
CA ARG A 1143 35.03 -44.69 -26.18
C ARG A 1143 33.99 -43.63 -25.87
N GLN A 1144 33.37 -43.10 -26.90
CA GLN A 1144 32.45 -41.98 -26.76
C GLN A 1144 30.99 -42.47 -26.72
N PRO A 1145 30.26 -42.25 -25.62
CA PRO A 1145 28.93 -42.79 -25.35
C PRO A 1145 27.87 -42.28 -26.32
N ASN A 1146 28.18 -41.24 -27.06
CA ASN A 1146 27.24 -40.64 -27.99
C ASN A 1146 27.21 -41.33 -29.33
N LEU A 1147 28.02 -42.37 -29.48
CA LEU A 1147 28.10 -43.11 -30.72
C LEU A 1147 27.50 -44.50 -30.67
N VAL A 1148 26.96 -44.91 -31.80
CA VAL A 1148 26.39 -46.24 -31.98
C VAL A 1148 27.16 -47.05 -32.99
N LEU A 1149 27.56 -48.25 -32.61
CA LEU A 1149 28.13 -49.20 -33.56
C LEU A 1149 27.01 -50.06 -34.07
N TYR A 1150 26.85 -50.17 -35.37
CA TYR A 1150 25.75 -50.95 -35.89
C TYR A 1150 26.07 -51.72 -37.15
N SER A 1151 25.25 -52.73 -37.43
CA SER A 1151 25.42 -53.59 -38.60
C SER A 1151 24.59 -53.16 -39.80
N ASP A 1152 25.24 -52.50 -40.75
CA ASP A 1152 24.56 -52.10 -41.98
C ASP A 1152 24.56 -53.29 -42.90
N ASN A 1153 23.72 -54.26 -42.58
CA ASN A 1153 23.62 -55.51 -43.31
C ASN A 1153 24.98 -56.20 -43.41
N GLY A 1154 25.70 -56.24 -42.29
CA GLY A 1154 27.01 -56.85 -42.25
C GLY A 1154 28.15 -55.82 -42.29
N VAL A 1155 27.89 -54.63 -42.80
CA VAL A 1155 28.95 -53.63 -42.77
C VAL A 1155 28.89 -52.83 -41.50
N PHE A 1156 29.92 -52.92 -40.70
CA PHE A 1156 29.85 -52.20 -39.46
C PHE A 1156 30.19 -50.75 -39.62
N ARG A 1157 29.32 -49.92 -39.07
CA ARG A 1157 29.44 -48.48 -39.17
C ARG A 1157 29.17 -47.82 -37.84
N VAL A 1158 29.64 -46.59 -37.70
CA VAL A 1158 29.42 -45.82 -36.50
C VAL A 1158 28.64 -44.56 -36.78
N THR A 1159 27.64 -44.28 -35.95
CA THR A 1159 26.85 -43.06 -36.09
C THR A 1159 26.64 -42.34 -34.79
N SER A 1160 26.39 -41.07 -34.89
CA SER A 1160 25.90 -40.31 -33.76
C SER A 1160 24.56 -40.86 -33.37
N ARG A 1161 24.26 -40.84 -32.06
CA ARG A 1161 22.93 -41.17 -31.54
C ARG A 1161 21.90 -40.08 -31.83
N VAL A 1162 22.36 -38.93 -32.28
CA VAL A 1162 21.49 -37.79 -32.50
C VAL A 1162 21.16 -37.65 -33.97
N MET A 1163 22.19 -37.67 -34.80
CA MET A 1163 21.98 -37.48 -36.23
C MET A 1163 22.57 -38.59 -37.06
N PHE A 1164 21.83 -39.03 -38.06
CA PHE A 1164 22.31 -40.14 -38.86
C PHE A 1164 23.34 -39.71 -39.89
N GLN A 1165 24.54 -39.53 -39.39
CA GLN A 1165 25.73 -39.22 -40.17
C GLN A 1165 26.77 -40.33 -39.94
N PRO A 1166 26.63 -41.48 -40.62
CA PRO A 1166 27.42 -42.67 -40.43
C PRO A 1166 28.82 -42.55 -41.03
N ARG A 1167 29.77 -43.24 -40.42
CA ARG A 1167 31.11 -43.41 -40.98
C ARG A 1167 31.71 -44.75 -40.59
N LEU A 1168 32.82 -45.12 -41.21
CA LEU A 1168 33.47 -46.35 -40.81
C LEU A 1168 34.22 -46.14 -39.49
N PRO A 1169 34.31 -47.16 -38.62
CA PRO A 1169 35.05 -47.20 -37.39
C PRO A 1169 36.53 -47.31 -37.61
N VAL A 1170 37.29 -46.78 -36.67
CA VAL A 1170 38.73 -47.02 -36.64
C VAL A 1170 39.11 -47.55 -35.28
N LEU A 1171 40.29 -48.11 -35.14
CA LEU A 1171 40.70 -48.61 -33.84
C LEU A 1171 40.73 -47.53 -32.78
N SER A 1172 41.04 -46.31 -33.19
CA SER A 1172 41.13 -45.20 -32.26
C SER A 1172 39.78 -44.76 -31.72
N ASP A 1173 38.68 -45.36 -32.18
CA ASP A 1173 37.37 -45.14 -31.60
C ASP A 1173 37.10 -46.00 -30.38
N PHE A 1174 37.88 -47.07 -30.18
CA PHE A 1174 37.53 -48.08 -29.19
C PHE A 1174 38.45 -48.17 -27.99
N VAL A 1175 37.90 -48.72 -26.90
CA VAL A 1175 38.66 -49.05 -25.71
C VAL A 1175 38.46 -50.51 -25.34
N GLN A 1176 39.63 -51.17 -24.74
CA GLN A 1176 39.64 -52.58 -24.38
C GLN A 1176 39.23 -52.86 -22.96
N ILE A 1177 38.33 -53.82 -22.75
CA ILE A 1177 37.77 -54.04 -21.42
C ILE A 1177 37.61 -55.47 -20.89
N TYR A 1178 38.28 -56.48 -21.46
CA TYR A 1178 38.09 -57.87 -21.01
C TYR A 1178 36.64 -58.33 -21.15
N ASN A 1179 36.26 -59.29 -20.29
CA ASN A 1179 34.88 -59.58 -19.91
C ASN A 1179 33.87 -60.10 -20.92
N CYS A 1180 33.66 -59.40 -22.03
CA CYS A 1180 32.75 -59.93 -23.03
C CYS A 1180 31.37 -60.30 -22.51
N ASN A 1181 30.61 -59.30 -22.09
CA ASN A 1181 29.31 -59.48 -21.46
C ASN A 1181 28.20 -59.86 -22.45
N VAL A 1182 28.36 -61.03 -23.06
CA VAL A 1182 27.41 -61.73 -23.93
C VAL A 1182 27.01 -61.03 -25.19
N THR A 1183 26.31 -59.92 -25.08
CA THR A 1183 25.57 -59.31 -26.19
C THR A 1183 26.42 -58.50 -27.15
N PHE A 1184 27.56 -58.96 -27.70
CA PHE A 1184 28.71 -58.45 -28.42
C PHE A 1184 28.86 -59.10 -29.77
N VAL A 1185 29.50 -58.41 -30.67
CA VAL A 1185 29.78 -59.04 -31.93
C VAL A 1185 30.75 -60.17 -31.66
N ASN A 1186 30.38 -61.37 -32.08
CA ASN A 1186 31.23 -62.55 -31.90
C ASN A 1186 32.18 -62.69 -33.06
N ILE A 1187 33.47 -62.55 -32.80
CA ILE A 1187 34.40 -62.44 -33.91
C ILE A 1187 35.81 -62.90 -33.54
N SER A 1188 36.52 -63.50 -34.49
CA SER A 1188 37.94 -63.78 -34.27
C SER A 1188 38.79 -62.58 -34.51
N ARG A 1189 39.97 -62.56 -33.91
CA ARG A 1189 40.95 -61.54 -34.18
C ARG A 1189 41.21 -61.32 -35.66
N VAL A 1190 41.25 -62.40 -36.43
CA VAL A 1190 41.48 -62.25 -37.85
C VAL A 1190 40.31 -61.57 -38.53
N GLU A 1191 39.09 -62.03 -38.23
CA GLU A 1191 37.90 -61.47 -38.83
C GLU A 1191 37.69 -60.01 -38.46
N LEU A 1192 38.26 -59.60 -37.34
CA LEU A 1192 38.13 -58.24 -36.86
C LEU A 1192 38.43 -57.19 -37.90
N HIS A 1193 39.33 -57.45 -38.84
CA HIS A 1193 39.67 -56.40 -39.81
C HIS A 1193 38.52 -56.09 -40.77
N THR A 1194 37.49 -56.93 -40.78
CA THR A 1194 36.33 -56.72 -41.62
C THR A 1194 35.27 -55.90 -40.87
N VAL A 1195 35.50 -55.68 -39.58
CA VAL A 1195 34.61 -54.88 -38.74
C VAL A 1195 35.25 -53.54 -38.50
N ILE A 1196 36.55 -53.55 -38.24
CA ILE A 1196 37.30 -52.32 -38.07
C ILE A 1196 38.42 -52.21 -39.10
N PRO A 1197 38.21 -51.49 -40.20
CA PRO A 1197 39.16 -51.34 -41.27
C PRO A 1197 40.44 -50.81 -40.71
N ASP A 1198 41.54 -51.24 -41.32
CA ASP A 1198 42.91 -50.90 -40.93
C ASP A 1198 43.37 -51.52 -39.61
N TYR A 1199 42.56 -52.39 -39.02
CA TYR A 1199 43.11 -53.21 -37.96
C TYR A 1199 44.17 -54.16 -38.50
N VAL A 1200 45.32 -54.22 -37.82
CA VAL A 1200 46.38 -55.12 -38.22
C VAL A 1200 46.81 -56.06 -37.11
N ASP A 1201 46.65 -57.35 -37.34
CA ASP A 1201 47.15 -58.31 -36.37
C ASP A 1201 48.64 -58.46 -36.56
N VAL A 1202 49.37 -57.59 -35.89
CA VAL A 1202 50.81 -57.55 -36.05
C VAL A 1202 51.49 -58.86 -35.67
N ASN A 1203 51.01 -59.54 -34.63
CA ASN A 1203 51.66 -60.79 -34.26
C ASN A 1203 51.54 -61.82 -35.37
N LYS A 1204 50.34 -61.97 -35.91
CA LYS A 1204 50.16 -62.92 -37.01
C LYS A 1204 51.02 -62.50 -38.19
N THR A 1205 51.05 -61.20 -38.46
CA THR A 1205 51.84 -60.66 -39.54
C THR A 1205 53.30 -61.02 -39.39
N LEU A 1206 53.85 -60.84 -38.20
CA LEU A 1206 55.24 -61.16 -37.94
C LEU A 1206 55.54 -62.65 -38.11
N GLN A 1207 54.57 -63.49 -37.78
CA GLN A 1207 54.73 -64.92 -37.98
C GLN A 1207 54.77 -65.28 -39.47
N GLU A 1208 53.94 -64.60 -40.29
CA GLU A 1208 53.92 -64.84 -41.74
C GLU A 1208 55.06 -64.19 -42.54
N PHE A 1209 55.49 -62.99 -42.13
CA PHE A 1209 56.52 -62.23 -42.86
C PHE A 1209 57.88 -62.16 -42.15
N ALA B 8 44.18 47.49 3.87
CA ALA B 8 43.76 46.52 2.87
C ALA B 8 43.18 47.20 1.64
N ASN B 9 43.83 47.01 0.49
CA ASN B 9 43.40 47.70 -0.73
C ASN B 9 42.20 47.02 -1.41
N LEU B 10 41.08 47.00 -0.69
CA LEU B 10 39.86 46.35 -1.12
C LEU B 10 39.05 47.24 -2.04
N SER B 11 38.23 46.62 -2.87
CA SER B 11 37.28 47.34 -3.69
C SER B 11 36.05 47.70 -2.90
N MET B 12 35.25 48.63 -3.40
CA MET B 12 34.01 48.97 -2.74
C MET B 12 33.06 47.79 -2.71
N LEU B 13 33.17 46.95 -3.73
CA LEU B 13 32.33 45.78 -3.85
C LEU B 13 32.64 44.78 -2.76
N GLN B 14 33.92 44.58 -2.48
CA GLN B 14 34.30 43.72 -1.37
C GLN B 14 33.89 44.27 -0.03
N LEU B 15 34.05 45.57 0.14
CA LEU B 15 33.71 46.22 1.38
C LEU B 15 32.22 46.28 1.61
N GLY B 16 31.46 46.42 0.53
CA GLY B 16 30.02 46.54 0.61
C GLY B 16 29.62 47.96 0.96
N VAL B 17 30.30 48.92 0.33
CA VAL B 17 30.08 50.33 0.64
C VAL B 17 29.62 51.10 -0.60
N PRO B 18 28.92 52.23 -0.41
CA PRO B 18 28.52 53.17 -1.42
C PRO B 18 29.67 54.07 -1.83
N ASP B 19 29.58 54.61 -3.03
CA ASP B 19 30.56 55.55 -3.53
C ASP B 19 30.41 56.93 -2.91
N ASN B 20 31.47 57.70 -3.00
CA ASN B 20 31.53 59.08 -2.53
C ASN B 20 30.95 59.28 -1.12
N SER B 21 31.33 58.42 -0.18
CA SER B 21 30.74 58.50 1.15
C SER B 21 31.66 58.00 2.28
N SER B 22 31.07 57.87 3.46
CA SER B 22 31.78 57.45 4.66
C SER B 22 30.92 56.55 5.54
N THR B 23 31.39 55.30 5.73
CA THR B 23 30.61 54.29 6.43
C THR B 23 31.40 53.44 7.40
N ILE B 24 30.69 52.72 8.24
CA ILE B 24 31.25 51.72 9.11
C ILE B 24 31.03 50.33 8.57
N VAL B 25 32.12 49.59 8.41
CA VAL B 25 32.05 48.22 7.91
C VAL B 25 32.44 47.26 9.02
N THR B 26 31.61 46.26 9.27
CA THR B 26 31.89 45.32 10.35
C THR B 26 31.99 43.87 9.88
N GLY B 27 32.89 43.10 10.49
CA GLY B 27 32.90 41.65 10.28
C GLY B 27 34.27 41.02 10.07
N LEU B 28 34.32 40.02 9.20
CA LEU B 28 35.55 39.26 8.98
C LEU B 28 36.46 39.93 7.97
N LEU B 29 37.06 41.03 8.42
CA LEU B 29 37.87 41.89 7.57
C LEU B 29 39.36 41.57 7.69
N PRO B 30 40.18 41.85 6.64
CA PRO B 30 41.63 41.84 6.66
C PRO B 30 42.23 43.06 7.35
N THR B 31 43.40 42.88 7.94
CA THR B 31 44.04 43.97 8.68
C THR B 31 45.54 44.05 8.35
N HIS B 32 46.36 43.31 9.12
CA HIS B 32 47.80 43.25 8.92
C HIS B 32 48.18 42.29 7.81
N TRP B 33 49.27 42.60 7.13
CA TRP B 33 49.75 41.77 6.04
C TRP B 33 51.10 41.12 6.32
N PHE B 34 51.14 39.81 6.24
CA PHE B 34 52.31 39.02 6.60
C PHE B 34 53.38 39.03 5.51
N CYS B 35 53.99 40.17 5.34
CA CYS B 35 54.94 40.38 4.26
C CYS B 35 56.29 39.77 4.63
N ALA B 36 56.36 38.44 4.55
CA ALA B 36 57.54 37.70 5.00
C ALA B 36 57.90 36.53 4.07
N ASN B 37 59.12 36.03 4.25
CA ASN B 37 59.68 34.93 3.45
C ASN B 37 59.91 33.67 4.25
N GLN B 38 58.96 33.33 5.12
CA GLN B 38 59.06 32.16 5.99
C GLN B 38 58.53 30.88 5.35
N SER B 39 58.10 30.98 4.09
CA SER B 39 57.63 29.87 3.25
C SER B 39 56.32 29.25 3.67
N THR B 40 56.34 28.59 4.82
CA THR B 40 55.21 27.80 5.22
C THR B 40 54.85 28.00 6.68
N SER B 41 53.59 28.31 6.94
CA SER B 41 53.15 28.57 8.30
C SER B 41 51.69 28.24 8.58
N VAL B 42 51.37 28.06 9.87
CA VAL B 42 50.00 27.75 10.30
C VAL B 42 49.46 28.74 11.31
N TYR B 43 48.23 29.18 11.09
CA TYR B 43 47.57 30.15 11.97
C TYR B 43 46.20 29.66 12.42
N SER B 44 45.73 30.17 13.55
CA SER B 44 44.30 30.07 13.85
C SER B 44 43.59 31.04 12.91
N ALA B 45 42.46 30.64 12.32
CA ALA B 45 41.82 31.54 11.37
C ALA B 45 40.34 31.26 11.14
N ASN B 46 39.60 32.31 10.76
CA ASN B 46 38.23 32.16 10.26
C ASN B 46 38.19 32.48 8.78
N GLY B 47 39.36 32.62 8.20
CA GLY B 47 39.47 33.00 6.80
C GLY B 47 40.80 33.64 6.46
N PHE B 48 40.91 34.10 5.24
CA PHE B 48 42.12 34.79 4.79
C PHE B 48 41.90 35.60 3.53
N PHE B 49 42.73 36.62 3.37
CA PHE B 49 42.86 37.32 2.10
C PHE B 49 44.27 37.32 1.59
N TYR B 50 44.43 37.31 0.28
CA TYR B 50 45.78 37.43 -0.26
C TYR B 50 45.86 38.15 -1.57
N ILE B 51 47.03 38.72 -1.82
CA ILE B 51 47.29 39.41 -3.08
C ILE B 51 48.55 38.86 -3.73
N ASP B 52 48.39 38.41 -4.98
CA ASP B 52 49.52 37.97 -5.80
C ASP B 52 49.57 38.77 -7.12
N VAL B 53 50.79 39.00 -7.63
CA VAL B 53 51.00 39.44 -9.01
C VAL B 53 52.11 38.63 -9.68
N GLY B 54 53.00 38.08 -8.87
CA GLY B 54 54.21 37.42 -9.35
C GLY B 54 53.96 36.08 -10.03
N ASN B 55 54.83 35.72 -10.97
CA ASN B 55 54.66 34.50 -11.73
C ASN B 55 55.15 33.28 -10.97
N HIS B 56 54.43 32.93 -9.92
CA HIS B 56 54.78 31.82 -9.05
C HIS B 56 53.52 31.26 -8.41
N ARG B 57 53.51 29.95 -8.17
CA ARG B 57 52.38 29.32 -7.53
C ARG B 57 52.28 29.71 -6.05
N SER B 58 51.03 29.83 -5.57
CA SER B 58 50.76 29.97 -4.13
C SER B 58 49.60 29.06 -3.73
N ALA B 59 49.53 28.70 -2.45
CA ALA B 59 48.38 27.90 -2.03
C ALA B 59 47.99 28.09 -0.58
N PHE B 60 46.71 27.87 -0.32
CA PHE B 60 46.15 28.06 1.00
C PHE B 60 45.21 26.92 1.37
N ALA B 61 45.11 26.61 2.65
CA ALA B 61 44.10 25.63 3.03
C ALA B 61 43.52 25.88 4.41
N LEU B 62 42.22 25.67 4.52
CA LEU B 62 41.54 25.74 5.81
C LEU B 62 41.17 24.34 6.25
N HIS B 63 41.60 23.99 7.45
CA HIS B 63 41.47 22.62 7.90
C HIS B 63 41.35 22.48 9.41
N THR B 64 41.16 21.24 9.83
CA THR B 64 41.05 20.88 11.23
C THR B 64 42.41 20.57 11.83
N GLY B 65 42.45 20.31 13.14
CA GLY B 65 43.71 20.05 13.83
C GLY B 65 44.15 18.58 13.78
N TYR B 66 43.38 17.77 13.07
CA TYR B 66 43.60 16.35 12.92
C TYR B 66 42.96 15.91 11.62
N TYR B 67 43.25 14.71 11.15
CA TYR B 67 42.60 14.24 9.93
C TYR B 67 41.24 13.61 10.16
N ASP B 68 40.20 14.15 9.54
CA ASP B 68 38.87 13.56 9.64
C ASP B 68 38.39 13.12 8.28
N ALA B 69 38.19 11.83 8.12
CA ALA B 69 37.80 11.25 6.84
C ALA B 69 36.51 11.84 6.27
N ASN B 70 35.65 12.39 7.13
CA ASN B 70 34.39 12.92 6.63
C ASN B 70 34.23 14.43 6.76
N GLN B 71 35.32 15.14 6.94
CA GLN B 71 35.22 16.59 6.94
C GLN B 71 35.56 17.16 5.58
N TYR B 72 34.77 18.11 5.13
CA TYR B 72 35.11 18.83 3.93
C TYR B 72 36.16 19.85 4.25
N TYR B 73 37.22 19.85 3.48
CA TYR B 73 38.34 20.76 3.68
C TYR B 73 38.36 21.75 2.55
N ILE B 74 38.88 22.95 2.80
CA ILE B 74 38.89 23.95 1.73
C ILE B 74 40.28 24.20 1.23
N TYR B 75 40.49 23.95 -0.06
CA TYR B 75 41.80 24.10 -0.65
C TYR B 75 41.82 25.08 -1.81
N VAL B 76 42.79 25.99 -1.78
CA VAL B 76 42.92 26.99 -2.82
C VAL B 76 44.31 27.01 -3.46
N THR B 77 44.33 27.06 -4.80
CA THR B 77 45.59 27.24 -5.52
C THR B 77 45.54 28.40 -6.49
N ASN B 78 46.61 29.18 -6.52
CA ASN B 78 46.68 30.26 -7.48
C ASN B 78 47.92 30.14 -8.36
N GLU B 79 47.71 30.26 -9.67
CA GLU B 79 48.81 30.31 -10.63
C GLU B 79 48.66 31.55 -11.51
N ILE B 80 49.76 32.19 -11.85
CA ILE B 80 49.68 33.44 -12.61
C ILE B 80 50.35 33.43 -13.98
N GLY B 81 49.62 34.00 -14.95
CA GLY B 81 50.12 34.25 -16.29
C GLY B 81 49.78 35.70 -16.62
N LEU B 82 48.92 35.90 -17.61
CA LEU B 82 48.41 37.25 -17.87
C LEU B 82 47.46 37.67 -16.76
N ASN B 83 46.70 36.69 -16.28
CA ASN B 83 45.71 36.87 -15.23
C ASN B 83 45.94 35.80 -14.18
N ALA B 84 45.21 35.87 -13.08
CA ALA B 84 45.33 34.83 -12.08
C ALA B 84 44.37 33.70 -12.41
N SER B 85 44.91 32.49 -12.44
CA SER B 85 44.11 31.28 -12.53
C SER B 85 43.87 30.76 -11.13
N VAL B 86 42.64 30.90 -10.67
CA VAL B 86 42.34 30.64 -9.28
C VAL B 86 41.48 29.41 -9.13
N THR B 87 41.96 28.41 -8.41
CA THR B 87 41.19 27.20 -8.23
C THR B 87 40.69 27.03 -6.80
N LEU B 88 39.41 26.74 -6.68
CA LEU B 88 38.78 26.43 -5.41
C LEU B 88 38.24 25.02 -5.37
N LYS B 89 38.64 24.26 -4.36
CA LYS B 89 38.05 22.97 -4.15
C LYS B 89 37.58 22.79 -2.71
N ILE B 90 36.34 22.36 -2.56
CA ILE B 90 35.85 22.03 -1.23
C ILE B 90 35.42 20.59 -1.21
N CYS B 91 36.22 19.78 -0.53
CA CYS B 91 36.15 18.33 -0.69
C CYS B 91 36.66 17.57 0.51
N LYS B 92 36.35 16.29 0.55
CA LYS B 92 37.00 15.36 1.47
C LYS B 92 38.23 14.78 0.76
N PHE B 93 39.33 14.63 1.51
CA PHE B 93 40.60 14.16 0.94
C PHE B 93 41.16 12.90 1.57
N SER B 94 41.90 12.13 0.78
CA SER B 94 42.50 10.89 1.26
C SER B 94 43.82 11.13 2.00
N ARG B 95 43.74 11.71 3.19
CA ARG B 95 44.93 12.06 3.97
C ARG B 95 45.94 12.85 3.17
N SER B 106 47.13 15.39 -2.84
CA SER B 106 45.89 16.15 -2.84
C SER B 106 44.79 15.40 -3.56
N SER B 107 44.47 14.22 -3.05
CA SER B 107 43.47 13.36 -3.67
C SER B 107 42.08 13.53 -3.07
N SER B 108 41.21 14.21 -3.81
CA SER B 108 39.82 14.44 -3.39
C SER B 108 38.94 13.28 -3.83
N PHE B 109 37.87 13.02 -3.09
CA PHE B 109 36.95 11.94 -3.49
C PHE B 109 35.46 12.23 -3.30
N ASP B 110 35.16 13.40 -2.77
CA ASP B 110 33.80 13.82 -2.43
C ASP B 110 33.79 15.34 -2.41
N CYS B 111 33.18 15.95 -3.42
CA CYS B 111 33.31 17.39 -3.57
C CYS B 111 32.01 18.15 -3.65
N ILE B 112 32.00 19.28 -2.98
CA ILE B 112 30.93 20.27 -2.99
C ILE B 112 31.13 21.22 -4.12
N VAL B 113 32.37 21.61 -4.29
CA VAL B 113 32.67 22.51 -5.39
C VAL B 113 34.07 22.31 -5.92
N ASN B 114 34.20 22.44 -7.23
CA ASN B 114 35.49 22.42 -7.92
C ASN B 114 35.49 23.45 -9.07
N LEU B 115 35.95 24.67 -8.78
CA LEU B 115 35.81 25.79 -9.69
C LEU B 115 37.11 26.49 -10.05
N LEU B 116 37.13 27.03 -11.26
CA LEU B 116 38.22 27.87 -11.73
C LEU B 116 37.74 29.27 -12.08
N PHE B 117 38.42 30.28 -11.56
CA PHE B 117 38.11 31.66 -11.86
C PHE B 117 39.29 32.32 -12.51
N THR B 118 39.05 33.37 -13.28
CA THR B 118 40.14 34.16 -13.81
C THR B 118 40.08 35.57 -13.27
N GLU B 119 41.11 35.95 -12.52
CA GLU B 119 41.06 37.21 -11.78
C GLU B 119 42.13 38.23 -12.15
N GLN B 120 41.79 39.48 -11.91
CA GLN B 120 42.70 40.61 -12.09
C GLN B 120 43.91 40.53 -11.17
N LEU B 121 45.11 40.65 -11.75
CA LEU B 121 46.30 40.57 -10.92
C LEU B 121 46.35 41.75 -9.98
N GLY B 122 46.80 41.50 -8.75
CA GLY B 122 46.80 42.54 -7.75
C GLY B 122 45.52 42.58 -6.93
N ALA B 123 44.49 41.84 -7.35
CA ALA B 123 43.24 41.81 -6.62
C ALA B 123 43.45 41.14 -5.27
N PRO B 124 42.78 41.58 -4.21
CA PRO B 124 42.73 40.82 -2.97
C PRO B 124 41.63 39.80 -3.01
N LEU B 125 42.01 38.55 -2.95
CA LEU B 125 41.04 37.47 -3.04
C LEU B 125 40.98 36.77 -1.72
N GLY B 126 39.86 36.14 -1.40
CA GLY B 126 39.86 35.48 -0.10
C GLY B 126 38.63 34.67 0.25
N ILE B 127 38.71 34.07 1.41
CA ILE B 127 37.68 33.21 1.95
C ILE B 127 37.33 33.54 3.37
N THR B 128 36.05 33.61 3.66
CA THR B 128 35.62 33.80 5.04
C THR B 128 34.54 32.78 5.43
N ILE B 129 34.59 32.29 6.67
CA ILE B 129 33.62 31.30 7.12
C ILE B 129 32.83 31.72 8.36
N SER B 130 31.52 31.50 8.32
CA SER B 130 30.66 31.70 9.49
C SER B 130 29.67 30.57 9.65
N GLY B 131 29.78 29.82 10.73
CA GLY B 131 28.91 28.66 10.87
C GLY B 131 29.19 27.73 9.71
N GLU B 132 28.15 27.36 8.98
CA GLU B 132 28.33 26.45 7.84
C GLU B 132 28.33 27.21 6.51
N THR B 133 28.40 28.53 6.58
CA THR B 133 28.42 29.34 5.39
C THR B 133 29.84 29.71 4.98
N VAL B 134 30.17 29.41 3.73
CA VAL B 134 31.48 29.76 3.21
C VAL B 134 31.34 30.80 2.11
N ARG B 135 32.00 31.92 2.31
CA ARG B 135 31.92 33.01 1.36
C ARG B 135 33.22 33.18 0.62
N LEU B 136 33.11 33.16 -0.70
CA LEU B 136 34.24 33.31 -1.58
C LEU B 136 34.28 34.70 -2.15
N HIS B 137 35.35 35.42 -1.83
CA HIS B 137 35.48 36.80 -2.28
C HIS B 137 36.35 36.88 -3.52
N LEU B 138 35.72 37.19 -4.64
CA LEU B 138 36.40 37.26 -5.91
C LEU B 138 36.40 38.67 -6.43
N TYR B 139 36.89 39.58 -5.60
CA TYR B 139 37.18 40.96 -5.98
C TYR B 139 35.96 41.79 -6.36
N ASN B 140 35.35 41.41 -7.46
CA ASN B 140 34.18 42.07 -7.98
C ASN B 140 32.89 41.43 -7.48
N VAL B 141 32.94 40.13 -7.20
CA VAL B 141 31.74 39.41 -6.79
C VAL B 141 31.96 38.55 -5.56
N THR B 142 30.86 38.08 -4.97
CA THR B 142 30.91 37.10 -3.90
C THR B 142 30.04 35.92 -4.25
N ARG B 143 30.55 34.73 -3.98
CA ARG B 143 29.78 33.51 -4.18
C ARG B 143 29.70 32.74 -2.87
N THR B 144 28.53 32.19 -2.58
CA THR B 144 28.33 31.52 -1.30
C THR B 144 28.04 30.05 -1.43
N PHE B 145 28.67 29.25 -0.58
CA PHE B 145 28.45 27.83 -0.53
C PHE B 145 28.03 27.42 0.87
N TYR B 146 27.29 26.33 0.97
CA TYR B 146 26.97 25.79 2.27
C TYR B 146 27.72 24.50 2.45
N VAL B 147 28.56 24.48 3.47
CA VAL B 147 29.52 23.43 3.67
C VAL B 147 29.41 22.85 5.06
N PRO B 148 28.99 21.60 5.22
CA PRO B 148 28.76 20.98 6.48
C PRO B 148 29.96 21.08 7.39
N ALA B 149 29.68 21.59 8.57
CA ALA B 149 30.65 21.80 9.63
C ALA B 149 31.85 22.65 9.22
N ALA B 150 31.66 23.60 8.30
CA ALA B 150 32.75 24.48 7.89
C ALA B 150 33.39 25.21 9.06
N TYR B 151 32.64 25.46 10.11
CA TYR B 151 33.15 26.13 11.29
C TYR B 151 34.28 25.38 12.00
N LYS B 152 34.48 24.10 11.66
CA LYS B 152 35.57 23.35 12.24
C LYS B 152 36.91 23.70 11.59
N LEU B 153 36.87 24.35 10.43
CA LEU B 153 38.09 24.58 9.67
C LEU B 153 38.82 25.79 10.17
N THR B 154 39.33 25.69 11.39
CA THR B 154 39.89 26.82 12.10
C THR B 154 41.41 26.93 12.01
N LYS B 155 42.06 26.03 11.31
CA LYS B 155 43.49 26.17 11.08
C LYS B 155 43.73 26.58 9.66
N LEU B 156 44.59 27.56 9.47
CA LEU B 156 44.96 28.00 8.14
C LEU B 156 46.39 27.67 7.84
N SER B 157 46.60 26.91 6.78
CA SER B 157 47.94 26.66 6.27
C SER B 157 48.21 27.56 5.09
N VAL B 158 49.40 28.16 5.11
CA VAL B 158 49.81 29.05 4.03
C VAL B 158 51.12 28.62 3.37
N LYS B 159 51.12 28.55 2.03
CA LYS B 159 52.32 28.30 1.22
C LYS B 159 52.58 29.52 0.31
N CYS B 160 53.45 30.42 0.75
CA CYS B 160 53.53 31.74 0.14
C CYS B 160 54.60 32.65 0.72
N TYR B 161 55.32 33.32 -0.18
CA TYR B 161 56.48 34.16 0.13
C TYR B 161 56.36 35.56 -0.42
N PHE B 162 56.85 36.52 0.34
CA PHE B 162 56.99 37.88 -0.13
C PHE B 162 57.93 37.97 -1.34
N ASN B 163 58.88 37.05 -1.41
CA ASN B 163 59.80 36.91 -2.53
C ASN B 163 59.10 36.80 -3.88
N TYR B 164 57.88 36.27 -3.89
CA TYR B 164 57.19 36.08 -5.15
C TYR B 164 55.95 36.95 -5.24
N SER B 165 55.95 38.04 -4.47
CA SER B 165 54.91 39.07 -4.43
C SER B 165 53.74 38.75 -3.51
N CYS B 166 53.56 37.51 -3.14
CA CYS B 166 52.50 37.19 -2.20
C CYS B 166 52.55 37.81 -0.83
N VAL B 167 51.45 38.46 -0.51
CA VAL B 167 51.17 38.95 0.84
C VAL B 167 49.82 38.43 1.26
N PHE B 168 49.64 38.20 2.54
CA PHE B 168 48.32 37.77 2.98
C PHE B 168 47.95 38.29 4.34
N SER B 169 46.66 38.28 4.63
CA SER B 169 46.18 38.67 5.93
C SER B 169 45.32 37.57 6.49
N VAL B 170 45.69 37.08 7.66
CA VAL B 170 44.93 36.05 8.34
C VAL B 170 43.72 36.69 8.98
N VAL B 171 42.53 36.17 8.74
CA VAL B 171 41.37 36.81 9.29
C VAL B 171 40.96 36.19 10.60
N ASN B 172 40.79 37.03 11.61
CA ASN B 172 40.32 36.62 12.91
C ASN B 172 38.83 36.91 13.04
N ALA B 173 38.45 37.89 13.85
CA ALA B 173 37.03 38.17 13.98
C ALA B 173 36.74 39.53 14.54
N THR B 174 35.50 39.97 14.32
CA THR B 174 34.94 41.20 14.88
C THR B 174 35.78 42.44 14.61
N VAL B 175 36.01 42.74 13.36
CA VAL B 175 36.76 43.93 13.03
C VAL B 175 35.80 45.03 12.64
N THR B 176 36.02 46.25 13.14
CA THR B 176 35.23 47.39 12.69
C THR B 176 36.12 48.39 12.00
N VAL B 177 35.77 48.76 10.77
CA VAL B 177 36.58 49.67 9.99
C VAL B 177 35.84 50.90 9.50
N ASN B 178 36.50 52.03 9.64
CA ASN B 178 36.02 53.27 9.06
C ASN B 178 36.47 53.36 7.61
N VAL B 179 35.51 53.41 6.71
CA VAL B 179 35.81 53.44 5.29
C VAL B 179 35.36 54.73 4.63
N THR B 180 36.26 55.30 3.83
CA THR B 180 35.94 56.48 3.04
C THR B 180 36.10 56.14 1.58
N THR B 181 35.12 56.51 0.77
CA THR B 181 35.18 56.31 -0.67
C THR B 181 35.11 57.62 -1.43
N HIS B 182 35.70 57.64 -2.62
CA HIS B 182 35.68 58.83 -3.47
C HIS B 182 35.98 58.50 -4.92
N ASN B 183 35.09 58.92 -5.82
CA ASN B 183 35.26 58.70 -7.25
C ASN B 183 35.56 57.25 -7.61
N GLY B 184 34.87 56.32 -6.96
CA GLY B 184 35.02 54.91 -7.23
C GLY B 184 36.17 54.25 -6.45
N ARG B 185 37.01 55.04 -5.80
CA ARG B 185 38.15 54.51 -5.09
C ARG B 185 37.84 54.34 -3.63
N VAL B 186 38.53 53.40 -3.00
CA VAL B 186 38.54 53.39 -1.56
C VAL B 186 39.70 54.24 -1.12
N VAL B 187 39.41 55.18 -0.24
CA VAL B 187 40.36 56.17 0.22
C VAL B 187 40.93 55.79 1.58
N ASN B 188 40.04 55.55 2.52
CA ASN B 188 40.45 55.18 3.87
C ASN B 188 39.97 53.81 4.22
N TYR B 189 40.77 53.13 5.05
CA TYR B 189 40.46 51.85 5.64
C TYR B 189 41.07 51.79 7.02
N THR B 190 40.38 52.34 8.00
CA THR B 190 40.94 52.52 9.32
C THR B 190 40.25 51.70 10.40
N VAL B 191 41.01 50.82 11.04
CA VAL B 191 40.41 49.95 12.05
C VAL B 191 40.12 50.75 13.32
N CYS B 192 38.93 50.58 13.87
CA CYS B 192 38.58 51.27 15.11
C CYS B 192 39.25 50.60 16.31
N ASP B 193 39.73 51.50 17.19
CA ASP B 193 40.00 51.17 18.59
C ASP B 193 38.75 51.50 19.40
N ASP B 194 37.92 52.36 18.81
CA ASP B 194 36.61 52.76 19.30
C ASP B 194 35.61 51.78 18.71
N CYS B 195 34.34 52.18 18.52
CA CYS B 195 33.35 51.26 17.99
C CYS B 195 33.12 50.03 18.88
N ASN B 196 33.20 50.23 20.19
CA ASN B 196 32.94 49.12 21.09
C ASN B 196 31.51 48.61 20.93
N GLY B 197 31.38 47.31 20.70
CA GLY B 197 30.07 46.67 20.58
C GLY B 197 29.46 46.82 19.19
N TYR B 198 30.12 47.54 18.30
CA TYR B 198 29.54 47.75 16.98
C TYR B 198 29.35 46.45 16.25
N THR B 199 30.28 45.53 16.38
CA THR B 199 30.19 44.32 15.60
C THR B 199 29.00 43.43 15.97
N ASP B 200 28.29 43.74 17.06
CA ASP B 200 27.12 43.00 17.45
C ASP B 200 25.81 43.69 17.00
N ASN B 201 25.90 44.95 16.60
CA ASN B 201 24.68 45.74 16.37
C ASN B 201 24.69 46.59 15.10
N ILE B 202 25.88 46.96 14.65
CA ILE B 202 26.07 47.91 13.56
C ILE B 202 26.58 47.24 12.30
N PHE B 203 25.98 47.60 11.19
CA PHE B 203 26.39 47.11 9.89
C PHE B 203 26.01 48.12 8.84
N SER B 204 26.44 47.91 7.61
CA SER B 204 26.07 48.80 6.53
C SER B 204 24.98 48.18 5.69
N VAL B 205 24.03 48.99 5.27
CA VAL B 205 22.96 48.51 4.41
C VAL B 205 23.50 48.16 3.04
N GLN B 206 23.23 46.96 2.56
CA GLN B 206 23.77 46.57 1.28
C GLN B 206 22.89 46.99 0.15
N GLN B 207 23.41 46.87 -1.05
CA GLN B 207 22.62 47.11 -2.23
C GLN B 207 21.31 46.32 -2.11
N ASP B 208 20.21 46.95 -2.48
CA ASP B 208 18.86 46.41 -2.47
C ASP B 208 18.31 46.20 -1.05
N GLY B 209 19.03 46.66 -0.06
CA GLY B 209 18.53 46.63 1.31
C GLY B 209 18.85 45.34 2.05
N ARG B 210 19.73 44.51 1.53
CA ARG B 210 20.00 43.29 2.27
C ARG B 210 20.85 43.55 3.51
N ILE B 211 20.62 42.75 4.54
CA ILE B 211 21.50 42.71 5.70
C ILE B 211 22.67 41.82 5.33
N PRO B 212 23.93 42.19 5.59
CA PRO B 212 25.10 41.46 5.17
C PRO B 212 25.13 40.05 5.71
N ASN B 213 25.55 39.14 4.88
CA ASN B 213 25.72 37.77 5.32
C ASN B 213 26.78 37.73 6.39
N GLY B 214 26.52 37.01 7.45
CA GLY B 214 27.47 36.90 8.56
C GLY B 214 27.11 37.81 9.74
N PHE B 215 26.17 38.73 9.55
CA PHE B 215 25.76 39.59 10.65
C PHE B 215 25.17 38.79 11.81
N PRO B 216 25.45 39.18 13.06
CA PRO B 216 24.78 38.59 14.21
C PRO B 216 23.59 39.41 14.65
N PHE B 217 22.43 38.83 14.60
CA PHE B 217 21.21 39.58 14.85
C PHE B 217 20.93 39.78 16.33
N ASN B 218 21.83 40.49 17.00
CA ASN B 218 21.89 40.52 18.45
C ASN B 218 20.58 40.79 19.15
N ASN B 219 19.84 41.79 18.71
CA ASN B 219 18.55 42.09 19.29
C ASN B 219 17.45 42.11 18.26
N TRP B 220 17.57 41.35 17.21
CA TRP B 220 16.51 41.40 16.20
C TRP B 220 15.57 40.24 16.35
N PHE B 221 14.32 40.53 16.67
CA PHE B 221 13.35 39.49 16.85
C PHE B 221 12.57 39.24 15.58
N LEU B 222 12.00 38.05 15.50
CA LEU B 222 11.02 37.79 14.46
C LEU B 222 9.70 38.28 14.98
N LEU B 223 8.92 38.93 14.15
CA LEU B 223 7.65 39.43 14.63
C LEU B 223 6.61 38.33 14.57
N THR B 224 5.72 38.32 15.54
CA THR B 224 4.57 37.43 15.44
C THR B 224 3.27 38.08 15.83
N ASN B 225 2.20 37.35 15.55
CA ASN B 225 0.84 37.72 15.88
C ASN B 225 0.24 36.74 16.86
N GLY B 226 1.02 35.72 17.21
CA GLY B 226 0.56 34.67 18.10
C GLY B 226 1.72 33.86 18.67
N SER B 227 1.88 32.64 18.16
CA SER B 227 2.94 31.75 18.63
C SER B 227 4.29 32.19 18.12
N THR B 228 5.34 31.62 18.70
CA THR B 228 6.67 31.93 18.28
C THR B 228 7.41 30.67 17.88
N LEU B 229 8.37 30.84 17.00
CA LEU B 229 9.23 29.75 16.62
C LEU B 229 10.33 29.67 17.62
N VAL B 230 10.80 28.47 17.92
CA VAL B 230 11.95 28.38 18.77
C VAL B 230 13.13 27.84 17.99
N ASP B 231 12.99 26.64 17.43
CA ASP B 231 14.06 26.06 16.62
C ASP B 231 13.55 25.42 15.34
N GLY B 232 14.17 25.78 14.21
CA GLY B 232 13.84 25.15 12.93
C GLY B 232 14.07 26.04 11.72
N VAL B 233 13.69 25.54 10.54
CA VAL B 233 13.84 26.29 9.30
C VAL B 233 12.51 26.52 8.63
N SER B 234 12.23 27.76 8.25
CA SER B 234 11.00 28.03 7.53
C SER B 234 11.02 29.31 6.74
N ARG B 235 10.08 29.43 5.79
CA ARG B 235 9.92 30.67 5.06
C ARG B 235 9.00 31.62 5.78
N LEU B 236 9.49 32.81 6.00
CA LEU B 236 8.77 33.81 6.76
C LEU B 236 8.53 35.06 5.95
N TYR B 237 7.56 35.85 6.37
CA TYR B 237 7.33 37.16 5.80
C TYR B 237 7.67 38.19 6.86
N GLN B 238 8.85 38.77 6.78
CA GLN B 238 9.38 39.57 7.87
C GLN B 238 10.01 40.88 7.39
N PRO B 239 9.98 41.97 8.17
CA PRO B 239 10.51 43.28 7.82
C PRO B 239 12.01 43.33 7.89
N LEU B 240 12.64 42.62 6.97
CA LEU B 240 14.08 42.47 6.92
C LEU B 240 14.77 43.04 5.69
N ARG B 241 14.09 43.88 4.92
CA ARG B 241 14.79 44.59 3.85
C ARG B 241 14.90 46.05 4.20
N LEU B 242 16.11 46.58 4.20
CA LEU B 242 16.30 47.91 4.70
C LEU B 242 16.35 48.98 3.63
N THR B 243 15.74 50.11 3.95
CA THR B 243 15.84 51.30 3.13
C THR B 243 16.81 52.25 3.77
N CYS B 244 16.97 52.14 5.08
CA CYS B 244 17.92 52.90 5.84
C CYS B 244 18.35 52.15 7.09
N LEU B 245 19.33 52.70 7.80
CA LEU B 245 19.85 52.16 9.05
C LEU B 245 20.66 53.28 9.70
N TRP B 246 20.22 53.74 10.85
CA TRP B 246 20.79 54.91 11.49
C TRP B 246 21.46 54.62 12.86
N PRO B 247 22.81 54.45 12.89
CA PRO B 247 23.57 54.12 14.07
C PRO B 247 23.57 55.16 15.15
N VAL B 248 23.46 54.70 16.37
CA VAL B 248 23.56 55.49 17.58
C VAL B 248 22.95 56.86 17.38
N PRO B 249 21.69 56.88 16.96
CA PRO B 249 21.00 57.92 16.24
C PRO B 249 20.99 59.28 16.92
N GLY B 250 21.21 59.32 18.22
CA GLY B 250 21.20 60.60 18.92
C GLY B 250 19.80 61.06 19.26
N LEU B 251 18.87 60.14 19.36
CA LEU B 251 17.49 60.52 19.68
C LEU B 251 17.42 61.12 21.07
N LYS B 252 16.84 62.30 21.15
CA LYS B 252 16.63 63.01 22.42
C LYS B 252 15.23 63.57 22.47
N SER B 253 14.82 64.06 23.63
CA SER B 253 13.49 64.66 23.80
C SER B 253 13.25 65.87 22.87
N SER B 254 14.33 66.46 22.36
CA SER B 254 14.26 67.55 21.38
C SER B 254 14.15 67.10 19.92
N THR B 255 14.26 65.80 19.65
CA THR B 255 14.24 65.28 18.28
C THR B 255 12.91 65.46 17.54
N GLY B 256 11.79 65.21 18.20
CA GLY B 256 10.49 65.31 17.54
C GLY B 256 10.06 63.99 16.92
N PHE B 257 9.14 64.06 15.97
CA PHE B 257 8.52 62.89 15.39
C PHE B 257 9.21 62.39 14.14
N VAL B 258 9.26 61.07 13.99
CA VAL B 258 9.82 60.45 12.80
C VAL B 258 8.71 59.80 11.99
N TYR B 259 8.72 60.07 10.69
CA TYR B 259 7.63 59.72 9.79
C TYR B 259 7.84 58.45 8.97
N PHE B 260 8.52 57.46 9.56
CA PHE B 260 8.74 56.16 8.94
C PHE B 260 9.69 56.17 7.76
N ASN B 261 9.41 56.97 6.75
CA ASN B 261 10.35 57.15 5.66
C ASN B 261 11.61 57.84 6.18
N ALA B 262 12.76 57.22 6.00
CA ALA B 262 14.01 57.76 6.54
C ALA B 262 14.51 58.95 5.75
N THR B 263 13.79 60.06 5.84
CA THR B 263 14.10 61.25 5.10
C THR B 263 14.30 62.43 6.05
N GLY B 264 14.46 62.13 7.33
CA GLY B 264 14.68 63.16 8.35
C GLY B 264 16.06 63.78 8.21
N SER B 265 16.19 65.02 8.66
CA SER B 265 17.44 65.78 8.52
C SER B 265 18.64 65.17 9.22
N ASP B 266 18.41 64.34 10.23
CA ASP B 266 19.50 63.76 10.99
C ASP B 266 19.84 62.33 10.56
N VAL B 267 19.08 61.78 9.63
CA VAL B 267 19.18 60.35 9.44
C VAL B 267 20.31 59.96 8.50
N ASN B 268 21.52 60.03 9.02
CA ASN B 268 22.72 59.73 8.24
C ASN B 268 22.92 58.24 8.11
N CYS B 269 22.16 57.61 7.21
CA CYS B 269 22.12 56.17 7.24
C CYS B 269 23.51 55.60 6.94
N ASN B 270 23.84 54.45 7.52
CA ASN B 270 25.11 53.78 7.27
C ASN B 270 25.00 52.76 6.14
N GLY B 271 25.63 53.04 5.02
CA GLY B 271 25.53 52.16 3.85
C GLY B 271 24.64 52.74 2.78
N TYR B 272 24.02 51.88 1.98
CA TYR B 272 23.19 52.31 0.87
C TYR B 272 21.86 52.83 1.39
N GLN B 273 21.28 53.79 0.69
CA GLN B 273 19.97 54.30 1.09
C GLN B 273 18.98 54.31 -0.05
N HIS B 274 17.77 53.86 0.23
CA HIS B 274 16.73 53.82 -0.77
C HIS B 274 15.55 54.71 -0.37
N ASN B 275 15.43 55.84 -1.06
CA ASN B 275 14.49 56.89 -0.68
C ASN B 275 13.03 56.56 -0.99
N SER B 276 12.49 55.64 -0.21
CA SER B 276 11.10 55.19 -0.32
C SER B 276 10.41 55.19 1.05
N VAL B 277 9.27 54.50 1.11
CA VAL B 277 8.48 54.43 2.34
C VAL B 277 8.44 53.00 2.84
N VAL B 278 8.62 52.86 4.13
CA VAL B 278 8.78 51.56 4.76
C VAL B 278 7.50 51.04 5.38
N ASP B 279 7.58 49.82 5.91
CA ASP B 279 6.47 49.24 6.62
C ASP B 279 6.64 49.49 8.11
N VAL B 280 7.88 49.32 8.61
CA VAL B 280 8.14 49.47 10.03
C VAL B 280 9.38 50.27 10.38
N MET B 281 9.40 50.76 11.61
CA MET B 281 10.62 51.24 12.24
C MET B 281 11.03 50.30 13.36
N ARG B 282 12.31 49.97 13.42
CA ARG B 282 12.79 49.05 14.45
C ARG B 282 13.82 49.73 15.34
N TYR B 283 13.56 49.73 16.65
CA TYR B 283 14.46 50.34 17.60
C TYR B 283 15.25 49.31 18.39
N ASN B 284 16.56 49.25 18.11
CA ASN B 284 17.48 48.35 18.79
C ASN B 284 17.99 49.06 20.02
N LEU B 285 17.52 48.63 21.19
CA LEU B 285 17.72 49.38 22.41
C LEU B 285 19.00 49.03 23.13
N ASN B 286 19.62 50.03 23.75
CA ASN B 286 20.83 49.82 24.55
C ASN B 286 20.50 49.74 26.04
N PHE B 287 21.31 49.00 26.78
CA PHE B 287 21.14 48.89 28.22
C PHE B 287 22.35 48.23 28.87
N SER B 288 22.41 48.27 30.20
CA SER B 288 23.47 47.61 30.94
C SER B 288 22.90 46.65 31.99
N ALA B 289 23.75 46.25 32.93
CA ALA B 289 23.38 45.34 34.02
C ALA B 289 22.81 46.12 35.21
N ASN B 290 23.07 47.42 35.23
CA ASN B 290 22.59 48.28 36.30
C ASN B 290 21.17 48.73 36.07
N SER B 291 20.25 48.26 36.89
CA SER B 291 18.85 48.64 36.68
C SER B 291 18.65 50.16 36.73
N LEU B 292 19.51 50.89 37.45
CA LEU B 292 19.32 52.32 37.58
C LEU B 292 19.80 53.10 36.37
N ASP B 293 20.48 52.43 35.45
CA ASP B 293 20.88 53.03 34.19
C ASP B 293 19.98 52.52 33.07
N ASN B 294 19.00 51.71 33.45
CA ASN B 294 18.11 51.06 32.52
C ASN B 294 16.71 51.65 32.54
N LEU B 295 16.23 52.00 33.72
CA LEU B 295 14.91 52.62 33.81
C LEU B 295 15.00 54.10 33.47
N LYS B 296 14.25 54.52 32.45
CA LYS B 296 14.27 55.92 32.06
C LYS B 296 12.89 56.52 32.18
N SER B 297 12.81 57.79 32.51
CA SER B 297 11.53 58.46 32.42
C SER B 297 11.27 58.79 30.97
N GLY B 298 10.01 58.67 30.54
CA GLY B 298 9.69 58.99 29.16
C GLY B 298 8.45 58.30 28.65
N VAL B 299 8.07 58.68 27.43
CA VAL B 299 6.88 58.18 26.78
C VAL B 299 7.11 57.84 25.33
N ILE B 300 6.21 57.06 24.76
CA ILE B 300 6.20 56.92 23.32
C ILE B 300 4.91 57.52 22.81
N VAL B 301 5.01 58.46 21.90
CA VAL B 301 3.81 59.08 21.37
C VAL B 301 3.64 58.81 19.89
N PHE B 302 2.42 58.46 19.53
CA PHE B 302 2.11 58.16 18.15
C PHE B 302 1.16 59.21 17.61
N LYS B 303 1.43 59.66 16.41
CA LYS B 303 0.52 60.54 15.72
C LYS B 303 -0.33 59.71 14.82
N THR B 304 -1.62 59.61 15.14
CA THR B 304 -2.53 58.86 14.30
C THR B 304 -3.21 59.84 13.41
N LEU B 305 -4.10 59.35 12.57
CA LEU B 305 -4.86 60.20 11.67
C LEU B 305 -5.81 61.16 12.38
N GLN B 306 -6.11 60.90 13.66
CA GLN B 306 -7.10 61.72 14.36
C GLN B 306 -6.57 62.32 15.67
N TYR B 307 -5.89 61.51 16.47
CA TYR B 307 -5.49 61.92 17.82
C TYR B 307 -4.08 61.47 18.15
N ASP B 308 -3.47 62.13 19.13
CA ASP B 308 -2.25 61.59 19.68
C ASP B 308 -2.57 60.43 20.60
N VAL B 309 -1.72 59.42 20.55
CA VAL B 309 -1.81 58.30 21.46
C VAL B 309 -0.52 58.18 22.26
N LEU B 310 -0.69 58.06 23.56
CA LEU B 310 0.41 58.02 24.50
C LEU B 310 0.60 56.65 25.16
N PHE B 311 1.79 56.08 25.02
CA PHE B 311 2.14 54.81 25.65
C PHE B 311 3.20 54.99 26.72
N TYR B 312 2.97 54.42 27.90
CA TYR B 312 3.91 54.54 29.00
C TYR B 312 3.72 53.47 30.06
N CYS B 313 4.71 53.31 30.93
CA CYS B 313 4.59 52.27 31.95
C CYS B 313 4.95 52.73 33.36
N SER B 314 4.55 51.91 34.34
CA SER B 314 4.83 52.15 35.76
C SER B 314 5.11 50.83 36.48
N ASN B 315 5.76 50.90 37.64
CA ASN B 315 6.05 49.66 38.35
C ASN B 315 4.83 49.10 39.05
N SER B 316 4.09 49.94 39.73
CA SER B 316 2.85 49.46 40.33
C SER B 316 1.77 49.57 39.29
N SER B 317 0.58 49.06 39.62
CA SER B 317 -0.56 49.14 38.70
C SER B 317 -1.19 50.53 38.68
N SER B 318 -0.78 51.41 39.58
CA SER B 318 -1.35 52.74 39.65
C SER B 318 -0.65 53.64 38.67
N GLY B 319 -0.97 53.46 37.38
CA GLY B 319 -0.29 54.10 36.27
C GLY B 319 -0.16 55.61 36.41
N VAL B 320 -1.12 56.20 37.10
CA VAL B 320 -1.19 57.62 37.36
C VAL B 320 -0.01 58.16 38.19
N LEU B 321 0.77 57.28 38.80
CA LEU B 321 1.87 57.70 39.63
C LEU B 321 3.23 57.80 38.94
N ASP B 322 3.35 57.40 37.67
CA ASP B 322 4.65 57.49 37.02
C ASP B 322 4.57 57.49 35.49
N THR B 323 5.71 57.67 34.84
CA THR B 323 5.73 57.63 33.39
C THR B 323 7.08 57.21 32.86
N THR B 324 7.29 55.89 32.72
CA THR B 324 8.60 55.35 32.41
C THR B 324 8.62 54.39 31.25
N ILE B 325 9.84 54.14 30.78
CA ILE B 325 10.14 53.08 29.86
C ILE B 325 11.34 52.31 30.41
N PRO B 326 11.20 51.05 30.78
CA PRO B 326 12.35 50.24 31.13
C PRO B 326 13.00 49.67 29.91
N PHE B 327 14.32 49.75 29.86
CA PHE B 327 15.09 49.09 28.83
C PHE B 327 15.88 47.96 29.45
N GLY B 328 16.08 46.86 28.76
CA GLY B 328 16.94 45.88 29.36
C GLY B 328 16.21 45.16 30.47
N PRO B 329 16.93 44.43 31.34
CA PRO B 329 16.40 43.59 32.38
C PRO B 329 15.82 44.36 33.53
N SER B 330 14.71 43.87 34.05
CA SER B 330 14.07 44.40 35.25
C SER B 330 14.35 43.50 36.45
N SER B 331 13.61 43.73 37.52
CA SER B 331 13.68 42.98 38.75
C SER B 331 12.28 42.97 39.33
N GLN B 332 11.39 43.65 38.63
CA GLN B 332 9.98 43.74 39.01
C GLN B 332 9.10 43.85 37.77
N PRO B 333 7.82 43.53 37.89
CA PRO B 333 6.87 43.73 36.82
C PRO B 333 6.68 45.20 36.52
N TYR B 334 6.43 45.50 35.26
CA TYR B 334 6.00 46.83 34.85
C TYR B 334 4.72 46.77 34.05
N TYR B 335 3.82 47.64 34.40
CA TYR B 335 2.49 47.70 33.84
C TYR B 335 2.49 48.75 32.78
N CYS B 336 1.88 48.46 31.65
CA CYS B 336 1.89 49.43 30.58
C CYS B 336 0.50 49.76 30.13
N PHE B 337 0.32 51.05 29.88
CA PHE B 337 -0.97 51.67 29.61
C PHE B 337 -0.97 52.52 28.36
N ILE B 338 -2.16 52.71 27.82
CA ILE B 338 -2.40 53.67 26.75
C ILE B 338 -3.32 54.79 27.16
N ASN B 339 -2.90 56.00 26.85
CA ASN B 339 -3.70 57.20 27.07
C ASN B 339 -4.04 57.87 25.74
N SER B 340 -5.24 58.41 25.62
CA SER B 340 -5.53 59.29 24.49
C SER B 340 -6.72 60.16 24.86
N THR B 341 -6.68 61.42 24.44
CA THR B 341 -7.69 62.34 24.94
C THR B 341 -8.53 63.02 23.89
N ILE B 342 -9.84 62.92 24.05
CA ILE B 342 -10.75 63.58 23.13
C ILE B 342 -11.57 64.67 23.82
N ASN B 343 -11.23 65.94 23.60
CA ASN B 343 -11.87 67.04 24.30
C ASN B 343 -11.92 66.81 25.80
N THR B 344 -10.75 66.56 26.39
CA THR B 344 -10.56 66.25 27.82
C THR B 344 -11.09 64.88 28.22
N THR B 345 -11.66 64.12 27.28
CA THR B 345 -12.06 62.77 27.58
C THR B 345 -10.82 61.93 27.65
N HIS B 346 -10.18 61.94 28.81
CA HIS B 346 -8.90 61.28 28.97
C HIS B 346 -9.12 59.80 29.07
N VAL B 347 -9.14 59.14 27.93
CA VAL B 347 -9.35 57.72 27.88
C VAL B 347 -8.05 57.06 28.29
N SER B 348 -8.11 56.14 29.22
CA SER B 348 -6.89 55.51 29.69
C SER B 348 -7.13 54.03 29.99
N THR B 349 -6.27 53.17 29.46
CA THR B 349 -6.41 51.75 29.70
C THR B 349 -5.13 50.99 29.91
N PHE B 350 -5.24 49.98 30.74
CA PHE B 350 -4.18 49.02 30.88
C PHE B 350 -4.10 48.22 29.61
N VAL B 351 -2.88 47.90 29.19
CA VAL B 351 -2.68 47.04 28.06
C VAL B 351 -2.04 45.73 28.46
N GLY B 352 -0.96 45.79 29.22
CA GLY B 352 -0.28 44.54 29.56
C GLY B 352 0.95 44.68 30.44
N ILE B 353 1.60 43.55 30.68
CA ILE B 353 2.81 43.48 31.48
C ILE B 353 4.00 43.26 30.56
N LEU B 354 5.08 43.96 30.83
CA LEU B 354 6.29 43.81 30.04
C LEU B 354 7.01 42.50 30.32
N PRO B 355 7.85 42.02 29.42
CA PRO B 355 8.69 40.88 29.62
C PRO B 355 9.75 41.28 30.63
N PRO B 356 10.39 40.32 31.28
CA PRO B 356 11.53 40.48 32.15
C PRO B 356 12.65 41.33 31.56
N THR B 357 12.84 41.26 30.24
CA THR B 357 13.85 42.05 29.57
C THR B 357 13.30 42.68 28.29
N VAL B 358 13.52 43.98 28.11
CA VAL B 358 13.10 44.65 26.88
C VAL B 358 14.27 44.97 25.96
N ARG B 359 14.25 44.45 24.75
CA ARG B 359 15.38 44.59 23.84
C ARG B 359 15.05 45.29 22.53
N GLU B 360 13.83 45.10 22.03
CA GLU B 360 13.48 45.71 20.76
C GLU B 360 12.05 46.19 20.70
N ILE B 361 11.87 47.39 20.17
CA ILE B 361 10.54 47.91 19.92
C ILE B 361 10.29 48.15 18.44
N VAL B 362 9.18 47.63 17.93
CA VAL B 362 8.87 47.79 16.52
C VAL B 362 7.52 48.42 16.30
N VAL B 363 7.50 49.43 15.44
CA VAL B 363 6.24 50.11 15.16
C VAL B 363 5.93 50.09 13.68
N ALA B 364 4.76 49.57 13.34
CA ALA B 364 4.30 49.54 11.95
C ALA B 364 3.46 50.74 11.60
N ARG B 365 3.50 51.15 10.34
CA ARG B 365 2.61 52.22 9.86
C ARG B 365 1.15 51.81 9.99
N THR B 366 0.93 50.52 9.95
CA THR B 366 -0.38 49.93 10.06
C THR B 366 -0.98 50.14 11.43
N GLY B 367 -0.17 50.54 12.39
CA GLY B 367 -0.64 50.76 13.73
C GLY B 367 -0.24 49.67 14.68
N GLN B 368 0.33 48.61 14.14
CA GLN B 368 0.70 47.51 15.04
C GLN B 368 1.99 47.78 15.82
N PHE B 369 1.91 47.56 17.12
CA PHE B 369 3.04 47.80 18.04
C PHE B 369 3.50 46.54 18.73
N TYR B 370 4.79 46.22 18.54
CA TYR B 370 5.38 44.99 19.06
C TYR B 370 6.54 45.24 20.02
N ILE B 371 6.67 44.39 21.03
CA ILE B 371 7.82 44.39 21.93
C ILE B 371 8.48 43.03 21.92
N ASN B 372 9.75 43.00 21.55
CA ASN B 372 10.50 41.75 21.43
C ASN B 372 9.76 40.74 20.56
N GLY B 373 9.15 41.24 19.49
CA GLY B 373 8.41 40.41 18.54
C GLY B 373 6.92 40.24 18.88
N PHE B 374 6.51 40.53 20.10
CA PHE B 374 5.15 40.23 20.49
C PHE B 374 4.20 41.40 20.37
N LYS B 375 3.10 41.20 19.67
CA LYS B 375 2.16 42.30 19.48
C LYS B 375 1.40 42.66 20.75
N TYR B 376 1.51 43.92 21.18
CA TYR B 376 0.78 44.40 22.35
C TYR B 376 -0.49 45.18 22.02
N PHE B 377 -0.48 45.99 20.98
CA PHE B 377 -1.70 46.74 20.65
C PHE B 377 -1.74 47.18 19.20
N ASP B 378 -2.89 47.70 18.77
CA ASP B 378 -3.08 48.01 17.37
C ASP B 378 -3.85 49.31 17.14
N LEU B 379 -3.14 50.36 16.76
CA LEU B 379 -3.76 51.66 16.54
C LEU B 379 -4.34 51.68 15.13
N GLY B 380 -5.29 52.54 14.86
CA GLY B 380 -5.87 52.52 13.51
C GLY B 380 -4.87 52.79 12.39
N PHE B 381 -3.94 53.71 12.62
CA PHE B 381 -2.93 54.09 11.65
C PHE B 381 -1.92 55.00 12.30
N ILE B 382 -0.64 54.88 11.98
CA ILE B 382 0.32 55.83 12.52
C ILE B 382 1.03 56.63 11.44
N GLU B 383 0.96 57.94 11.55
CA GLU B 383 1.66 58.86 10.68
C GLU B 383 3.10 59.03 11.12
N ALA B 384 3.30 59.15 12.43
CA ALA B 384 4.66 59.35 12.93
C ALA B 384 4.83 58.97 14.40
N VAL B 385 6.09 58.75 14.79
CA VAL B 385 6.39 58.32 16.16
C VAL B 385 7.46 59.17 16.86
N ASN B 386 7.23 59.50 18.13
CA ASN B 386 8.24 60.17 18.94
C ASN B 386 8.66 59.31 20.13
N PHE B 387 9.83 58.71 20.04
CA PHE B 387 10.29 57.81 21.08
C PHE B 387 10.95 58.64 22.18
N ASN B 388 10.09 59.25 22.97
CA ASN B 388 10.40 60.38 23.83
C ASN B 388 11.07 59.97 25.14
N VAL B 389 12.29 59.45 25.04
CA VAL B 389 13.00 59.02 26.24
C VAL B 389 13.72 60.25 26.74
N THR B 390 13.61 60.53 28.04
CA THR B 390 14.29 61.68 28.63
C THR B 390 15.66 61.05 28.84
N THR B 391 16.73 61.84 28.70
CA THR B 391 18.04 61.25 28.85
C THR B 391 19.07 62.28 29.23
N ALA B 392 20.32 61.89 29.11
CA ALA B 392 21.46 62.71 29.42
C ALA B 392 22.47 62.45 28.35
N SER B 393 22.21 61.40 27.61
CA SER B 393 23.16 60.89 26.66
C SER B 393 22.55 60.59 25.30
N ALA B 394 23.32 59.90 24.49
CA ALA B 394 22.90 59.39 23.21
C ALA B 394 22.65 57.90 23.36
N THR B 395 23.27 57.35 24.40
CA THR B 395 23.40 55.92 24.59
C THR B 395 22.17 55.17 25.02
N ASP B 396 21.00 55.34 24.33
CA ASP B 396 19.79 54.66 24.71
C ASP B 396 19.47 53.72 23.58
N PHE B 397 20.00 54.07 22.41
CA PHE B 397 19.75 53.27 21.21
C PHE B 397 21.03 52.87 20.50
N TRP B 398 21.03 51.68 19.96
CA TRP B 398 22.12 51.24 19.11
C TRP B 398 21.86 51.64 17.70
N THR B 399 20.62 51.48 17.26
CA THR B 399 20.28 51.85 15.90
C THR B 399 18.79 51.87 15.64
N VAL B 400 18.40 52.70 14.67
CA VAL B 400 17.05 52.62 14.14
C VAL B 400 17.08 52.08 12.73
N ALA B 401 16.31 51.04 12.48
CA ALA B 401 16.25 50.47 11.14
C ALA B 401 14.95 50.81 10.49
N PHE B 402 14.98 51.04 9.18
CA PHE B 402 13.77 51.40 8.46
C PHE B 402 13.54 50.36 7.37
N ALA B 403 12.51 49.52 7.57
CA ALA B 403 12.42 48.27 6.82
C ALA B 403 11.08 47.95 6.18
N THR B 404 11.14 47.07 5.18
CA THR B 404 9.98 46.49 4.55
C THR B 404 9.97 44.98 4.57
N PHE B 405 8.78 44.41 4.44
CA PHE B 405 8.58 42.96 4.46
C PHE B 405 9.09 42.22 3.25
N VAL B 406 9.74 41.09 3.53
CA VAL B 406 10.27 40.18 2.53
C VAL B 406 10.07 38.71 2.81
N ASP B 407 10.04 37.94 1.72
CA ASP B 407 10.01 36.49 1.76
C ASP B 407 11.43 35.94 1.90
N VAL B 408 11.70 35.41 3.09
CA VAL B 408 13.03 34.95 3.45
C VAL B 408 13.03 33.55 4.04
N LEU B 409 14.11 32.82 3.82
CA LEU B 409 14.27 31.53 4.46
C LEU B 409 15.12 31.74 5.68
N VAL B 410 14.58 31.37 6.84
CA VAL B 410 15.29 31.65 8.06
C VAL B 410 15.58 30.41 8.87
N ASN B 411 16.82 30.33 9.31
CA ASN B 411 17.25 29.35 10.31
C ASN B 411 17.13 29.96 11.68
N VAL B 412 16.17 29.45 12.45
CA VAL B 412 15.82 30.00 13.75
C VAL B 412 16.39 29.15 14.85
N SER B 413 16.99 29.76 15.85
CA SER B 413 17.46 28.97 16.98
C SER B 413 17.34 29.73 18.30
N ALA B 414 16.69 29.10 19.26
CA ALA B 414 16.28 29.78 20.49
C ALA B 414 15.56 31.07 20.18
N THR B 415 14.69 31.04 19.18
CA THR B 415 13.89 32.17 18.68
C THR B 415 14.72 33.20 17.89
N ASN B 416 16.05 33.06 17.84
CA ASN B 416 16.92 34.05 17.22
C ASN B 416 17.24 33.73 15.77
N ILE B 417 17.55 34.75 14.98
CA ILE B 417 17.99 34.49 13.61
C ILE B 417 19.44 34.04 13.56
N GLN B 418 19.69 32.91 12.92
CA GLN B 418 21.04 32.40 12.73
C GLN B 418 21.46 32.61 11.29
N ASN B 419 20.59 32.20 10.38
CA ASN B 419 20.90 32.32 8.96
C ASN B 419 19.74 32.90 8.21
N LEU B 420 19.98 34.04 7.58
CA LEU B 420 18.95 34.72 6.82
C LEU B 420 19.24 34.67 5.34
N LEU B 421 18.37 33.99 4.58
CA LEU B 421 18.50 33.91 3.14
C LEU B 421 17.36 34.62 2.42
N TYR B 422 17.66 35.65 1.66
CA TYR B 422 16.64 36.31 0.88
C TYR B 422 16.43 35.49 -0.35
N CYS B 423 15.21 35.26 -0.78
CA CYS B 423 15.00 34.51 -2.02
C CYS B 423 14.41 35.40 -3.09
N ASP B 424 15.31 36.04 -3.84
CA ASP B 424 15.03 36.86 -5.00
C ASP B 424 15.45 36.17 -6.32
N SER B 425 16.63 35.53 -6.33
CA SER B 425 17.16 34.88 -7.53
C SER B 425 16.59 33.50 -7.69
N PRO B 426 16.62 32.90 -8.88
CA PRO B 426 16.16 31.55 -9.13
C PRO B 426 16.79 30.50 -8.24
N PHE B 427 18.10 30.60 -8.02
CA PHE B 427 18.69 29.58 -7.17
C PHE B 427 18.27 29.77 -5.74
N GLU B 428 18.21 31.02 -5.28
CA GLU B 428 17.79 31.22 -3.91
C GLU B 428 16.36 30.74 -3.74
N LYS B 429 15.55 30.95 -4.77
CA LYS B 429 14.18 30.48 -4.75
C LYS B 429 14.11 28.98 -4.66
N LEU B 430 14.99 28.25 -5.33
CA LEU B 430 14.96 26.81 -5.12
C LEU B 430 15.26 26.48 -3.67
N GLN B 431 16.22 27.17 -3.06
CA GLN B 431 16.52 26.88 -1.67
C GLN B 431 15.28 27.10 -0.82
N CYS B 432 14.64 28.27 -0.94
CA CYS B 432 13.32 28.48 -0.35
C CYS B 432 12.31 27.38 -0.62
N GLU B 433 12.11 26.98 -1.87
CA GLU B 433 11.07 26.02 -2.19
C GLU B 433 11.26 24.69 -1.48
N HIS B 434 12.50 24.28 -1.31
CA HIS B 434 12.77 23.02 -0.63
C HIS B 434 13.10 23.21 0.84
N LEU B 435 13.01 24.44 1.35
CA LEU B 435 13.42 24.77 2.69
C LEU B 435 14.79 24.24 3.06
N GLN B 436 15.77 24.45 2.19
CA GLN B 436 17.06 23.82 2.45
C GLN B 436 18.23 24.72 2.10
N PHE B 437 19.14 24.90 3.06
CA PHE B 437 20.28 25.78 2.86
C PHE B 437 21.39 25.10 2.08
N GLY B 438 21.18 25.06 0.78
CA GLY B 438 22.09 24.44 -0.18
C GLY B 438 21.49 23.16 -0.69
N LEU B 439 21.72 22.86 -1.96
CA LEU B 439 21.11 21.70 -2.60
C LEU B 439 22.10 20.63 -2.90
N GLN B 440 21.62 19.52 -3.45
CA GLN B 440 22.49 18.46 -3.89
C GLN B 440 22.53 18.48 -5.39
N ASP B 441 23.71 18.52 -5.99
CA ASP B 441 23.80 18.59 -7.45
C ASP B 441 22.99 17.47 -8.10
N GLY B 442 22.27 17.79 -9.18
CA GLY B 442 21.33 16.87 -9.83
C GLY B 442 20.14 17.60 -10.46
N PHE B 443 19.00 16.91 -10.59
CA PHE B 443 17.83 17.54 -11.20
C PHE B 443 16.70 17.78 -10.21
N TYR B 444 16.06 18.93 -10.33
CA TYR B 444 14.94 19.32 -9.49
C TYR B 444 13.74 19.78 -10.28
N SER B 445 12.55 19.50 -9.79
CA SER B 445 11.36 20.07 -10.40
C SER B 445 11.19 21.49 -9.91
N ALA B 446 10.61 22.35 -10.73
CA ALA B 446 10.33 23.71 -10.28
C ALA B 446 9.04 24.26 -10.88
N ASN B 447 8.36 25.09 -10.12
CA ASN B 447 7.18 25.80 -10.60
C ASN B 447 6.94 27.04 -9.75
N PHE B 448 7.64 28.10 -10.08
CA PHE B 448 7.62 29.27 -9.21
C PHE B 448 6.36 30.07 -9.45
N LEU B 449 5.29 29.66 -8.80
CA LEU B 449 3.96 30.19 -9.07
C LEU B 449 3.92 31.70 -9.02
N ASP B 450 3.43 32.31 -10.10
CA ASP B 450 3.39 33.77 -10.22
C ASP B 450 2.21 34.35 -9.45
N ASP B 451 2.27 34.28 -8.13
CA ASP B 451 1.18 34.73 -7.28
C ASP B 451 0.81 36.18 -7.55
N ASN B 452 -0.47 36.42 -7.83
CA ASN B 452 -0.97 37.76 -8.12
C ASN B 452 -2.50 37.78 -8.11
N VAL B 453 -3.06 38.96 -8.35
CA VAL B 453 -4.49 39.13 -8.46
C VAL B 453 -4.98 38.94 -9.88
N LEU B 454 -5.96 38.07 -10.06
CA LEU B 454 -6.50 37.79 -11.38
C LEU B 454 -7.89 38.41 -11.56
N PRO B 455 -8.31 38.71 -12.79
CA PRO B 455 -9.67 39.06 -13.15
C PRO B 455 -10.52 37.82 -13.11
N GLU B 456 -11.80 37.99 -12.80
CA GLU B 456 -12.69 36.83 -12.73
C GLU B 456 -13.69 36.78 -13.87
N THR B 457 -13.80 35.61 -14.47
CA THR B 457 -14.73 35.32 -15.54
C THR B 457 -15.89 34.49 -15.03
N TYR B 458 -17.01 34.58 -15.72
CA TYR B 458 -18.22 33.94 -15.25
C TYR B 458 -19.07 33.47 -16.40
N VAL B 459 -19.23 32.18 -16.50
CA VAL B 459 -19.97 31.63 -17.61
C VAL B 459 -21.04 30.71 -17.08
N ALA B 460 -22.28 30.93 -17.50
CA ALA B 460 -23.37 30.16 -16.95
C ALA B 460 -24.44 29.94 -17.98
N LEU B 461 -25.34 29.03 -17.69
CA LEU B 461 -26.41 28.73 -18.59
C LEU B 461 -27.36 29.91 -18.63
N PRO B 462 -28.12 30.10 -19.71
CA PRO B 462 -28.97 31.25 -19.94
C PRO B 462 -29.93 31.54 -18.79
N ILE B 463 -30.06 32.82 -18.48
CA ILE B 463 -30.92 33.29 -17.39
C ILE B 463 -31.07 34.80 -17.42
N TYR B 464 -32.25 35.33 -17.14
CA TYR B 464 -32.33 36.78 -17.08
C TYR B 464 -31.71 37.30 -15.80
N TYR B 465 -30.94 38.36 -15.94
CA TYR B 465 -30.29 38.97 -14.79
C TYR B 465 -31.28 39.73 -13.91
N GLN B 466 -31.21 39.52 -12.60
CA GLN B 466 -32.13 40.21 -11.69
C GLN B 466 -31.55 40.34 -10.29
N HIS B 467 -31.21 41.56 -9.87
CA HIS B 467 -30.41 41.70 -8.67
C HIS B 467 -30.94 42.62 -7.58
N THR B 468 -30.75 42.19 -6.32
CA THR B 468 -31.07 43.02 -5.17
C THR B 468 -29.86 43.31 -4.27
N ASP B 469 -29.81 44.53 -3.74
CA ASP B 469 -28.81 44.94 -2.75
C ASP B 469 -29.26 44.78 -1.32
N ILE B 470 -28.36 44.31 -0.47
CA ILE B 470 -28.56 44.38 0.96
C ILE B 470 -27.35 45.00 1.62
N ASN B 471 -27.56 45.86 2.59
CA ASN B 471 -26.45 46.14 3.50
C ASN B 471 -26.80 45.80 4.93
N PHE B 472 -25.84 45.18 5.59
CA PHE B 472 -25.88 44.97 7.01
C PHE B 472 -25.16 46.15 7.61
N THR B 473 -25.89 46.97 8.32
CA THR B 473 -25.34 48.22 8.76
C THR B 473 -25.29 48.26 10.27
N ALA B 474 -24.31 48.98 10.77
CA ALA B 474 -24.23 49.26 12.19
C ALA B 474 -23.89 50.71 12.43
N THR B 475 -24.59 51.32 13.38
CA THR B 475 -24.32 52.68 13.81
C THR B 475 -24.08 52.65 15.31
N ALA B 476 -23.05 53.35 15.80
CA ALA B 476 -22.72 53.17 17.21
C ALA B 476 -22.45 54.46 17.97
N SER B 477 -22.73 54.41 19.28
CA SER B 477 -22.40 55.46 20.22
C SER B 477 -21.52 54.93 21.35
N PHE B 478 -20.63 55.79 21.81
CA PHE B 478 -19.66 55.46 22.86
C PHE B 478 -19.65 56.51 23.94
N GLY B 479 -19.05 56.21 25.09
CA GLY B 479 -18.92 57.20 26.15
C GLY B 479 -20.11 57.24 27.10
N GLY B 480 -20.86 56.15 27.14
CA GLY B 480 -22.04 56.07 28.02
C GLY B 480 -21.69 56.27 29.49
N SER B 481 -20.52 55.78 29.89
CA SER B 481 -19.99 55.96 31.24
C SER B 481 -18.49 55.90 31.15
N CYS B 482 -18.05 55.35 30.03
CA CYS B 482 -16.64 55.12 29.72
C CYS B 482 -16.49 54.70 28.27
N TYR B 483 -15.21 54.61 27.91
CA TYR B 483 -14.68 54.11 26.67
C TYR B 483 -13.88 52.91 27.05
N VAL B 484 -13.46 52.09 26.10
CA VAL B 484 -12.65 50.87 26.32
C VAL B 484 -13.49 49.74 26.92
N CYS B 485 -14.18 50.04 28.00
CA CYS B 485 -15.18 49.13 28.49
C CYS B 485 -16.17 48.55 27.48
N LYS B 486 -16.83 49.40 26.71
CA LYS B 486 -17.86 48.94 25.79
C LYS B 486 -18.37 50.08 24.91
N PRO B 487 -19.07 49.77 23.81
CA PRO B 487 -19.98 50.67 23.15
C PRO B 487 -21.13 50.96 24.06
N HIS B 488 -21.67 52.16 23.97
CA HIS B 488 -22.88 52.53 24.69
C HIS B 488 -24.06 51.85 24.05
N GLN B 489 -24.15 52.01 22.74
CA GLN B 489 -25.25 51.45 21.98
C GLN B 489 -24.90 51.24 20.53
N VAL B 490 -25.33 50.10 19.98
CA VAL B 490 -25.18 49.89 18.56
C VAL B 490 -26.51 49.54 17.92
N ASN B 491 -26.86 50.26 16.89
CA ASN B 491 -28.07 50.02 16.11
C ASN B 491 -27.75 49.21 14.87
N ILE B 492 -28.31 48.01 14.81
CA ILE B 492 -28.02 47.09 13.73
C ILE B 492 -29.22 46.90 12.82
N SER B 493 -29.01 46.97 11.51
CA SER B 493 -30.14 46.78 10.59
C SER B 493 -29.77 46.18 9.23
N LEU B 494 -30.76 45.54 8.60
CA LEU B 494 -30.66 45.03 7.24
C LEU B 494 -31.50 45.85 6.32
N ASN B 495 -30.89 46.76 5.58
CA ASN B 495 -31.66 47.74 4.82
C ASN B 495 -32.70 48.47 5.67
N GLY B 496 -32.41 48.69 6.95
CA GLY B 496 -33.35 49.34 7.85
C GLY B 496 -34.32 48.37 8.57
N ASN B 497 -34.37 47.11 8.14
CA ASN B 497 -35.27 46.11 8.69
C ASN B 497 -34.58 45.19 9.68
N THR B 498 -35.37 44.35 10.33
CA THR B 498 -34.81 43.26 11.12
C THR B 498 -34.72 41.98 10.31
N SER B 499 -35.32 41.98 9.12
CA SER B 499 -35.29 40.81 8.26
C SER B 499 -35.42 41.16 6.78
N VAL B 500 -34.49 40.63 6.00
CA VAL B 500 -34.44 40.85 4.54
C VAL B 500 -34.18 39.56 3.80
N CYS B 501 -34.99 39.28 2.78
CA CYS B 501 -34.77 38.08 2.02
C CYS B 501 -34.55 38.36 0.54
N VAL B 502 -33.85 37.44 -0.10
CA VAL B 502 -33.62 37.48 -1.51
C VAL B 502 -34.73 36.72 -2.21
N ARG B 503 -35.38 37.40 -3.14
CA ARG B 503 -36.46 36.84 -3.93
C ARG B 503 -36.14 37.06 -5.38
N THR B 504 -34.85 37.20 -5.62
CA THR B 504 -34.31 37.51 -6.92
C THR B 504 -33.29 36.48 -7.34
N SER B 505 -33.02 36.44 -8.62
CA SER B 505 -32.06 35.52 -9.18
C SER B 505 -30.66 35.78 -8.66
N HIS B 506 -30.32 37.05 -8.47
CA HIS B 506 -29.01 37.45 -8.02
C HIS B 506 -29.04 38.38 -6.82
N PHE B 507 -27.98 38.39 -6.04
CA PHE B 507 -27.93 39.38 -4.95
C PHE B 507 -26.51 39.71 -4.53
N SER B 508 -26.36 40.78 -3.76
CA SER B 508 -25.07 41.04 -3.13
C SER B 508 -25.21 41.78 -1.80
N ILE B 509 -24.22 41.60 -0.91
CA ILE B 509 -24.31 42.15 0.44
C ILE B 509 -23.07 42.93 0.90
N ARG B 510 -23.30 44.10 1.50
CA ARG B 510 -22.22 44.89 2.07
C ARG B 510 -22.27 44.93 3.59
N TYR B 511 -21.17 45.38 4.21
CA TYR B 511 -21.17 45.69 5.64
C TYR B 511 -20.69 47.11 5.86
N ILE B 512 -21.50 47.87 6.58
CA ILE B 512 -21.22 49.30 6.79
C ILE B 512 -21.20 49.70 8.25
N TYR B 513 -20.11 50.35 8.67
CA TYR B 513 -19.98 50.86 10.04
C TYR B 513 -19.94 52.38 10.08
N ASN B 514 -21.07 52.98 10.45
CA ASN B 514 -21.28 54.42 10.33
C ASN B 514 -20.65 55.27 11.41
N ARG B 515 -19.32 55.26 11.48
CA ARG B 515 -18.58 56.12 12.40
C ARG B 515 -18.88 57.58 12.11
N VAL B 516 -19.17 57.83 10.85
CA VAL B 516 -19.49 59.12 10.29
C VAL B 516 -20.75 59.74 10.91
N LYS B 517 -21.59 58.92 11.55
CA LYS B 517 -22.78 59.42 12.21
C LYS B 517 -22.47 60.46 13.28
N SER B 518 -21.28 60.37 13.87
CA SER B 518 -20.88 61.31 14.92
C SER B 518 -20.55 62.68 14.36
N GLY B 519 -20.24 62.75 13.06
CA GLY B 519 -19.77 63.98 12.42
C GLY B 519 -18.30 64.31 12.71
N SER B 520 -17.70 63.61 13.68
CA SER B 520 -16.38 63.95 14.18
C SER B 520 -15.77 62.70 14.78
N PRO B 521 -15.15 61.83 13.98
CA PRO B 521 -15.00 60.40 14.20
C PRO B 521 -14.05 60.01 15.33
N GLY B 522 -14.41 60.36 16.57
CA GLY B 522 -13.75 59.82 17.77
C GLY B 522 -13.94 58.31 17.78
N ASP B 523 -14.97 57.87 17.08
CA ASP B 523 -15.32 56.49 16.88
C ASP B 523 -14.27 55.77 16.04
N SER B 524 -13.31 56.51 15.46
CA SER B 524 -12.19 55.90 14.76
C SER B 524 -11.28 55.14 15.71
N SER B 525 -11.46 55.33 17.02
CA SER B 525 -10.75 54.53 17.98
C SER B 525 -11.42 53.17 18.23
N TRP B 526 -12.61 52.99 17.66
CA TRP B 526 -13.34 51.76 17.78
C TRP B 526 -13.41 51.00 16.48
N HIS B 527 -13.21 49.71 16.60
CA HIS B 527 -13.25 48.85 15.46
C HIS B 527 -14.40 47.88 15.62
N ILE B 528 -15.40 47.96 14.74
CA ILE B 528 -16.55 47.08 14.84
C ILE B 528 -16.75 46.30 13.57
N TYR B 529 -16.75 44.98 13.70
CA TYR B 529 -16.74 44.10 12.53
C TYR B 529 -17.29 42.71 12.79
N LEU B 530 -17.65 42.01 11.73
CA LEU B 530 -18.13 40.65 11.86
C LEU B 530 -17.01 39.67 12.07
N LYS B 531 -17.23 38.73 12.98
CA LYS B 531 -16.31 37.65 13.24
C LYS B 531 -16.64 36.48 12.37
N SER B 532 -15.71 35.54 12.27
CA SER B 532 -16.04 34.30 11.60
C SER B 532 -17.23 33.72 12.31
N GLY B 533 -18.18 33.22 11.54
CA GLY B 533 -19.42 32.77 12.12
C GLY B 533 -19.45 31.30 12.41
N THR B 534 -20.66 30.82 12.61
CA THR B 534 -20.97 29.45 12.92
C THR B 534 -21.56 28.79 11.68
N CYS B 535 -21.30 29.41 10.55
CA CYS B 535 -21.88 29.10 9.27
C CYS B 535 -20.86 28.50 8.33
N PRO B 536 -21.23 27.66 7.37
CA PRO B 536 -20.33 27.06 6.41
C PRO B 536 -20.03 27.99 5.24
N PHE B 537 -19.71 29.22 5.57
CA PHE B 537 -19.36 30.26 4.62
C PHE B 537 -18.91 31.50 5.34
N SER B 538 -18.08 32.29 4.69
CA SER B 538 -17.69 33.56 5.26
C SER B 538 -18.60 34.62 4.74
N PHE B 539 -19.02 35.54 5.60
CA PHE B 539 -19.94 36.58 5.19
C PHE B 539 -19.44 37.35 3.99
N SER B 540 -18.19 37.76 4.03
CA SER B 540 -17.63 38.58 2.98
C SER B 540 -17.49 37.86 1.65
N LYS B 541 -17.62 36.53 1.64
CA LYS B 541 -17.47 35.76 0.43
C LYS B 541 -18.82 35.42 -0.17
N LEU B 542 -19.90 35.89 0.44
CA LEU B 542 -21.23 35.62 -0.09
C LEU B 542 -21.48 36.38 -1.38
N ASN B 543 -20.57 37.27 -1.74
CA ASN B 543 -20.64 38.01 -2.98
C ASN B 543 -19.89 37.30 -4.09
N ASN B 544 -19.23 36.19 -3.81
CA ASN B 544 -18.64 35.43 -4.88
C ASN B 544 -19.78 34.64 -5.42
N PHE B 545 -19.57 33.85 -6.46
CA PHE B 545 -20.69 33.18 -7.08
C PHE B 545 -21.19 31.96 -6.32
N GLN B 546 -21.73 32.21 -5.14
CA GLN B 546 -22.25 31.20 -4.24
C GLN B 546 -23.68 30.93 -4.59
N LYS B 547 -24.12 29.68 -4.45
CA LYS B 547 -25.46 29.33 -4.87
C LYS B 547 -26.33 28.70 -3.81
N PHE B 548 -27.56 29.18 -3.73
CA PHE B 548 -28.57 28.72 -2.78
C PHE B 548 -29.90 28.42 -3.44
N LYS B 549 -30.74 27.67 -2.76
CA LYS B 549 -32.15 27.59 -3.08
C LYS B 549 -32.87 28.77 -2.47
N THR B 550 -32.54 29.03 -1.22
CA THR B 550 -33.16 30.10 -0.44
C THR B 550 -32.21 30.61 0.61
N ILE B 551 -32.38 31.87 1.05
CA ILE B 551 -31.48 32.38 2.09
C ILE B 551 -32.17 33.00 3.32
N CYS B 552 -32.65 34.24 3.17
CA CYS B 552 -33.13 35.08 4.28
C CYS B 552 -32.13 35.43 5.40
N PHE B 553 -32.03 36.74 5.67
CA PHE B 553 -31.17 37.29 6.72
C PHE B 553 -31.95 37.96 7.82
N SER B 554 -31.41 37.93 9.04
CA SER B 554 -32.08 38.56 10.17
C SER B 554 -31.12 39.23 11.15
N THR B 555 -31.60 40.28 11.83
CA THR B 555 -30.80 40.91 12.88
C THR B 555 -31.24 40.43 14.24
N VAL B 556 -32.23 39.55 14.26
CA VAL B 556 -32.77 39.01 15.49
C VAL B 556 -32.74 37.50 15.44
N GLU B 557 -32.72 36.89 16.60
CA GLU B 557 -32.62 35.45 16.73
C GLU B 557 -33.70 34.70 15.98
N VAL B 558 -33.26 33.74 15.16
CA VAL B 558 -34.13 32.86 14.39
C VAL B 558 -33.77 31.41 14.68
N PRO B 559 -34.72 30.56 15.05
CA PRO B 559 -34.44 29.17 15.34
C PRO B 559 -33.84 28.49 14.13
N GLY B 560 -32.78 27.73 14.37
CA GLY B 560 -32.10 26.99 13.32
C GLY B 560 -31.08 27.82 12.53
N SER B 561 -30.99 29.11 12.81
CA SER B 561 -30.12 29.98 12.02
C SER B 561 -28.72 30.14 12.58
N CYS B 562 -27.73 29.81 11.77
CA CYS B 562 -26.34 30.07 12.14
C CYS B 562 -26.11 31.56 12.11
N ASN B 563 -24.99 32.01 12.67
CA ASN B 563 -24.79 33.45 12.68
C ASN B 563 -23.35 33.91 12.64
N PHE B 564 -23.21 35.22 12.47
CA PHE B 564 -21.95 35.94 12.44
C PHE B 564 -21.92 37.01 13.52
N PRO B 565 -21.24 36.78 14.64
CA PRO B 565 -21.17 37.71 15.74
C PRO B 565 -20.56 39.01 15.29
N LEU B 566 -21.09 40.09 15.81
CA LEU B 566 -20.58 41.43 15.56
C LEU B 566 -19.82 41.85 16.80
N GLU B 567 -18.53 42.11 16.64
CA GLU B 567 -17.63 42.40 17.77
C GLU B 567 -17.07 43.80 17.73
N ALA B 568 -16.88 44.38 18.91
CA ALA B 568 -16.30 45.70 19.05
C ALA B 568 -15.06 45.69 19.90
N THR B 569 -14.12 46.54 19.52
CA THR B 569 -12.93 46.78 20.31
C THR B 569 -12.43 48.21 20.28
N TRP B 570 -11.76 48.59 21.36
CA TRP B 570 -11.00 49.84 21.40
C TRP B 570 -9.52 49.53 21.23
N HIS B 571 -9.04 49.83 20.05
CA HIS B 571 -7.68 49.49 19.60
C HIS B 571 -7.19 48.07 19.94
N TYR B 572 -8.10 47.08 19.89
CA TYR B 572 -7.77 45.67 20.01
C TYR B 572 -7.19 45.30 21.36
N THR B 573 -7.56 46.09 22.38
CA THR B 573 -7.25 45.79 23.75
C THR B 573 -8.42 45.00 24.37
N SER B 574 -9.50 45.68 24.67
CA SER B 574 -10.76 45.05 25.09
C SER B 574 -11.51 44.45 23.91
N TYR B 575 -12.31 43.41 24.16
CA TYR B 575 -13.19 42.87 23.13
C TYR B 575 -14.57 42.59 23.71
N THR B 576 -15.62 42.96 22.99
CA THR B 576 -16.96 42.63 23.41
C THR B 576 -17.90 42.36 22.26
N ILE B 577 -18.89 41.52 22.50
CA ILE B 577 -19.88 41.28 21.46
C ILE B 577 -20.97 42.32 21.50
N VAL B 578 -21.28 42.82 20.32
CA VAL B 578 -22.30 43.81 20.10
C VAL B 578 -23.64 43.18 19.73
N GLY B 579 -23.58 42.24 18.80
CA GLY B 579 -24.79 41.61 18.28
C GLY B 579 -24.43 40.51 17.31
N ALA B 580 -25.30 40.22 16.36
CA ALA B 580 -25.00 39.19 15.37
C ALA B 580 -25.88 39.31 14.16
N LEU B 581 -25.38 38.82 13.04
CA LEU B 581 -26.20 38.63 11.86
C LEU B 581 -26.60 37.19 11.74
N TYR B 582 -27.88 36.93 11.57
CA TYR B 582 -28.41 35.58 11.46
C TYR B 582 -28.74 35.27 10.02
N VAL B 583 -28.48 34.04 9.62
CA VAL B 583 -28.82 33.64 8.27
C VAL B 583 -29.37 32.24 8.22
N THR B 584 -30.37 32.04 7.38
CA THR B 584 -30.89 30.71 7.12
C THR B 584 -30.58 30.37 5.69
N TRP B 585 -30.72 29.13 5.31
CA TRP B 585 -30.56 28.82 3.90
C TRP B 585 -30.93 27.40 3.60
N SER B 586 -31.06 27.13 2.33
CA SER B 586 -31.03 25.77 1.84
C SER B 586 -30.29 25.75 0.53
N GLU B 587 -29.58 24.66 0.30
CA GLU B 587 -28.76 24.47 -0.88
C GLU B 587 -29.61 24.28 -2.12
N GLY B 588 -29.06 24.64 -3.26
CA GLY B 588 -29.74 24.53 -4.54
C GLY B 588 -29.21 25.61 -5.46
N ASN B 589 -29.88 25.85 -6.57
CA ASN B 589 -29.36 26.81 -7.53
C ASN B 589 -30.42 27.76 -8.06
N SER B 590 -31.06 28.48 -7.15
CA SER B 590 -32.05 29.47 -7.54
C SER B 590 -31.50 30.88 -7.40
N ILE B 591 -30.65 31.06 -6.39
CA ILE B 591 -30.09 32.36 -6.04
C ILE B 591 -28.57 32.36 -6.14
N THR B 592 -28.01 33.30 -6.90
CA THR B 592 -26.55 33.37 -7.03
C THR B 592 -25.97 34.69 -6.50
N GLY B 593 -24.91 34.61 -5.72
CA GLY B 593 -24.24 35.83 -5.25
C GLY B 593 -23.48 36.48 -6.40
N VAL B 594 -23.45 37.81 -6.44
CA VAL B 594 -22.72 38.51 -7.48
C VAL B 594 -21.70 39.49 -6.87
N PRO B 595 -20.46 39.56 -7.38
CA PRO B 595 -19.40 40.40 -6.87
C PRO B 595 -19.71 41.89 -6.78
N TYR B 596 -20.54 42.38 -7.67
CA TYR B 596 -20.85 43.80 -7.68
C TYR B 596 -22.21 44.00 -8.35
N PRO B 597 -22.87 45.15 -8.16
CA PRO B 597 -24.19 45.42 -8.69
C PRO B 597 -24.18 45.70 -10.17
N VAL B 598 -24.05 44.63 -10.93
CA VAL B 598 -24.17 44.66 -12.37
C VAL B 598 -25.47 45.32 -12.79
N SER B 599 -25.39 46.18 -13.80
CA SER B 599 -26.54 46.93 -14.29
C SER B 599 -26.51 47.01 -15.80
N GLY B 600 -27.65 47.36 -16.42
CA GLY B 600 -27.70 47.53 -17.89
C GLY B 600 -27.85 46.18 -18.61
N ILE B 601 -26.93 45.28 -18.31
CA ILE B 601 -26.90 43.93 -18.81
C ILE B 601 -28.18 43.16 -18.55
N ARG B 602 -28.70 42.53 -19.61
CA ARG B 602 -29.90 41.70 -19.57
C ARG B 602 -29.64 40.30 -19.04
N GLU B 603 -28.49 39.77 -19.39
CA GLU B 603 -28.05 38.41 -19.02
C GLU B 603 -26.57 38.48 -18.65
N PHE B 604 -26.24 38.10 -17.44
CA PHE B 604 -24.90 38.34 -16.92
C PHE B 604 -23.92 37.21 -17.14
N SER B 605 -22.78 37.57 -17.74
CA SER B 605 -21.64 36.71 -17.93
C SER B 605 -20.40 37.56 -18.15
N ASN B 606 -19.23 36.97 -18.04
CA ASN B 606 -17.98 37.65 -18.35
C ASN B 606 -16.94 36.69 -18.88
N LEU B 607 -16.22 37.09 -19.91
CA LEU B 607 -15.15 36.24 -20.40
C LEU B 607 -13.91 37.04 -20.80
N VAL B 608 -12.80 36.70 -20.20
CA VAL B 608 -11.50 37.34 -20.42
C VAL B 608 -10.56 36.34 -21.03
N LEU B 609 -10.00 36.89 -22.02
CA LEU B 609 -9.06 36.02 -22.70
C LEU B 609 -7.62 36.43 -22.57
N ASN B 610 -6.75 35.48 -22.84
CA ASN B 610 -5.32 35.66 -23.03
C ASN B 610 -4.40 36.02 -21.86
N ASN B 611 -4.89 36.23 -20.65
CA ASN B 611 -3.99 35.97 -19.54
C ASN B 611 -4.72 35.56 -18.30
N CYS B 612 -3.98 35.21 -17.25
CA CYS B 612 -4.55 34.41 -16.16
C CYS B 612 -5.83 35.06 -15.66
N THR B 613 -6.78 34.18 -15.35
CA THR B 613 -8.04 34.56 -14.77
C THR B 613 -8.39 33.59 -13.71
N LYS B 614 -9.31 33.99 -12.87
CA LYS B 614 -10.02 33.03 -12.09
C LYS B 614 -11.35 32.79 -12.72
N TYR B 615 -11.78 31.65 -12.84
CA TYR B 615 -13.04 31.41 -13.51
C TYR B 615 -14.01 30.56 -12.76
N ASN B 616 -15.28 30.81 -13.04
CA ASN B 616 -16.38 29.94 -12.67
C ASN B 616 -17.23 29.68 -13.91
N ILE B 617 -17.05 28.50 -14.50
CA ILE B 617 -17.65 28.15 -15.78
C ILE B 617 -18.51 26.92 -15.69
N TYR B 618 -19.81 27.09 -15.75
CA TYR B 618 -20.74 25.97 -15.58
C TYR B 618 -20.39 25.15 -14.35
N ASP B 619 -20.11 25.85 -13.25
CA ASP B 619 -19.75 25.30 -11.95
C ASP B 619 -18.38 24.62 -11.88
N TYR B 620 -17.57 24.73 -12.92
CA TYR B 620 -16.17 24.37 -12.75
C TYR B 620 -15.41 25.58 -12.31
N VAL B 621 -14.66 25.44 -11.24
CA VAL B 621 -13.96 26.58 -10.69
C VAL B 621 -12.48 26.35 -10.63
N GLY B 622 -11.72 27.32 -11.13
CA GLY B 622 -10.28 27.19 -11.15
C GLY B 622 -9.63 28.42 -11.76
N THR B 623 -8.35 28.29 -12.11
CA THR B 623 -7.62 29.39 -12.69
C THR B 623 -6.89 28.95 -13.94
N GLY B 624 -6.50 29.91 -14.76
CA GLY B 624 -5.71 29.60 -15.95
C GLY B 624 -5.94 30.60 -17.07
N ILE B 625 -5.62 30.20 -18.29
CA ILE B 625 -5.77 31.06 -19.44
C ILE B 625 -6.74 30.49 -20.43
N ILE B 626 -7.67 31.33 -20.85
CA ILE B 626 -8.65 30.92 -21.81
C ILE B 626 -8.33 31.52 -23.17
N ARG B 627 -8.36 30.69 -24.20
CA ARG B 627 -8.14 31.15 -25.56
C ARG B 627 -9.24 30.66 -26.48
N SER B 628 -9.59 31.45 -27.48
CA SER B 628 -10.61 30.98 -28.42
C SER B 628 -10.03 30.03 -29.45
N SER B 629 -10.86 29.10 -29.90
CA SER B 629 -10.56 28.25 -31.04
C SER B 629 -11.84 27.82 -31.77
N ASN B 630 -11.66 26.91 -32.73
CA ASN B 630 -12.76 26.42 -33.54
C ASN B 630 -12.48 25.03 -34.10
N GLN B 631 -13.13 24.04 -33.49
CA GLN B 631 -13.02 22.65 -33.89
C GLN B 631 -14.42 22.08 -33.99
N SER B 632 -14.60 21.04 -34.78
CA SER B 632 -15.95 20.49 -34.96
C SER B 632 -16.38 19.63 -33.78
N LEU B 633 -16.55 20.25 -32.65
CA LEU B 633 -16.84 19.52 -31.44
C LEU B 633 -18.32 19.24 -31.33
N ALA B 634 -18.76 18.25 -32.06
CA ALA B 634 -20.15 17.79 -31.95
C ALA B 634 -20.34 17.26 -30.54
N GLY B 635 -21.52 17.48 -29.97
CA GLY B 635 -21.76 17.02 -28.60
C GLY B 635 -22.04 18.19 -27.64
N GLY B 636 -21.80 17.94 -26.35
CA GLY B 636 -22.16 18.85 -25.26
C GLY B 636 -21.21 20.02 -25.15
N ILE B 637 -21.37 20.81 -24.09
CA ILE B 637 -20.66 22.06 -23.99
C ILE B 637 -19.49 22.07 -23.03
N THR B 638 -19.30 21.00 -22.28
CA THR B 638 -18.20 20.93 -21.33
C THR B 638 -17.23 19.81 -21.61
N TYR B 639 -15.96 20.14 -21.69
CA TYR B 639 -14.92 19.14 -21.92
C TYR B 639 -13.97 19.13 -20.76
N VAL B 640 -13.87 17.97 -20.11
CA VAL B 640 -13.00 17.83 -18.95
C VAL B 640 -12.04 16.69 -19.06
N SER B 641 -11.00 16.77 -18.26
CA SER B 641 -10.03 15.73 -18.07
C SER B 641 -10.62 14.66 -17.20
N ASN B 642 -9.96 13.53 -17.08
CA ASN B 642 -10.41 12.50 -16.16
C ASN B 642 -10.06 12.81 -14.72
N SER B 643 -9.50 13.99 -14.48
CA SER B 643 -9.24 14.48 -13.15
C SER B 643 -10.27 15.54 -12.79
N GLY B 644 -11.22 15.77 -13.70
CA GLY B 644 -12.30 16.72 -13.47
C GLY B 644 -11.96 18.16 -13.79
N ASN B 645 -10.91 18.42 -14.56
CA ASN B 645 -10.52 19.78 -14.84
C ASN B 645 -10.91 20.19 -16.23
N LEU B 646 -11.36 21.42 -16.40
CA LEU B 646 -11.75 21.86 -17.72
C LEU B 646 -10.62 21.85 -18.68
N LEU B 647 -10.88 21.31 -19.85
CA LEU B 647 -10.01 21.43 -20.97
C LEU B 647 -10.55 22.49 -21.89
N GLY B 648 -11.87 22.59 -21.92
CA GLY B 648 -12.49 23.60 -22.75
C GLY B 648 -13.99 23.63 -22.61
N PHE B 649 -14.59 24.56 -23.33
CA PHE B 649 -16.03 24.65 -23.34
C PHE B 649 -16.57 25.27 -24.61
N LYS B 650 -17.81 24.96 -24.93
CA LYS B 650 -18.44 25.48 -26.13
C LYS B 650 -19.50 26.48 -25.74
N ASN B 651 -19.53 27.60 -26.40
CA ASN B 651 -20.33 28.68 -25.85
C ASN B 651 -21.80 28.56 -26.35
N VAL B 652 -22.45 27.56 -25.80
CA VAL B 652 -23.90 27.31 -25.83
C VAL B 652 -24.69 27.84 -27.03
N SER B 653 -24.74 29.17 -27.15
CA SER B 653 -25.53 29.90 -28.13
C SER B 653 -24.90 29.83 -29.49
N THR B 654 -23.61 29.55 -29.50
CA THR B 654 -22.87 29.40 -30.73
C THR B 654 -21.84 28.28 -30.68
N GLY B 655 -21.10 28.13 -31.78
CA GLY B 655 -20.17 27.02 -31.98
C GLY B 655 -18.74 27.37 -31.63
N ASN B 656 -18.51 28.56 -31.11
CA ASN B 656 -17.18 28.96 -30.72
C ASN B 656 -16.75 28.10 -29.55
N ILE B 657 -15.50 27.67 -29.54
CA ILE B 657 -15.03 26.88 -28.42
C ILE B 657 -13.84 27.53 -27.79
N PHE B 658 -13.68 27.29 -26.52
CA PHE B 658 -12.59 27.88 -25.80
C PHE B 658 -11.74 26.83 -25.15
N ILE B 659 -10.45 27.07 -25.16
CA ILE B 659 -9.47 26.17 -24.61
C ILE B 659 -8.95 26.73 -23.31
N VAL B 660 -8.90 25.90 -22.28
CA VAL B 660 -8.47 26.35 -20.97
C VAL B 660 -7.14 25.69 -20.58
N THR B 661 -6.13 26.50 -20.28
CA THR B 661 -4.82 25.96 -19.93
C THR B 661 -4.31 26.51 -18.61
N PRO B 662 -3.49 25.77 -17.86
CA PRO B 662 -2.89 26.26 -16.64
C PRO B 662 -1.62 27.04 -16.91
N CYS B 663 -1.68 28.36 -16.73
CA CYS B 663 -0.50 29.17 -17.02
C CYS B 663 0.76 28.85 -16.21
N ASN B 664 0.64 28.47 -14.96
CA ASN B 664 1.85 28.12 -14.22
C ASN B 664 2.33 26.71 -14.53
N GLN B 665 3.06 26.58 -15.61
CA GLN B 665 3.63 25.31 -16.04
C GLN B 665 4.83 24.91 -15.17
N PRO B 666 5.03 23.61 -14.90
CA PRO B 666 6.21 23.04 -14.26
C PRO B 666 7.34 22.77 -15.25
N ASP B 667 8.58 22.85 -14.75
CA ASP B 667 9.77 22.57 -15.54
C ASP B 667 10.81 21.76 -14.77
N GLN B 668 11.85 21.30 -15.47
CA GLN B 668 12.95 20.58 -14.80
C GLN B 668 14.23 21.40 -14.85
N VAL B 669 14.87 21.53 -13.70
CA VAL B 669 16.07 22.34 -13.58
C VAL B 669 17.29 21.51 -13.22
N ALA B 670 18.36 21.73 -13.96
CA ALA B 670 19.63 21.07 -13.70
C ALA B 670 20.48 21.95 -12.83
N VAL B 671 20.96 21.38 -11.71
CA VAL B 671 21.78 22.06 -10.73
C VAL B 671 23.17 21.46 -10.61
N TYR B 672 24.20 22.30 -10.62
CA TYR B 672 25.58 21.84 -10.49
C TYR B 672 26.42 22.90 -9.82
N GLN B 673 27.30 22.50 -8.90
CA GLN B 673 28.16 23.40 -8.14
C GLN B 673 27.33 24.46 -7.45
N GLN B 674 26.21 24.02 -6.88
CA GLN B 674 25.26 24.94 -6.26
C GLN B 674 24.78 26.08 -7.15
N SER B 675 24.58 25.83 -8.45
CA SER B 675 24.00 26.86 -9.30
C SER B 675 23.11 26.27 -10.38
N ILE B 676 22.24 27.08 -10.97
CA ILE B 676 21.44 26.56 -12.06
C ILE B 676 22.22 26.53 -13.35
N ILE B 677 22.23 25.38 -13.96
CA ILE B 677 22.97 25.09 -15.15
C ILE B 677 22.13 25.25 -16.38
N GLY B 678 20.94 24.71 -16.30
CA GLY B 678 20.05 24.77 -17.43
C GLY B 678 18.70 24.23 -17.08
N ALA B 679 17.78 24.30 -18.01
CA ALA B 679 16.45 23.78 -17.73
C ALA B 679 15.76 23.23 -18.95
N MET B 680 14.91 22.24 -18.70
CA MET B 680 14.09 21.60 -19.70
C MET B 680 12.69 22.12 -19.57
N THR B 681 12.15 22.67 -20.64
CA THR B 681 10.83 23.28 -20.57
C THR B 681 9.91 22.93 -21.71
N ALA B 682 8.66 23.30 -21.51
CA ALA B 682 7.60 23.15 -22.49
C ALA B 682 7.35 24.44 -23.23
N VAL B 683 7.96 25.53 -22.76
CA VAL B 683 7.65 26.83 -23.30
C VAL B 683 8.83 27.45 -24.03
N ASN B 684 8.57 27.97 -25.20
CA ASN B 684 9.62 28.52 -26.05
C ASN B 684 10.05 29.91 -25.58
N GLU B 685 10.73 29.96 -24.44
CA GLU B 685 11.17 31.24 -23.86
C GLU B 685 12.45 31.13 -23.03
N SER B 686 13.13 32.26 -22.84
CA SER B 686 14.28 32.34 -21.93
C SER B 686 13.79 32.27 -20.49
N ARG B 687 14.65 31.84 -19.55
CA ARG B 687 14.15 31.60 -18.19
C ARG B 687 15.05 32.12 -17.08
N TYR B 688 15.70 31.21 -16.35
CA TYR B 688 16.33 31.56 -15.07
C TYR B 688 17.69 32.20 -15.22
N GLY B 689 17.75 33.26 -16.00
CA GLY B 689 18.99 33.91 -16.40
C GLY B 689 19.55 33.25 -17.67
N LEU B 690 19.04 32.06 -17.95
CA LEU B 690 19.41 31.22 -19.07
C LEU B 690 18.84 31.80 -20.36
N GLN B 691 19.67 31.92 -21.40
CA GLN B 691 19.30 32.63 -22.62
C GLN B 691 19.30 31.78 -23.88
N ASN B 692 20.14 30.77 -23.92
CA ASN B 692 20.39 30.04 -25.15
C ASN B 692 19.40 28.92 -25.31
N LEU B 693 18.45 29.08 -26.24
CA LEU B 693 17.36 28.10 -26.34
C LEU B 693 17.52 27.16 -27.52
N LEU B 694 17.48 25.87 -27.23
CA LEU B 694 17.48 24.83 -28.25
C LEU B 694 16.12 24.20 -28.39
N GLN B 695 15.78 23.79 -29.59
CA GLN B 695 14.60 22.95 -29.77
C GLN B 695 15.00 21.52 -29.98
N LEU B 696 14.40 20.62 -29.21
CA LEU B 696 14.69 19.21 -29.25
C LEU B 696 13.37 18.50 -29.51
N PRO B 697 13.37 17.28 -30.06
CA PRO B 697 12.19 16.61 -30.61
C PRO B 697 10.91 16.73 -29.79
N ASN B 698 11.02 16.87 -28.48
CA ASN B 698 9.84 16.94 -27.63
C ASN B 698 9.96 17.91 -26.46
N PHE B 699 10.86 18.88 -26.55
CA PHE B 699 11.03 19.88 -25.48
C PHE B 699 11.97 21.00 -25.89
N TYR B 700 12.08 22.01 -25.04
CA TYR B 700 13.11 23.01 -25.27
C TYR B 700 14.13 22.93 -24.17
N TYR B 701 15.37 23.22 -24.51
CA TYR B 701 16.41 23.27 -23.50
C TYR B 701 17.01 24.63 -23.45
N VAL B 702 17.07 25.20 -22.27
CA VAL B 702 17.58 26.54 -22.17
C VAL B 702 18.84 26.54 -21.31
N SER B 703 19.89 27.17 -21.83
CA SER B 703 21.18 27.24 -21.16
C SER B 703 21.82 28.62 -21.27
N ASN B 704 23.10 28.69 -20.96
CA ASN B 704 23.90 29.87 -21.12
C ASN B 704 25.27 29.40 -21.50
N GLY B 705 25.38 28.09 -21.68
CA GLY B 705 26.61 27.42 -22.10
C GLY B 705 26.83 27.54 -23.61
N GLY B 706 27.95 27.00 -24.07
CA GLY B 706 28.35 27.07 -25.48
C GLY B 706 28.02 25.79 -26.24
N ASN B 707 28.91 25.37 -27.12
CA ASN B 707 28.73 24.13 -27.88
C ASN B 707 30.04 23.37 -27.96
N ASN B 708 30.81 23.42 -26.89
CA ASN B 708 32.16 22.88 -26.86
C ASN B 708 32.59 22.58 -25.44
N CYS B 709 32.17 21.45 -24.88
CA CYS B 709 32.19 21.36 -23.43
C CYS B 709 32.61 19.99 -22.87
N THR B 710 33.61 19.38 -23.44
CA THR B 710 34.28 18.16 -22.93
C THR B 710 33.41 16.91 -22.63
N THR B 711 32.59 16.97 -21.56
CA THR B 711 31.92 15.80 -20.99
C THR B 711 30.65 16.12 -20.23
N ALA B 712 29.73 15.18 -20.22
CA ALA B 712 28.57 15.32 -19.37
C ALA B 712 29.03 15.24 -17.93
N VAL B 713 28.31 15.93 -17.05
CA VAL B 713 28.48 15.78 -15.62
C VAL B 713 27.18 15.24 -15.03
N MET B 714 26.06 15.51 -15.71
CA MET B 714 24.75 14.97 -15.36
C MET B 714 24.14 14.31 -16.58
N THR B 715 23.50 13.16 -16.41
CA THR B 715 22.98 12.46 -17.58
C THR B 715 21.53 11.99 -17.43
N TYR B 716 20.87 11.86 -18.57
CA TYR B 716 19.61 11.15 -18.69
C TYR B 716 19.37 10.70 -20.12
N SER B 717 18.74 9.55 -20.31
CA SER B 717 18.43 9.09 -21.65
C SER B 717 19.65 9.08 -22.52
N ASN B 718 19.54 9.68 -23.69
CA ASN B 718 20.61 9.74 -24.66
C ASN B 718 21.34 11.07 -24.68
N PHE B 719 21.27 11.83 -23.60
CA PHE B 719 22.00 13.09 -23.55
C PHE B 719 22.55 13.40 -22.19
N GLY B 720 23.56 14.27 -22.17
CA GLY B 720 24.03 14.76 -20.90
C GLY B 720 24.26 16.24 -20.89
N ILE B 721 24.27 16.78 -19.70
CA ILE B 721 24.51 18.18 -19.47
C ILE B 721 25.90 18.31 -18.93
N CYS B 722 26.70 19.11 -19.62
CA CYS B 722 28.11 19.18 -19.32
C CYS B 722 28.32 20.26 -18.29
N ALA B 723 29.55 20.47 -17.89
CA ALA B 723 29.87 21.42 -16.83
C ALA B 723 29.37 22.85 -17.12
N ASP B 724 29.39 23.31 -18.38
CA ASP B 724 28.92 24.68 -18.63
C ASP B 724 27.47 24.69 -19.06
N GLY B 725 26.78 23.56 -18.96
CA GLY B 725 25.37 23.50 -19.30
C GLY B 725 25.01 23.13 -20.72
N SER B 726 25.96 23.07 -21.63
CA SER B 726 25.60 22.66 -22.97
C SER B 726 25.32 21.15 -23.06
N LEU B 727 24.56 20.76 -24.09
CA LEU B 727 24.20 19.35 -24.23
C LEU B 727 25.16 18.55 -25.05
N ILE B 728 25.45 17.36 -24.56
CA ILE B 728 26.30 16.40 -25.21
C ILE B 728 25.52 15.11 -25.50
N PRO B 729 25.55 14.62 -26.74
CA PRO B 729 24.93 13.35 -27.06
C PRO B 729 25.64 12.19 -26.42
N VAL B 730 24.88 11.20 -25.99
CA VAL B 730 25.46 9.97 -25.46
C VAL B 730 25.74 8.95 -26.54
N ARG B 731 26.87 8.28 -26.44
CA ARG B 731 27.22 7.25 -27.39
C ARG B 731 27.47 5.93 -26.65
N PRO B 732 27.02 4.80 -27.21
CA PRO B 732 27.09 3.50 -26.57
C PRO B 732 28.53 3.04 -26.46
N ARG B 733 28.83 2.31 -25.41
CA ARG B 733 30.18 1.85 -25.21
C ARG B 733 30.69 1.08 -26.40
N ASN B 734 31.88 1.44 -26.86
CA ASN B 734 32.52 0.73 -27.96
C ASN B 734 33.06 -0.60 -27.48
N SER B 735 32.71 -1.67 -28.18
CA SER B 735 33.28 -2.98 -27.90
C SER B 735 33.06 -3.90 -29.08
N SER B 736 33.99 -4.82 -29.29
CA SER B 736 33.88 -5.74 -30.40
C SER B 736 34.78 -6.95 -30.24
N ASP B 737 34.51 -7.98 -31.02
CA ASP B 737 35.36 -9.15 -31.12
C ASP B 737 35.03 -9.89 -32.42
N ASN B 738 35.77 -10.96 -32.67
CA ASN B 738 35.56 -11.79 -33.86
C ASN B 738 34.57 -12.90 -33.53
N GLY B 739 34.23 -13.69 -34.52
CA GLY B 739 33.32 -14.82 -34.34
C GLY B 739 34.09 -16.07 -34.02
N ILE B 740 33.47 -17.22 -34.25
CA ILE B 740 34.08 -18.50 -33.99
C ILE B 740 34.58 -19.11 -35.28
N SER B 741 35.85 -19.47 -35.32
CA SER B 741 36.39 -20.01 -36.54
C SER B 741 35.75 -21.34 -36.88
N ALA B 742 35.60 -21.62 -38.16
CA ALA B 742 34.93 -22.81 -38.64
C ALA B 742 35.90 -23.80 -39.23
N ILE B 743 35.41 -24.97 -39.59
CA ILE B 743 36.26 -25.91 -40.28
C ILE B 743 36.39 -25.56 -41.73
N ILE B 744 37.25 -24.60 -41.98
CA ILE B 744 37.48 -24.08 -43.32
C ILE B 744 38.93 -23.75 -43.53
N THR B 745 39.42 -24.04 -44.74
CA THR B 745 40.78 -23.72 -45.11
C THR B 745 40.87 -22.19 -45.20
N ALA B 746 41.75 -21.59 -44.39
CA ALA B 746 41.61 -20.16 -44.10
C ALA B 746 42.79 -19.59 -43.33
N ASN B 747 42.85 -18.27 -43.26
CA ASN B 747 43.78 -17.61 -42.34
C ASN B 747 43.09 -17.23 -41.04
N LEU B 748 43.41 -17.96 -39.98
CA LEU B 748 42.74 -17.77 -38.71
C LEU B 748 43.57 -16.93 -37.77
N SER B 749 42.92 -16.31 -36.80
CA SER B 749 43.62 -15.55 -35.76
C SER B 749 43.48 -16.27 -34.42
N ILE B 750 44.56 -16.84 -33.91
CA ILE B 750 44.48 -17.63 -32.68
C ILE B 750 45.35 -17.05 -31.57
N PRO B 751 44.76 -16.62 -30.43
CA PRO B 751 45.44 -16.01 -29.29
C PRO B 751 46.59 -16.82 -28.79
N SER B 752 47.70 -16.13 -28.59
CA SER B 752 48.93 -16.71 -28.11
C SER B 752 49.25 -16.19 -26.75
N ASN B 753 49.33 -14.87 -26.67
CA ASN B 753 49.64 -14.22 -25.42
C ASN B 753 48.38 -13.77 -24.70
N TRP B 754 48.36 -14.06 -23.42
CA TRP B 754 47.24 -13.76 -22.55
C TRP B 754 47.65 -12.93 -21.37
N THR B 755 46.72 -12.13 -20.90
CA THR B 755 46.87 -11.43 -19.64
C THR B 755 45.66 -11.72 -18.80
N THR B 756 45.56 -11.06 -17.66
CA THR B 756 44.44 -11.32 -16.79
C THR B 756 43.93 -10.07 -16.15
N SER B 757 42.66 -10.11 -15.83
CA SER B 757 42.00 -9.02 -15.18
C SER B 757 41.05 -9.54 -14.15
N VAL B 758 40.72 -8.71 -13.19
CA VAL B 758 39.80 -9.11 -12.15
C VAL B 758 38.57 -8.25 -12.17
N GLN B 759 37.42 -8.89 -12.30
CA GLN B 759 36.17 -8.18 -12.44
C GLN B 759 35.35 -8.27 -11.17
N VAL B 760 34.74 -7.17 -10.80
CA VAL B 760 34.11 -7.06 -9.50
C VAL B 760 32.59 -7.06 -9.56
N GLU B 761 31.97 -7.96 -8.81
CA GLU B 761 30.51 -8.05 -8.77
C GLU B 761 29.95 -8.11 -7.36
N TYR B 762 28.93 -7.31 -7.07
CA TYR B 762 28.29 -7.36 -5.75
C TYR B 762 26.88 -7.90 -5.78
N LEU B 763 26.60 -8.87 -4.89
CA LEU B 763 25.27 -9.43 -4.71
C LEU B 763 24.78 -9.33 -3.27
N GLN B 764 23.56 -8.86 -3.11
CA GLN B 764 22.97 -8.78 -1.77
C GLN B 764 22.51 -10.15 -1.34
N ILE B 765 22.74 -10.53 -0.08
CA ILE B 765 22.23 -11.84 0.36
C ILE B 765 21.30 -11.71 1.55
N THR B 766 21.36 -10.60 2.25
CA THR B 766 20.53 -10.40 3.43
C THR B 766 20.08 -8.96 3.55
N SER B 767 19.44 -8.66 4.67
CA SER B 767 19.06 -7.32 5.09
C SER B 767 18.73 -7.40 6.56
N THR B 768 18.70 -6.27 7.25
CA THR B 768 18.45 -6.30 8.68
C THR B 768 16.97 -6.56 8.99
N PRO B 769 16.63 -7.47 9.93
CA PRO B 769 15.30 -7.66 10.45
C PRO B 769 14.84 -6.48 11.27
N ILE B 770 13.58 -6.12 11.14
CA ILE B 770 12.98 -5.07 11.94
C ILE B 770 11.76 -5.60 12.64
N VAL B 771 11.65 -5.31 13.92
CA VAL B 771 10.46 -5.67 14.67
C VAL B 771 9.89 -4.42 15.34
N VAL B 772 8.60 -4.19 15.14
CA VAL B 772 8.01 -2.99 15.69
C VAL B 772 6.91 -3.36 16.65
N ASP B 773 6.93 -2.75 17.82
CA ASP B 773 5.91 -3.04 18.82
C ASP B 773 4.53 -2.53 18.41
N CYS B 774 3.52 -3.42 18.48
CA CYS B 774 2.14 -3.09 18.16
C CYS B 774 1.68 -1.82 18.88
N ALA B 775 2.09 -1.63 20.13
CA ALA B 775 1.45 -0.59 20.92
C ALA B 775 2.33 0.62 21.05
N THR B 776 3.60 0.40 21.31
CA THR B 776 4.50 1.49 21.56
C THR B 776 4.60 2.42 20.36
N TYR B 777 4.47 1.87 19.15
CA TYR B 777 4.52 2.72 17.97
C TYR B 777 3.22 3.42 17.67
N VAL B 778 2.20 3.21 18.48
CA VAL B 778 0.92 3.81 18.24
C VAL B 778 0.61 4.82 19.34
N CYS B 779 0.75 4.36 20.58
CA CYS B 779 0.63 5.19 21.77
C CYS B 779 1.77 4.83 22.70
N ASN B 780 2.78 5.70 22.67
CA ASN B 780 4.08 5.45 23.26
C ASN B 780 4.09 5.44 24.77
N GLY B 781 3.49 4.40 25.33
CA GLY B 781 3.45 4.19 26.77
C GLY B 781 2.23 4.80 27.40
N ASN B 782 1.19 5.01 26.59
CA ASN B 782 0.02 5.63 27.18
C ASN B 782 -1.03 4.60 27.63
N PRO B 783 -1.40 4.55 28.93
CA PRO B 783 -2.32 3.59 29.51
C PRO B 783 -3.76 3.73 28.99
N ARG B 784 -4.07 4.84 28.32
CA ARG B 784 -5.41 5.03 27.79
C ARG B 784 -5.58 4.20 26.53
N CYS B 785 -4.72 4.42 25.56
CA CYS B 785 -4.59 3.48 24.47
C CYS B 785 -4.48 2.03 24.81
N LYS B 786 -3.84 1.68 25.90
CA LYS B 786 -3.84 0.27 26.21
C LYS B 786 -5.25 -0.32 26.26
N ASN B 787 -6.23 0.51 26.60
CA ASN B 787 -7.59 0.07 26.59
C ASN B 787 -8.20 0.22 25.21
N LEU B 788 -7.96 1.35 24.57
CA LEU B 788 -8.59 1.62 23.28
C LEU B 788 -8.16 0.60 22.23
N LEU B 789 -6.89 0.24 22.27
CA LEU B 789 -6.34 -0.70 21.32
C LEU B 789 -6.87 -2.11 21.46
N LYS B 790 -7.60 -2.42 22.53
CA LYS B 790 -8.11 -3.77 22.66
C LYS B 790 -8.96 -4.13 21.46
N GLN B 791 -9.69 -3.17 20.90
CA GLN B 791 -10.61 -3.47 19.82
C GLN B 791 -9.91 -3.78 18.51
N TYR B 792 -8.61 -3.53 18.45
CA TYR B 792 -7.86 -3.78 17.25
C TYR B 792 -6.92 -4.97 17.41
N THR B 793 -7.08 -5.76 18.46
CA THR B 793 -6.13 -6.83 18.70
C THR B 793 -5.87 -7.70 17.46
N SER B 794 -6.95 -8.05 16.77
CA SER B 794 -6.89 -8.91 15.58
C SER B 794 -6.26 -8.25 14.36
N ALA B 795 -6.00 -6.96 14.44
CA ALA B 795 -5.40 -6.19 13.36
C ALA B 795 -4.03 -5.62 13.65
N CYS B 796 -3.67 -5.68 14.90
CA CYS B 796 -2.50 -5.03 15.41
C CYS B 796 -1.48 -6.11 15.68
N LYS B 797 -1.93 -7.21 16.27
CA LYS B 797 -1.10 -8.38 16.47
C LYS B 797 -0.51 -8.88 15.15
N THR B 798 -1.30 -8.84 14.10
CA THR B 798 -0.89 -9.29 12.79
C THR B 798 0.36 -8.59 12.25
N ILE B 799 0.63 -7.38 12.74
CA ILE B 799 1.80 -6.66 12.32
C ILE B 799 3.02 -7.36 12.85
N GLU B 800 2.94 -7.78 14.10
CA GLU B 800 4.06 -8.39 14.76
C GLU B 800 4.27 -9.77 14.19
N ASP B 801 3.17 -10.46 13.94
CA ASP B 801 3.25 -11.79 13.36
C ASP B 801 4.01 -11.77 12.05
N ALA B 802 3.67 -10.82 11.18
CA ALA B 802 4.35 -10.73 9.90
C ALA B 802 5.84 -10.46 10.06
N LEU B 803 6.19 -9.50 10.90
CA LEU B 803 7.57 -9.13 11.04
C LEU B 803 8.41 -10.23 11.67
N ARG B 804 7.88 -10.86 12.71
CA ARG B 804 8.60 -11.92 13.40
C ARG B 804 8.81 -13.11 12.51
N LEU B 805 7.78 -13.49 11.77
CA LEU B 805 7.92 -14.60 10.87
C LEU B 805 8.98 -14.34 9.84
N SER B 806 8.94 -13.17 9.25
CA SER B 806 9.89 -12.89 8.22
C SER B 806 11.32 -12.99 8.75
N ALA B 807 11.56 -12.44 9.94
CA ALA B 807 12.89 -12.52 10.53
C ALA B 807 13.32 -13.97 10.70
N HIS B 808 12.40 -14.80 11.15
CA HIS B 808 12.67 -16.20 11.37
C HIS B 808 13.10 -16.88 10.08
N LEU B 809 12.33 -16.67 9.02
CA LEU B 809 12.57 -17.34 7.77
C LEU B 809 13.92 -16.96 7.18
N GLU B 810 14.22 -15.66 7.25
CA GLU B 810 15.47 -15.16 6.72
C GLU B 810 16.67 -15.68 7.47
N THR B 811 16.55 -15.76 8.79
CA THR B 811 17.62 -16.26 9.63
C THR B 811 17.93 -17.69 9.26
N ASN B 812 16.91 -18.50 9.11
CA ASN B 812 17.12 -19.89 8.76
C ASN B 812 17.79 -20.03 7.41
N ASP B 813 17.32 -19.27 6.43
CA ASP B 813 17.88 -19.37 5.10
C ASP B 813 19.35 -19.01 5.07
N VAL B 814 19.72 -17.87 5.62
CA VAL B 814 21.12 -17.50 5.60
C VAL B 814 21.96 -18.51 6.35
N SER B 815 21.48 -18.98 7.49
CA SER B 815 22.20 -19.96 8.26
C SER B 815 22.48 -21.22 7.45
N SER B 816 21.56 -21.60 6.57
CA SER B 816 21.75 -22.79 5.75
C SER B 816 22.85 -22.65 4.70
N MET B 817 23.29 -21.42 4.41
CA MET B 817 24.38 -21.23 3.46
C MET B 817 25.72 -21.26 4.16
N LEU B 818 25.80 -20.59 5.30
CA LEU B 818 27.09 -20.32 5.88
C LEU B 818 27.70 -21.51 6.63
N THR B 819 28.16 -22.48 5.85
CA THR B 819 28.80 -23.71 6.31
C THR B 819 30.30 -23.53 6.54
N PHE B 820 30.95 -24.52 7.18
CA PHE B 820 32.37 -24.40 7.48
C PHE B 820 33.22 -25.67 7.39
N ASP B 821 34.41 -25.52 6.77
CA ASP B 821 35.46 -26.54 6.68
C ASP B 821 36.78 -26.12 7.29
N SER B 822 37.16 -26.71 8.41
CA SER B 822 38.41 -26.35 9.06
C SER B 822 39.68 -26.66 8.27
N ASN B 823 39.64 -27.63 7.35
CA ASN B 823 40.87 -27.95 6.61
C ASN B 823 41.18 -26.84 5.64
N ALA B 824 40.22 -26.54 4.79
CA ALA B 824 40.39 -25.47 3.84
C ALA B 824 40.63 -24.17 4.57
N PHE B 825 39.96 -23.93 5.68
CA PHE B 825 40.21 -22.68 6.37
C PHE B 825 41.71 -22.56 6.68
N SER B 826 42.29 -23.61 7.26
CA SER B 826 43.71 -23.56 7.57
C SER B 826 44.58 -23.37 6.32
N LEU B 827 44.21 -24.04 5.25
CA LEU B 827 44.99 -24.00 4.01
C LEU B 827 44.85 -22.71 3.24
N ALA B 828 43.97 -21.81 3.70
CA ALA B 828 43.78 -20.51 3.07
C ALA B 828 44.97 -19.60 3.33
N ASN B 829 45.91 -20.07 4.13
CA ASN B 829 47.14 -19.33 4.37
C ASN B 829 47.72 -18.74 3.12
N VAL B 830 48.21 -17.52 3.21
CA VAL B 830 48.81 -16.82 2.09
C VAL B 830 49.98 -17.55 1.46
N THR B 831 50.66 -18.37 2.25
CA THR B 831 51.81 -19.10 1.75
C THR B 831 51.43 -20.20 0.77
N SER B 832 50.14 -20.51 0.65
CA SER B 832 49.67 -21.47 -0.33
C SER B 832 49.58 -20.82 -1.72
N PHE B 833 49.55 -19.48 -1.75
CA PHE B 833 49.27 -18.70 -2.95
C PHE B 833 50.53 -18.04 -3.50
N GLY B 834 51.45 -17.71 -2.61
CA GLY B 834 52.80 -17.32 -3.02
C GLY B 834 52.85 -16.15 -3.98
N ASP B 835 53.33 -16.42 -5.19
CA ASP B 835 53.54 -15.43 -6.25
C ASP B 835 52.31 -14.61 -6.60
N TYR B 836 51.13 -15.15 -6.34
CA TYR B 836 49.92 -14.45 -6.69
C TYR B 836 49.40 -13.56 -5.59
N ASN B 837 50.01 -13.61 -4.42
CA ASN B 837 49.47 -12.86 -3.30
C ASN B 837 48.06 -13.31 -2.99
N LEU B 838 47.47 -12.73 -1.96
CA LEU B 838 46.09 -12.94 -1.61
C LEU B 838 45.86 -12.19 -0.31
N SER B 839 46.88 -11.46 0.12
CA SER B 839 46.90 -10.93 1.48
C SER B 839 45.79 -9.94 1.81
N SER B 840 45.27 -9.22 0.82
CA SER B 840 44.20 -8.26 1.06
C SER B 840 42.83 -8.91 1.03
N VAL B 841 42.80 -10.19 0.67
CA VAL B 841 41.61 -11.00 0.55
C VAL B 841 41.43 -11.95 1.72
N LEU B 842 42.52 -12.49 2.20
CA LEU B 842 42.48 -13.42 3.30
C LEU B 842 42.02 -12.79 4.60
N PRO B 843 41.16 -13.47 5.37
CA PRO B 843 40.80 -13.04 6.69
C PRO B 843 42.05 -13.02 7.52
N GLN B 844 42.09 -12.04 8.39
CA GLN B 844 43.03 -11.99 9.48
C GLN B 844 42.94 -13.28 10.25
N ARG B 845 44.06 -13.98 10.32
CA ARG B 845 44.13 -15.31 10.93
C ARG B 845 43.74 -15.28 12.39
N ASN B 846 44.16 -14.25 13.09
CA ASN B 846 43.76 -14.05 14.47
C ASN B 846 44.01 -12.60 14.86
N ILE B 847 43.24 -12.19 15.84
CA ILE B 847 43.25 -10.88 16.44
C ILE B 847 43.56 -11.03 17.93
N ARG B 848 44.35 -12.07 18.23
CA ARG B 848 44.76 -12.43 19.57
C ARG B 848 43.58 -12.54 20.53
N SER B 849 42.48 -13.10 20.04
CA SER B 849 41.26 -13.13 20.83
C SER B 849 40.53 -14.44 20.64
N SER B 850 39.52 -14.69 21.47
CA SER B 850 38.73 -15.91 21.34
C SER B 850 37.71 -15.81 20.21
N ARG B 851 38.23 -15.76 19.00
CA ARG B 851 37.46 -15.62 17.76
C ARG B 851 38.20 -16.30 16.63
N ILE B 852 37.51 -17.09 15.82
CA ILE B 852 38.16 -17.83 14.75
C ILE B 852 38.77 -16.95 13.67
N ALA B 853 38.17 -15.80 13.40
CA ALA B 853 38.66 -15.01 12.28
C ALA B 853 38.23 -13.56 12.32
N GLY B 854 38.96 -12.72 11.57
CA GLY B 854 38.49 -11.36 11.34
C GLY B 854 38.37 -11.01 9.85
N ARG B 855 37.86 -9.82 9.57
CA ARG B 855 37.76 -9.27 8.23
C ARG B 855 39.10 -8.98 7.55
N SER B 856 39.15 -9.28 6.25
CA SER B 856 40.29 -9.04 5.38
C SER B 856 40.48 -7.55 5.24
N ALA B 857 41.60 -7.13 4.67
CA ALA B 857 41.82 -5.71 4.45
C ALA B 857 40.77 -5.12 3.55
N LEU B 858 40.45 -5.81 2.46
CA LEU B 858 39.41 -5.33 1.58
C LEU B 858 38.09 -5.19 2.31
N GLU B 859 37.73 -6.16 3.14
CA GLU B 859 36.47 -6.03 3.83
C GLU B 859 36.44 -4.83 4.76
N ASP B 860 37.51 -4.60 5.50
CA ASP B 860 37.53 -3.41 6.35
C ASP B 860 37.33 -2.15 5.54
N LEU B 861 37.97 -2.08 4.39
CA LEU B 861 37.79 -0.98 3.48
C LEU B 861 36.36 -0.81 3.00
N LEU B 862 35.73 -1.88 2.54
CA LEU B 862 34.39 -1.76 1.99
C LEU B 862 33.41 -1.27 3.03
N PHE B 863 33.50 -1.85 4.21
CA PHE B 863 32.57 -1.51 5.26
C PHE B 863 32.78 -0.10 5.77
N SER B 864 34.04 0.25 6.01
CA SER B 864 34.36 1.57 6.55
C SER B 864 33.99 2.70 5.62
N LYS B 865 34.24 2.51 4.33
CA LYS B 865 34.01 3.55 3.35
C LYS B 865 32.54 3.86 3.18
N VAL B 866 31.72 2.82 3.04
CA VAL B 866 30.30 3.04 2.83
C VAL B 866 29.58 3.54 4.08
N VAL B 867 29.90 2.97 5.23
CA VAL B 867 29.30 3.40 6.46
C VAL B 867 29.35 4.92 6.58
N ASP B 875 25.14 -2.99 14.15
CA ASP B 875 24.00 -3.27 15.03
C ASP B 875 23.98 -2.30 16.20
N VAL B 876 22.79 -1.81 16.51
CA VAL B 876 22.61 -0.85 17.60
C VAL B 876 22.99 -1.43 18.96
N ASP B 877 23.62 -0.59 19.79
CA ASP B 877 23.90 -0.98 21.17
C ASP B 877 22.83 -0.48 22.10
N TYR B 878 21.86 -1.32 22.42
CA TYR B 878 20.68 -0.84 23.10
C TYR B 878 20.94 -0.61 24.57
N LYS B 879 22.13 -0.99 25.05
CA LYS B 879 22.40 -0.85 26.48
C LYS B 879 22.57 0.61 26.82
N SER B 880 22.87 1.43 25.82
CA SER B 880 23.13 2.82 26.08
C SER B 880 21.85 3.64 26.20
N CYS B 881 20.73 3.07 25.78
CA CYS B 881 19.52 3.87 25.56
C CYS B 881 18.70 4.00 26.84
N THR B 882 19.31 3.65 27.95
CA THR B 882 18.65 3.69 29.23
C THR B 882 19.41 4.57 30.20
N LYS B 883 20.55 5.10 29.78
CA LYS B 883 21.41 5.80 30.72
C LYS B 883 21.13 7.29 30.82
N GLY B 884 20.38 7.82 29.89
CA GLY B 884 20.26 9.28 29.81
C GLY B 884 21.64 9.85 29.46
N LEU B 885 22.12 10.82 30.23
CA LEU B 885 23.46 11.44 30.08
C LEU B 885 23.70 12.27 28.81
N SER B 886 23.42 11.70 27.65
CA SER B 886 23.63 12.39 26.40
C SER B 886 22.35 12.63 25.68
N ILE B 887 22.33 13.65 24.83
CA ILE B 887 21.21 13.69 23.89
C ILE B 887 21.28 12.38 23.11
N ALA B 888 20.15 11.73 22.93
CA ALA B 888 20.08 10.43 22.30
C ALA B 888 20.55 10.47 20.87
N ASP B 889 21.17 9.38 20.42
CA ASP B 889 21.50 9.21 19.03
C ASP B 889 20.27 8.72 18.31
N LEU B 890 20.34 8.63 17.00
CA LEU B 890 19.20 8.23 16.21
C LEU B 890 18.70 6.86 16.54
N ALA B 891 19.60 5.92 16.75
CA ALA B 891 19.13 4.58 17.03
C ALA B 891 18.22 4.56 18.23
N CYS B 892 18.73 4.97 19.38
CA CYS B 892 17.87 5.04 20.54
C CYS B 892 16.61 5.83 20.27
N ALA B 893 16.70 6.94 19.56
CA ALA B 893 15.51 7.71 19.27
C ALA B 893 14.45 6.87 18.54
N GLN B 894 14.87 5.94 17.67
CA GLN B 894 13.91 5.05 17.04
C GLN B 894 13.43 3.97 18.01
N TYR B 895 14.34 3.53 18.87
CA TYR B 895 14.02 2.52 19.88
C TYR B 895 12.92 3.02 20.78
N TYR B 896 12.96 4.29 21.10
CA TYR B 896 11.97 4.92 21.94
C TYR B 896 10.57 4.94 21.34
N ASN B 897 10.47 4.70 20.04
CA ASN B 897 9.18 4.64 19.37
C ASN B 897 8.75 3.22 19.13
N GLY B 898 9.45 2.27 19.72
CA GLY B 898 9.06 0.88 19.59
C GLY B 898 9.65 0.23 18.37
N ILE B 899 10.58 0.90 17.71
CA ILE B 899 11.15 0.34 16.51
C ILE B 899 12.50 -0.26 16.80
N MET B 900 12.56 -1.57 16.78
CA MET B 900 13.77 -2.26 17.14
C MET B 900 14.47 -2.79 15.93
N VAL B 901 15.76 -2.55 15.87
CA VAL B 901 16.56 -3.06 14.78
C VAL B 901 17.35 -4.21 15.33
N LEU B 902 17.17 -5.37 14.77
CA LEU B 902 17.68 -6.54 15.44
C LEU B 902 19.14 -6.81 15.06
N PRO B 903 19.81 -7.70 15.78
CA PRO B 903 21.12 -8.19 15.44
C PRO B 903 21.06 -8.88 14.12
N GLY B 904 22.19 -8.97 13.44
CA GLY B 904 22.22 -9.60 12.14
C GLY B 904 22.37 -11.11 12.25
N VAL B 905 22.45 -11.75 11.10
CA VAL B 905 22.61 -13.18 11.01
C VAL B 905 23.99 -13.50 10.46
N ALA B 906 24.34 -12.88 9.35
CA ALA B 906 25.63 -13.09 8.74
C ALA B 906 26.70 -12.29 9.48
N ASP B 907 27.05 -12.73 10.69
CA ASP B 907 28.01 -11.99 11.50
C ASP B 907 29.41 -12.20 10.96
N ALA B 908 30.36 -11.41 11.43
CA ALA B 908 31.70 -11.42 10.85
C ALA B 908 32.41 -12.76 10.95
N GLU B 909 32.22 -13.47 12.06
CA GLU B 909 32.95 -14.71 12.21
C GLU B 909 32.41 -15.74 11.24
N ARG B 910 31.10 -15.82 11.11
CA ARG B 910 30.51 -16.74 10.15
C ARG B 910 30.95 -16.43 8.74
N MET B 911 30.97 -15.16 8.40
CA MET B 911 31.33 -14.83 7.03
C MET B 911 32.78 -15.19 6.76
N ALA B 912 33.65 -14.94 7.72
CA ALA B 912 35.05 -15.31 7.55
C ALA B 912 35.24 -16.80 7.47
N MET B 913 34.54 -17.55 8.30
CA MET B 913 34.67 -18.99 8.24
C MET B 913 34.22 -19.53 6.90
N TYR B 914 33.10 -19.04 6.43
CA TYR B 914 32.58 -19.44 5.15
C TYR B 914 33.57 -19.07 4.05
N THR B 915 34.02 -17.83 4.07
CA THR B 915 34.91 -17.34 3.04
C THR B 915 36.23 -18.09 3.03
N GLY B 916 36.83 -18.27 4.19
CA GLY B 916 38.10 -18.96 4.29
C GLY B 916 37.99 -20.37 3.75
N SER B 917 36.86 -21.02 4.02
CA SER B 917 36.66 -22.36 3.50
C SER B 917 36.68 -22.33 1.97
N LEU B 918 36.01 -21.34 1.39
CA LEU B 918 35.99 -21.25 -0.07
C LEU B 918 37.39 -21.03 -0.62
N ILE B 919 38.16 -20.19 0.02
CA ILE B 919 39.51 -19.90 -0.46
C ILE B 919 40.45 -21.07 -0.36
N GLY B 920 40.43 -21.79 0.75
CA GLY B 920 41.31 -22.94 0.90
C GLY B 920 41.06 -23.98 -0.18
N GLY B 921 39.81 -24.09 -0.63
CA GLY B 921 39.49 -24.99 -1.73
C GLY B 921 40.30 -24.74 -3.01
N MET B 922 40.85 -23.53 -3.16
CA MET B 922 41.66 -23.20 -4.33
C MET B 922 43.00 -23.92 -4.36
N VAL B 923 43.49 -24.33 -3.19
CA VAL B 923 44.79 -24.96 -3.08
C VAL B 923 44.72 -26.37 -2.53
N LEU B 924 43.61 -26.72 -1.91
CA LEU B 924 43.46 -28.08 -1.43
C LEU B 924 43.15 -29.02 -2.57
N GLY B 925 44.14 -29.27 -3.42
CA GLY B 925 43.94 -30.05 -4.64
C GLY B 925 43.65 -31.49 -4.28
N GLY B 926 43.17 -32.26 -5.25
CA GLY B 926 42.64 -33.61 -4.95
C GLY B 926 43.68 -34.69 -4.63
N LEU B 927 44.36 -34.52 -3.50
CA LEU B 927 45.38 -35.43 -3.00
C LEU B 927 44.91 -36.26 -1.83
N THR B 928 45.69 -37.29 -1.50
CA THR B 928 45.47 -38.01 -0.25
C THR B 928 45.64 -37.12 0.96
N SER B 929 45.19 -37.63 2.11
CA SER B 929 45.14 -36.85 3.34
C SER B 929 44.41 -35.55 3.06
N ALA B 930 44.97 -34.47 3.55
CA ALA B 930 44.48 -33.14 3.24
C ALA B 930 45.64 -32.36 2.68
N ALA B 931 46.49 -33.07 1.95
CA ALA B 931 47.65 -32.46 1.38
C ALA B 931 47.22 -31.40 0.38
N ALA B 932 47.95 -30.31 0.33
CA ALA B 932 47.61 -29.26 -0.61
C ALA B 932 48.60 -29.25 -1.75
N ILE B 933 48.29 -28.49 -2.77
CA ILE B 933 49.16 -28.31 -3.90
C ILE B 933 49.51 -26.85 -3.97
N PRO B 934 50.53 -26.48 -4.73
CA PRO B 934 50.83 -25.11 -5.01
C PRO B 934 49.70 -24.49 -5.77
N PHE B 935 49.36 -23.25 -5.45
CA PHE B 935 48.37 -22.54 -6.25
C PHE B 935 48.76 -22.49 -7.72
N SER B 936 50.05 -22.49 -8.02
CA SER B 936 50.48 -22.51 -9.41
C SER B 936 49.94 -23.72 -10.14
N LEU B 937 49.92 -24.87 -9.46
CA LEU B 937 49.45 -26.10 -10.07
C LEU B 937 47.96 -26.04 -10.23
N ALA B 938 47.30 -25.54 -9.20
CA ALA B 938 45.85 -25.45 -9.22
C ALA B 938 45.40 -24.70 -10.44
N LEU B 939 46.04 -23.58 -10.68
CA LEU B 939 45.71 -22.80 -11.84
C LEU B 939 46.05 -23.53 -13.13
N GLN B 940 47.16 -24.25 -13.16
CA GLN B 940 47.49 -24.99 -14.36
C GLN B 940 46.38 -25.97 -14.70
N ALA B 941 45.83 -26.62 -13.68
CA ALA B 941 44.73 -27.55 -13.91
C ALA B 941 43.54 -26.82 -14.52
N ARG B 942 43.23 -25.64 -13.99
CA ARG B 942 42.13 -24.82 -14.47
C ARG B 942 42.38 -24.28 -15.88
N LEU B 943 43.66 -24.21 -16.30
CA LEU B 943 43.95 -23.89 -17.69
C LEU B 943 43.72 -25.08 -18.59
N ASN B 944 44.14 -26.27 -18.16
CA ASN B 944 43.99 -27.46 -18.98
C ASN B 944 42.53 -27.73 -19.27
N TYR B 945 41.67 -27.42 -18.31
CA TYR B 945 40.23 -27.47 -18.48
C TYR B 945 39.74 -26.76 -19.73
N VAL B 946 40.33 -25.60 -20.02
CA VAL B 946 39.93 -24.76 -21.11
C VAL B 946 40.52 -25.24 -22.42
N ALA B 947 41.80 -25.55 -22.35
CA ALA B 947 42.55 -26.02 -23.49
C ALA B 947 43.75 -26.80 -23.00
N LEU B 948 43.86 -28.06 -23.39
CA LEU B 948 44.98 -28.83 -22.89
C LEU B 948 46.26 -28.15 -23.28
N GLN B 949 47.10 -27.92 -22.29
CA GLN B 949 48.39 -27.26 -22.47
C GLN B 949 49.45 -28.22 -22.98
N THR B 950 50.16 -27.80 -24.01
CA THR B 950 51.20 -28.63 -24.61
C THR B 950 52.62 -28.22 -24.26
N ASP B 951 52.78 -27.29 -23.31
CA ASP B 951 54.11 -26.84 -22.95
C ASP B 951 54.51 -27.23 -21.54
N VAL B 952 55.65 -27.88 -21.43
CA VAL B 952 56.19 -28.33 -20.15
C VAL B 952 56.52 -27.17 -19.23
N LEU B 953 57.05 -26.09 -19.80
CA LEU B 953 57.42 -24.91 -19.02
C LEU B 953 56.32 -23.87 -19.02
N GLN B 954 55.98 -23.39 -17.82
CA GLN B 954 54.93 -22.41 -17.65
C GLN B 954 55.39 -20.97 -17.83
N GLU B 955 55.56 -20.57 -19.09
CA GLU B 955 55.97 -19.21 -19.41
C GLU B 955 54.88 -18.25 -18.94
N ASN B 956 53.65 -18.71 -19.10
CA ASN B 956 52.44 -17.95 -18.78
C ASN B 956 52.26 -17.54 -17.32
N GLN B 957 52.65 -18.39 -16.40
CA GLN B 957 52.43 -18.13 -14.97
C GLN B 957 53.07 -16.87 -14.37
N LYS B 958 54.28 -16.50 -14.76
CA LYS B 958 54.90 -15.32 -14.19
C LYS B 958 54.22 -14.08 -14.74
N ILE B 959 53.83 -14.16 -15.99
CA ILE B 959 53.11 -13.06 -16.62
C ILE B 959 51.79 -12.84 -15.93
N LEU B 960 51.07 -13.93 -15.73
CA LEU B 960 49.76 -13.88 -15.15
C LEU B 960 49.82 -13.56 -13.68
N ALA B 961 50.81 -14.08 -12.94
CA ALA B 961 50.91 -13.68 -11.53
C ALA B 961 51.16 -12.19 -11.43
N ALA B 962 52.08 -11.66 -12.23
CA ALA B 962 52.35 -10.24 -12.16
C ALA B 962 51.14 -9.43 -12.53
N SER B 963 50.47 -9.83 -13.60
CA SER B 963 49.29 -9.11 -14.05
C SER B 963 48.20 -9.15 -13.00
N PHE B 964 48.03 -10.30 -12.37
CA PHE B 964 47.06 -10.48 -11.32
C PHE B 964 47.36 -9.55 -10.17
N ASN B 965 48.62 -9.50 -9.75
CA ASN B 965 48.98 -8.66 -8.63
C ASN B 965 48.65 -7.22 -8.90
N LYS B 966 48.91 -6.77 -10.12
CA LYS B 966 48.56 -5.39 -10.44
C LYS B 966 47.06 -5.21 -10.40
N ALA B 967 46.30 -6.16 -10.94
CA ALA B 967 44.86 -6.05 -10.95
C ALA B 967 44.31 -5.93 -9.54
N ILE B 968 44.82 -6.75 -8.63
CA ILE B 968 44.30 -6.69 -7.29
C ILE B 968 44.63 -5.37 -6.63
N ASN B 969 45.85 -4.89 -6.82
CA ASN B 969 46.21 -3.62 -6.24
C ASN B 969 45.36 -2.50 -6.80
N ASN B 970 45.07 -2.54 -8.09
CA ASN B 970 44.24 -1.54 -8.70
C ASN B 970 42.84 -1.56 -8.11
N ILE B 971 42.29 -2.75 -7.89
CA ILE B 971 40.97 -2.84 -7.29
C ILE B 971 40.94 -2.32 -5.89
N VAL B 972 41.91 -2.67 -5.08
CA VAL B 972 41.89 -2.16 -3.73
C VAL B 972 42.03 -0.65 -3.72
N ALA B 973 42.92 -0.13 -4.55
CA ALA B 973 43.08 1.31 -4.66
C ALA B 973 41.81 1.98 -5.17
N SER B 974 41.16 1.36 -6.14
CA SER B 974 39.93 1.87 -6.72
C SER B 974 38.83 1.93 -5.67
N PHE B 975 38.74 0.90 -4.84
CA PHE B 975 37.82 0.92 -3.73
C PHE B 975 38.20 1.95 -2.69
N SER B 976 39.51 2.11 -2.43
CA SER B 976 39.96 3.06 -1.43
C SER B 976 39.56 4.48 -1.80
N SER B 977 39.75 4.83 -3.07
CA SER B 977 39.38 6.15 -3.59
C SER B 977 37.96 6.16 -4.16
N ALA B 986 42.85 1.73 -15.60
CA ALA B 986 42.32 0.39 -15.75
C ALA B 986 40.80 0.42 -15.77
N GLU B 987 40.19 -0.38 -16.66
CA GLU B 987 38.73 -0.44 -16.76
C GLU B 987 38.08 -1.09 -15.54
N ALA B 988 38.91 -1.65 -14.68
CA ALA B 988 38.48 -2.13 -13.39
C ALA B 988 37.78 -1.02 -12.62
N ILE B 989 38.17 0.23 -12.86
CA ILE B 989 37.56 1.35 -12.17
C ILE B 989 36.08 1.45 -12.49
N HIS B 990 35.69 1.02 -13.69
CA HIS B 990 34.31 1.07 -14.09
C HIS B 990 33.56 0.09 -13.23
N THR B 991 34.11 -1.12 -13.21
CA THR B 991 33.45 -2.21 -12.56
C THR B 991 33.38 -1.99 -11.04
N VAL B 992 34.46 -1.49 -10.45
CA VAL B 992 34.49 -1.17 -9.04
C VAL B 992 33.51 -0.08 -8.69
N THR B 993 33.43 0.98 -9.52
CA THR B 993 32.49 2.04 -9.25
C THR B 993 31.09 1.51 -9.17
N ILE B 994 30.73 0.63 -10.10
CA ILE B 994 29.40 0.07 -10.07
C ILE B 994 29.14 -0.69 -8.77
N ALA B 995 30.10 -1.51 -8.35
CA ALA B 995 29.92 -2.22 -7.10
C ALA B 995 29.71 -1.24 -5.95
N LEU B 996 30.51 -0.18 -5.88
CA LEU B 996 30.33 0.77 -4.80
C LEU B 996 28.99 1.45 -4.83
N ASN B 997 28.55 1.85 -6.01
CA ASN B 997 27.27 2.51 -6.10
C ASN B 997 26.17 1.61 -5.58
N LYS B 998 26.22 0.35 -5.97
CA LYS B 998 25.20 -0.60 -5.58
C LYS B 998 25.23 -0.85 -4.08
N ILE B 999 26.42 -0.99 -3.50
CA ILE B 999 26.50 -1.22 -2.06
C ILE B 999 25.92 -0.06 -1.29
N GLN B 1000 26.26 1.16 -1.70
CA GLN B 1000 25.75 2.35 -1.05
C GLN B 1000 24.23 2.42 -1.12
N ASP B 1001 23.68 2.08 -2.28
CA ASP B 1001 22.25 2.10 -2.50
C ASP B 1001 21.53 1.22 -1.50
N VAL B 1002 22.03 0.01 -1.31
CA VAL B 1002 21.36 -0.89 -0.38
C VAL B 1002 21.30 -0.28 1.01
N VAL B 1003 22.40 0.31 1.43
CA VAL B 1003 22.45 0.91 2.75
C VAL B 1003 21.46 2.05 2.91
N ASN B 1004 21.42 2.92 1.91
CA ASN B 1004 20.56 4.09 1.97
C ASN B 1004 19.10 3.71 2.10
N GLN B 1005 18.69 2.68 1.37
CA GLN B 1005 17.30 2.25 1.40
C GLN B 1005 16.84 1.80 2.77
N GLN B 1006 17.68 1.04 3.47
CA GLN B 1006 17.25 0.57 4.77
C GLN B 1006 17.00 1.74 5.72
N GLY B 1007 17.88 2.74 5.65
CA GLY B 1007 17.74 3.91 6.49
C GLY B 1007 16.47 4.68 6.14
N SER B 1008 16.25 4.89 4.85
CA SER B 1008 15.15 5.67 4.37
C SER B 1008 13.81 5.11 4.79
N ALA B 1009 13.66 3.79 4.72
CA ALA B 1009 12.41 3.17 5.11
C ALA B 1009 12.08 3.45 6.56
N LEU B 1010 13.07 3.32 7.44
CA LEU B 1010 12.80 3.56 8.85
C LEU B 1010 12.52 5.02 9.14
N ASN B 1011 13.20 5.91 8.43
CA ASN B 1011 12.95 7.32 8.65
C ASN B 1011 11.55 7.67 8.26
N HIS B 1012 11.06 7.11 7.17
CA HIS B 1012 9.69 7.37 6.77
C HIS B 1012 8.72 6.90 7.83
N LEU B 1013 8.88 5.65 8.28
CA LEU B 1013 7.99 5.13 9.31
C LEU B 1013 7.95 6.03 10.52
N THR B 1014 9.11 6.47 10.96
CA THR B 1014 9.21 7.30 12.13
C THR B 1014 8.59 8.68 11.91
N SER B 1015 8.86 9.30 10.77
CA SER B 1015 8.39 10.63 10.47
C SER B 1015 6.88 10.71 10.49
N GLN B 1016 6.22 9.65 10.06
CA GLN B 1016 4.78 9.62 10.04
C GLN B 1016 4.13 9.81 11.40
N LEU B 1017 4.85 9.61 12.49
CA LEU B 1017 4.28 9.84 13.81
C LEU B 1017 3.89 11.30 14.01
N ARG B 1018 4.52 12.21 13.27
CA ARG B 1018 4.21 13.62 13.38
C ARG B 1018 2.99 14.02 12.57
N HIS B 1019 2.48 13.13 11.74
CA HIS B 1019 1.40 13.51 10.85
C HIS B 1019 0.09 13.50 11.57
N ASN B 1020 -0.12 14.53 12.33
CA ASN B 1020 -1.35 14.68 13.06
C ASN B 1020 -2.49 14.42 12.11
N PHE B 1021 -3.38 13.53 12.51
CA PHE B 1021 -4.51 13.19 11.68
C PHE B 1021 -5.61 14.12 12.10
N GLN B 1022 -6.85 13.84 11.75
CA GLN B 1022 -7.88 14.84 12.04
C GLN B 1022 -8.25 14.88 13.52
N ALA B 1023 -7.36 15.45 14.30
CA ALA B 1023 -7.44 15.51 15.75
C ALA B 1023 -6.76 16.76 16.26
N ILE B 1024 -7.00 17.09 17.51
CA ILE B 1024 -6.40 18.27 18.12
C ILE B 1024 -4.88 18.26 18.09
N SER B 1025 -4.29 17.13 18.45
CA SER B 1025 -2.83 17.05 18.52
C SER B 1025 -2.30 15.74 17.99
N ASN B 1026 -0.99 15.57 18.08
CA ASN B 1026 -0.33 14.34 17.73
C ASN B 1026 0.20 13.69 19.00
N SER B 1027 0.02 14.41 20.11
CA SER B 1027 0.35 13.88 21.41
C SER B 1027 -0.86 13.44 22.15
N ILE B 1028 -0.93 12.15 22.41
CA ILE B 1028 -2.05 11.58 23.11
C ILE B 1028 -2.18 12.18 24.48
N GLN B 1029 -1.06 12.42 25.13
CA GLN B 1029 -1.12 13.02 26.43
C GLN B 1029 -1.75 14.39 26.33
N ALA B 1030 -1.36 15.17 25.33
CA ALA B 1030 -1.92 16.50 25.19
C ALA B 1030 -3.42 16.45 25.00
N ILE B 1031 -3.91 15.45 24.29
CA ILE B 1031 -5.34 15.30 24.16
C ILE B 1031 -5.99 15.02 25.51
N TYR B 1032 -5.45 14.08 26.27
CA TYR B 1032 -6.06 13.74 27.55
C TYR B 1032 -5.93 14.84 28.61
N ASP B 1033 -4.99 15.75 28.43
CA ASP B 1033 -4.89 16.89 29.33
C ASP B 1033 -5.96 17.95 29.08
N ARG B 1034 -6.64 17.86 27.95
CA ARG B 1034 -7.58 18.88 27.56
C ARG B 1034 -9.01 18.40 27.56
N LEU B 1035 -9.22 17.18 27.06
CA LEU B 1035 -10.55 16.61 26.95
C LEU B 1035 -10.78 15.41 27.85
N ASP B 1036 -11.95 15.34 28.47
CA ASP B 1036 -12.42 14.10 29.10
C ASP B 1036 -12.55 12.99 28.09
N SER B 1037 -12.48 11.75 28.60
CA SER B 1037 -12.51 10.52 27.84
C SER B 1037 -13.65 10.43 26.85
N ILE B 1038 -14.79 11.01 27.18
CA ILE B 1038 -15.92 10.93 26.28
C ILE B 1038 -15.62 11.52 24.89
N GLN B 1039 -14.71 12.48 24.80
CA GLN B 1039 -14.29 13.05 23.53
C GLN B 1039 -12.88 12.62 23.22
N ALA B 1040 -12.04 12.55 24.25
CA ALA B 1040 -10.64 12.26 24.03
C ALA B 1040 -10.47 10.93 23.35
N ASP B 1041 -11.29 9.95 23.73
CA ASP B 1041 -11.15 8.64 23.13
C ASP B 1041 -11.41 8.67 21.63
N GLN B 1042 -12.18 9.64 21.15
CA GLN B 1042 -12.50 9.71 19.74
C GLN B 1042 -11.33 10.34 19.02
N GLN B 1043 -10.76 11.37 19.64
CA GLN B 1043 -9.62 12.03 19.05
C GLN B 1043 -8.47 11.05 18.95
N VAL B 1044 -8.28 10.28 20.00
CA VAL B 1044 -7.22 9.32 20.02
C VAL B 1044 -7.49 8.19 19.06
N ASP B 1045 -8.74 7.73 18.95
CA ASP B 1045 -9.01 6.70 17.98
C ASP B 1045 -8.62 7.13 16.58
N ARG B 1046 -8.80 8.40 16.25
CA ARG B 1046 -8.34 8.84 14.94
C ARG B 1046 -6.83 8.69 14.80
N LEU B 1047 -6.08 9.05 15.84
CA LEU B 1047 -4.63 8.89 15.78
C LEU B 1047 -4.25 7.43 15.67
N ILE B 1048 -4.95 6.58 16.41
CA ILE B 1048 -4.67 5.15 16.37
C ILE B 1048 -4.89 4.58 15.00
N THR B 1049 -6.00 4.92 14.39
CA THR B 1049 -6.26 4.42 13.06
C THR B 1049 -5.14 4.78 12.11
N GLY B 1050 -4.75 6.04 12.13
CA GLY B 1050 -3.70 6.51 11.26
C GLY B 1050 -2.40 5.76 11.48
N ARG B 1051 -1.99 5.62 12.73
CA ARG B 1051 -0.75 4.96 13.03
C ARG B 1051 -0.75 3.48 12.67
N LEU B 1052 -1.87 2.80 12.87
CA LEU B 1052 -1.94 1.41 12.45
C LEU B 1052 -1.82 1.30 10.94
N ALA B 1053 -2.42 2.23 10.21
CA ALA B 1053 -2.30 2.20 8.77
C ALA B 1053 -0.84 2.36 8.34
N ALA B 1054 -0.11 3.25 9.01
CA ALA B 1054 1.29 3.44 8.71
C ALA B 1054 2.07 2.15 8.90
N LEU B 1055 1.78 1.44 9.98
CA LEU B 1055 2.46 0.18 10.20
C LEU B 1055 2.13 -0.84 9.13
N ASN B 1056 0.88 -0.89 8.71
CA ASN B 1056 0.54 -1.86 7.68
C ASN B 1056 1.33 -1.59 6.41
N ALA B 1057 1.46 -0.32 6.06
CA ALA B 1057 2.22 0.04 4.89
C ALA B 1057 3.68 -0.39 5.01
N PHE B 1058 4.26 -0.14 6.17
CA PHE B 1058 5.64 -0.52 6.43
C PHE B 1058 5.82 -2.00 6.27
N VAL B 1059 4.94 -2.79 6.84
CA VAL B 1059 5.09 -4.22 6.72
C VAL B 1059 5.10 -4.65 5.28
N SER B 1060 4.20 -4.10 4.48
CA SER B 1060 4.18 -4.50 3.09
C SER B 1060 5.51 -4.22 2.41
N GLN B 1061 6.07 -3.04 2.69
CA GLN B 1061 7.37 -2.68 2.12
C GLN B 1061 8.45 -3.68 2.50
N VAL B 1062 8.47 -4.05 3.78
CA VAL B 1062 9.46 -5.00 4.25
C VAL B 1062 9.36 -6.33 3.54
N LEU B 1063 8.14 -6.84 3.40
CA LEU B 1063 7.98 -8.13 2.78
C LEU B 1063 8.45 -8.11 1.35
N ASN B 1064 8.18 -7.02 0.64
CA ASN B 1064 8.63 -6.92 -0.73
C ASN B 1064 10.15 -6.97 -0.83
N LYS B 1065 10.82 -6.31 0.10
CA LYS B 1065 12.28 -6.33 0.07
C LYS B 1065 12.79 -7.74 0.28
N TYR B 1066 12.18 -8.47 1.19
CA TYR B 1066 12.64 -9.83 1.41
C TYR B 1066 12.52 -10.66 0.16
N THR B 1067 11.43 -10.49 -0.57
CA THR B 1067 11.26 -11.22 -1.81
C THR B 1067 12.40 -10.93 -2.78
N GLU B 1068 12.75 -9.66 -2.93
CA GLU B 1068 13.84 -9.30 -3.83
C GLU B 1068 15.14 -9.98 -3.42
N VAL B 1069 15.44 -9.94 -2.14
CA VAL B 1069 16.68 -10.52 -1.67
C VAL B 1069 16.71 -12.02 -1.89
N ARG B 1070 15.59 -12.70 -1.71
CA ARG B 1070 15.55 -14.13 -1.96
C ARG B 1070 15.97 -14.45 -3.38
N GLY B 1071 15.51 -13.64 -4.32
CA GLY B 1071 15.93 -13.82 -5.70
C GLY B 1071 17.45 -13.74 -5.80
N SER B 1072 18.01 -12.71 -5.20
CA SER B 1072 19.45 -12.52 -5.23
C SER B 1072 20.21 -13.67 -4.57
N ARG B 1073 19.72 -14.18 -3.44
CA ARG B 1073 20.39 -15.31 -2.82
C ARG B 1073 20.45 -16.51 -3.73
N ARG B 1074 19.39 -16.78 -4.48
CA ARG B 1074 19.44 -17.93 -5.37
C ARG B 1074 20.59 -17.78 -6.35
N LEU B 1075 20.72 -16.59 -6.92
CA LEU B 1075 21.80 -16.35 -7.86
C LEU B 1075 23.15 -16.50 -7.22
N ALA B 1076 23.30 -15.93 -6.05
CA ALA B 1076 24.57 -15.97 -5.37
C ALA B 1076 25.00 -17.39 -5.15
N GLN B 1077 24.09 -18.27 -4.73
CA GLN B 1077 24.45 -19.65 -4.52
C GLN B 1077 24.89 -20.31 -5.81
N GLN B 1078 24.23 -19.99 -6.91
CA GLN B 1078 24.68 -20.60 -8.16
C GLN B 1078 26.09 -20.18 -8.46
N LYS B 1079 26.39 -18.91 -8.28
CA LYS B 1079 27.74 -18.48 -8.58
C LYS B 1079 28.76 -19.11 -7.65
N ILE B 1080 28.42 -19.29 -6.39
CA ILE B 1080 29.36 -19.98 -5.54
C ILE B 1080 29.64 -21.39 -6.04
N ASN B 1081 28.61 -22.08 -6.44
CA ASN B 1081 28.86 -23.44 -6.86
C ASN B 1081 29.59 -23.52 -8.18
N GLU B 1082 29.09 -22.80 -9.18
CA GLU B 1082 29.61 -22.95 -10.51
C GLU B 1082 30.91 -22.19 -10.73
N CYS B 1083 31.08 -21.04 -10.09
CA CYS B 1083 32.20 -20.18 -10.43
C CYS B 1083 33.30 -20.15 -9.39
N VAL B 1084 33.15 -20.92 -8.35
CA VAL B 1084 34.14 -20.92 -7.28
C VAL B 1084 34.56 -22.33 -7.07
N LYS B 1085 33.59 -23.18 -6.72
CA LYS B 1085 33.90 -24.56 -6.47
C LYS B 1085 34.26 -25.32 -7.75
N SER B 1086 33.43 -25.23 -8.80
CA SER B 1086 33.70 -26.01 -10.00
C SER B 1086 34.60 -25.36 -11.08
N GLN B 1087 34.12 -24.27 -11.71
CA GLN B 1087 34.67 -23.63 -12.92
C GLN B 1087 33.78 -24.01 -14.09
N SER B 1088 33.01 -23.04 -14.59
CA SER B 1088 32.02 -23.31 -15.61
C SER B 1088 32.55 -23.07 -17.01
N ASN B 1089 31.71 -23.33 -18.00
CA ASN B 1089 31.98 -22.99 -19.38
C ASN B 1089 30.87 -22.08 -19.89
N ARG B 1090 30.18 -21.42 -18.98
CA ARG B 1090 29.03 -20.62 -19.34
C ARG B 1090 29.47 -19.25 -19.78
N TYR B 1091 29.95 -19.16 -21.00
CA TYR B 1091 30.44 -17.87 -21.45
C TYR B 1091 29.41 -16.81 -21.25
N GLY B 1092 29.84 -15.70 -20.66
CA GLY B 1092 28.96 -14.57 -20.39
C GLY B 1092 28.44 -14.56 -18.96
N PHE B 1093 28.69 -15.63 -18.22
CA PHE B 1093 28.31 -15.72 -16.83
C PHE B 1093 29.41 -15.09 -16.00
N CYS B 1094 30.02 -15.84 -15.09
CA CYS B 1094 31.07 -15.29 -14.25
C CYS B 1094 32.32 -14.78 -14.94
N GLY B 1095 32.21 -13.58 -15.47
CA GLY B 1095 33.34 -12.85 -15.99
C GLY B 1095 33.31 -12.75 -17.50
N ASN B 1096 33.56 -11.57 -18.02
CA ASN B 1096 33.52 -11.37 -19.46
C ASN B 1096 34.86 -11.78 -20.10
N GLY B 1097 35.09 -13.09 -20.15
CA GLY B 1097 36.36 -13.60 -20.63
C GLY B 1097 36.52 -15.07 -20.28
N THR B 1098 37.76 -15.55 -20.26
CA THR B 1098 37.93 -16.95 -19.91
C THR B 1098 38.10 -17.13 -18.42
N HIS B 1099 37.12 -17.71 -17.79
CA HIS B 1099 37.11 -17.78 -16.34
C HIS B 1099 38.07 -18.82 -15.81
N ILE B 1100 38.94 -18.39 -14.91
CA ILE B 1100 39.87 -19.30 -14.30
C ILE B 1100 39.44 -19.58 -12.88
N PHE B 1101 39.22 -18.52 -12.11
CA PHE B 1101 38.76 -18.72 -10.73
C PHE B 1101 38.13 -17.47 -10.16
N SER B 1102 37.39 -17.60 -9.08
CA SER B 1102 36.86 -16.43 -8.41
C SER B 1102 37.10 -16.45 -6.92
N ILE B 1103 37.27 -15.27 -6.39
CA ILE B 1103 37.43 -15.01 -4.96
C ILE B 1103 36.20 -14.36 -4.40
N VAL B 1104 35.77 -14.79 -3.23
CA VAL B 1104 34.59 -14.18 -2.65
C VAL B 1104 34.92 -13.54 -1.32
N ASN B 1105 34.41 -12.33 -1.10
CA ASN B 1105 34.56 -11.64 0.18
C ASN B 1105 33.23 -11.12 0.66
N SER B 1106 33.14 -10.74 1.92
CA SER B 1106 31.89 -10.18 2.38
C SER B 1106 31.81 -8.69 2.07
N ALA B 1107 30.60 -8.18 2.05
CA ALA B 1107 30.35 -6.78 1.80
C ALA B 1107 29.11 -6.40 2.60
N PRO B 1108 28.78 -5.14 2.78
CA PRO B 1108 27.60 -4.78 3.51
C PRO B 1108 26.40 -5.47 2.92
N ASP B 1109 25.73 -6.30 3.74
CA ASP B 1109 24.56 -7.09 3.41
C ASP B 1109 24.73 -8.09 2.26
N GLY B 1110 25.96 -8.42 1.89
CA GLY B 1110 26.14 -9.22 0.69
C GLY B 1110 27.53 -9.79 0.48
N LEU B 1111 27.75 -10.23 -0.75
CA LEU B 1111 29.01 -10.82 -1.16
C LEU B 1111 29.63 -10.05 -2.29
N LEU B 1112 30.93 -9.96 -2.28
CA LEU B 1112 31.65 -9.38 -3.38
C LEU B 1112 32.44 -10.46 -4.07
N PHE B 1113 32.27 -10.58 -5.36
CA PHE B 1113 32.98 -11.57 -6.13
C PHE B 1113 34.04 -10.91 -6.97
N LEU B 1114 35.22 -11.49 -6.97
CA LEU B 1114 36.30 -11.03 -7.80
C LEU B 1114 36.62 -12.10 -8.83
N HIS B 1115 36.17 -11.90 -10.05
CA HIS B 1115 36.25 -12.95 -11.05
C HIS B 1115 37.52 -12.78 -11.85
N THR B 1116 38.40 -13.78 -11.78
CA THR B 1116 39.67 -13.67 -12.47
C THR B 1116 39.57 -14.37 -13.80
N VAL B 1117 39.74 -13.59 -14.86
CA VAL B 1117 39.59 -14.11 -16.21
C VAL B 1117 40.81 -13.85 -17.04
N LEU B 1118 40.96 -14.61 -18.11
CA LEU B 1118 42.00 -14.33 -19.07
C LEU B 1118 41.46 -13.53 -20.22
N LEU B 1119 42.29 -12.62 -20.68
CA LEU B 1119 42.02 -11.83 -21.85
C LEU B 1119 43.17 -11.96 -22.84
N PRO B 1120 42.90 -12.26 -24.10
CA PRO B 1120 43.91 -12.37 -25.10
C PRO B 1120 44.52 -11.00 -25.29
N THR B 1121 45.80 -10.99 -25.63
CA THR B 1121 46.49 -9.74 -25.95
C THR B 1121 46.95 -9.78 -27.41
N ASP B 1122 47.63 -10.86 -27.77
CA ASP B 1122 48.18 -11.01 -29.13
C ASP B 1122 47.92 -12.40 -29.69
N TYR B 1123 47.53 -12.47 -30.95
CA TYR B 1123 47.25 -13.75 -31.60
C TYR B 1123 48.04 -13.91 -32.91
N LYS B 1124 48.21 -15.17 -33.32
CA LYS B 1124 48.96 -15.50 -34.53
C LYS B 1124 48.06 -15.72 -35.73
N ASN B 1125 48.61 -15.49 -36.92
CA ASN B 1125 47.93 -15.83 -38.16
C ASN B 1125 48.26 -17.24 -38.59
N VAL B 1126 47.22 -18.06 -38.73
CA VAL B 1126 47.37 -19.49 -38.92
C VAL B 1126 46.78 -20.03 -40.23
N LYS B 1127 47.62 -20.73 -41.01
CA LYS B 1127 47.22 -21.28 -42.32
C LYS B 1127 46.46 -22.59 -42.20
N ALA B 1128 45.19 -22.48 -41.87
CA ALA B 1128 44.33 -23.61 -41.56
C ALA B 1128 43.94 -24.39 -42.79
N TRP B 1129 43.78 -25.69 -42.61
CA TRP B 1129 43.20 -26.60 -43.59
C TRP B 1129 41.98 -27.34 -43.08
N SER B 1130 40.99 -27.50 -43.94
CA SER B 1130 39.76 -28.22 -43.57
C SER B 1130 39.96 -29.73 -43.39
N GLY B 1131 41.04 -30.26 -43.94
CA GLY B 1131 41.30 -31.70 -43.85
C GLY B 1131 42.38 -32.15 -44.82
N ILE B 1132 42.67 -33.44 -44.80
CA ILE B 1132 43.66 -34.08 -45.66
C ILE B 1132 42.99 -35.08 -46.57
N CYS B 1133 43.19 -35.02 -47.86
CA CYS B 1133 42.52 -35.96 -48.78
C CYS B 1133 43.50 -36.79 -49.56
N VAL B 1134 43.78 -37.92 -48.94
CA VAL B 1134 44.77 -38.87 -49.35
C VAL B 1134 44.36 -39.58 -50.63
N ASP B 1135 45.27 -39.53 -51.58
CA ASP B 1135 45.14 -40.15 -52.90
C ASP B 1135 43.99 -39.56 -53.71
N GLY B 1136 43.42 -38.43 -53.29
CA GLY B 1136 42.31 -37.83 -54.01
C GLY B 1136 40.99 -38.56 -53.71
N ILE B 1137 41.02 -39.48 -52.76
CA ILE B 1137 39.86 -40.31 -52.43
C ILE B 1137 39.42 -40.17 -50.99
N TYR B 1138 40.38 -40.18 -50.07
CA TYR B 1138 40.03 -40.31 -48.67
C TYR B 1138 40.32 -39.07 -47.86
N GLY B 1139 39.29 -38.28 -47.61
CA GLY B 1139 39.40 -37.19 -46.69
C GLY B 1139 39.55 -37.76 -45.29
N TYR B 1140 40.40 -37.11 -44.51
CA TYR B 1140 40.54 -37.32 -43.09
C TYR B 1140 40.49 -35.99 -42.40
N VAL B 1141 39.69 -35.89 -41.37
CA VAL B 1141 39.55 -34.63 -40.66
C VAL B 1141 39.73 -34.82 -39.19
N LEU B 1142 40.03 -33.75 -38.49
CA LEU B 1142 40.22 -33.91 -37.07
C LEU B 1142 38.90 -34.28 -36.45
N ARG B 1143 38.91 -35.25 -35.55
CA ARG B 1143 37.71 -35.69 -34.84
C ARG B 1143 37.09 -34.60 -33.99
N GLN B 1144 37.94 -33.82 -33.33
CA GLN B 1144 37.49 -32.82 -32.38
C GLN B 1144 37.40 -31.43 -33.03
N PRO B 1145 36.22 -30.82 -33.10
CA PRO B 1145 35.95 -29.58 -33.81
C PRO B 1145 36.68 -28.37 -33.26
N ASN B 1146 37.24 -28.50 -32.07
CA ASN B 1146 37.92 -27.41 -31.42
C ASN B 1146 39.37 -27.29 -31.85
N LEU B 1147 39.80 -28.16 -32.75
CA LEU B 1147 41.16 -28.17 -33.22
C LEU B 1147 41.33 -27.70 -34.66
N VAL B 1148 42.47 -27.08 -34.92
CA VAL B 1148 42.85 -26.62 -36.23
C VAL B 1148 44.07 -27.34 -36.74
N LEU B 1149 43.96 -27.89 -37.95
CA LEU B 1149 45.13 -28.43 -38.63
C LEU B 1149 45.70 -27.33 -39.51
N TYR B 1150 46.98 -27.04 -39.38
CA TYR B 1150 47.52 -25.95 -40.18
C TYR B 1150 48.93 -26.20 -40.66
N SER B 1151 49.33 -25.45 -41.69
CA SER B 1151 50.65 -25.57 -42.28
C SER B 1151 51.66 -24.57 -41.74
N ASP B 1152 52.53 -25.03 -40.85
CA ASP B 1152 53.58 -24.20 -40.30
C ASP B 1152 54.73 -24.19 -41.29
N ASN B 1153 54.52 -23.48 -42.38
CA ASN B 1153 55.48 -23.42 -43.48
C ASN B 1153 55.83 -24.81 -43.98
N GLY B 1154 54.81 -25.65 -44.15
CA GLY B 1154 55.02 -27.02 -44.60
C GLY B 1154 54.96 -28.04 -43.48
N VAL B 1155 55.20 -27.62 -42.24
CA VAL B 1155 55.08 -28.57 -41.15
C VAL B 1155 53.68 -28.60 -40.61
N PHE B 1156 53.01 -29.71 -40.74
CA PHE B 1156 51.65 -29.72 -40.27
C PHE B 1156 51.55 -29.91 -38.78
N ARG B 1157 50.77 -29.02 -38.18
CA ARG B 1157 50.59 -29.01 -36.74
C ARG B 1157 49.14 -28.84 -36.38
N VAL B 1158 48.81 -29.20 -35.15
CA VAL B 1158 47.47 -29.06 -34.65
C VAL B 1158 47.41 -28.13 -33.45
N THR B 1159 46.45 -27.21 -33.45
CA THR B 1159 46.27 -26.31 -32.32
C THR B 1159 44.84 -26.19 -31.88
N SER B 1160 44.67 -25.81 -30.64
CA SER B 1160 43.37 -25.39 -30.16
C SER B 1160 42.96 -24.16 -30.93
N ARG B 1161 41.65 -24.01 -31.18
CA ARG B 1161 41.09 -22.78 -31.75
C ARG B 1161 41.06 -21.64 -30.76
N VAL B 1162 41.32 -21.92 -29.49
CA VAL B 1162 41.22 -20.94 -28.44
C VAL B 1162 42.60 -20.43 -28.07
N MET B 1163 43.51 -21.36 -27.80
CA MET B 1163 44.85 -20.96 -27.38
C MET B 1163 45.93 -21.56 -28.24
N PHE B 1164 46.92 -20.75 -28.57
CA PHE B 1164 47.96 -21.24 -29.46
C PHE B 1164 48.98 -22.10 -28.73
N GLN B 1165 48.57 -23.33 -28.51
CA GLN B 1165 49.38 -24.39 -27.93
C GLN B 1165 49.49 -25.54 -28.94
N PRO B 1166 50.36 -25.43 -29.95
CA PRO B 1166 50.49 -26.35 -31.05
C PRO B 1166 51.18 -27.65 -30.68
N ARG B 1167 50.81 -28.72 -31.35
CA ARG B 1167 51.52 -29.99 -31.27
C ARG B 1167 51.46 -30.75 -32.58
N LEU B 1168 52.24 -31.81 -32.70
CA LEU B 1168 52.15 -32.62 -33.90
C LEU B 1168 50.90 -33.49 -33.87
N PRO B 1169 50.27 -33.77 -35.01
CA PRO B 1169 49.14 -34.66 -35.19
C PRO B 1169 49.53 -36.09 -35.10
N VAL B 1170 48.57 -36.91 -34.68
CA VAL B 1170 48.73 -38.35 -34.76
C VAL B 1170 47.54 -38.93 -35.48
N LEU B 1171 47.63 -40.18 -35.91
CA LEU B 1171 46.49 -40.78 -36.60
C LEU B 1171 45.24 -40.83 -35.75
N SER B 1172 45.44 -40.98 -34.45
CA SER B 1172 44.33 -41.07 -33.52
C SER B 1172 43.58 -39.76 -33.34
N ASP B 1173 44.04 -38.67 -33.97
CA ASP B 1173 43.31 -37.42 -34.00
C ASP B 1173 42.26 -37.38 -35.10
N PHE B 1174 42.35 -38.27 -36.10
CA PHE B 1174 41.55 -38.12 -37.31
C PHE B 1174 40.48 -39.18 -37.53
N VAL B 1175 39.48 -38.81 -38.32
CA VAL B 1175 38.45 -39.73 -38.78
C VAL B 1175 38.36 -39.72 -40.30
N GLN B 1176 38.02 -40.99 -40.92
CA GLN B 1176 37.95 -41.18 -42.37
C GLN B 1176 36.57 -40.97 -42.96
N ILE B 1177 36.47 -40.18 -44.02
CA ILE B 1177 35.17 -39.80 -44.54
C ILE B 1177 34.92 -39.83 -46.07
N TYR B 1178 35.74 -40.52 -46.86
CA TYR B 1178 35.55 -40.52 -48.33
C TYR B 1178 35.65 -39.11 -48.92
N ASN B 1179 34.96 -38.92 -50.04
CA ASN B 1179 34.51 -37.63 -50.56
C ASN B 1179 35.50 -36.55 -50.99
N CYS B 1180 36.43 -36.15 -50.12
CA CYS B 1180 37.42 -35.18 -50.56
C CYS B 1180 36.85 -33.91 -51.18
N ASN B 1181 36.18 -33.11 -50.36
CA ASN B 1181 35.48 -31.91 -50.79
C ASN B 1181 36.41 -30.74 -51.11
N VAL B 1182 37.24 -30.94 -52.12
CA VAL B 1182 38.15 -29.97 -52.74
C VAL B 1182 39.20 -29.35 -51.86
N THR B 1183 38.80 -28.57 -50.88
CA THR B 1183 39.69 -27.66 -50.17
C THR B 1183 40.55 -28.31 -49.10
N PHE B 1184 41.29 -29.42 -49.32
CA PHE B 1184 42.00 -30.44 -48.56
C PHE B 1184 43.46 -30.48 -48.92
N VAL B 1185 44.26 -30.95 -48.01
CA VAL B 1185 45.64 -31.15 -48.35
C VAL B 1185 45.70 -32.23 -49.40
N ASN B 1186 46.32 -31.93 -50.54
CA ASN B 1186 46.46 -32.89 -51.63
C ASN B 1186 47.69 -33.72 -51.44
N ILE B 1187 47.54 -35.01 -51.22
CA ILE B 1187 48.69 -35.78 -50.80
C ILE B 1187 48.56 -37.27 -51.16
N SER B 1188 49.68 -37.93 -51.48
CA SER B 1188 49.64 -39.37 -51.65
C SER B 1188 49.72 -40.08 -50.32
N ARG B 1189 49.25 -41.31 -50.29
CA ARG B 1189 49.41 -42.16 -49.13
C ARG B 1189 50.83 -42.22 -48.62
N VAL B 1190 51.79 -42.28 -49.51
CA VAL B 1190 53.17 -42.32 -49.09
C VAL B 1190 53.59 -41.02 -48.42
N GLU B 1191 53.28 -39.90 -49.07
CA GLU B 1191 53.64 -38.60 -48.54
C GLU B 1191 52.96 -38.30 -47.21
N LEU B 1192 51.84 -38.96 -46.95
CA LEU B 1192 51.09 -38.75 -45.73
C LEU B 1192 51.93 -38.84 -44.48
N HIS B 1193 52.99 -39.65 -44.45
CA HIS B 1193 53.76 -39.78 -43.21
C HIS B 1193 54.52 -38.50 -42.86
N THR B 1194 54.60 -37.55 -43.79
CA THR B 1194 55.27 -36.29 -43.56
C THR B 1194 54.28 -35.26 -43.02
N VAL B 1195 52.99 -35.61 -43.02
CA VAL B 1195 51.94 -34.75 -42.49
C VAL B 1195 51.49 -35.29 -41.16
N ILE B 1196 51.37 -36.62 -41.07
CA ILE B 1196 51.04 -37.27 -39.82
C ILE B 1196 52.13 -38.24 -39.40
N PRO B 1197 53.03 -37.85 -38.51
CA PRO B 1197 54.14 -38.64 -38.06
C PRO B 1197 53.61 -39.93 -37.50
N ASP B 1198 54.40 -40.98 -37.68
CA ASP B 1198 54.08 -42.35 -37.27
C ASP B 1198 52.96 -43.01 -38.07
N TYR B 1199 52.47 -42.36 -39.12
CA TYR B 1199 51.65 -43.11 -40.06
C TYR B 1199 52.47 -44.17 -40.77
N VAL B 1200 51.93 -45.39 -40.82
CA VAL B 1200 52.60 -46.48 -41.51
C VAL B 1200 51.74 -47.12 -42.59
N ASP B 1201 52.21 -47.05 -43.83
CA ASP B 1201 51.50 -47.74 -44.89
C ASP B 1201 51.85 -49.21 -44.83
N VAL B 1202 51.10 -49.93 -44.02
CA VAL B 1202 51.37 -51.34 -43.80
C VAL B 1202 51.33 -52.17 -45.08
N ASN B 1203 50.41 -51.88 -45.98
CA ASN B 1203 50.36 -52.68 -47.20
C ASN B 1203 51.63 -52.52 -48.01
N LYS B 1204 52.08 -51.29 -48.19
CA LYS B 1204 53.32 -51.06 -48.93
C LYS B 1204 54.47 -51.75 -48.20
N THR B 1205 54.47 -51.63 -46.88
CA THR B 1205 55.50 -52.23 -46.07
C THR B 1205 55.57 -53.73 -46.28
N LEU B 1206 54.42 -54.39 -46.26
CA LEU B 1206 54.35 -55.83 -46.48
C LEU B 1206 54.85 -56.23 -47.86
N GLN B 1207 54.60 -55.39 -48.86
CA GLN B 1207 55.10 -55.66 -50.19
C GLN B 1207 56.63 -55.55 -50.26
N GLU B 1208 57.20 -54.58 -49.54
CA GLU B 1208 58.67 -54.42 -49.51
C GLU B 1208 59.44 -55.39 -48.60
N PHE B 1209 58.84 -55.75 -47.45
CA PHE B 1209 59.49 -56.62 -46.46
C PHE B 1209 58.92 -58.05 -46.37
N ALA C 8 -8.91 -39.83 50.56
CA ALA C 8 -7.80 -39.39 49.74
C ALA C 8 -6.79 -38.62 50.58
N ASN C 9 -5.58 -39.14 50.68
CA ASN C 9 -4.56 -38.51 51.53
C ASN C 9 -3.88 -37.31 50.86
N LEU C 10 -4.67 -36.29 50.58
CA LEU C 10 -4.24 -35.09 49.89
C LEU C 10 -3.60 -34.10 50.84
N SER C 11 -2.74 -33.25 50.30
CA SER C 11 -2.18 -32.14 51.05
C SER C 11 -3.14 -30.98 51.11
N MET C 12 -2.90 -30.05 52.03
CA MET C 12 -3.75 -28.88 52.11
C MET C 12 -3.62 -28.05 50.84
N LEU C 13 -2.45 -28.11 50.22
CA LEU C 13 -2.18 -27.37 49.01
C LEU C 13 -3.02 -27.90 47.86
N GLN C 14 -3.13 -29.21 47.75
CA GLN C 14 -4.00 -29.80 46.75
C GLN C 14 -5.47 -29.50 47.00
N LEU C 15 -5.87 -29.56 48.25
CA LEU C 15 -7.24 -29.30 48.61
C LEU C 15 -7.62 -27.85 48.47
N GLY C 16 -6.66 -26.96 48.72
CA GLY C 16 -6.91 -25.54 48.66
C GLY C 16 -7.58 -25.06 49.94
N VAL C 17 -7.08 -25.57 51.06
CA VAL C 17 -7.67 -25.25 52.36
C VAL C 17 -6.67 -24.57 53.29
N PRO C 18 -7.14 -23.82 54.28
CA PRO C 18 -6.38 -23.21 55.34
C PRO C 18 -6.05 -24.23 56.42
N ASP C 19 -4.99 -23.95 57.16
CA ASP C 19 -4.59 -24.78 58.29
C ASP C 19 -5.48 -24.57 59.49
N ASN C 20 -5.44 -25.54 60.39
CA ASN C 20 -6.18 -25.53 61.65
C ASN C 20 -7.63 -25.10 61.52
N SER C 21 -8.35 -25.66 60.54
CA SER C 21 -9.72 -25.24 60.31
C SER C 21 -10.65 -26.31 59.72
N SER C 22 -11.83 -25.88 59.31
CA SER C 22 -12.84 -26.76 58.75
C SER C 22 -13.60 -26.09 57.60
N THR C 23 -13.49 -26.69 56.41
CA THR C 23 -14.05 -26.07 55.21
C THR C 23 -14.75 -27.06 54.28
N ILE C 24 -15.51 -26.51 53.34
CA ILE C 24 -16.11 -27.27 52.27
C ILE C 24 -15.33 -27.11 50.98
N VAL C 25 -14.91 -28.23 50.41
CA VAL C 25 -14.17 -28.23 49.17
C VAL C 25 -15.02 -28.84 48.07
N THR C 26 -15.14 -28.13 46.95
CA THR C 26 -16.00 -28.61 45.86
C THR C 26 -15.23 -28.80 44.55
N GLY C 27 -15.59 -29.83 43.78
CA GLY C 27 -15.11 -29.95 42.41
C GLY C 27 -14.64 -31.34 41.99
N LEU C 28 -13.60 -31.37 41.17
CA LEU C 28 -13.11 -32.63 40.61
C LEU C 28 -12.17 -33.35 41.57
N LEU C 29 -12.76 -33.90 42.60
CA LEU C 29 -12.02 -34.53 43.69
C LEU C 29 -11.94 -36.05 43.53
N PRO C 30 -10.90 -36.70 44.08
CA PRO C 30 -10.77 -38.14 44.23
C PRO C 30 -11.63 -38.69 45.36
N THR C 31 -12.06 -39.95 45.21
CA THR C 31 -12.93 -40.57 46.20
C THR C 31 -12.48 -42.01 46.50
N HIS C 32 -13.01 -42.97 45.74
CA HIS C 32 -12.67 -44.37 45.88
C HIS C 32 -11.37 -44.71 45.19
N TRP C 33 -10.66 -45.69 45.74
CA TRP C 33 -9.38 -46.11 45.19
C TRP C 33 -9.40 -47.55 44.66
N PHE C 34 -9.05 -47.69 43.40
CA PHE C 34 -9.13 -48.96 42.68
C PHE C 34 -7.98 -49.88 43.02
N CYS C 35 -7.97 -50.37 44.24
CA CYS C 35 -6.88 -51.18 44.74
C CYS C 35 -6.98 -52.61 44.23
N ALA C 36 -6.64 -52.78 42.95
CA ALA C 36 -6.80 -54.07 42.27
C ALA C 36 -5.64 -54.43 41.35
N ASN C 37 -5.61 -55.70 40.96
CA ASN C 37 -4.55 -56.25 40.10
C ASN C 37 -5.06 -56.70 38.74
N GLN C 38 -5.94 -55.88 38.15
CA GLN C 38 -6.54 -56.18 36.86
C GLN C 38 -5.71 -55.71 35.67
N SER C 39 -4.54 -55.12 35.94
CA SER C 39 -3.56 -54.67 34.97
C SER C 39 -3.97 -53.47 34.14
N THR C 40 -4.95 -53.69 33.29
CA THR C 40 -5.30 -52.68 32.31
C THR C 40 -6.81 -52.48 32.20
N SER C 41 -7.23 -51.23 32.30
CA SER C 41 -8.66 -50.93 32.26
C SER C 41 -9.01 -49.55 31.72
N VAL C 42 -10.26 -49.40 31.27
CA VAL C 42 -10.73 -48.12 30.73
C VAL C 42 -11.98 -47.62 31.45
N TYR C 43 -11.97 -46.33 31.79
CA TYR C 43 -13.08 -45.70 32.49
C TYR C 43 -13.56 -44.44 31.80
N SER C 44 -14.80 -44.05 32.03
CA SER C 44 -15.20 -42.69 31.71
C SER C 44 -14.55 -41.79 32.74
N ALA C 45 -14.00 -40.64 32.34
CA ALA C 45 -13.33 -39.80 33.33
C ALA C 45 -13.18 -38.35 32.93
N ASN C 46 -13.08 -37.48 33.94
CA ASN C 46 -12.71 -36.07 33.74
C ASN C 46 -11.33 -35.83 34.32
N GLY C 47 -10.67 -36.92 34.71
CA GLY C 47 -9.36 -36.82 35.33
C GLY C 47 -9.04 -38.05 36.17
N PHE C 48 -7.92 -37.98 36.86
CA PHE C 48 -7.51 -39.05 37.75
C PHE C 48 -6.46 -38.62 38.76
N PHE C 49 -6.43 -39.33 39.88
CA PHE C 49 -5.32 -39.24 40.81
C PHE C 49 -4.68 -40.57 41.07
N TYR C 50 -3.39 -40.59 41.32
CA TYR C 50 -2.76 -41.84 41.68
C TYR C 50 -1.60 -41.71 42.65
N ILE C 51 -1.37 -42.79 43.38
CA ILE C 51 -0.25 -42.85 44.30
C ILE C 51 0.62 -44.06 44.04
N ASP C 52 1.90 -43.81 43.82
CA ASP C 52 2.90 -44.86 43.67
C ASP C 52 4.03 -44.70 44.69
N VAL C 53 4.61 -45.82 45.14
CA VAL C 53 5.88 -45.82 45.86
C VAL C 53 6.81 -46.92 45.32
N GLY C 54 6.21 -47.95 44.72
CA GLY C 54 6.93 -49.15 44.31
C GLY C 54 7.83 -48.94 43.10
N ASN C 55 8.90 -49.73 43.03
CA ASN C 55 9.87 -49.58 41.95
C ASN C 55 9.42 -50.27 40.66
N HIS C 56 8.38 -49.70 40.06
CA HIS C 56 7.79 -50.25 38.85
C HIS C 56 7.17 -49.13 38.04
N ARG C 57 7.18 -49.28 36.72
CA ARG C 57 6.56 -48.28 35.86
C ARG C 57 5.05 -48.31 35.94
N SER C 58 4.43 -47.13 35.83
CA SER C 58 2.97 -47.00 35.67
C SER C 58 2.65 -46.00 34.58
N ALA C 59 1.46 -46.10 33.98
CA ALA C 59 1.10 -45.08 32.99
C ALA C 59 -0.39 -44.85 32.87
N PHE C 60 -0.72 -43.64 32.47
CA PHE C 60 -2.10 -43.21 32.34
C PHE C 60 -2.33 -42.42 31.06
N ALA C 61 -3.53 -42.51 30.51
CA ALA C 61 -3.80 -41.64 29.37
C ALA C 61 -5.24 -41.21 29.29
N LEU C 62 -5.44 -39.95 28.91
CA LEU C 62 -6.77 -39.42 28.67
C LEU C 62 -6.97 -39.22 27.18
N HIS C 63 -8.01 -39.83 26.66
CA HIS C 63 -8.21 -39.88 25.23
C HIS C 63 -9.66 -39.94 24.79
N THR C 64 -9.85 -39.92 23.48
CA THR C 64 -11.16 -40.00 22.85
C THR C 64 -11.55 -41.45 22.60
N GLY C 65 -12.77 -41.66 22.10
CA GLY C 65 -13.27 -43.01 21.86
C GLY C 65 -12.89 -43.57 20.48
N TYR C 66 -12.11 -42.80 19.75
CA TYR C 66 -11.67 -43.14 18.40
C TYR C 66 -10.37 -42.39 18.14
N TYR C 67 -9.65 -42.74 17.10
CA TYR C 67 -8.42 -41.99 16.80
C TYR C 67 -8.66 -40.73 15.99
N ASP C 68 -8.25 -39.57 16.51
CA ASP C 68 -8.37 -38.33 15.77
C ASP C 68 -7.00 -37.74 15.54
N ALA C 69 -6.61 -37.64 14.29
CA ALA C 69 -5.28 -37.16 13.92
C ALA C 69 -4.97 -35.76 14.46
N ASN C 70 -6.00 -34.95 14.73
CA ASN C 70 -5.73 -33.61 15.21
C ASN C 70 -6.16 -33.33 16.63
N GLN C 71 -6.38 -34.36 17.43
CA GLN C 71 -6.67 -34.13 18.83
C GLN C 71 -5.43 -34.27 19.67
N TYR C 72 -5.26 -33.34 20.60
CA TYR C 72 -4.19 -33.46 21.57
C TYR C 72 -4.60 -34.46 22.62
N TYR C 73 -3.76 -35.43 22.88
CA TYR C 73 -4.02 -36.46 23.85
C TYR C 73 -3.11 -36.27 25.03
N ILE C 74 -3.53 -36.70 26.22
CA ILE C 74 -2.70 -36.50 27.38
C ILE C 74 -2.12 -37.79 27.88
N TYR C 75 -0.80 -37.87 27.90
CA TYR C 75 -0.12 -39.08 28.30
C TYR C 75 0.81 -38.88 29.48
N VAL C 76 0.70 -39.76 30.47
CA VAL C 76 1.54 -39.68 31.66
C VAL C 76 2.28 -40.98 31.95
N THR C 77 3.57 -40.84 32.25
CA THR C 77 4.36 -42.00 32.70
C THR C 77 5.08 -41.72 34.01
N ASN C 78 5.07 -42.70 34.90
CA ASN C 78 5.79 -42.57 36.13
C ASN C 78 6.79 -43.70 36.32
N GLU C 79 8.03 -43.33 36.65
CA GLU C 79 9.05 -44.30 37.01
C GLU C 79 9.66 -43.95 38.36
N ILE C 80 9.98 -44.93 39.17
CA ILE C 80 10.46 -44.65 40.52
C ILE C 80 11.85 -45.15 40.84
N GLY C 81 12.62 -44.27 41.50
CA GLY C 81 13.93 -44.60 42.05
C GLY C 81 13.94 -44.09 43.49
N LEU C 82 14.77 -43.10 43.78
CA LEU C 82 14.72 -42.44 45.09
C LEU C 82 13.46 -41.59 45.18
N ASN C 83 13.11 -40.99 44.05
CA ASN C 83 11.97 -40.11 43.91
C ASN C 83 11.16 -40.56 42.71
N ALA C 84 10.00 -39.95 42.49
CA ALA C 84 9.25 -40.28 41.30
C ALA C 84 9.71 -39.41 40.16
N SER C 85 10.02 -40.03 39.04
CA SER C 85 10.27 -39.35 37.78
C SER C 85 8.98 -39.32 37.00
N VAL C 86 8.39 -38.14 36.90
CA VAL C 86 7.05 -38.03 36.35
C VAL C 86 7.08 -37.31 35.03
N THR C 87 6.61 -37.96 33.97
CA THR C 87 6.60 -37.32 32.67
C THR C 87 5.19 -37.02 32.19
N LEU C 88 5.01 -35.78 31.74
CA LEU C 88 3.77 -35.33 31.13
C LEU C 88 3.95 -34.93 29.69
N LYS C 89 3.16 -35.51 28.81
CA LYS C 89 3.15 -35.08 27.43
C LYS C 89 1.74 -34.79 26.94
N ILE C 90 1.56 -33.62 26.35
CA ILE C 90 0.28 -33.32 25.72
C ILE C 90 0.50 -33.03 24.27
N CYS C 91 0.08 -33.98 23.44
CA CYS C 91 0.51 -34.01 22.05
C CYS C 91 -0.46 -34.73 21.14
N LYS C 92 -0.28 -34.53 19.84
CA LYS C 92 -0.93 -35.37 18.85
C LYS C 92 -0.01 -36.56 18.55
N PHE C 93 -0.59 -37.76 18.38
CA PHE C 93 0.17 -38.99 18.17
C PHE C 93 -0.15 -39.73 16.88
N SER C 94 0.86 -40.44 16.36
CA SER C 94 0.68 -41.20 15.12
C SER C 94 0.04 -42.57 15.37
N ARG C 95 -1.24 -42.56 15.70
CA ARG C 95 -1.96 -43.81 16.04
C ARG C 95 -1.23 -44.64 17.06
N SER C 106 4.23 -44.90 20.81
CA SER C 106 3.97 -43.59 21.41
C SER C 106 4.72 -42.49 20.68
N SER C 107 4.42 -42.34 19.40
CA SER C 107 5.10 -41.36 18.56
C SER C 107 4.34 -40.04 18.47
N SER C 108 4.85 -39.03 19.18
CA SER C 108 4.26 -37.69 19.16
C SER C 108 4.83 -36.87 18.02
N PHE C 109 4.06 -35.93 17.50
CA PHE C 109 4.58 -35.07 16.42
C PHE C 109 4.19 -33.59 16.50
N ASP C 110 3.42 -33.24 17.52
CA ASP C 110 2.87 -31.90 17.72
C ASP C 110 2.55 -31.75 19.18
N CYS C 111 3.36 -30.97 19.90
CA CYS C 111 3.24 -30.96 21.35
C CYS C 111 3.04 -29.59 21.97
N ILE C 112 2.17 -29.56 22.95
CA ILE C 112 1.88 -28.41 23.79
C ILE C 112 2.81 -28.40 24.95
N VAL C 113 3.02 -29.56 25.51
CA VAL C 113 3.94 -29.65 26.62
C VAL C 113 4.63 -30.98 26.68
N ASN C 114 5.90 -30.96 27.06
CA ASN C 114 6.70 -32.15 27.33
C ASN C 114 7.62 -31.94 28.53
N LEU C 115 7.12 -32.31 29.72
CA LEU C 115 7.80 -31.96 30.97
C LEU C 115 8.13 -33.14 31.86
N LEU C 116 9.20 -32.97 32.62
CA LEU C 116 9.60 -33.92 33.64
C LEU C 116 9.63 -33.27 35.02
N PHE C 117 8.98 -33.92 35.98
CA PHE C 117 8.97 -33.45 37.35
C PHE C 117 9.58 -34.50 38.26
N THR C 118 10.10 -34.05 39.39
CA THR C 118 10.58 -35.00 40.39
C THR C 118 9.75 -34.88 41.66
N GLU C 119 9.05 -35.95 42.01
CA GLU C 119 8.08 -35.88 43.09
C GLU C 119 8.35 -36.81 44.27
N GLN C 120 7.83 -36.38 45.42
CA GLN C 120 7.87 -37.14 46.65
C GLN C 120 7.10 -38.47 46.52
N LEU C 121 7.75 -39.57 46.90
CA LEU C 121 7.08 -40.85 46.79
C LEU C 121 5.94 -40.91 47.78
N GLY C 122 4.83 -41.50 47.35
CA GLY C 122 3.64 -41.55 48.18
C GLY C 122 2.71 -40.35 47.93
N ALA C 123 3.18 -39.36 47.16
CA ALA C 123 2.34 -38.21 46.86
C ALA C 123 1.18 -38.65 45.97
N PRO C 124 0.00 -38.06 46.14
CA PRO C 124 -1.06 -38.22 45.16
C PRO C 124 -0.94 -37.21 44.06
N LEU C 125 -0.71 -37.71 42.86
CA LEU C 125 -0.50 -36.85 41.72
C LEU C 125 -1.65 -37.00 40.77
N GLY C 126 -1.95 -35.98 39.98
CA GLY C 126 -3.09 -36.19 39.10
C GLY C 126 -3.39 -35.09 38.10
N ILE C 127 -4.40 -35.35 37.30
CA ILE C 127 -4.85 -34.47 36.25
C ILE C 127 -6.33 -34.27 36.26
N THR C 128 -6.76 -33.03 36.14
CA THR C 128 -8.18 -32.74 36.02
C THR C 128 -8.46 -31.81 34.84
N ILE C 129 -9.56 -32.06 34.13
CA ILE C 129 -9.91 -31.24 32.96
C ILE C 129 -11.27 -30.55 33.06
N SER C 130 -11.32 -29.26 32.71
CA SER C 130 -12.58 -28.54 32.60
C SER C 130 -12.61 -27.68 31.35
N GLY C 131 -13.51 -27.99 30.42
CA GLY C 131 -13.50 -27.25 29.17
C GLY C 131 -12.16 -27.47 28.51
N GLU C 132 -11.46 -26.40 28.17
CA GLU C 132 -10.16 -26.52 27.52
C GLU C 132 -9.02 -26.29 28.50
N THR C 133 -9.34 -26.26 29.79
CA THR C 133 -8.32 -26.07 30.81
C THR C 133 -7.86 -27.39 31.39
N VAL C 134 -6.56 -27.61 31.38
CA VAL C 134 -5.99 -28.80 31.96
C VAL C 134 -5.14 -28.46 33.16
N ARG C 135 -5.49 -29.02 34.30
CA ARG C 135 -4.78 -28.73 35.53
C ARG C 135 -3.97 -29.92 35.97
N LEU C 136 -2.70 -29.65 36.18
CA LEU C 136 -1.75 -30.66 36.61
C LEU C 136 -1.48 -30.52 38.09
N HIS C 137 -1.81 -31.53 38.85
CA HIS C 137 -1.65 -31.50 40.29
C HIS C 137 -0.37 -32.20 40.70
N LEU C 138 0.60 -31.42 41.14
CA LEU C 138 1.89 -31.94 41.53
C LEU C 138 2.13 -31.75 43.00
N TYR C 139 1.19 -32.25 43.79
CA TYR C 139 1.32 -32.37 45.24
C TYR C 139 1.40 -31.04 45.99
N ASN C 140 2.49 -30.35 45.75
CA ASN C 140 2.75 -29.07 46.37
C ASN C 140 2.27 -27.92 45.50
N VAL C 141 2.26 -28.12 44.18
CA VAL C 141 1.88 -27.03 43.27
C VAL C 141 0.87 -27.47 42.22
N THR C 142 0.29 -26.48 41.55
CA THR C 142 -0.56 -26.76 40.39
C THR C 142 -0.06 -25.97 39.19
N ARG C 143 -0.04 -26.61 38.05
CA ARG C 143 0.31 -25.93 36.80
C ARG C 143 -0.83 -26.07 35.81
N THR C 144 -1.10 -25.00 35.07
CA THR C 144 -2.24 -25.01 34.17
C THR C 144 -1.85 -24.84 32.72
N PHE C 145 -2.46 -25.63 31.86
CA PHE C 145 -2.26 -25.55 30.43
C PHE C 145 -3.58 -25.34 29.72
N TYR C 146 -3.53 -24.71 28.56
CA TYR C 146 -4.72 -24.60 27.75
C TYR C 146 -4.58 -25.47 26.54
N VAL C 147 -5.48 -26.42 26.43
CA VAL C 147 -5.38 -27.50 25.48
C VAL C 147 -6.64 -27.60 24.64
N PRO C 148 -6.58 -27.32 23.34
CA PRO C 148 -7.71 -27.29 22.46
C PRO C 148 -8.51 -28.57 22.53
N ALA C 149 -9.79 -28.38 22.78
CA ALA C 149 -10.76 -29.45 22.90
C ALA C 149 -10.42 -30.50 23.95
N ALA C 150 -9.73 -30.13 25.01
CA ALA C 150 -9.39 -31.08 26.07
C ALA C 150 -10.62 -31.79 26.64
N TYR C 151 -11.77 -31.14 26.60
CA TYR C 151 -13.00 -31.72 27.09
C TYR C 151 -13.43 -32.98 26.35
N LYS C 152 -12.84 -33.26 25.19
CA LYS C 152 -13.14 -34.48 24.47
C LYS C 152 -12.46 -35.69 25.09
N LEU C 153 -11.46 -35.47 25.92
CA LEU C 153 -10.64 -36.56 26.43
C LEU C 153 -11.29 -37.23 27.61
N THR C 154 -12.41 -37.88 27.34
CA THR C 154 -13.28 -38.42 28.36
C THR C 154 -13.08 -39.89 28.67
N LYS C 155 -12.15 -40.54 27.98
CA LYS C 155 -11.81 -41.91 28.32
C LYS C 155 -10.48 -41.95 29.02
N LEU C 156 -10.42 -42.70 30.11
CA LEU C 156 -9.17 -42.87 30.82
C LEU C 156 -8.67 -44.27 30.72
N SER C 157 -7.46 -44.44 30.20
CA SER C 157 -6.80 -45.72 30.19
C SER C 157 -5.80 -45.78 31.32
N VAL C 158 -5.81 -46.89 32.04
CA VAL C 158 -4.90 -47.10 33.15
C VAL C 158 -4.05 -48.35 33.01
N LYS C 159 -2.73 -48.20 33.18
CA LYS C 159 -1.77 -49.31 33.23
C LYS C 159 -1.10 -49.36 34.61
N CYS C 160 -1.63 -50.19 35.51
CA CYS C 160 -1.28 -50.08 36.93
C CYS C 160 -1.93 -51.13 37.82
N TYR C 161 -1.11 -51.66 38.73
CA TYR C 161 -1.45 -52.78 39.61
C TYR C 161 -1.22 -52.46 41.07
N PHE C 162 -2.11 -52.95 41.92
CA PHE C 162 -1.90 -52.91 43.36
C PHE C 162 -0.64 -53.70 43.76
N ASN C 163 -0.31 -54.72 42.99
CA ASN C 163 0.91 -55.51 43.16
C ASN C 163 2.17 -54.67 43.23
N TYR C 164 2.17 -53.51 42.59
CA TYR C 164 3.37 -52.70 42.55
C TYR C 164 3.18 -51.39 43.28
N SER C 165 2.21 -51.37 44.18
CA SER C 165 1.86 -50.25 45.08
C SER C 165 0.92 -49.22 44.47
N CYS C 166 0.78 -49.21 43.16
CA CYS C 166 -0.17 -48.30 42.56
C CYS C 166 -1.62 -48.45 42.91
N VAL C 167 -2.18 -47.34 43.36
CA VAL C 167 -3.61 -47.18 43.56
C VAL C 167 -4.05 -45.93 42.84
N PHE C 168 -5.27 -45.91 42.34
CA PHE C 168 -5.73 -44.71 41.69
C PHE C 168 -7.20 -44.46 41.90
N SER C 169 -7.61 -43.21 41.70
CA SER C 169 -9.00 -42.85 41.80
C SER C 169 -9.41 -42.16 40.51
N VAL C 170 -10.42 -42.70 39.86
CA VAL C 170 -10.95 -42.13 38.64
C VAL C 170 -11.82 -40.95 39.01
N VAL C 171 -11.60 -39.80 38.41
CA VAL C 171 -12.37 -38.65 38.81
C VAL C 171 -13.57 -38.44 37.92
N ASN C 172 -14.74 -38.32 38.53
CA ASN C 172 -15.97 -38.04 37.84
C ASN C 172 -16.29 -36.56 37.93
N ALA C 173 -17.32 -36.19 38.69
CA ALA C 173 -17.63 -34.77 38.77
C ALA C 173 -18.48 -34.42 39.97
N THR C 174 -18.46 -33.14 40.31
CA THR C 174 -19.31 -32.55 41.34
C THR C 174 -19.21 -33.23 42.69
N VAL C 175 -18.02 -33.27 43.25
CA VAL C 175 -17.87 -33.87 44.55
C VAL C 175 -17.79 -32.77 45.60
N THR C 176 -18.50 -32.94 46.71
CA THR C 176 -18.36 -32.00 47.81
C THR C 176 -17.80 -32.72 49.02
N VAL C 177 -16.71 -32.20 49.56
CA VAL C 177 -16.04 -32.83 50.69
C VAL C 177 -15.88 -31.93 51.90
N ASN C 178 -16.18 -32.49 53.05
CA ASN C 178 -15.91 -31.83 54.33
C ASN C 178 -14.46 -32.11 54.74
N VAL C 179 -13.69 -31.04 54.84
CA VAL C 179 -12.28 -31.18 55.18
C VAL C 179 -11.93 -30.54 56.50
N THR C 180 -11.18 -31.29 57.30
CA THR C 180 -10.66 -30.77 58.56
C THR C 180 -9.17 -30.80 58.52
N THR C 181 -8.54 -29.69 58.93
CA THR C 181 -7.10 -29.60 59.01
C THR C 181 -6.62 -29.33 60.43
N HIS C 182 -5.40 -29.77 60.73
CA HIS C 182 -4.81 -29.55 62.04
C HIS C 182 -3.30 -29.70 62.04
N ASN C 183 -2.59 -28.69 62.51
CA ASN C 183 -1.13 -28.71 62.58
C ASN C 183 -0.48 -29.09 61.26
N GLY C 184 -0.99 -28.57 60.16
CA GLY C 184 -0.43 -28.83 58.84
C GLY C 184 -0.94 -30.11 58.18
N ARG C 185 -1.66 -30.93 58.94
CA ARG C 185 -2.14 -32.19 58.40
C ARG C 185 -3.57 -32.08 57.93
N VAL C 186 -3.93 -32.91 56.98
CA VAL C 186 -5.33 -33.09 56.69
C VAL C 186 -5.82 -34.21 57.58
N VAL C 187 -6.89 -33.95 58.31
CA VAL C 187 -7.44 -34.84 59.29
C VAL C 187 -8.62 -35.60 58.73
N ASN C 188 -9.59 -34.84 58.21
CA ASN C 188 -10.80 -35.44 57.65
C ASN C 188 -10.91 -35.14 56.19
N TYR C 189 -11.51 -36.08 55.47
CA TYR C 189 -11.86 -35.95 54.06
C TYR C 189 -13.14 -36.74 53.83
N THR C 190 -14.27 -36.10 54.10
CA THR C 190 -15.54 -36.80 54.10
C THR C 190 -16.50 -36.32 53.00
N VAL C 191 -16.87 -37.22 52.12
CA VAL C 191 -17.75 -36.82 51.02
C VAL C 191 -19.17 -36.61 51.52
N CYS C 192 -19.79 -35.51 51.11
CA CYS C 192 -21.18 -35.25 51.53
C CYS C 192 -22.14 -36.10 50.72
N ASP C 193 -23.13 -36.61 51.49
CA ASP C 193 -24.41 -37.07 50.94
C ASP C 193 -25.39 -35.89 50.97
N ASP C 194 -25.05 -34.92 51.83
CA ASP C 194 -25.74 -33.64 51.99
C ASP C 194 -25.06 -32.68 51.02
N CYS C 195 -25.08 -31.37 51.30
CA CYS C 195 -24.48 -30.40 50.39
C CYS C 195 -25.13 -30.39 49.01
N ASN C 196 -26.43 -30.60 48.96
CA ASN C 196 -27.12 -30.55 47.68
C ASN C 196 -27.00 -29.17 47.06
N GLY C 197 -26.54 -29.13 45.82
CA GLY C 197 -26.40 -27.89 45.07
C GLY C 197 -25.14 -27.10 45.40
N TYR C 198 -24.35 -27.58 46.36
CA TYR C 198 -23.16 -26.85 46.73
C TYR C 198 -22.21 -26.69 45.58
N THR C 199 -22.07 -27.71 44.76
CA THR C 199 -21.08 -27.64 43.70
C THR C 199 -21.38 -26.59 42.64
N ASP C 200 -22.57 -25.99 42.67
CA ASP C 200 -22.91 -24.93 41.74
C ASP C 200 -22.74 -23.53 42.35
N ASN C 201 -22.59 -23.45 43.67
CA ASN C 201 -22.63 -22.15 44.34
C ASN C 201 -21.57 -21.93 45.42
N ILE C 202 -21.09 -23.02 45.99
CA ILE C 202 -20.19 -23.00 47.14
C ILE C 202 -18.78 -23.42 46.78
N PHE C 203 -17.82 -22.66 47.28
CA PHE C 203 -16.41 -22.97 47.08
C PHE C 203 -15.63 -22.37 48.21
N SER C 204 -14.35 -22.69 48.29
CA SER C 204 -13.50 -22.11 49.32
C SER C 204 -12.66 -20.99 48.75
N VAL C 205 -12.50 -19.92 49.51
CA VAL C 205 -11.68 -18.81 49.08
C VAL C 205 -10.23 -19.22 49.06
N GLN C 206 -9.53 -19.01 47.95
CA GLN C 206 -8.16 -19.44 47.87
C GLN C 206 -7.23 -18.39 48.38
N GLN C 207 -5.98 -18.78 48.55
CA GLN C 207 -4.96 -17.83 48.92
C GLN C 207 -5.04 -16.63 47.97
N ASP C 208 -4.91 -15.44 48.55
CA ASP C 208 -4.95 -14.16 47.85
C ASP C 208 -6.34 -13.80 47.33
N GLY C 209 -7.33 -14.57 47.67
CA GLY C 209 -8.70 -14.25 47.34
C GLY C 209 -9.14 -14.76 45.98
N ARG C 210 -8.39 -15.66 45.37
CA ARG C 210 -8.85 -16.11 44.07
C ARG C 210 -10.02 -17.08 44.17
N ILE C 211 -10.89 -17.04 43.18
CA ILE C 211 -11.94 -18.04 43.03
C ILE C 211 -11.28 -19.25 42.35
N PRO C 212 -11.48 -20.49 42.81
CA PRO C 212 -10.83 -21.66 42.31
C PRO C 212 -11.08 -21.87 40.84
N ASN C 213 -10.04 -22.29 40.15
CA ASN C 213 -10.18 -22.61 38.75
C ASN C 213 -11.11 -23.80 38.62
N GLY C 214 -12.04 -23.73 37.69
CA GLY C 214 -13.00 -24.80 37.49
C GLY C 214 -14.36 -24.51 38.11
N PHE C 215 -14.46 -23.47 38.93
CA PHE C 215 -15.74 -23.11 39.54
C PHE C 215 -16.77 -22.73 38.47
N PRO C 216 -18.05 -23.12 38.64
CA PRO C 216 -19.10 -22.64 37.78
C PRO C 216 -19.81 -21.45 38.37
N PHE C 217 -19.76 -20.34 37.68
CA PHE C 217 -20.27 -19.11 38.23
C PHE C 217 -21.78 -18.97 38.12
N ASN C 218 -22.48 -19.87 38.79
CA ASN C 218 -23.91 -20.10 38.56
C ASN C 218 -24.77 -18.86 38.54
N ASN C 219 -24.59 -17.99 39.51
CA ASN C 219 -25.35 -16.76 39.55
C ASN C 219 -24.46 -15.55 39.65
N TRP C 220 -23.26 -15.61 39.11
CA TRP C 220 -22.39 -14.43 39.22
C TRP C 220 -22.42 -13.63 37.97
N PHE C 221 -22.89 -12.41 38.05
CA PHE C 221 -22.95 -11.56 36.89
C PHE C 221 -21.74 -10.67 36.79
N LEU C 222 -21.48 -10.19 35.59
CA LEU C 222 -20.51 -9.14 35.42
C LEU C 222 -21.24 -7.85 35.66
N LEU C 223 -20.63 -6.92 36.36
CA LEU C 223 -21.32 -5.67 36.61
C LEU C 223 -21.15 -4.74 35.44
N THR C 224 -22.18 -3.97 35.14
CA THR C 224 -22.01 -2.90 34.17
C THR C 224 -22.64 -1.61 34.58
N ASN C 225 -22.33 -0.58 33.80
CA ASN C 225 -22.85 0.77 33.95
C ASN C 225 -23.67 1.16 32.74
N GLY C 226 -23.74 0.25 31.77
CA GLY C 226 -24.45 0.51 30.53
C GLY C 226 -24.73 -0.78 29.76
N SER C 227 -23.98 -0.99 28.69
CA SER C 227 -24.17 -2.17 27.85
C SER C 227 -23.62 -3.41 28.52
N THR C 228 -23.98 -4.55 27.98
CA THR C 228 -23.49 -5.80 28.50
C THR C 228 -22.79 -6.60 27.44
N LEU C 229 -21.88 -7.44 27.86
CA LEU C 229 -21.20 -8.34 26.96
C LEU C 229 -22.06 -9.55 26.83
N VAL C 230 -22.06 -10.16 25.65
CA VAL C 230 -22.78 -11.41 25.52
C VAL C 230 -21.79 -12.53 25.29
N ASP C 231 -21.02 -12.44 24.21
CA ASP C 231 -20.02 -13.45 23.91
C ASP C 231 -18.68 -12.87 23.47
N GLY C 232 -17.59 -13.32 24.09
CA GLY C 232 -16.25 -12.89 23.67
C GLY C 232 -15.22 -12.90 24.80
N VAL C 233 -14.02 -12.44 24.49
CA VAL C 233 -12.94 -12.37 25.47
C VAL C 233 -12.45 -10.96 25.67
N SER C 234 -12.36 -10.53 26.92
CA SER C 234 -11.82 -9.20 27.18
C SER C 234 -11.30 -9.01 28.58
N ARG C 235 -10.49 -7.97 28.77
CA ARG C 235 -10.03 -7.60 30.10
C ARG C 235 -11.02 -6.70 30.78
N LEU C 236 -11.42 -7.09 31.97
CA LEU C 236 -12.43 -6.38 32.71
C LEU C 236 -11.90 -5.94 34.06
N TYR C 237 -12.56 -4.96 34.64
CA TYR C 237 -12.29 -4.55 36.01
C TYR C 237 -13.49 -4.90 36.85
N GLN C 238 -13.42 -6.02 37.57
CA GLN C 238 -14.60 -6.59 38.21
C GLN C 238 -14.31 -7.04 39.63
N PRO C 239 -15.29 -6.99 40.56
CA PRO C 239 -15.16 -7.36 41.95
C PRO C 239 -15.10 -8.86 42.16
N LEU C 240 -14.00 -9.44 41.72
CA LEU C 240 -13.78 -10.87 41.72
C LEU C 240 -12.63 -11.36 42.59
N ARG C 241 -12.11 -10.53 43.48
CA ARG C 241 -11.14 -11.03 44.46
C ARG C 241 -11.76 -11.04 45.83
N LEU C 242 -11.75 -12.19 46.47
CA LEU C 242 -12.47 -12.31 47.71
C LEU C 242 -11.64 -12.14 48.95
N THR C 243 -12.23 -11.48 49.93
CA THR C 243 -11.67 -11.37 51.25
C THR C 243 -12.37 -12.32 52.18
N CYS C 244 -13.62 -12.63 51.84
CA CYS C 244 -14.42 -13.61 52.54
C CYS C 244 -15.45 -14.24 51.62
N LEU C 245 -16.15 -15.24 52.13
CA LEU C 245 -17.22 -15.94 51.45
C LEU C 245 -17.99 -16.71 52.50
N TRP C 246 -19.25 -16.37 52.68
CA TRP C 246 -20.05 -16.90 53.78
C TRP C 246 -21.26 -17.75 53.31
N PRO C 247 -21.14 -19.09 53.29
CA PRO C 247 -22.15 -20.02 52.82
C PRO C 247 -23.40 -20.04 53.64
N VAL C 248 -24.52 -20.12 52.95
CA VAL C 248 -25.84 -20.28 53.51
C VAL C 248 -25.98 -19.53 54.83
N PRO C 249 -25.69 -18.24 54.77
CA PRO C 249 -25.27 -17.38 55.85
C PRO C 249 -26.20 -17.32 57.05
N GLY C 250 -27.46 -17.69 56.88
CA GLY C 250 -28.38 -17.65 57.99
C GLY C 250 -28.94 -16.26 58.22
N LEU C 251 -28.95 -15.42 57.19
CA LEU C 251 -29.47 -14.08 57.35
C LEU C 251 -30.96 -14.11 57.67
N LYS C 252 -31.32 -13.43 58.75
CA LYS C 252 -32.71 -13.32 59.18
C LYS C 252 -33.02 -11.88 59.56
N SER C 253 -34.28 -11.56 59.78
CA SER C 253 -34.68 -10.21 60.19
C SER C 253 -34.04 -9.76 61.51
N SER C 254 -33.56 -10.71 62.30
CA SER C 254 -32.84 -10.43 63.53
C SER C 254 -31.32 -10.20 63.36
N THR C 255 -30.79 -10.39 62.15
CA THR C 255 -29.36 -10.26 61.91
C THR C 255 -28.79 -8.85 62.06
N GLY C 256 -29.49 -7.83 61.58
CA GLY C 256 -28.99 -6.47 61.64
C GLY C 256 -28.17 -6.09 60.42
N PHE C 257 -27.34 -5.07 60.57
CA PHE C 257 -26.61 -4.49 59.46
C PHE C 257 -25.22 -5.08 59.28
N VAL C 258 -24.81 -5.24 58.04
CA VAL C 258 -23.48 -5.70 57.71
C VAL C 258 -22.66 -4.57 57.12
N TYR C 259 -21.44 -4.40 57.62
CA TYR C 259 -20.60 -3.25 57.32
C TYR C 259 -19.53 -3.49 56.26
N PHE C 260 -19.84 -4.30 55.27
CA PHE C 260 -18.96 -4.57 54.12
C PHE C 260 -17.72 -5.38 54.47
N ASN C 261 -16.93 -4.92 55.40
CA ASN C 261 -15.81 -5.70 55.88
C ASN C 261 -16.33 -6.94 56.60
N ALA C 262 -15.92 -8.12 56.16
CA ALA C 262 -16.43 -9.37 56.73
C ALA C 262 -15.85 -9.66 58.09
N THR C 263 -16.23 -8.86 59.07
CA THR C 263 -15.70 -8.98 60.41
C THR C 263 -16.84 -9.18 61.41
N GLY C 264 -18.02 -9.51 60.90
CA GLY C 264 -19.20 -9.74 61.73
C GLY C 264 -19.06 -11.04 62.51
N SER C 265 -19.72 -11.11 63.66
CA SER C 265 -19.63 -12.25 64.56
C SER C 265 -20.07 -13.59 63.97
N ASP C 266 -20.91 -13.55 62.95
CA ASP C 266 -21.44 -14.77 62.36
C ASP C 266 -20.70 -15.18 61.09
N VAL C 267 -19.76 -14.37 60.63
CA VAL C 267 -19.28 -14.59 59.29
C VAL C 267 -18.18 -15.63 59.21
N ASN C 268 -18.58 -16.88 59.31
CA ASN C 268 -17.65 -17.99 59.30
C ASN C 268 -17.21 -18.32 57.89
N CYS C 269 -16.28 -17.52 57.36
CA CYS C 269 -16.03 -17.61 55.93
C CYS C 269 -15.49 -19.00 55.59
N ASN C 270 -15.80 -19.50 54.40
CA ASN C 270 -15.30 -20.79 53.95
C ASN C 270 -14.00 -20.64 53.14
N GLY C 271 -12.91 -21.11 53.69
CA GLY C 271 -11.60 -20.96 53.04
C GLY C 271 -10.76 -19.90 53.71
N TYR C 272 -9.87 -19.28 52.95
CA TYR C 272 -8.96 -18.28 53.48
C TYR C 272 -9.68 -16.98 53.73
N GLN C 273 -9.25 -16.24 54.74
CA GLN C 273 -9.86 -14.94 55.02
C GLN C 273 -8.84 -13.84 55.13
N HIS C 274 -9.16 -12.72 54.51
CA HIS C 274 -8.27 -11.56 54.54
C HIS C 274 -8.94 -10.37 55.20
N ASN C 275 -8.51 -10.06 56.42
CA ASN C 275 -9.18 -9.09 57.28
C ASN C 275 -8.94 -7.63 56.84
N SER C 276 -9.58 -7.27 55.75
CA SER C 276 -9.52 -5.93 55.18
C SER C 276 -10.91 -5.41 54.83
N VAL C 277 -10.95 -4.35 54.03
CA VAL C 277 -12.21 -3.70 53.64
C VAL C 277 -12.42 -3.86 52.14
N VAL C 278 -13.64 -4.20 51.78
CA VAL C 278 -13.99 -4.55 50.43
C VAL C 278 -14.60 -3.41 49.65
N ASP C 279 -14.87 -3.66 48.38
CA ASP C 279 -15.55 -2.69 47.55
C ASP C 279 -17.04 -3.01 47.54
N VAL C 280 -17.37 -4.31 47.42
CA VAL C 280 -18.77 -4.70 47.33
C VAL C 280 -19.14 -5.91 48.18
N MET C 281 -20.45 -6.02 48.44
CA MET C 281 -21.04 -7.27 48.92
C MET C 281 -21.91 -7.88 47.84
N ARG C 282 -21.77 -9.19 47.64
CA ARG C 282 -22.56 -9.86 46.62
C ARG C 282 -23.46 -10.92 47.22
N TYR C 283 -24.76 -10.82 46.94
CA TYR C 283 -25.73 -11.76 47.46
C TYR C 283 -26.21 -12.73 46.41
N ASN C 284 -25.80 -13.98 46.55
CA ASN C 284 -26.19 -15.06 45.64
C ASN C 284 -27.49 -15.65 46.16
N LEU C 285 -28.58 -15.36 45.47
CA LEU C 285 -29.91 -15.62 46.00
C LEU C 285 -30.42 -17.02 45.67
N ASN C 286 -31.16 -17.60 46.59
CA ASN C 286 -31.79 -18.91 46.37
C ASN C 286 -33.25 -18.76 45.97
N PHE C 287 -33.76 -19.72 45.22
CA PHE C 287 -35.16 -19.72 44.81
C PHE C 287 -35.54 -21.05 44.18
N SER C 288 -36.84 -21.26 43.98
CA SER C 288 -37.33 -22.47 43.32
C SER C 288 -38.22 -22.10 42.12
N ALA C 289 -38.98 -23.09 41.65
CA ALA C 289 -39.90 -22.92 40.53
C ALA C 289 -41.27 -22.43 40.99
N ASN C 290 -41.52 -22.57 42.28
CA ASN C 290 -42.78 -22.15 42.88
C ASN C 290 -42.78 -20.67 43.19
N SER C 291 -43.57 -19.89 42.48
CA SER C 291 -43.58 -18.46 42.73
C SER C 291 -43.95 -18.13 44.19
N LEU C 292 -44.71 -19.00 44.86
CA LEU C 292 -45.14 -18.69 46.21
C LEU C 292 -44.07 -18.96 47.26
N ASP C 293 -42.96 -19.58 46.85
CA ASP C 293 -41.81 -19.78 47.72
C ASP C 293 -40.71 -18.80 47.33
N ASN C 294 -41.02 -17.94 46.36
CA ASN C 294 -40.06 -17.02 45.80
C ASN C 294 -40.35 -15.58 46.21
N LEU C 295 -41.62 -15.22 46.28
CA LEU C 295 -41.94 -13.88 46.72
C LEU C 295 -41.89 -13.78 48.24
N LYS C 296 -41.05 -12.89 48.76
CA LYS C 296 -40.94 -12.73 50.19
C LYS C 296 -41.31 -11.32 50.60
N SER C 297 -41.90 -11.17 51.78
CA SER C 297 -42.07 -9.82 52.31
C SER C 297 -40.74 -9.37 52.87
N GLY C 298 -40.41 -8.10 52.69
CA GLY C 298 -39.15 -7.59 53.23
C GLY C 298 -38.64 -6.36 52.51
N VAL C 299 -37.57 -5.82 53.07
CA VAL C 299 -36.94 -4.60 52.56
C VAL C 299 -35.44 -4.71 52.52
N ILE C 300 -34.81 -3.82 51.77
CA ILE C 300 -33.39 -3.65 51.91
C ILE C 300 -33.13 -2.26 52.43
N VAL C 301 -32.41 -2.17 53.54
CA VAL C 301 -32.13 -0.87 54.11
C VAL C 301 -30.66 -0.55 54.11
N PHE C 302 -30.36 0.66 53.69
CA PHE C 302 -28.99 1.11 53.62
C PHE C 302 -28.76 2.20 54.64
N LYS C 303 -27.64 2.12 55.33
CA LYS C 303 -27.23 3.17 56.22
C LYS C 303 -26.28 4.05 55.48
N THR C 304 -26.69 5.28 55.17
CA THR C 304 -25.81 6.20 54.51
C THR C 304 -25.20 7.07 55.55
N LEU C 305 -24.37 8.00 55.13
CA LEU C 305 -23.72 8.92 56.04
C LEU C 305 -24.70 9.87 56.74
N GLN C 306 -25.92 10.01 56.22
CA GLN C 306 -26.87 10.96 56.78
C GLN C 306 -28.21 10.35 57.18
N TYR C 307 -28.77 9.51 56.31
CA TYR C 307 -30.12 9.00 56.51
C TYR C 307 -30.22 7.52 56.17
N ASP C 308 -31.25 6.88 56.69
CA ASP C 308 -31.57 5.55 56.20
C ASP C 308 -32.27 5.66 54.87
N VAL C 309 -31.93 4.73 53.98
CA VAL C 309 -32.61 4.61 52.71
C VAL C 309 -33.24 3.24 52.58
N LEU C 310 -34.50 3.24 52.21
CA LEU C 310 -35.31 2.04 52.11
C LEU C 310 -35.67 1.65 50.68
N PHE C 311 -35.29 0.44 50.28
CA PHE C 311 -35.64 -0.08 48.96
C PHE C 311 -36.62 -1.25 49.06
N TYR C 312 -37.67 -1.21 48.24
CA TYR C 312 -38.69 -2.27 48.27
C TYR C 312 -39.52 -2.29 47.00
N CYS C 313 -40.25 -3.39 46.80
CA CYS C 313 -41.05 -3.48 45.58
C CYS C 313 -42.48 -3.95 45.81
N SER C 314 -43.31 -3.74 44.78
CA SER C 314 -44.71 -4.17 44.77
C SER C 314 -45.13 -4.64 43.38
N ASN C 315 -46.22 -5.41 43.31
CA ASN C 315 -46.63 -5.89 41.99
C ASN C 315 -47.33 -4.83 41.18
N SER C 316 -48.23 -4.09 41.79
CA SER C 316 -48.83 -2.98 41.08
C SER C 316 -47.95 -1.76 41.26
N SER C 317 -48.28 -0.68 40.57
CA SER C 317 -47.51 0.55 40.68
C SER C 317 -47.81 1.31 41.98
N SER C 318 -48.83 0.88 42.71
CA SER C 318 -49.22 1.56 43.93
C SER C 318 -48.37 1.06 45.08
N GLY C 319 -47.12 1.51 45.10
CA GLY C 319 -46.08 1.01 46.02
C GLY C 319 -46.51 1.01 47.47
N VAL C 320 -47.39 1.93 47.81
CA VAL C 320 -47.94 2.11 49.14
C VAL C 320 -48.74 0.90 49.65
N LEU C 321 -49.09 -0.03 48.77
CA LEU C 321 -49.87 -1.19 49.15
C LEU C 321 -49.08 -2.44 49.53
N ASP C 322 -47.76 -2.44 49.38
CA ASP C 322 -47.02 -3.66 49.73
C ASP C 322 -45.54 -3.39 50.01
N THR C 323 -44.82 -4.42 50.43
CA THR C 323 -43.40 -4.27 50.67
C THR C 323 -42.66 -5.59 50.50
N THR C 324 -42.26 -5.90 49.27
CA THR C 324 -41.72 -7.21 48.95
C THR C 324 -40.40 -7.19 48.22
N ILE C 325 -39.77 -8.37 48.21
CA ILE C 325 -38.63 -8.65 47.38
C ILE C 325 -38.91 -9.97 46.66
N PRO C 326 -39.04 -9.99 45.34
CA PRO C 326 -39.11 -11.24 44.62
C PRO C 326 -37.74 -11.80 44.36
N PHE C 327 -37.58 -13.09 44.60
CA PHE C 327 -36.36 -13.79 44.23
C PHE C 327 -36.67 -14.75 43.09
N GLY C 328 -35.77 -14.96 42.17
CA GLY C 328 -36.08 -15.97 41.19
C GLY C 328 -37.09 -15.44 40.21
N PRO C 329 -37.72 -16.32 39.41
CA PRO C 329 -38.62 -16.00 38.33
C PRO C 329 -39.96 -15.49 38.82
N SER C 330 -40.48 -14.48 38.12
CA SER C 330 -41.80 -13.95 38.33
C SER C 330 -42.77 -14.44 37.26
N SER C 331 -43.93 -13.81 37.22
CA SER C 331 -44.98 -14.09 36.25
C SER C 331 -45.68 -12.77 35.98
N GLN C 332 -45.22 -11.75 36.69
CA GLN C 332 -45.74 -10.40 36.54
C GLN C 332 -44.63 -9.37 36.77
N PRO C 333 -44.80 -8.15 36.30
CA PRO C 333 -43.89 -7.07 36.60
C PRO C 333 -43.90 -6.71 38.05
N TYR C 334 -42.76 -6.28 38.56
CA TYR C 334 -42.66 -5.70 39.89
C TYR C 334 -42.00 -4.35 39.82
N TYR C 335 -42.61 -3.41 40.51
CA TYR C 335 -42.19 -2.03 40.53
C TYR C 335 -41.36 -1.81 41.75
N CYS C 336 -40.26 -1.10 41.61
CA CYS C 336 -39.41 -0.90 42.76
C CYS C 336 -39.17 0.55 43.01
N PHE C 337 -39.20 0.88 44.30
CA PHE C 337 -39.18 2.24 44.80
C PHE C 337 -38.12 2.46 45.87
N ILE C 338 -37.76 3.73 46.02
CA ILE C 338 -36.92 4.16 47.13
C ILE C 338 -37.62 5.13 48.04
N ASN C 339 -37.52 4.86 49.34
CA ASN C 339 -38.04 5.74 50.37
C ASN C 339 -36.91 6.29 51.24
N SER C 340 -37.03 7.53 51.66
CA SER C 340 -36.12 8.03 52.69
C SER C 340 -36.76 9.24 53.34
N THR C 341 -36.60 9.38 54.65
CA THR C 341 -37.37 10.39 55.35
C THR C 341 -36.55 11.41 56.10
N ILE C 342 -36.82 12.68 55.84
CA ILE C 342 -36.13 13.75 56.55
C ILE C 342 -37.10 14.58 57.40
N ASN C 343 -37.10 14.37 58.71
CA ASN C 343 -38.07 15.03 59.58
C ASN C 343 -39.50 14.89 59.09
N THR C 344 -39.91 13.63 58.85
CA THR C 344 -41.22 13.25 58.31
C THR C 344 -41.39 13.61 56.83
N THR C 345 -40.38 14.22 56.20
CA THR C 345 -40.45 14.45 54.79
C THR C 345 -40.23 13.13 54.09
N HIS C 346 -41.30 12.38 53.96
CA HIS C 346 -41.20 11.03 53.43
C HIS C 346 -41.03 11.10 51.94
N VAL C 347 -39.78 11.20 51.50
CA VAL C 347 -39.49 11.27 50.10
C VAL C 347 -39.63 9.89 49.53
N SER C 348 -40.37 9.75 48.44
CA SER C 348 -40.58 8.44 47.87
C SER C 348 -40.59 8.50 46.36
N THR C 349 -39.83 7.64 45.71
CA THR C 349 -39.80 7.62 44.26
C THR C 349 -39.73 6.26 43.62
N PHE C 350 -40.35 6.18 42.47
CA PHE C 350 -40.20 5.03 41.62
C PHE C 350 -38.79 5.02 41.09
N VAL C 351 -38.21 3.85 41.00
CA VAL C 351 -36.91 3.69 40.38
C VAL C 351 -36.99 2.89 39.10
N GLY C 352 -37.64 1.73 39.14
CA GLY C 352 -37.65 0.91 37.94
C GLY C 352 -38.42 -0.39 38.05
N ILE C 353 -38.37 -1.16 36.97
CA ILE C 353 -39.02 -2.46 36.89
C ILE C 353 -37.97 -3.55 36.98
N LEU C 354 -38.26 -4.58 37.73
CA LEU C 354 -37.35 -5.70 37.86
C LEU C 354 -37.30 -6.56 36.61
N PRO C 355 -36.25 -7.34 36.41
CA PRO C 355 -36.14 -8.29 35.36
C PRO C 355 -37.09 -9.43 35.67
N PRO C 356 -37.48 -10.22 34.67
CA PRO C 356 -38.26 -11.44 34.81
C PRO C 356 -37.74 -12.39 35.87
N THR C 357 -36.42 -12.43 36.07
CA THR C 357 -35.82 -13.29 37.07
C THR C 357 -34.76 -12.54 37.88
N VAL C 358 -34.81 -12.63 39.20
CA VAL C 358 -33.79 -12.00 40.03
C VAL C 358 -32.84 -13.03 40.65
N ARG C 359 -31.55 -12.91 40.36
CA ARG C 359 -30.58 -13.91 40.80
C ARG C 359 -29.48 -13.36 41.69
N GLU C 360 -29.07 -12.13 41.45
CA GLU C 360 -27.98 -11.57 42.25
C GLU C 360 -28.17 -10.11 42.57
N ILE C 361 -27.90 -9.76 43.82
CA ILE C 361 -27.88 -8.36 44.22
C ILE C 361 -26.51 -7.94 44.71
N VAL C 362 -26.02 -6.82 44.17
CA VAL C 362 -24.69 -6.34 44.56
C VAL C 362 -24.73 -4.92 45.07
N VAL C 363 -24.10 -4.70 46.21
CA VAL C 363 -24.08 -3.38 46.78
C VAL C 363 -22.66 -2.89 47.00
N ALA C 364 -22.33 -1.74 46.44
CA ALA C 364 -21.02 -1.13 46.60
C ALA C 364 -21.00 -0.16 47.74
N ARG C 365 -19.84 -0.01 48.39
CA ARG C 365 -19.67 1.03 49.43
C ARG C 365 -19.85 2.41 48.84
N THR C 366 -19.58 2.52 47.56
CA THR C 366 -19.70 3.75 46.81
C THR C 366 -21.13 4.21 46.71
N GLY C 367 -22.08 3.34 47.00
CA GLY C 367 -23.47 3.66 46.92
C GLY C 367 -24.14 3.05 45.71
N GLN C 368 -23.35 2.46 44.84
CA GLN C 368 -23.98 1.89 43.65
C GLN C 368 -24.67 0.56 43.91
N PHE C 369 -25.91 0.45 43.45
CA PHE C 369 -26.74 -0.74 43.65
C PHE C 369 -27.12 -1.40 42.32
N TYR C 370 -26.75 -2.68 42.19
CA TYR C 370 -26.95 -3.44 40.96
C TYR C 370 -27.83 -4.67 41.15
N ILE C 371 -28.65 -4.98 40.15
CA ILE C 371 -29.40 -6.23 40.11
C ILE C 371 -29.06 -7.01 38.86
N ASN C 372 -28.58 -8.23 39.03
CA ASN C 372 -28.15 -9.06 37.93
C ASN C 372 -27.17 -8.33 37.03
N GLY C 373 -26.27 -7.56 37.64
CA GLY C 373 -25.27 -6.78 36.93
C GLY C 373 -25.70 -5.37 36.52
N PHE C 374 -26.98 -5.07 36.53
CA PHE C 374 -27.44 -3.80 36.01
C PHE C 374 -27.65 -2.74 37.08
N LYS C 375 -27.02 -1.59 36.90
CA LYS C 375 -27.14 -0.54 37.90
C LYS C 375 -28.52 0.10 37.92
N TYR C 376 -29.18 0.06 39.08
CA TYR C 376 -30.49 0.69 39.27
C TYR C 376 -30.45 2.05 39.94
N PHE C 377 -29.60 2.23 40.93
CA PHE C 377 -29.53 3.55 41.58
C PHE C 377 -28.21 3.78 42.28
N ASP C 378 -28.00 5.03 42.74
CA ASP C 378 -26.71 5.40 43.28
C ASP C 378 -26.82 6.31 44.51
N LEU C 379 -26.58 5.75 45.68
CA LEU C 379 -26.68 6.51 46.92
C LEU C 379 -25.38 7.24 47.14
N GLY C 380 -25.36 8.30 47.93
CA GLY C 380 -24.10 9.02 48.08
C GLY C 380 -22.96 8.19 48.68
N PHE C 381 -23.29 7.32 49.63
CA PHE C 381 -22.31 6.47 50.30
C PHE C 381 -23.03 5.48 51.17
N ILE C 382 -22.58 4.24 51.26
CA ILE C 382 -23.20 3.31 52.20
C ILE C 382 -22.23 2.81 53.26
N GLU C 383 -22.62 2.98 54.52
CA GLU C 383 -21.86 2.47 55.65
C GLU C 383 -22.20 1.01 55.89
N ALA C 384 -23.48 0.67 55.79
CA ALA C 384 -23.89 -0.71 56.04
C ALA C 384 -25.21 -1.08 55.41
N VAL C 385 -25.43 -2.39 55.27
CA VAL C 385 -26.66 -2.89 54.63
C VAL C 385 -27.40 -3.94 55.46
N ASN C 386 -28.73 -3.83 55.50
CA ASN C 386 -29.56 -4.87 56.12
C ASN C 386 -30.52 -5.49 55.11
N PHE C 387 -30.19 -6.70 54.67
CA PHE C 387 -30.98 -7.36 53.65
C PHE C 387 -32.16 -8.05 54.33
N ASN C 388 -33.14 -7.24 54.67
CA ASN C 388 -34.17 -7.55 55.65
C ASN C 388 -35.30 -8.41 55.09
N VAL C 389 -34.99 -9.64 54.73
CA VAL C 389 -36.00 -10.52 54.16
C VAL C 389 -36.67 -11.19 55.36
N THR C 390 -38.00 -11.20 55.38
CA THR C 390 -38.73 -11.84 56.46
C THR C 390 -38.68 -13.28 55.96
N THR C 391 -38.59 -14.24 56.87
CA THR C 391 -38.50 -15.60 56.41
C THR C 391 -38.97 -16.57 57.47
N ALA C 392 -38.67 -17.84 57.24
CA ALA C 392 -39.02 -18.92 58.11
C ALA C 392 -37.83 -19.82 58.18
N SER C 393 -36.93 -19.57 57.25
CA SER C 393 -35.80 -20.45 57.04
C SER C 393 -34.49 -19.71 56.93
N ALA C 394 -33.48 -20.44 56.50
CA ALA C 394 -32.17 -19.93 56.18
C ALA C 394 -32.05 -19.84 54.69
N THR C 395 -32.89 -20.63 54.03
CA THR C 395 -32.79 -20.91 52.61
C THR C 395 -33.18 -19.80 51.66
N ASP C 396 -32.64 -18.53 51.82
CA ASP C 396 -33.00 -17.45 50.95
C ASP C 396 -31.74 -17.09 50.22
N PHE C 397 -30.62 -17.46 50.82
CA PHE C 397 -29.31 -17.15 50.25
C PHE C 397 -28.42 -18.36 50.14
N TRP C 398 -27.66 -18.42 49.06
CA TRP C 398 -26.64 -19.43 48.91
C TRP C 398 -25.36 -18.98 49.54
N THR C 399 -25.03 -17.72 49.32
CA THR C 399 -23.81 -17.18 49.91
C THR C 399 -23.69 -15.68 49.81
N VAL C 400 -22.96 -15.11 50.75
CA VAL C 400 -22.56 -13.72 50.63
C VAL C 400 -21.06 -13.63 50.36
N ALA C 401 -20.69 -12.94 49.31
CA ALA C 401 -19.27 -12.77 49.00
C ALA C 401 -18.83 -11.37 49.31
N PHE C 402 -17.60 -11.25 49.78
CA PHE C 402 -17.07 -9.94 50.13
C PHE C 402 -15.84 -9.67 49.30
N ALA C 403 -15.96 -8.74 48.33
CA ALA C 403 -14.98 -8.68 47.23
C ALA C 403 -14.43 -7.31 46.88
N THR C 404 -13.27 -7.35 46.23
CA THR C 404 -12.65 -6.17 45.65
C THR C 404 -12.38 -6.31 44.16
N PHE C 405 -12.26 -5.16 43.50
CA PHE C 405 -12.00 -5.10 42.06
C PHE C 405 -10.64 -5.54 41.62
N VAL C 406 -10.62 -6.32 40.54
CA VAL C 406 -9.41 -6.80 39.89
C VAL C 406 -9.42 -6.76 38.39
N ASP C 407 -8.20 -6.68 37.83
CA ASP C 407 -7.96 -6.79 36.40
C ASP C 407 -7.85 -8.27 36.00
N VAL C 408 -8.88 -8.71 35.29
CA VAL C 408 -9.01 -10.11 34.92
C VAL C 408 -9.31 -10.30 33.46
N LEU C 409 -8.85 -11.42 32.90
CA LEU C 409 -9.20 -11.77 31.54
C LEU C 409 -10.37 -12.72 31.61
N VAL C 410 -11.46 -12.36 30.97
CA VAL C 410 -12.65 -13.18 31.09
C VAL C 410 -13.17 -13.67 29.76
N ASN C 411 -13.46 -14.96 29.75
CA ASN C 411 -14.19 -15.59 28.65
C ASN C 411 -15.67 -15.57 28.97
N VAL C 412 -16.41 -14.77 28.23
CA VAL C 412 -17.81 -14.51 28.49
C VAL C 412 -18.67 -15.27 27.50
N SER C 413 -19.72 -15.93 27.99
CA SER C 413 -20.61 -16.60 27.06
C SER C 413 -22.06 -16.56 27.53
N ALA C 414 -22.94 -16.08 26.67
CA ALA C 414 -24.32 -15.75 27.06
C ALA C 414 -24.33 -14.90 28.31
N THR C 415 -23.43 -13.93 28.36
CA THR C 415 -23.24 -12.97 29.46
C THR C 415 -22.59 -13.60 30.72
N ASN C 416 -22.39 -14.93 30.73
CA ASN C 416 -21.89 -15.62 31.91
C ASN C 416 -20.39 -15.81 31.91
N ILE C 417 -19.78 -15.93 33.08
CA ILE C 417 -18.37 -16.23 33.13
C ILE C 417 -18.09 -17.70 32.87
N GLN C 418 -17.22 -17.98 31.90
CA GLN C 418 -16.80 -19.34 31.59
C GLN C 418 -15.40 -19.56 32.11
N ASN C 419 -14.51 -18.64 31.80
CA ASN C 419 -13.12 -18.77 32.21
C ASN C 419 -12.62 -17.48 32.79
N LEU C 420 -12.20 -17.54 34.04
CA LEU C 420 -11.69 -16.37 34.73
C LEU C 420 -10.20 -16.50 34.99
N LEU C 421 -9.42 -15.61 34.38
CA LEU C 421 -7.99 -15.57 34.59
C LEU C 421 -7.53 -14.30 35.27
N TYR C 422 -6.97 -14.43 36.46
CA TYR C 422 -6.44 -13.26 37.14
C TYR C 422 -5.08 -12.99 36.54
N CYS C 423 -4.74 -11.76 36.26
CA CYS C 423 -3.41 -11.47 35.74
C CYS C 423 -2.59 -10.68 36.73
N ASP C 424 -1.90 -11.43 37.59
CA ASP C 424 -0.95 -10.94 38.58
C ASP C 424 0.51 -11.27 38.20
N SER C 425 0.75 -12.49 37.71
CA SER C 425 2.10 -12.94 37.37
C SER C 425 2.48 -12.48 35.97
N PRO C 426 3.77 -12.43 35.62
CA PRO C 426 4.23 -12.07 34.31
C PRO C 426 3.63 -12.90 33.18
N PHE C 427 3.51 -14.19 33.38
CA PHE C 427 2.95 -14.96 32.29
C PHE C 427 1.47 -14.70 32.16
N GLU C 428 0.78 -14.59 33.28
CA GLU C 428 -0.65 -14.32 33.19
C GLU C 428 -0.85 -12.96 32.54
N LYS C 429 0.04 -12.02 32.83
CA LYS C 429 -0.02 -10.71 32.22
C LYS C 429 0.18 -10.78 30.72
N LEU C 430 1.06 -11.65 30.23
CA LEU C 430 1.13 -11.77 28.79
C LEU C 430 -0.19 -12.27 28.23
N GLN C 431 -0.82 -13.22 28.90
CA GLN C 431 -2.09 -13.71 28.39
C GLN C 431 -3.09 -12.55 28.30
N CYS C 432 -3.26 -11.80 29.40
CA CYS C 432 -4.00 -10.55 29.35
C CYS C 432 -3.61 -9.62 28.22
N GLU C 433 -2.34 -9.32 28.03
CA GLU C 433 -1.94 -8.33 27.04
C GLU C 433 -2.34 -8.72 25.63
N HIS C 434 -2.32 -10.01 25.33
CA HIS C 434 -2.70 -10.46 24.01
C HIS C 434 -4.15 -10.95 23.94
N LEU C 435 -4.89 -10.80 25.05
CA LEU C 435 -6.24 -11.33 25.18
C LEU C 435 -6.36 -12.78 24.75
N GLN C 436 -5.45 -13.63 25.21
CA GLN C 436 -5.46 -14.98 24.70
C GLN C 436 -5.19 -16.04 25.77
N PHE C 437 -6.07 -17.02 25.87
CA PHE C 437 -5.93 -18.05 26.89
C PHE C 437 -4.94 -19.11 26.50
N GLY C 438 -3.68 -18.77 26.67
CA GLY C 438 -2.54 -19.61 26.36
C GLY C 438 -1.83 -19.07 25.13
N LEU C 439 -0.52 -19.19 25.10
CA LEU C 439 0.27 -18.59 24.02
C LEU C 439 0.87 -19.65 23.13
N GLN C 440 1.58 -19.22 22.11
CA GLN C 440 2.30 -20.13 21.25
C GLN C 440 3.78 -19.99 21.56
N ASP C 441 4.45 -21.08 21.83
CA ASP C 441 5.86 -21.00 22.19
C ASP C 441 6.65 -20.22 21.12
N GLY C 442 7.57 -19.36 21.56
CA GLY C 442 8.30 -18.44 20.67
C GLY C 442 8.66 -17.12 21.37
N PHE C 443 8.82 -16.04 20.60
CA PHE C 443 9.17 -14.75 21.21
C PHE C 443 8.05 -13.73 21.12
N TYR C 444 7.88 -12.97 22.20
CA TYR C 444 6.87 -11.93 22.29
C TYR C 444 7.44 -10.60 22.76
N SER C 445 6.90 -9.51 22.25
CA SER C 445 7.27 -8.21 22.79
C SER C 445 6.50 -7.98 24.07
N ALA C 446 7.07 -7.23 25.00
CA ALA C 446 6.34 -6.88 26.22
C ALA C 446 6.69 -5.48 26.71
N ASN C 447 5.71 -4.82 27.32
CA ASN C 447 5.94 -3.53 27.96
C ASN C 447 4.84 -3.29 28.99
N PHE C 448 5.02 -3.85 30.17
CA PHE C 448 3.95 -3.81 31.13
C PHE C 448 3.90 -2.47 31.82
N LEU C 449 3.24 -1.53 31.17
CA LEU C 449 3.27 -0.13 31.60
C LEU C 449 2.91 0.05 33.07
N ASP C 450 3.82 0.71 33.80
CA ASP C 450 3.63 0.89 35.24
C ASP C 450 2.66 2.03 35.54
N ASP C 451 1.39 1.80 35.23
CA ASP C 451 0.37 2.83 35.39
C ASP C 451 0.31 3.36 36.82
N ASN C 452 0.41 4.67 36.95
CA ASN C 452 0.37 5.33 38.26
C ASN C 452 0.23 6.84 38.11
N VAL C 453 0.16 7.53 39.25
CA VAL C 453 0.09 8.98 39.27
C VAL C 453 1.48 9.61 39.30
N LEU C 454 1.73 10.52 38.38
CA LEU C 454 3.03 11.17 38.30
C LEU C 454 2.95 12.63 38.77
N PRO C 455 4.05 13.21 39.25
CA PRO C 455 4.20 14.62 39.50
C PRO C 455 4.32 15.35 38.19
N GLU C 456 3.87 16.60 38.15
CA GLU C 456 3.94 17.37 36.91
C GLU C 456 4.97 18.48 36.96
N THR C 457 5.77 18.54 35.92
CA THR C 457 6.78 19.57 35.73
C THR C 457 6.35 20.58 34.70
N TYR C 458 6.88 21.77 34.79
CA TYR C 458 6.45 22.86 33.94
C TYR C 458 7.57 23.79 33.61
N VAL C 459 7.92 23.84 32.35
CA VAL C 459 9.02 24.66 31.94
C VAL C 459 8.60 25.57 30.82
N ALA C 460 8.84 26.85 30.97
CA ALA C 460 8.36 27.81 30.01
C ALA C 460 9.30 28.96 29.86
N LEU C 461 9.10 29.73 28.81
CA LEU C 461 9.94 30.88 28.56
C LEU C 461 9.66 31.92 29.62
N PRO C 462 10.61 32.83 29.93
CA PRO C 462 10.52 33.79 31.00
C PRO C 462 9.25 34.64 30.96
N ILE C 463 8.68 34.84 32.14
CA ILE C 463 7.44 35.61 32.29
C ILE C 463 7.16 35.90 33.75
N TYR C 464 6.67 37.08 34.08
CA TYR C 464 6.32 37.29 35.48
C TYR C 464 5.03 36.57 35.82
N TYR C 465 5.02 35.93 36.98
CA TYR C 465 3.85 35.21 37.42
C TYR C 465 2.75 36.15 37.89
N GLN C 466 1.52 35.92 37.44
CA GLN C 466 0.40 36.77 37.85
C GLN C 466 -0.93 36.06 37.78
N HIS C 467 -1.55 35.79 38.92
CA HIS C 467 -2.68 34.87 38.94
C HIS C 467 -3.97 35.34 39.56
N THR C 468 -5.09 34.98 38.93
CA THR C 468 -6.41 35.23 39.50
C THR C 468 -7.24 33.96 39.74
N ASP C 469 -7.99 33.96 40.85
CA ASP C 469 -8.94 32.89 41.18
C ASP C 469 -10.35 33.16 40.70
N ILE C 470 -10.99 32.13 40.18
CA ILE C 470 -12.42 32.17 39.97
C ILE C 470 -13.07 30.95 40.57
N ASN C 471 -14.21 31.13 41.22
CA ASN C 471 -15.04 29.95 41.44
C ASN C 471 -16.41 30.10 40.80
N PHE C 472 -16.83 29.02 40.18
CA PHE C 472 -18.19 28.87 39.70
C PHE C 472 -18.93 28.20 40.83
N THR C 473 -19.85 28.92 41.42
CA THR C 473 -20.48 28.44 42.61
C THR C 473 -21.95 28.21 42.37
N ALA C 474 -22.50 27.26 43.10
CA ALA C 474 -23.92 27.03 43.11
C ALA C 474 -24.42 26.80 44.52
N THR C 475 -25.53 27.45 44.86
CA THR C 475 -26.19 27.25 46.14
C THR C 475 -27.62 26.83 45.86
N ALA C 476 -28.14 25.83 46.56
CA ALA C 476 -29.46 25.32 46.17
C ALA C 476 -30.42 25.09 47.31
N SER C 477 -31.71 25.21 46.98
CA SER C 477 -32.80 24.87 47.86
C SER C 477 -33.72 23.82 47.24
N PHE C 478 -34.26 22.96 48.09
CA PHE C 478 -35.11 21.85 47.69
C PHE C 478 -36.39 21.81 48.52
N GLY C 479 -37.38 21.06 48.07
CA GLY C 479 -38.61 20.90 48.85
C GLY C 479 -39.65 21.97 48.58
N GLY C 480 -39.55 22.62 47.43
CA GLY C 480 -40.50 23.66 47.05
C GLY C 480 -41.94 23.16 47.01
N SER C 481 -42.12 21.91 46.60
CA SER C 481 -43.42 21.26 46.58
C SER C 481 -43.18 19.78 46.70
N CYS C 482 -41.95 19.42 46.42
CA CYS C 482 -41.45 18.05 46.40
C CYS C 482 -39.95 18.02 46.28
N TYR C 483 -39.46 16.80 46.42
CA TYR C 483 -38.10 16.37 46.21
C TYR C 483 -38.17 15.42 45.07
N VAL C 484 -37.02 15.04 44.48
CA VAL C 484 -36.93 14.11 43.35
C VAL C 484 -37.36 14.76 42.03
N CYS C 485 -38.54 15.35 42.05
CA CYS C 485 -38.94 16.20 40.94
C CYS C 485 -37.93 17.24 40.47
N LYS C 486 -37.42 18.05 41.37
CA LYS C 486 -36.52 19.15 40.98
C LYS C 486 -35.94 19.84 42.20
N PRO C 487 -34.88 20.64 42.02
CA PRO C 487 -34.49 21.69 42.92
C PRO C 487 -35.55 22.76 42.91
N HIS C 488 -35.75 23.41 44.03
CA HIS C 488 -36.64 24.56 44.11
C HIS C 488 -35.99 25.74 43.45
N GLN C 489 -34.76 26.00 43.84
CA GLN C 489 -34.01 27.12 43.31
C GLN C 489 -32.52 26.92 43.42
N VAL C 490 -31.80 27.31 42.36
CA VAL C 490 -30.36 27.29 42.44
C VAL C 490 -29.79 28.65 42.06
N ASN C 491 -28.95 29.18 42.92
CA ASN C 491 -28.27 30.45 42.69
C ASN C 491 -26.88 30.20 42.17
N ILE C 492 -26.62 30.66 40.96
CA ILE C 492 -25.36 30.41 40.29
C ILE C 492 -24.56 31.68 40.14
N SER C 493 -23.27 31.64 40.47
CA SER C 493 -22.44 32.85 40.33
C SER C 493 -20.96 32.58 40.04
N LEU C 494 -20.32 33.57 39.42
CA LEU C 494 -18.87 33.58 39.19
C LEU C 494 -18.22 34.59 40.07
N ASN C 495 -17.63 34.16 41.16
CA ASN C 495 -17.14 35.10 42.18
C ASN C 495 -18.22 36.10 42.61
N GLY C 496 -19.48 35.69 42.62
CA GLY C 496 -20.59 36.57 42.98
C GLY C 496 -21.18 37.36 41.80
N ASN C 497 -20.52 37.33 40.64
CA ASN C 497 -20.95 38.07 39.46
C ASN C 497 -21.67 37.19 38.45
N THR C 498 -22.21 37.83 37.41
CA THR C 498 -22.71 37.08 36.28
C THR C 498 -21.65 36.97 35.19
N SER C 499 -20.55 37.70 35.35
CA SER C 499 -19.48 37.66 34.36
C SER C 499 -18.12 37.99 34.97
N VAL C 500 -17.16 37.11 34.71
CA VAL C 500 -15.78 37.26 35.19
C VAL C 500 -14.78 36.97 34.09
N CYS C 501 -13.81 37.86 33.93
CA CYS C 501 -12.81 37.62 32.92
C CYS C 501 -11.39 37.60 33.50
N VAL C 502 -10.53 36.90 32.79
CA VAL C 502 -9.13 36.83 33.12
C VAL C 502 -8.40 37.94 32.39
N ARG C 503 -7.69 38.75 33.15
CA ARG C 503 -6.91 39.86 32.63
C ARG C 503 -5.52 39.73 33.16
N THR C 504 -5.18 38.50 33.48
CA THR C 504 -3.92 38.14 34.08
C THR C 504 -3.22 37.09 33.27
N SER C 505 -1.93 36.97 33.50
CA SER C 505 -1.11 36.00 32.81
C SER C 505 -1.54 34.57 33.13
N HIS C 506 -1.94 34.33 34.37
CA HIS C 506 -2.33 33.02 34.82
C HIS C 506 -3.69 33.01 35.50
N PHE C 507 -4.36 31.86 35.49
CA PHE C 507 -5.60 31.77 36.26
C PHE C 507 -5.95 30.35 36.66
N SER C 508 -6.89 30.22 37.57
CA SER C 508 -7.44 28.89 37.85
C SER C 508 -8.90 28.94 38.31
N ILE C 509 -9.63 27.84 38.08
CA ILE C 509 -11.07 27.83 38.36
C ILE C 509 -11.56 26.63 39.17
N ARG C 510 -12.39 26.88 40.17
CA ARG C 510 -13.00 25.82 40.96
C ARG C 510 -14.49 25.70 40.71
N TYR C 511 -15.08 24.59 41.15
CA TYR C 511 -16.53 24.44 41.20
C TYR C 511 -16.99 24.07 42.59
N ILE C 512 -17.92 24.85 43.12
CA ILE C 512 -18.38 24.69 44.49
C ILE C 512 -19.88 24.53 44.62
N TYR C 513 -20.31 23.46 45.30
CA TYR C 513 -21.74 23.22 45.54
C TYR C 513 -22.08 23.33 47.03
N ASN C 514 -22.66 24.45 47.42
CA ASN C 514 -22.85 24.80 48.83
C ASN C 514 -24.01 24.12 49.52
N ARG C 515 -23.95 22.81 49.64
CA ARG C 515 -24.95 22.04 50.39
C ARG C 515 -24.99 22.51 51.85
N VAL C 516 -23.83 22.97 52.30
CA VAL C 516 -23.58 23.47 53.63
C VAL C 516 -24.41 24.68 53.97
N LYS C 517 -24.96 25.37 52.96
CA LYS C 517 -25.82 26.53 53.19
C LYS C 517 -27.03 26.18 54.04
N SER C 518 -27.48 24.93 53.98
CA SER C 518 -28.64 24.50 54.74
C SER C 518 -28.34 24.37 56.22
N GLY C 519 -27.06 24.22 56.56
CA GLY C 519 -26.63 23.94 57.93
C GLY C 519 -26.85 22.48 58.37
N SER C 520 -27.59 21.71 57.57
CA SER C 520 -28.02 20.37 57.96
C SER C 520 -28.30 19.59 56.69
N PRO C 521 -27.28 19.00 56.06
CA PRO C 521 -27.20 18.69 54.64
C PRO C 521 -28.14 17.57 54.16
N GLY C 522 -29.45 17.83 54.22
CA GLY C 522 -30.45 16.98 53.54
C GLY C 522 -30.18 17.03 52.05
N ASP C 523 -29.52 18.09 51.63
CA ASP C 523 -29.07 18.34 50.29
C ASP C 523 -28.02 17.33 49.87
N SER C 524 -27.51 16.52 50.79
CA SER C 524 -26.60 15.43 50.45
C SER C 524 -27.28 14.36 49.63
N SER C 525 -28.61 14.40 49.56
CA SER C 525 -29.33 13.50 48.68
C SER C 525 -29.37 14.03 47.23
N TRP C 526 -28.89 15.26 47.04
CA TRP C 526 -28.84 15.86 45.72
C TRP C 526 -27.42 16.01 45.22
N HIS C 527 -27.26 15.67 43.96
CA HIS C 527 -25.98 15.76 43.32
C HIS C 527 -26.06 16.79 42.22
N ILE C 528 -25.31 17.89 42.36
CA ILE C 528 -25.35 18.94 41.36
C ILE C 528 -23.97 19.21 40.80
N TYR C 529 -23.84 19.07 39.48
CA TYR C 529 -22.53 19.12 38.84
C TYR C 529 -22.56 19.51 37.38
N LEU C 530 -21.41 19.93 36.86
CA LEU C 530 -21.32 20.26 35.46
C LEU C 530 -21.23 19.04 34.57
N LYS C 531 -21.95 19.07 33.47
CA LYS C 531 -21.91 18.03 32.46
C LYS C 531 -20.85 18.35 31.45
N SER C 532 -20.48 17.36 30.65
CA SER C 532 -19.61 17.64 29.53
C SER C 532 -20.31 18.68 28.70
N GLY C 533 -19.56 19.67 28.25
CA GLY C 533 -20.15 20.80 27.57
C GLY C 533 -20.14 20.65 26.08
N THR C 534 -20.35 21.78 25.44
CA THR C 534 -20.42 21.94 23.99
C THR C 534 -19.13 22.60 23.53
N CYS C 535 -18.13 22.52 24.37
CA CYS C 535 -16.88 23.22 24.24
C CYS C 535 -15.74 22.26 23.94
N PRO C 536 -14.67 22.66 23.26
CA PRO C 536 -13.53 21.83 22.95
C PRO C 536 -12.55 21.75 24.11
N PHE C 537 -13.08 21.51 25.29
CA PHE C 537 -12.33 21.37 26.52
C PHE C 537 -13.23 20.95 27.64
N SER C 538 -12.67 20.28 28.63
CA SER C 538 -13.44 19.94 29.81
C SER C 538 -13.23 21.00 30.85
N PHE C 539 -14.29 21.40 31.52
CA PHE C 539 -14.18 22.44 32.53
C PHE C 539 -13.12 22.16 33.55
N SER C 540 -13.12 20.96 34.08
CA SER C 540 -12.20 20.60 35.14
C SER C 540 -10.75 20.55 34.70
N LYS C 541 -10.49 20.57 33.39
CA LYS C 541 -9.15 20.48 32.89
C LYS C 541 -8.61 21.85 32.51
N LEU C 542 -9.41 22.89 32.73
CA LEU C 542 -8.96 24.25 32.43
C LEU C 542 -7.88 24.71 33.37
N ASN C 543 -7.62 23.93 34.41
CA ASN C 543 -6.57 24.21 35.35
C ASN C 543 -5.26 23.54 34.97
N ASN C 544 -5.27 22.76 33.90
CA ASN C 544 -4.01 22.22 33.42
C ASN C 544 -3.43 23.35 32.61
N PHE C 545 -2.24 23.18 32.06
CA PHE C 545 -1.61 24.30 31.40
C PHE C 545 -2.17 24.59 30.02
N GLN C 546 -3.42 25.01 29.98
CA GLN C 546 -4.14 25.34 28.76
C GLN C 546 -3.89 26.76 28.41
N LYS C 547 -3.82 27.07 27.12
CA LYS C 547 -3.48 28.42 26.70
C LYS C 547 -4.47 29.09 25.79
N PHE C 548 -4.74 30.35 26.11
CA PHE C 548 -5.68 31.19 25.37
C PHE C 548 -5.10 32.56 25.06
N LYS C 549 -5.71 33.24 24.10
CA LYS C 549 -5.51 34.66 23.93
C LYS C 549 -6.41 35.42 24.88
N THR C 550 -7.65 34.95 24.95
CA THR C 550 -8.67 35.59 25.78
C THR C 550 -9.71 34.57 26.17
N ILE C 551 -10.41 34.81 27.30
CA ILE C 551 -11.43 33.84 27.71
C ILE C 551 -12.82 34.45 28.01
N CYS C 552 -12.97 35.05 29.19
CA CYS C 552 -14.26 35.47 29.76
C CYS C 552 -15.33 34.38 30.00
N PHE C 553 -15.84 34.36 31.24
CA PHE C 553 -16.88 33.45 31.68
C PHE C 553 -18.18 34.15 32.03
N SER C 554 -19.30 33.48 31.84
CA SER C 554 -20.60 34.06 32.17
C SER C 554 -21.60 33.06 32.75
N THR C 555 -22.51 33.56 33.59
CA THR C 555 -23.58 32.70 34.10
C THR C 555 -24.86 32.93 33.33
N VAL C 556 -24.80 33.83 32.36
CA VAL C 556 -25.94 34.18 31.54
C VAL C 556 -25.58 34.01 30.09
N GLU C 557 -26.60 33.79 29.27
CA GLU C 557 -26.44 33.56 27.85
C GLU C 557 -25.65 34.64 27.13
N VAL C 558 -24.62 34.21 26.41
CA VAL C 558 -23.79 35.09 25.59
C VAL C 558 -23.74 34.57 24.16
N PRO C 559 -24.03 35.38 23.15
CA PRO C 559 -24.01 34.96 21.78
C PRO C 559 -22.65 34.43 21.40
N GLY C 560 -22.62 33.30 20.74
CA GLY C 560 -21.39 32.67 20.28
C GLY C 560 -20.68 31.83 21.36
N SER C 561 -21.20 31.82 22.57
CA SER C 561 -20.52 31.14 23.66
C SER C 561 -20.97 29.70 23.88
N CYS C 562 -20.02 28.78 23.81
CA CYS C 562 -20.29 27.39 24.15
C CYS C 562 -20.54 27.29 25.64
N ASN C 563 -21.07 26.17 26.10
CA ASN C 563 -21.35 26.10 27.52
C ASN C 563 -21.25 24.72 28.14
N PHE C 564 -21.33 24.72 29.47
CA PHE C 564 -21.32 23.54 30.32
C PHE C 564 -22.59 23.49 31.15
N PRO C 565 -23.57 22.67 30.81
CA PRO C 565 -24.82 22.55 31.52
C PRO C 565 -24.58 22.12 32.94
N LEU C 566 -25.35 22.69 33.83
CA LEU C 566 -25.32 22.33 35.24
C LEU C 566 -26.54 21.47 35.51
N GLU C 567 -26.31 20.23 35.95
CA GLU C 567 -27.38 19.25 36.11
C GLU C 567 -27.57 18.83 37.54
N ALA C 568 -28.82 18.56 37.91
CA ALA C 568 -29.15 18.09 39.24
C ALA C 568 -29.87 16.75 39.22
N THR C 569 -29.57 15.95 40.22
CA THR C 569 -30.29 14.70 40.44
C THR C 569 -30.49 14.34 41.89
N TRP C 570 -31.56 13.59 42.15
CA TRP C 570 -31.76 12.94 43.44
C TRP C 570 -31.39 11.47 43.32
N HIS C 571 -30.25 11.15 43.90
CA HIS C 571 -29.62 9.84 43.79
C HIS C 571 -29.62 9.18 42.40
N TYR C 572 -29.47 9.99 41.34
CA TYR C 572 -29.27 9.52 39.98
C TYR C 572 -30.47 8.77 39.43
N THR C 573 -31.65 9.08 39.97
CA THR C 573 -32.90 8.59 39.45
C THR C 573 -33.45 9.60 38.44
N SER C 574 -33.99 10.71 38.93
CA SER C 574 -34.40 11.84 38.10
C SER C 574 -33.19 12.67 37.65
N TYR C 575 -33.31 13.33 36.50
CA TYR C 575 -32.28 14.28 36.06
C TYR C 575 -32.92 15.55 35.52
N THR C 576 -32.40 16.70 35.91
CA THR C 576 -32.87 17.95 35.35
C THR C 576 -31.79 18.99 35.21
N ILE C 577 -31.94 19.86 34.23
CA ILE C 577 -30.99 20.95 34.08
C ILE C 577 -31.33 22.11 34.96
N VAL C 578 -30.31 22.59 35.64
CA VAL C 578 -30.38 23.72 36.53
C VAL C 578 -30.03 25.03 35.83
N GLY C 579 -28.93 25.00 35.10
CA GLY C 579 -28.42 26.19 34.45
C GLY C 579 -27.21 25.85 33.60
N ALA C 580 -26.31 26.80 33.39
CA ALA C 580 -25.12 26.51 32.61
C ALA C 580 -24.04 27.54 32.85
N LEU C 581 -22.81 27.13 32.64
CA LEU C 581 -21.69 28.06 32.58
C LEU C 581 -21.33 28.34 31.14
N TYR C 582 -21.24 29.60 30.79
CA TYR C 582 -20.92 30.01 29.43
C TYR C 582 -19.48 30.47 29.36
N VAL C 583 -18.83 30.16 28.26
CA VAL C 583 -17.46 30.61 28.09
C VAL C 583 -17.18 31.04 26.67
N THR C 584 -16.42 32.10 26.51
CA THR C 584 -15.96 32.52 25.21
C THR C 584 -14.46 32.36 25.18
N TRP C 585 -13.86 32.43 24.02
CA TRP C 585 -12.41 32.39 23.99
C TRP C 585 -11.88 32.67 22.62
N SER C 586 -10.60 32.92 22.58
CA SER C 586 -9.84 32.82 21.36
C SER C 586 -8.50 32.24 21.66
N GLU C 587 -7.99 31.47 20.72
CA GLU C 587 -6.72 30.78 20.85
C GLU C 587 -5.55 31.74 20.79
N GLY C 588 -4.46 31.36 21.42
CA GLY C 588 -3.25 32.17 21.48
C GLY C 588 -2.52 31.85 22.76
N ASN C 589 -1.54 32.67 23.13
CA ASN C 589 -0.74 32.35 24.30
C ASN C 589 -0.52 33.55 25.20
N SER C 590 -1.60 34.13 25.68
CA SER C 590 -1.53 35.26 26.60
C SER C 590 -1.89 34.82 28.01
N ILE C 591 -2.83 33.88 28.10
CA ILE C 591 -3.36 33.40 29.36
C ILE C 591 -3.12 31.91 29.55
N THR C 592 -2.52 31.53 30.67
CA THR C 592 -2.27 30.10 30.92
C THR C 592 -2.98 29.59 32.18
N GLY C 593 -3.63 28.44 32.08
CA GLY C 593 -4.26 27.83 33.25
C GLY C 593 -3.20 27.28 34.20
N VAL C 594 -3.42 27.38 35.49
CA VAL C 594 -2.47 26.83 36.46
C VAL C 594 -3.16 25.85 37.40
N PRO C 595 -2.55 24.69 37.71
CA PRO C 595 -3.13 23.65 38.56
C PRO C 595 -3.52 24.08 39.96
N TYR C 596 -2.84 25.05 40.51
CA TYR C 596 -3.15 25.49 41.86
C TYR C 596 -2.66 26.93 42.04
N PRO C 597 -3.12 27.67 43.04
CA PRO C 597 -2.79 29.05 43.27
C PRO C 597 -1.40 29.23 43.82
N VAL C 598 -0.44 29.10 42.94
CA VAL C 598 0.95 29.40 43.20
C VAL C 598 1.10 30.79 43.79
N SER C 599 1.93 30.90 44.82
CA SER C 599 2.14 32.16 45.51
C SER C 599 3.61 32.32 45.89
N GLY C 600 4.04 33.54 46.21
CA GLY C 600 5.43 33.78 46.64
C GLY C 600 6.39 33.89 45.45
N ILE C 601 6.35 32.87 44.62
CA ILE C 601 7.11 32.77 43.39
C ILE C 601 6.90 33.94 42.44
N ARG C 602 8.01 34.51 41.97
CA ARG C 602 8.01 35.63 41.03
C ARG C 602 7.79 35.18 39.58
N GLU C 603 8.34 34.02 39.25
CA GLU C 603 8.30 33.42 37.92
C GLU C 603 8.07 31.94 38.08
N PHE C 604 6.99 31.43 37.51
CA PHE C 604 6.57 30.06 37.80
C PHE C 604 7.10 29.01 36.85
N SER C 605 7.72 27.99 37.44
CA SER C 605 8.18 26.80 36.76
C SER C 605 8.33 25.68 37.79
N ASN C 606 8.47 24.46 37.31
CA ASN C 606 8.75 23.32 38.17
C ASN C 606 9.57 22.28 37.45
N LEU C 607 10.56 21.71 38.11
CA LEU C 607 11.30 20.62 37.49
C LEU C 607 11.67 19.53 38.49
N VAL C 608 11.24 18.32 38.16
CA VAL C 608 11.45 17.14 38.97
C VAL C 608 12.34 16.18 38.22
N LEU C 609 13.25 15.78 38.99
CA LEU C 609 14.18 14.86 38.37
C LEU C 609 14.11 13.45 38.91
N ASN C 610 14.64 12.54 38.14
CA ASN C 610 14.93 11.16 38.51
C ASN C 610 13.81 10.15 38.75
N ASN C 611 12.54 10.51 38.67
CA ASN C 611 11.59 9.47 38.31
C ASN C 611 10.38 10.01 37.60
N CYS C 612 9.50 9.12 37.15
CA CYS C 612 8.55 9.49 36.09
C CYS C 612 7.81 10.76 36.49
N THR C 613 7.58 11.58 35.47
CA THR C 613 6.83 12.79 35.60
C THR C 613 5.94 12.94 34.41
N LYS C 614 4.96 13.78 34.54
CA LYS C 614 4.32 14.31 33.39
C LYS C 614 4.86 15.67 33.11
N TYR C 615 5.16 16.01 31.98
CA TYR C 615 5.73 17.31 31.74
C TYR C 615 5.07 18.10 30.64
N ASN C 616 5.18 19.42 30.80
CA ASN C 616 4.89 20.38 29.77
C ASN C 616 6.07 21.34 29.65
N ILE C 617 6.89 21.13 28.63
CA ILE C 617 8.16 21.84 28.45
C ILE C 617 8.23 22.57 27.14
N TYR C 618 8.12 23.88 27.17
CA TYR C 618 8.10 24.67 25.95
C TYR C 618 7.09 24.11 24.96
N ASP C 619 5.92 23.77 25.47
CA ASP C 619 4.79 23.22 24.72
C ASP C 619 4.97 21.78 24.21
N TYR C 620 6.04 21.11 24.59
CA TYR C 620 6.09 19.68 24.36
C TYR C 620 5.49 18.99 25.54
N VAL C 621 4.55 18.11 25.29
CA VAL C 621 3.86 17.45 26.38
C VAL C 621 3.97 15.96 26.31
N GLY C 622 4.34 15.36 27.43
CA GLY C 622 4.53 13.92 27.48
C GLY C 622 4.95 13.46 28.85
N THR C 623 5.43 12.23 28.94
CA THR C 623 5.86 11.67 30.20
C THR C 623 7.24 11.05 30.09
N GLY C 624 7.87 10.84 31.23
CA GLY C 624 9.18 10.18 31.23
C GLY C 624 10.05 10.63 32.39
N ILE C 625 11.35 10.41 32.26
CA ILE C 625 12.30 10.76 33.30
C ILE C 625 13.27 11.80 32.83
N ILE C 626 13.43 12.84 33.62
CA ILE C 626 14.35 13.88 33.28
C ILE C 626 15.59 13.77 34.15
N ARG C 627 16.76 13.85 33.53
CA ARG C 627 18.02 13.83 34.27
C ARG C 627 18.90 14.98 33.84
N SER C 628 19.69 15.52 34.76
CA SER C 628 20.60 16.59 34.37
C SER C 628 21.84 16.05 33.69
N SER C 629 22.40 16.83 32.78
CA SER C 629 23.70 16.59 32.18
C SER C 629 24.38 17.90 31.77
N ASN C 630 25.51 17.75 31.07
CA ASN C 630 26.29 18.89 30.61
C ASN C 630 27.14 18.55 29.40
N GLN C 631 26.69 19.03 28.25
CA GLN C 631 27.36 18.84 26.98
C GLN C 631 27.43 20.19 26.29
N SER C 632 28.39 20.36 25.39
CA SER C 632 28.54 21.67 24.74
C SER C 632 27.52 21.88 23.63
N LEU C 633 26.27 21.97 24.02
CA LEU C 633 25.22 22.06 23.03
C LEU C 633 25.02 23.49 22.59
N ALA C 634 25.89 23.92 21.69
CA ALA C 634 25.74 25.23 21.08
C ALA C 634 24.46 25.21 20.28
N GLY C 635 23.73 26.33 20.25
CA GLY C 635 22.46 26.37 19.53
C GLY C 635 21.27 26.64 20.45
N GLY C 636 20.09 26.23 19.99
CA GLY C 636 18.81 26.55 20.64
C GLY C 636 18.56 25.70 21.87
N ILE C 637 17.35 25.81 22.42
CA ILE C 637 17.07 25.20 23.70
C ILE C 637 16.25 23.94 23.67
N THR C 638 15.75 23.56 22.51
CA THR C 638 14.94 22.37 22.38
C THR C 638 15.53 21.34 21.44
N TYR C 639 15.66 20.11 21.93
CA TYR C 639 16.18 19.04 21.11
C TYR C 639 15.15 17.95 20.99
N VAL C 640 14.74 17.66 19.75
CA VAL C 640 13.73 16.65 19.50
C VAL C 640 14.15 15.62 18.50
N SER C 641 13.45 14.51 18.55
CA SER C 641 13.57 13.44 17.60
C SER C 641 12.87 13.82 16.33
N ASN C 642 13.05 13.05 15.29
CA ASN C 642 12.32 13.30 14.05
C ASN C 642 10.87 12.81 14.13
N SER C 643 10.46 12.33 15.30
CA SER C 643 9.09 11.97 15.55
C SER C 643 8.43 13.04 16.41
N GLY C 644 9.18 14.11 16.70
CA GLY C 644 8.67 15.24 17.46
C GLY C 644 8.73 15.07 18.97
N ASN C 645 9.53 14.14 19.47
CA ASN C 645 9.57 13.91 20.90
C ASN C 645 10.81 14.51 21.51
N LEU C 646 10.69 15.07 22.70
CA LEU C 646 11.85 15.66 23.33
C LEU C 646 12.90 14.64 23.63
N LEU C 647 14.12 14.99 23.29
CA LEU C 647 15.28 14.26 23.71
C LEU C 647 15.91 15.01 24.86
N GLY C 648 15.80 16.31 24.82
CA GLY C 648 16.35 17.12 25.88
C GLY C 648 16.07 18.59 25.72
N PHE C 649 16.52 19.35 26.69
CA PHE C 649 16.37 20.79 26.62
C PHE C 649 17.44 21.52 27.40
N LYS C 650 17.70 22.75 27.02
CA LYS C 650 18.70 23.57 27.69
C LYS C 650 18.03 24.65 28.47
N ASN C 651 18.45 24.86 29.69
CA ASN C 651 17.62 25.71 30.56
C ASN C 651 17.99 27.20 30.37
N VAL C 652 17.59 27.68 29.21
CA VAL C 652 17.52 29.10 28.81
C VAL C 652 18.51 30.06 29.47
N SER C 653 18.36 30.26 30.79
CA SER C 653 19.10 31.22 31.58
C SER C 653 20.51 30.73 31.84
N THR C 654 20.70 29.44 31.71
CA THR C 654 21.99 28.83 31.89
C THR C 654 22.26 27.71 30.89
N GLY C 655 23.44 27.10 31.03
CA GLY C 655 23.94 26.10 30.09
C GLY C 655 23.67 24.67 30.53
N ASN C 656 22.96 24.50 31.61
CA ASN C 656 22.62 23.17 32.08
C ASN C 656 21.68 22.53 31.07
N ILE C 657 21.88 21.24 30.80
CA ILE C 657 20.98 20.59 29.86
C ILE C 657 20.36 19.40 30.51
N PHE C 658 19.18 19.06 30.06
CA PHE C 658 18.47 17.96 30.62
C PHE C 658 18.12 16.95 29.57
N ILE C 659 18.20 15.70 29.96
CA ILE C 659 17.94 14.58 29.08
C ILE C 659 16.62 13.97 29.43
N VAL C 660 15.78 13.72 28.45
CA VAL C 660 14.44 13.18 28.68
C VAL C 660 14.33 11.77 28.12
N THR C 661 13.97 10.81 28.97
CA THR C 661 13.87 9.42 28.52
C THR C 661 12.51 8.81 28.86
N PRO C 662 12.02 7.85 28.10
CA PRO C 662 10.78 7.16 28.41
C PRO C 662 11.01 6.01 29.37
N CYS C 663 10.57 6.16 30.61
CA CYS C 663 10.79 5.11 31.60
C CYS C 663 10.20 3.73 31.27
N ASN C 664 9.04 3.68 30.65
CA ASN C 664 8.50 2.37 30.31
C ASN C 664 9.13 1.80 29.04
N GLN C 665 10.28 1.18 29.20
CA GLN C 665 11.01 0.56 28.10
C GLN C 665 10.35 -0.76 27.67
N PRO C 666 10.36 -1.12 26.39
CA PRO C 666 9.97 -2.41 25.84
C PRO C 666 11.08 -3.43 25.89
N ASP C 667 10.71 -4.71 26.01
CA ASP C 667 11.65 -5.82 26.02
C ASP C 667 11.15 -7.02 25.20
N GLN C 668 12.03 -8.00 24.99
CA GLN C 668 11.63 -9.24 24.30
C GLN C 668 11.62 -10.41 25.24
N VAL C 669 10.53 -11.17 25.24
CA VAL C 669 10.38 -12.29 26.13
C VAL C 669 10.31 -13.62 25.39
N ALA C 670 11.09 -14.58 25.86
CA ALA C 670 11.09 -15.92 25.31
C ALA C 670 10.13 -16.79 26.11
N VAL C 671 9.22 -17.44 25.39
CA VAL C 671 8.20 -18.31 25.96
C VAL C 671 8.33 -19.75 25.50
N TYR C 672 8.28 -20.69 26.45
CA TYR C 672 8.38 -22.10 26.12
C TYR C 672 7.59 -22.93 27.13
N GLN C 673 6.86 -23.94 26.66
CA GLN C 673 6.01 -24.79 27.49
C GLN C 673 5.05 -23.95 28.31
N GLN C 674 4.48 -22.95 27.65
CA GLN C 674 3.59 -22.01 28.32
C GLN C 674 4.21 -21.32 29.56
N SER C 675 5.49 -20.99 29.53
CA SER C 675 6.06 -20.23 30.63
C SER C 675 7.15 -19.28 30.15
N ILE C 676 7.48 -18.28 30.95
CA ILE C 676 8.59 -17.40 30.57
C ILE C 676 9.91 -18.03 30.86
N ILE C 677 10.73 -18.07 29.85
CA ILE C 677 12.03 -18.70 29.88
C ILE C 677 13.11 -17.70 30.17
N GLY C 678 13.03 -16.59 29.50
CA GLY C 678 14.04 -15.57 29.66
C GLY C 678 13.66 -14.32 28.92
N ALA C 679 14.48 -13.30 29.06
CA ALA C 679 14.18 -12.07 28.35
C ALA C 679 15.41 -11.29 27.96
N MET C 680 15.28 -10.58 26.86
CA MET C 680 16.31 -9.71 26.33
C MET C 680 15.93 -8.28 26.65
N THR C 681 16.83 -7.58 27.33
CA THR C 681 16.51 -6.23 27.77
C THR C 681 17.61 -5.22 27.54
N ALA C 682 17.22 -3.97 27.72
CA ALA C 682 18.10 -2.83 27.64
C ALA C 682 18.55 -2.38 29.01
N VAL C 683 17.93 -2.93 30.05
CA VAL C 683 18.17 -2.45 31.39
C VAL C 683 18.87 -3.48 32.25
N ASN C 684 19.89 -3.03 32.95
CA ASN C 684 20.70 -3.92 33.77
C ASN C 684 20.02 -4.28 35.09
N GLU C 685 18.96 -5.08 35.00
CA GLU C 685 18.18 -5.46 36.18
C GLU C 685 17.51 -6.83 36.07
N SER C 686 17.19 -7.43 37.22
CA SER C 686 16.39 -8.67 37.24
C SER C 686 14.95 -8.35 36.86
N ARG C 687 14.20 -9.34 36.35
CA ARG C 687 12.87 -9.03 35.81
C ARG C 687 11.77 -10.00 36.21
N TYR C 688 11.29 -10.81 35.26
CA TYR C 688 10.05 -11.55 35.43
C TYR C 688 10.19 -12.82 36.23
N GLY C 689 10.74 -12.69 37.43
CA GLY C 689 11.13 -13.81 38.27
C GLY C 689 12.54 -14.27 37.93
N LEU C 690 13.01 -13.86 36.76
CA LEU C 690 14.30 -14.17 36.19
C LEU C 690 15.39 -13.40 36.94
N GLN C 691 16.46 -14.10 37.34
CA GLN C 691 17.48 -13.52 38.22
C GLN C 691 18.88 -13.45 37.62
N ASN C 692 19.20 -14.37 36.74
CA ASN C 692 20.56 -14.55 36.28
C ASN C 692 20.85 -13.64 35.11
N LEU C 693 21.63 -12.58 35.33
CA LEU C 693 21.81 -11.59 34.28
C LEU C 693 23.18 -11.68 33.60
N LEU C 694 23.15 -11.80 32.27
CA LEU C 694 24.33 -11.78 31.45
C LEU C 694 24.46 -10.48 30.71
N GLN C 695 25.68 -10.04 30.50
CA GLN C 695 25.91 -8.92 29.59
C GLN C 695 26.44 -9.43 28.26
N LEU C 696 25.79 -9.01 27.19
CA LEU C 696 26.14 -9.41 25.84
C LEU C 696 26.41 -8.14 25.04
N PRO C 697 27.21 -8.19 23.96
CA PRO C 697 27.76 -7.02 23.28
C PRO C 697 26.81 -5.84 23.10
N ASN C 698 25.51 -6.08 23.00
CA ASN C 698 24.56 -5.02 22.79
C ASN C 698 23.24 -5.17 23.52
N PHE C 699 23.22 -5.97 24.58
CA PHE C 699 22.00 -6.17 25.39
C PHE C 699 22.25 -6.95 26.66
N TYR C 700 21.25 -7.06 27.50
CA TYR C 700 21.37 -7.97 28.63
C TYR C 700 20.41 -9.11 28.46
N TYR C 701 20.80 -10.27 28.95
CA TYR C 701 19.91 -11.41 28.92
C TYR C 701 19.65 -11.87 30.31
N VAL C 702 18.39 -12.04 30.65
CA VAL C 702 18.07 -12.42 32.00
C VAL C 702 17.36 -13.77 31.99
N SER C 703 17.85 -14.69 32.81
CA SER C 703 17.30 -16.04 32.89
C SER C 703 17.19 -16.53 34.33
N ASN C 704 17.00 -17.83 34.48
CA ASN C 704 16.99 -18.49 35.75
C ASN C 704 17.60 -19.85 35.52
N GLY C 705 18.04 -20.06 34.28
CA GLY C 705 18.70 -21.28 33.86
C GLY C 705 20.16 -21.31 34.28
N GLY C 706 20.84 -22.42 33.95
CA GLY C 706 22.23 -22.64 34.33
C GLY C 706 23.18 -22.34 33.18
N ASN C 707 24.23 -23.16 33.04
CA ASN C 707 25.18 -23.01 31.96
C ASN C 707 25.54 -24.36 31.37
N ASN C 708 24.56 -25.25 31.31
CA ASN C 708 24.76 -26.64 30.94
C ASN C 708 23.48 -27.25 30.42
N CYS C 709 23.12 -27.00 29.15
CA CYS C 709 21.73 -27.20 28.80
C CYS C 709 21.48 -27.79 27.41
N THR C 710 22.27 -28.78 27.03
CA THR C 710 22.07 -29.61 25.83
C THR C 710 21.93 -28.91 24.44
N THR C 711 20.81 -28.22 24.22
CA THR C 711 20.41 -27.71 22.89
C THR C 711 19.48 -26.53 22.92
N ALA C 712 19.58 -25.70 21.89
CA ALA C 712 18.61 -24.64 21.75
C ALA C 712 17.26 -25.26 21.45
N VAL C 713 16.20 -24.59 21.87
CA VAL C 713 14.85 -24.94 21.49
C VAL C 713 14.26 -23.77 20.70
N MET C 714 14.76 -22.57 20.97
CA MET C 714 14.41 -21.35 20.23
C MET C 714 15.66 -20.66 19.75
N THR C 715 15.66 -20.16 18.52
CA THR C 715 16.88 -19.56 18.00
C THR C 715 16.71 -18.20 17.35
N TYR C 716 17.79 -17.43 17.36
CA TYR C 716 17.91 -16.22 16.55
C TYR C 716 19.37 -15.87 16.34
N SER C 717 19.72 -15.32 15.19
CA SER C 717 21.09 -14.90 14.96
C SER C 717 22.06 -16.03 15.25
N ASN C 718 23.07 -15.71 16.05
CA ASN C 718 24.11 -16.66 16.40
C ASN C 718 23.93 -17.26 17.79
N PHE C 719 22.72 -17.25 18.32
CA PHE C 719 22.50 -17.85 19.62
C PHE C 719 21.16 -18.54 19.73
N GLY C 720 21.06 -19.45 20.68
CA GLY C 720 19.77 -20.01 20.98
C GLY C 720 19.50 -20.10 22.45
N ILE C 721 18.22 -20.21 22.76
CA ILE C 721 17.76 -20.35 24.11
C ILE C 721 17.34 -21.78 24.29
N CYS C 722 17.93 -22.41 25.29
CA CYS C 722 17.75 -23.83 25.45
C CYS C 722 16.55 -24.06 26.34
N ALA C 723 16.24 -25.31 26.60
CA ALA C 723 15.06 -25.65 27.37
C ALA C 723 15.00 -25.01 28.76
N ASP C 724 16.14 -24.83 29.45
CA ASP C 724 16.07 -24.23 30.78
C ASP C 724 16.35 -22.73 30.71
N GLY C 725 16.42 -22.17 29.52
CA GLY C 725 16.62 -20.74 29.36
C GLY C 725 18.05 -20.25 29.23
N SER C 726 19.04 -21.09 29.45
CA SER C 726 20.39 -20.62 29.25
C SER C 726 20.75 -20.46 27.77
N LEU C 727 21.76 -19.63 27.49
CA LEU C 727 22.13 -19.40 26.09
C LEU C 727 23.19 -20.32 25.58
N ILE C 728 22.98 -20.77 24.36
CA ILE C 728 23.88 -21.62 23.63
C ILE C 728 24.34 -20.94 22.35
N PRO C 729 25.65 -20.86 22.11
CA PRO C 729 26.15 -20.32 20.85
C PRO C 729 25.81 -21.22 19.68
N VAL C 730 25.53 -20.60 18.54
CA VAL C 730 25.30 -21.35 17.32
C VAL C 730 26.59 -21.58 16.55
N ARG C 731 26.74 -22.78 16.01
CA ARG C 731 27.89 -23.11 15.21
C ARG C 731 27.47 -23.56 13.82
N PRO C 732 28.18 -23.17 12.76
CA PRO C 732 27.83 -23.42 11.39
C PRO C 732 27.95 -24.88 11.08
N ARG C 733 27.10 -25.38 10.20
CA ARG C 733 27.12 -26.78 9.86
C ARG C 733 28.48 -27.22 9.39
N ASN C 734 28.97 -28.31 9.97
CA ASN C 734 30.25 -28.88 9.55
C ASN C 734 30.09 -29.59 8.22
N SER C 735 30.96 -29.26 7.27
CA SER C 735 30.99 -29.97 6.00
C SER C 735 32.31 -29.70 5.30
N SER C 736 32.78 -30.68 4.54
CA SER C 736 34.03 -30.53 3.83
C SER C 736 34.20 -31.56 2.73
N ASP C 737 35.15 -31.28 1.84
CA ASP C 737 35.55 -32.22 0.81
C ASP C 737 36.93 -31.82 0.30
N ASN C 738 37.46 -32.61 -0.62
CA ASN C 738 38.76 -32.35 -1.23
C ASN C 738 38.56 -31.50 -2.49
N GLY C 739 39.66 -31.12 -3.12
CA GLY C 739 39.61 -30.35 -4.35
C GLY C 739 39.62 -31.26 -5.55
N ILE C 740 40.02 -30.72 -6.69
CA ILE C 740 40.06 -31.48 -7.93
C ILE C 740 41.49 -31.87 -8.22
N SER C 741 41.72 -33.16 -8.43
CA SER C 741 43.08 -33.61 -8.66
C SER C 741 43.61 -33.05 -9.98
N ALA C 742 44.90 -32.78 -10.02
CA ALA C 742 45.54 -32.17 -11.17
C ALA C 742 46.41 -33.15 -11.92
N ILE C 743 46.93 -32.72 -13.05
CA ILE C 743 47.88 -33.58 -13.75
C ILE C 743 49.24 -33.51 -13.12
N ILE C 744 49.37 -34.24 -12.04
CA ILE C 744 50.59 -34.27 -11.26
C ILE C 744 50.88 -35.65 -10.73
N THR C 745 52.16 -36.01 -10.73
CA THR C 745 52.60 -37.29 -10.19
C THR C 745 52.38 -37.24 -8.68
N ALA C 746 51.57 -38.15 -8.14
CA ALA C 746 50.98 -37.91 -6.82
C ALA C 746 50.22 -39.11 -6.28
N ASN C 747 49.89 -39.06 -4.99
CA ASN C 747 48.97 -40.02 -4.42
C ASN C 747 47.56 -39.46 -4.37
N LEU C 748 46.70 -39.96 -5.24
CA LEU C 748 45.36 -39.44 -5.37
C LEU C 748 44.36 -40.28 -4.63
N SER C 749 43.22 -39.70 -4.28
CA SER C 749 42.12 -40.43 -3.67
C SER C 749 40.94 -40.51 -4.62
N ILE C 750 40.67 -41.70 -5.15
CA ILE C 750 39.61 -41.84 -6.16
C ILE C 750 38.50 -42.77 -5.70
N PRO C 751 37.25 -42.28 -5.56
CA PRO C 751 36.09 -43.02 -5.11
C PRO C 751 35.86 -44.30 -5.86
N SER C 752 35.63 -45.36 -5.11
CA SER C 752 35.41 -46.68 -5.62
C SER C 752 33.99 -47.10 -5.33
N ASN C 753 33.67 -47.07 -4.05
CA ASN C 753 32.35 -47.46 -3.60
C ASN C 753 31.44 -46.27 -3.45
N TRP C 754 30.25 -46.41 -3.97
CA TRP C 754 29.23 -45.38 -3.97
C TRP C 754 27.95 -45.84 -3.33
N THR C 755 27.25 -44.91 -2.74
CA THR C 755 25.90 -45.14 -2.27
C THR C 755 25.01 -44.07 -2.86
N THR C 756 23.77 -44.04 -2.43
CA THR C 756 22.86 -43.05 -2.98
C THR C 756 21.94 -42.51 -1.93
N SER C 757 21.51 -41.30 -2.17
CA SER C 757 20.60 -40.61 -1.29
C SER C 757 19.61 -39.84 -2.11
N VAL C 758 18.48 -39.56 -1.51
CA VAL C 758 17.46 -38.80 -2.19
C VAL C 758 17.20 -37.50 -1.48
N GLN C 759 17.33 -36.40 -2.22
CA GLN C 759 17.21 -35.08 -1.65
C GLN C 759 15.91 -34.44 -2.05
N VAL C 760 15.27 -33.77 -1.11
CA VAL C 760 13.92 -33.28 -1.32
C VAL C 760 13.83 -31.78 -1.48
N GLU C 761 13.22 -31.33 -2.57
CA GLU C 761 13.06 -29.89 -2.83
C GLU C 761 11.64 -29.52 -3.21
N TYR C 762 11.10 -28.47 -2.60
CA TYR C 762 9.76 -28.00 -2.96
C TYR C 762 9.77 -26.64 -3.64
N LEU C 763 9.07 -26.56 -4.78
CA LEU C 763 8.88 -25.31 -5.51
C LEU C 763 7.41 -24.98 -5.73
N GLN C 764 7.03 -23.76 -5.44
CA GLN C 764 5.66 -23.32 -5.68
C GLN C 764 5.46 -23.03 -7.16
N ILE C 765 4.33 -23.44 -7.74
CA ILE C 765 4.11 -23.11 -9.15
C ILE C 765 2.83 -22.32 -9.35
N THR C 766 1.94 -22.35 -8.39
CA THR C 766 0.67 -21.64 -8.50
C THR C 766 0.22 -21.09 -7.17
N SER C 767 -0.99 -20.55 -7.16
CA SER C 767 -1.70 -20.11 -5.97
C SER C 767 -3.14 -19.95 -6.35
N THR C 768 -4.04 -19.90 -5.39
CA THR C 768 -5.47 -19.82 -5.72
C THR C 768 -5.86 -18.42 -6.19
N PRO C 769 -6.63 -18.28 -7.29
CA PRO C 769 -7.22 -17.03 -7.72
C PRO C 769 -8.30 -16.57 -6.77
N ILE C 770 -8.36 -15.27 -6.55
CA ILE C 770 -9.40 -14.67 -5.73
C ILE C 770 -10.11 -13.60 -6.52
N VAL C 771 -11.42 -13.61 -6.48
CA VAL C 771 -12.20 -12.55 -7.10
C VAL C 771 -13.15 -11.95 -6.08
N VAL C 772 -13.12 -10.64 -5.95
CA VAL C 772 -13.96 -10.00 -4.95
C VAL C 772 -14.93 -9.06 -5.61
N ASP C 773 -16.18 -9.16 -5.23
CA ASP C 773 -17.20 -8.30 -5.81
C ASP C 773 -17.03 -6.83 -5.40
N CYS C 774 -17.02 -5.92 -6.40
CA CYS C 774 -16.91 -4.50 -6.16
C CYS C 774 -17.90 -4.00 -5.11
N ALA C 775 -19.12 -4.54 -5.11
CA ALA C 775 -20.16 -3.90 -4.31
C ALA C 775 -20.44 -4.68 -3.06
N THR C 776 -20.52 -5.98 -3.18
CA THR C 776 -20.89 -6.81 -2.05
C THR C 776 -19.90 -6.68 -0.93
N TYR C 777 -18.63 -6.46 -1.24
CA TYR C 777 -17.64 -6.30 -0.19
C TYR C 777 -17.60 -4.91 0.41
N VAL C 778 -18.45 -4.02 -0.07
CA VAL C 778 -18.46 -2.66 0.42
C VAL C 778 -19.76 -2.40 1.17
N CYS C 779 -20.87 -2.72 0.50
CA CYS C 779 -22.20 -2.66 1.08
C CYS C 779 -22.93 -3.94 0.69
N ASN C 780 -22.98 -4.85 1.65
CA ASN C 780 -23.38 -6.22 1.43
C ASN C 780 -24.85 -6.40 1.15
N GLY C 781 -25.25 -5.98 -0.04
CA GLY C 781 -26.61 -6.12 -0.51
C GLY C 781 -27.46 -4.92 -0.18
N ASN C 782 -26.82 -3.79 0.08
CA ASN C 782 -27.63 -2.64 0.44
C ASN C 782 -27.97 -1.75 -0.78
N PRO C 783 -29.26 -1.54 -1.11
CA PRO C 783 -29.72 -0.78 -2.25
C PRO C 783 -29.38 0.71 -2.18
N ARG C 784 -28.98 1.20 -1.01
CA ARG C 784 -28.63 2.61 -0.88
C ARG C 784 -27.25 2.84 -1.47
N CYS C 785 -26.25 2.12 -0.97
CA CYS C 785 -25.00 2.03 -1.68
C CYS C 785 -25.03 1.76 -3.14
N LYS C 786 -25.96 0.97 -3.61
CA LYS C 786 -25.99 0.79 -5.05
C LYS C 786 -26.06 2.13 -5.79
N ASN C 787 -26.65 3.14 -5.16
CA ASN C 787 -26.68 4.45 -5.74
C ASN C 787 -25.42 5.23 -5.39
N LEU C 788 -25.01 5.16 -4.14
CA LEU C 788 -23.85 5.97 -3.72
C LEU C 788 -22.59 5.57 -4.47
N LEU C 789 -22.43 4.27 -4.69
CA LEU C 789 -21.28 3.74 -5.36
C LEU C 789 -21.18 4.12 -6.82
N LYS C 790 -22.23 4.70 -7.40
CA LYS C 790 -22.14 5.07 -8.81
C LYS C 790 -20.98 6.02 -9.03
N GLN C 791 -20.69 6.89 -8.07
CA GLN C 791 -19.67 7.90 -8.26
C GLN C 791 -18.26 7.32 -8.23
N TYR C 792 -18.12 6.06 -7.84
CA TYR C 792 -16.83 5.44 -7.78
C TYR C 792 -16.67 4.39 -8.86
N THR C 793 -17.56 4.35 -9.84
CA THR C 793 -17.48 3.29 -10.84
C THR C 793 -16.08 3.10 -11.42
N SER C 794 -15.44 4.21 -11.76
CA SER C 794 -14.10 4.20 -12.37
C SER C 794 -12.98 3.78 -11.42
N ALA C 795 -13.28 3.64 -10.15
CA ALA C 795 -12.33 3.23 -9.14
C ALA C 795 -12.59 1.91 -8.48
N CYS C 796 -13.77 1.40 -8.73
CA CYS C 796 -14.29 0.24 -8.06
C CYS C 796 -14.23 -0.90 -9.05
N LYS C 797 -14.64 -0.62 -10.28
CA LYS C 797 -14.52 -1.58 -11.36
C LYS C 797 -13.08 -2.05 -11.55
N THR C 798 -12.13 -1.14 -11.40
CA THR C 798 -10.72 -1.44 -11.55
C THR C 798 -10.23 -2.55 -10.63
N ILE C 799 -10.92 -2.76 -9.51
CA ILE C 799 -10.53 -3.81 -8.60
C ILE C 799 -10.79 -5.14 -9.24
N GLU C 800 -11.94 -5.23 -9.90
CA GLU C 800 -12.35 -6.48 -10.48
C GLU C 800 -11.51 -6.74 -11.70
N ASP C 801 -11.23 -5.69 -12.45
CA ASP C 801 -10.41 -5.83 -13.64
C ASP C 801 -9.05 -6.43 -13.29
N ALA C 802 -8.42 -5.90 -12.24
CA ALA C 802 -7.12 -6.42 -11.84
C ALA C 802 -7.18 -7.88 -11.43
N LEU C 803 -8.17 -8.24 -10.62
CA LEU C 803 -8.24 -9.59 -10.12
C LEU C 803 -8.56 -10.59 -11.23
N ARG C 804 -9.51 -10.24 -12.09
CA ARG C 804 -9.90 -11.14 -13.17
C ARG C 804 -8.78 -11.35 -14.14
N LEU C 805 -8.08 -10.27 -14.50
CA LEU C 805 -6.96 -10.41 -15.39
C LEU C 805 -5.92 -11.32 -14.83
N SER C 806 -5.57 -11.10 -13.58
CA SER C 806 -4.53 -11.91 -13.00
C SER C 806 -4.89 -13.38 -13.05
N ALA C 807 -6.15 -13.71 -12.72
CA ALA C 807 -6.57 -15.09 -12.75
C ALA C 807 -6.41 -15.68 -14.14
N HIS C 808 -6.78 -14.90 -15.15
CA HIS C 808 -6.68 -15.31 -16.53
C HIS C 808 -5.25 -15.65 -16.91
N LEU C 809 -4.34 -14.75 -16.58
CA LEU C 809 -2.96 -14.91 -16.98
C LEU C 809 -2.34 -16.14 -16.33
N GLU C 810 -2.63 -16.33 -15.06
CA GLU C 810 -2.09 -17.45 -14.32
C GLU C 810 -2.60 -18.77 -14.85
N THR C 811 -3.89 -18.82 -15.18
CA THR C 811 -4.50 -20.02 -15.70
C THR C 811 -3.84 -20.42 -16.99
N ASN C 812 -3.63 -19.45 -17.88
CA ASN C 812 -2.99 -19.76 -19.14
C ASN C 812 -1.57 -20.27 -18.95
N ASP C 813 -0.82 -19.63 -18.08
CA ASP C 813 0.56 -20.04 -17.87
C ASP C 813 0.65 -21.46 -17.35
N VAL C 814 -0.08 -21.78 -16.30
CA VAL C 814 0.01 -23.13 -15.78
C VAL C 814 -0.44 -24.14 -16.80
N SER C 815 -1.52 -23.83 -17.53
CA SER C 815 -2.01 -24.73 -18.55
C SER C 815 -0.94 -25.03 -19.59
N SER C 816 -0.09 -24.04 -19.90
CA SER C 816 0.97 -24.24 -20.90
C SER C 816 2.07 -25.20 -20.44
N MET C 817 2.15 -25.49 -19.14
CA MET C 817 3.14 -26.45 -18.65
C MET C 817 2.59 -27.85 -18.66
N LEU C 818 1.36 -27.99 -18.22
CA LEU C 818 0.85 -29.33 -17.92
C LEU C 818 0.42 -30.13 -19.15
N THR C 819 1.42 -30.57 -19.89
CA THR C 819 1.27 -31.37 -21.12
C THR C 819 1.16 -32.87 -20.81
N PHE C 820 0.79 -33.66 -21.83
CA PHE C 820 0.60 -35.10 -21.61
C PHE C 820 1.03 -36.04 -22.74
N ASP C 821 1.72 -37.13 -22.35
CA ASP C 821 2.12 -38.25 -23.19
C ASP C 821 1.56 -39.60 -22.75
N SER C 822 0.62 -40.14 -23.51
CA SER C 822 0.03 -41.43 -23.14
C SER C 822 0.99 -42.62 -23.15
N ASN C 823 2.07 -42.56 -23.93
CA ASN C 823 2.97 -43.72 -23.96
C ASN C 823 3.73 -43.82 -22.67
N ALA C 824 4.40 -42.74 -22.32
CA ALA C 824 5.13 -42.70 -21.08
C ALA C 824 4.20 -42.92 -19.91
N PHE C 825 3.00 -42.35 -19.96
CA PHE C 825 2.11 -42.57 -18.85
C PHE C 825 1.92 -44.07 -18.62
N SER C 826 1.62 -44.82 -19.68
CA SER C 826 1.43 -46.25 -19.54
C SER C 826 2.70 -46.95 -19.03
N LEU C 827 3.85 -46.52 -19.51
CA LEU C 827 5.12 -47.14 -19.17
C LEU C 827 5.61 -46.81 -17.77
N ALA C 828 4.90 -45.90 -17.09
CA ALA C 828 5.24 -45.52 -15.72
C ALA C 828 4.92 -46.64 -14.75
N ASN C 829 4.31 -47.71 -15.25
CA ASN C 829 4.05 -48.89 -14.44
C ASN C 829 5.22 -49.27 -13.56
N VAL C 830 4.93 -49.65 -12.33
CA VAL C 830 5.95 -50.05 -11.37
C VAL C 830 6.81 -51.20 -11.83
N THR C 831 6.27 -52.04 -12.71
CA THR C 831 7.02 -53.19 -13.20
C THR C 831 8.15 -52.80 -14.13
N SER C 832 8.20 -51.53 -14.56
CA SER C 832 9.30 -51.04 -15.36
C SER C 832 10.52 -50.74 -14.48
N PHE C 833 10.28 -50.58 -13.17
CA PHE C 833 11.28 -50.10 -12.21
C PHE C 833 11.81 -51.22 -11.33
N GLY C 834 10.95 -52.20 -11.06
CA GLY C 834 11.41 -53.45 -10.46
C GLY C 834 12.12 -53.28 -9.13
N ASP C 835 13.41 -53.64 -9.12
CA ASP C 835 14.26 -53.64 -7.93
C ASP C 835 14.33 -52.32 -7.21
N TYR C 836 14.06 -51.22 -7.91
CA TYR C 836 14.15 -49.92 -7.30
C TYR C 836 12.85 -49.45 -6.68
N ASN C 837 11.78 -50.20 -6.89
CA ASN C 837 10.49 -49.73 -6.43
C ASN C 837 10.15 -48.40 -7.08
N LEU C 838 8.95 -47.89 -6.78
CA LEU C 838 8.52 -46.57 -7.19
C LEU C 838 7.09 -46.43 -6.73
N SER C 839 6.63 -47.42 -5.99
CA SER C 839 5.20 -47.55 -5.72
C SER C 839 4.56 -46.40 -4.94
N SER C 840 5.34 -45.71 -4.11
CA SER C 840 4.82 -44.59 -3.33
C SER C 840 4.85 -43.29 -4.12
N VAL C 841 5.44 -43.35 -5.30
CA VAL C 841 5.61 -42.23 -6.21
C VAL C 841 4.64 -42.26 -7.37
N LEU C 842 4.39 -43.44 -7.87
CA LEU C 842 3.49 -43.61 -8.98
C LEU C 842 2.05 -43.26 -8.66
N PRO C 843 1.35 -42.55 -9.56
CA PRO C 843 -0.06 -42.31 -9.42
C PRO C 843 -0.75 -43.64 -9.43
N GLN C 844 -1.80 -43.70 -8.63
CA GLN C 844 -2.76 -44.75 -8.67
C GLN C 844 -3.27 -44.86 -10.09
N ARG C 845 -3.10 -46.05 -10.67
CA ARG C 845 -3.42 -46.31 -12.06
C ARG C 845 -4.89 -46.08 -12.36
N ASN C 846 -5.74 -46.49 -11.43
CA ASN C 846 -7.17 -46.24 -11.53
C ASN C 846 -7.81 -46.39 -10.17
N ILE C 847 -8.92 -45.70 -10.04
CA ILE C 847 -9.76 -45.67 -8.86
C ILE C 847 -11.15 -46.16 -9.25
N ARG C 848 -11.16 -47.06 -10.24
CA ARG C 848 -12.36 -47.66 -10.80
C ARG C 848 -13.39 -46.62 -11.21
N SER C 849 -12.90 -45.52 -11.79
CA SER C 849 -13.78 -44.41 -12.10
C SER C 849 -13.41 -43.78 -13.43
N SER C 850 -14.27 -42.90 -13.94
CA SER C 850 -13.98 -42.22 -15.20
C SER C 850 -12.99 -41.07 -15.00
N ARG C 851 -11.76 -41.43 -14.67
CA ARG C 851 -10.66 -40.51 -14.39
C ARG C 851 -9.36 -41.19 -14.75
N ILE C 852 -8.48 -40.48 -15.45
CA ILE C 852 -7.23 -41.06 -15.91
C ILE C 852 -6.29 -41.46 -14.78
N ALA C 853 -6.30 -40.74 -13.67
CA ALA C 853 -5.32 -41.02 -12.63
C ALA C 853 -5.69 -40.47 -11.27
N GLY C 854 -5.06 -41.03 -10.23
CA GLY C 854 -5.14 -40.42 -8.91
C GLY C 854 -3.77 -40.09 -8.32
N ARG C 855 -3.78 -39.45 -7.16
CA ARG C 855 -2.59 -39.14 -6.38
C ARG C 855 -1.86 -40.35 -5.82
N SER C 856 -0.53 -40.29 -5.87
CA SER C 856 0.39 -41.29 -5.35
C SER C 856 0.25 -41.33 -3.84
N ALA C 857 0.83 -42.34 -3.20
CA ALA C 857 0.77 -42.40 -1.74
C ALA C 857 1.44 -41.20 -1.11
N LEU C 858 2.61 -40.82 -1.62
CA LEU C 858 3.28 -39.65 -1.10
C LEU C 858 2.42 -38.42 -1.25
N GLU C 859 1.76 -38.25 -2.39
CA GLU C 859 0.94 -37.05 -2.54
C GLU C 859 -0.21 -37.03 -1.54
N ASP C 860 -0.87 -38.16 -1.33
CA ASP C 860 -1.93 -38.16 -0.33
C ASP C 860 -1.41 -37.76 1.03
N LEU C 861 -0.25 -38.26 1.38
CA LEU C 861 0.41 -37.87 2.60
C LEU C 861 0.71 -36.39 2.70
N LEU C 862 1.31 -35.81 1.67
CA LEU C 862 1.70 -34.41 1.74
C LEU C 862 0.49 -33.51 1.91
N PHE C 863 -0.54 -33.78 1.15
CA PHE C 863 -1.71 -32.95 1.17
C PHE C 863 -2.47 -33.11 2.48
N SER C 864 -2.66 -34.35 2.92
CA SER C 864 -3.41 -34.61 4.14
C SER C 864 -2.76 -34.02 5.36
N LYS C 865 -1.44 -34.15 5.46
CA LYS C 865 -0.72 -33.70 6.62
C LYS C 865 -0.75 -32.20 6.80
N VAL C 866 -0.49 -31.47 5.72
CA VAL C 866 -0.47 -30.02 5.82
C VAL C 866 -1.85 -29.41 5.98
N VAL C 867 -2.84 -29.92 5.25
CA VAL C 867 -4.17 -29.42 5.38
C VAL C 867 -4.58 -29.34 6.85
N ASP C 875 -10.82 -26.77 -2.75
CA ASP C 875 -11.71 -25.77 -3.32
C ASP C 875 -13.06 -25.79 -2.60
N VAL C 876 -13.58 -24.62 -2.30
CA VAL C 876 -14.84 -24.47 -1.60
C VAL C 876 -16.02 -25.06 -2.36
N ASP C 877 -16.94 -25.70 -1.64
CA ASP C 877 -18.18 -26.18 -2.24
C ASP C 877 -19.29 -25.17 -2.04
N TYR C 878 -19.52 -24.33 -3.03
CA TYR C 878 -20.40 -23.20 -2.82
C TYR C 878 -21.85 -23.60 -2.85
N LYS C 879 -22.14 -24.86 -3.18
CA LYS C 879 -23.52 -25.29 -3.27
C LYS C 879 -24.13 -25.36 -1.89
N SER C 880 -23.29 -25.47 -0.87
CA SER C 880 -23.79 -25.63 0.47
C SER C 880 -24.19 -24.31 1.10
N CYS C 881 -23.78 -23.19 0.50
CA CYS C 881 -23.84 -21.91 1.18
C CYS C 881 -25.18 -21.22 0.98
N THR C 882 -26.14 -21.99 0.51
CA THR C 882 -27.46 -21.48 0.24
C THR C 882 -28.51 -22.27 0.99
N LYS C 883 -28.09 -23.30 1.72
CA LYS C 883 -29.07 -24.19 2.32
C LYS C 883 -29.49 -23.79 3.71
N GLY C 884 -28.76 -22.89 4.34
CA GLY C 884 -28.98 -22.64 5.75
C GLY C 884 -28.62 -23.90 6.53
N LEU C 885 -29.51 -24.37 7.40
CA LEU C 885 -29.37 -25.63 8.17
C LEU C 885 -28.27 -25.65 9.24
N SER C 886 -27.05 -25.30 8.87
CA SER C 886 -25.95 -25.30 9.80
C SER C 886 -25.40 -23.91 10.03
N ILE C 887 -24.79 -23.70 11.18
CA ILE C 887 -23.99 -22.50 11.26
C ILE C 887 -22.96 -22.60 10.15
N ALA C 888 -22.76 -21.51 9.42
CA ALA C 888 -21.89 -21.49 8.26
C ALA C 888 -20.46 -21.78 8.62
N ASP C 889 -19.75 -22.45 7.71
CA ASP C 889 -18.32 -22.62 7.84
C ASP C 889 -17.64 -21.37 7.36
N LEU C 890 -16.34 -21.30 7.53
CA LEU C 890 -15.59 -20.11 7.15
C LEU C 890 -15.71 -19.78 5.69
N ALA C 891 -15.65 -20.78 4.84
CA ALA C 891 -15.69 -20.47 3.42
C ALA C 891 -16.94 -19.71 3.08
N CYS C 892 -18.09 -20.31 3.32
CA CYS C 892 -19.33 -19.59 3.08
C CYS C 892 -19.34 -18.23 3.76
N ALA C 893 -18.85 -18.14 4.99
CA ALA C 893 -18.84 -16.86 5.66
C ALA C 893 -18.06 -15.81 4.87
N GLN C 894 -16.99 -16.20 4.16
CA GLN C 894 -16.29 -15.26 3.30
C GLN C 894 -17.08 -15.01 2.02
N TYR C 895 -17.74 -16.04 1.52
CA TYR C 895 -18.55 -15.94 0.32
C TYR C 895 -19.63 -14.90 0.50
N TYR C 896 -20.20 -14.86 1.69
CA TYR C 896 -21.23 -13.92 2.04
C TYR C 896 -20.79 -12.47 2.02
N ASN C 897 -19.47 -12.23 2.01
CA ASN C 897 -18.93 -10.89 1.95
C ASN C 897 -18.46 -10.56 0.55
N GLY C 898 -18.79 -11.41 -0.42
CA GLY C 898 -18.43 -11.15 -1.78
C GLY C 898 -17.04 -11.64 -2.13
N ILE C 899 -16.44 -12.42 -1.25
CA ILE C 899 -15.11 -12.90 -1.51
C ILE C 899 -15.14 -14.32 -2.00
N MET C 900 -14.86 -14.49 -3.27
CA MET C 900 -14.96 -15.81 -3.86
C MET C 900 -13.61 -16.41 -4.08
N VAL C 901 -13.47 -17.65 -3.69
CA VAL C 901 -12.24 -18.37 -3.90
C VAL C 901 -12.47 -19.32 -5.03
N LEU C 902 -11.71 -19.17 -6.08
CA LEU C 902 -12.08 -19.86 -7.29
C LEU C 902 -11.53 -21.28 -7.32
N PRO C 903 -11.99 -22.11 -8.25
CA PRO C 903 -11.43 -23.41 -8.53
C PRO C 903 -10.01 -23.27 -8.94
N GLY C 904 -9.23 -24.31 -8.78
CA GLY C 904 -7.82 -24.25 -9.16
C GLY C 904 -7.63 -24.55 -10.63
N VAL C 905 -6.36 -24.55 -11.03
CA VAL C 905 -5.98 -24.83 -12.40
C VAL C 905 -5.26 -26.17 -12.46
N ALA C 906 -4.26 -26.33 -11.61
CA ALA C 906 -3.50 -27.55 -11.55
C ALA C 906 -4.27 -28.63 -10.78
N ASP C 907 -5.33 -29.14 -11.41
CA ASP C 907 -6.19 -30.11 -10.73
C ASP C 907 -5.48 -31.46 -10.68
N ALA C 908 -6.00 -32.39 -9.88
CA ALA C 908 -5.30 -33.64 -9.64
C ALA C 908 -5.08 -34.47 -10.89
N GLU C 909 -6.02 -34.48 -11.81
CA GLU C 909 -5.86 -35.35 -12.96
C GLU C 909 -4.76 -34.79 -13.85
N ARG C 910 -4.75 -33.48 -14.06
CA ARG C 910 -3.69 -32.87 -14.83
C ARG C 910 -2.33 -33.12 -14.22
N MET C 911 -2.24 -32.98 -12.91
CA MET C 911 -0.94 -33.15 -12.30
C MET C 911 -0.47 -34.58 -12.42
N ALA C 912 -1.36 -35.54 -12.28
CA ALA C 912 -0.99 -36.94 -12.44
C ALA C 912 -0.61 -37.25 -13.87
N MET C 913 -1.34 -36.72 -14.83
CA MET C 913 -0.98 -36.96 -16.22
C MET C 913 0.39 -36.42 -16.54
N TYR C 914 0.64 -35.21 -16.10
CA TYR C 914 1.93 -34.59 -16.30
C TYR C 914 3.01 -35.40 -15.63
N THR C 915 2.80 -35.74 -14.37
CA THR C 915 3.79 -36.46 -13.61
C THR C 915 4.08 -37.83 -14.18
N GLY C 916 3.03 -38.57 -14.52
CA GLY C 916 3.20 -39.90 -15.06
C GLY C 916 3.99 -39.86 -16.35
N SER C 917 3.74 -38.84 -17.17
CA SER C 917 4.50 -38.70 -18.40
C SER C 917 5.98 -38.53 -18.07
N LEU C 918 6.30 -37.71 -17.08
CA LEU C 918 7.70 -37.52 -16.72
C LEU C 918 8.33 -38.83 -16.25
N ILE C 919 7.61 -39.59 -15.45
CA ILE C 919 8.14 -40.83 -14.94
C ILE C 919 8.37 -41.89 -16.00
N GLY C 920 7.43 -42.05 -16.91
CA GLY C 920 7.60 -43.05 -17.95
C GLY C 920 8.83 -42.77 -18.81
N GLY C 921 9.18 -41.50 -18.96
CA GLY C 921 10.39 -41.13 -19.68
C GLY C 921 11.66 -41.77 -19.10
N MET C 922 11.63 -42.19 -17.83
CA MET C 922 12.78 -42.81 -17.20
C MET C 922 13.08 -44.20 -17.75
N VAL C 923 12.07 -44.87 -18.31
CA VAL C 923 12.21 -46.22 -18.79
C VAL C 923 11.95 -46.34 -20.28
N LEU C 924 11.30 -45.34 -20.87
CA LEU C 924 11.09 -45.38 -22.31
C LEU C 924 12.36 -45.03 -23.04
N GLY C 925 13.33 -45.92 -23.02
CA GLY C 925 14.65 -45.65 -23.58
C GLY C 925 14.56 -45.55 -25.08
N GLY C 926 15.61 -45.02 -25.71
CA GLY C 926 15.54 -44.66 -27.13
C GLY C 926 15.53 -45.82 -28.13
N LEU C 927 14.47 -46.61 -28.10
CA LEU C 927 14.25 -47.76 -28.97
C LEU C 927 13.23 -47.51 -30.06
N THR C 928 13.19 -48.41 -31.02
CA THR C 928 12.10 -48.40 -31.99
C THR C 928 10.75 -48.63 -31.33
N SER C 929 9.69 -48.36 -32.08
CA SER C 929 8.33 -48.39 -31.56
C SER C 929 8.26 -47.52 -30.33
N ALA C 930 7.63 -48.02 -29.31
CA ALA C 930 7.63 -47.38 -28.00
C ALA C 930 8.13 -48.40 -27.01
N ALA C 931 9.07 -49.21 -27.47
CA ALA C 931 9.62 -50.24 -26.63
C ALA C 931 10.33 -49.61 -25.47
N ALA C 932 10.25 -50.22 -24.30
CA ALA C 932 10.93 -49.69 -23.13
C ALA C 932 12.13 -50.53 -22.81
N ILE C 933 12.95 -50.03 -21.92
CA ILE C 933 14.09 -50.75 -21.43
C ILE C 933 13.91 -50.96 -19.95
N PRO C 934 14.67 -51.84 -19.34
CA PRO C 934 14.70 -51.99 -17.91
C PRO C 934 15.22 -50.72 -17.29
N PHE C 935 14.63 -50.30 -16.19
CA PHE C 935 15.17 -49.17 -15.45
C PHE C 935 16.64 -49.38 -15.08
N SER C 936 17.04 -50.63 -14.88
CA SER C 936 18.44 -50.90 -14.59
C SER C 936 19.35 -50.38 -15.71
N LEU C 937 18.91 -50.54 -16.95
CA LEU C 937 19.70 -50.13 -18.10
C LEU C 937 19.70 -48.63 -18.18
N ALA C 938 18.54 -48.04 -17.94
CA ALA C 938 18.40 -46.60 -18.02
C ALA C 938 19.40 -45.95 -17.11
N LEU C 939 19.48 -46.45 -15.90
CA LEU C 939 20.42 -45.93 -14.95
C LEU C 939 21.85 -46.17 -15.40
N GLN C 940 22.14 -47.34 -15.97
CA GLN C 940 23.48 -47.60 -16.42
C GLN C 940 23.89 -46.55 -17.45
N ALA C 941 22.98 -46.18 -18.33
CA ALA C 941 23.28 -45.15 -19.31
C ALA C 941 23.62 -43.83 -18.62
N ARG C 942 22.84 -43.48 -17.60
CA ARG C 942 23.05 -42.26 -16.84
C ARG C 942 24.34 -42.30 -16.02
N LEU C 943 24.85 -43.50 -15.74
CA LEU C 943 26.17 -43.61 -15.13
C LEU C 943 27.26 -43.38 -16.14
N ASN C 944 27.12 -43.96 -17.34
CA ASN C 944 28.14 -43.82 -18.37
C ASN C 944 28.33 -42.37 -18.75
N TYR C 945 27.25 -41.61 -18.71
CA TYR C 945 27.29 -40.16 -18.89
C TYR C 945 28.32 -39.47 -18.02
N VAL C 946 28.43 -39.92 -16.77
CA VAL C 946 29.30 -39.31 -15.78
C VAL C 946 30.72 -39.80 -15.95
N ALA C 947 30.84 -41.10 -16.13
CA ALA C 947 32.12 -41.74 -16.27
C ALA C 947 31.91 -43.06 -17.00
N LEU C 948 32.56 -43.24 -18.14
CA LEU C 948 32.32 -44.47 -18.87
C LEU C 948 32.69 -45.63 -17.98
N GLN C 949 31.76 -46.57 -17.85
CA GLN C 949 31.93 -47.76 -17.03
C GLN C 949 32.71 -48.83 -17.76
N THR C 950 33.71 -49.38 -17.07
CA THR C 950 34.55 -50.42 -17.65
C THR C 950 34.26 -51.82 -17.15
N ASP C 951 33.17 -51.99 -16.41
CA ASP C 951 32.86 -53.32 -15.90
C ASP C 951 31.60 -53.91 -16.50
N VAL C 952 31.72 -55.12 -17.02
CA VAL C 952 30.63 -55.84 -17.64
C VAL C 952 29.52 -56.16 -16.64
N LEU C 953 29.92 -56.51 -15.42
CA LEU C 953 28.96 -56.87 -14.38
C LEU C 953 28.64 -55.69 -13.47
N GLN C 954 27.35 -55.45 -13.28
CA GLN C 954 26.89 -54.34 -12.46
C GLN C 954 26.83 -54.64 -10.98
N GLU C 955 27.99 -54.63 -10.33
CA GLU C 955 28.08 -54.86 -8.90
C GLU C 955 27.33 -53.76 -8.17
N ASN C 956 27.46 -52.57 -8.73
CA ASN C 956 26.88 -51.34 -8.17
C ASN C 956 25.36 -51.29 -8.07
N GLN C 957 24.66 -51.86 -9.03
CA GLN C 957 23.20 -51.79 -9.07
C GLN C 957 22.41 -52.36 -7.87
N LYS C 958 22.85 -53.49 -7.31
CA LYS C 958 22.12 -54.06 -6.19
C LYS C 958 22.33 -53.22 -4.95
N ILE C 959 23.55 -52.69 -4.84
CA ILE C 959 23.87 -51.81 -3.74
C ILE C 959 23.03 -50.56 -3.79
N LEU C 960 22.97 -49.97 -4.98
CA LEU C 960 22.27 -48.74 -5.18
C LEU C 960 20.77 -48.94 -5.13
N ALA C 961 20.25 -50.04 -5.67
CA ALA C 961 18.83 -50.27 -5.53
C ALA C 961 18.45 -50.41 -4.07
N ALA C 962 19.21 -51.17 -3.31
CA ALA C 962 18.88 -51.31 -1.90
C ALA C 962 18.97 -49.99 -1.16
N SER C 963 20.03 -49.24 -1.43
CA SER C 963 20.22 -47.97 -0.78
C SER C 963 19.09 -47.02 -1.13
N PHE C 964 18.69 -47.02 -2.40
CA PHE C 964 17.61 -46.20 -2.88
C PHE C 964 16.34 -46.54 -2.15
N ASN C 965 16.04 -47.83 -2.04
CA ASN C 965 14.81 -48.24 -1.39
C ASN C 965 14.76 -47.76 0.04
N LYS C 966 15.88 -47.83 0.74
CA LYS C 966 15.90 -47.31 2.09
C LYS C 966 15.67 -45.81 2.09
N ALA C 967 16.32 -45.10 1.18
CA ALA C 967 16.16 -43.66 1.14
C ALA C 967 14.72 -43.28 0.93
N ILE C 968 14.03 -43.94 0.01
CA ILE C 968 12.66 -43.58 -0.23
C ILE C 968 11.80 -43.87 0.97
N ASN C 969 12.00 -45.01 1.60
CA ASN C 969 11.21 -45.32 2.78
C ASN C 969 11.46 -44.32 3.88
N ASN C 970 12.70 -43.89 4.05
CA ASN C 970 13.02 -42.90 5.05
C ASN C 970 12.32 -41.59 4.76
N ILE C 971 12.29 -41.18 3.50
CA ILE C 971 11.59 -39.94 3.14
C ILE C 971 10.11 -40.02 3.40
N VAL C 972 9.49 -41.11 3.01
CA VAL C 972 8.07 -41.20 3.25
C VAL C 972 7.78 -41.21 4.74
N ALA C 973 8.57 -41.94 5.50
CA ALA C 973 8.41 -41.96 6.95
C ALA C 973 8.65 -40.58 7.55
N SER C 974 9.67 -39.88 7.05
CA SER C 974 10.00 -38.55 7.53
C SER C 974 8.87 -37.58 7.28
N PHE C 975 8.25 -37.68 6.10
CA PHE C 975 7.07 -36.89 5.81
C PHE C 975 5.89 -37.31 6.67
N SER C 976 5.73 -38.60 6.91
CA SER C 976 4.62 -39.09 7.70
C SER C 976 4.65 -38.52 9.12
N SER C 977 5.83 -38.53 9.73
CA SER C 977 6.05 -37.98 11.06
C SER C 977 6.48 -36.50 11.01
N ALA C 986 18.97 -40.43 9.37
CA ALA C 986 19.34 -40.01 8.02
C ALA C 986 19.20 -38.50 7.88
N GLU C 987 20.16 -37.87 7.21
CA GLU C 987 20.14 -36.42 7.00
C GLU C 987 19.02 -35.97 6.07
N ALA C 988 18.36 -36.95 5.46
CA ALA C 988 17.16 -36.72 4.70
C ALA C 988 16.13 -36.00 5.56
N ILE C 989 16.15 -36.25 6.87
CA ILE C 989 15.20 -35.63 7.77
C ILE C 989 15.35 -34.12 7.76
N HIS C 990 16.56 -33.64 7.53
CA HIS C 990 16.81 -32.22 7.49
C HIS C 990 16.10 -31.67 6.29
N THR C 991 16.38 -32.31 5.17
CA THR C 991 15.89 -31.84 3.91
C THR C 991 14.35 -31.92 3.83
N VAL C 992 13.79 -33.02 4.34
CA VAL C 992 12.35 -33.18 4.39
C VAL C 992 11.70 -32.15 5.28
N THR C 993 12.29 -31.89 6.45
CA THR C 993 11.73 -30.89 7.33
C THR C 993 11.62 -29.56 6.64
N ILE C 994 12.66 -29.17 5.93
CA ILE C 994 12.62 -27.92 5.22
C ILE C 994 11.48 -27.88 4.22
N ALA C 995 11.33 -28.95 3.43
CA ALA C 995 10.22 -28.98 2.49
C ALA C 995 8.90 -28.81 3.20
N LEU C 996 8.69 -29.51 4.31
CA LEU C 996 7.43 -29.37 5.03
C LEU C 996 7.20 -27.98 5.54
N ASN C 997 8.22 -27.38 6.10
CA ASN C 997 8.06 -26.04 6.62
C ASN C 997 7.63 -25.09 5.53
N LYS C 998 8.26 -25.22 4.37
CA LYS C 998 7.97 -24.34 3.27
C LYS C 998 6.55 -24.57 2.74
N ILE C 999 6.14 -25.82 2.64
CA ILE C 999 4.79 -26.08 2.14
C ILE C 999 3.74 -25.49 3.08
N GLN C 1000 3.94 -25.67 4.37
CA GLN C 1000 3.02 -25.13 5.36
C GLN C 1000 2.94 -23.62 5.27
N ASP C 1001 4.09 -22.97 5.09
CA ASP C 1001 4.15 -21.53 5.00
C ASP C 1001 3.28 -21.02 3.87
N VAL C 1002 3.39 -21.63 2.70
CA VAL C 1002 2.58 -21.17 1.58
C VAL C 1002 1.11 -21.21 1.91
N VAL C 1003 0.68 -22.29 2.53
CA VAL C 1003 -0.71 -22.44 2.88
C VAL C 1003 -1.19 -21.37 3.85
N ASN C 1004 -0.39 -21.14 4.88
CA ASN C 1004 -0.77 -20.20 5.92
C ASN C 1004 -0.95 -18.80 5.36
N GLN C 1005 -0.07 -18.40 4.45
CA GLN C 1005 -0.15 -17.07 3.87
C GLN C 1005 -1.44 -16.81 3.12
N GLN C 1006 -1.90 -17.79 2.34
CA GLN C 1006 -3.12 -17.56 1.59
C GLN C 1006 -4.29 -17.32 2.53
N GLY C 1007 -4.35 -18.09 3.60
CA GLY C 1007 -5.41 -17.94 4.58
C GLY C 1007 -5.34 -16.57 5.25
N SER C 1008 -4.15 -16.20 5.68
CA SER C 1008 -3.93 -14.97 6.42
C SER C 1008 -4.37 -13.75 5.62
N ALA C 1009 -4.04 -13.72 4.34
CA ALA C 1009 -4.42 -12.58 3.52
C ALA C 1009 -5.93 -12.39 3.49
N LEU C 1010 -6.67 -13.48 3.31
CA LEU C 1010 -8.11 -13.36 3.25
C LEU C 1010 -8.71 -12.98 4.59
N ASN C 1011 -8.13 -13.49 5.67
CA ASN C 1011 -8.64 -13.14 6.98
C ASN C 1011 -8.47 -11.68 7.23
N HIS C 1012 -7.34 -11.11 6.83
CA HIS C 1012 -7.13 -9.70 7.01
C HIS C 1012 -8.16 -8.90 6.24
N LEU C 1013 -8.34 -9.23 4.97
CA LEU C 1013 -9.33 -8.51 4.17
C LEU C 1013 -10.69 -8.53 4.81
N THR C 1014 -11.10 -9.69 5.30
CA THR C 1014 -12.39 -9.85 5.89
C THR C 1014 -12.52 -9.09 7.21
N SER C 1015 -11.50 -9.17 8.06
CA SER C 1015 -11.51 -8.53 9.36
C SER C 1015 -11.70 -7.04 9.26
N GLN C 1016 -11.13 -6.44 8.23
CA GLN C 1016 -11.24 -5.01 8.04
C GLN C 1016 -12.67 -4.51 7.92
N LEU C 1017 -13.62 -5.37 7.60
CA LEU C 1017 -15.00 -4.93 7.52
C LEU C 1017 -15.53 -4.44 8.85
N ARG C 1018 -14.92 -4.89 9.95
CA ARG C 1018 -15.33 -4.47 11.28
C ARG C 1018 -14.75 -3.13 11.67
N HIS C 1019 -13.81 -2.62 10.91
CA HIS C 1019 -13.11 -1.41 11.31
C HIS C 1019 -13.94 -0.20 11.03
N ASN C 1020 -14.92 0.01 11.87
CA ASN C 1020 -15.77 1.17 11.74
C ASN C 1020 -14.91 2.38 11.54
N PHE C 1021 -15.20 3.13 10.50
CA PHE C 1021 -14.43 4.31 10.20
C PHE C 1021 -15.12 5.44 10.90
N GLN C 1022 -14.85 6.68 10.56
CA GLN C 1022 -15.42 7.76 11.37
C GLN C 1022 -16.91 7.95 11.08
N ALA C 1023 -17.71 7.03 11.60
CA ALA C 1023 -19.13 6.96 11.38
C ALA C 1023 -19.82 6.33 12.58
N ILE C 1024 -21.13 6.46 12.63
CA ILE C 1024 -21.90 5.89 13.75
C ILE C 1024 -21.72 4.39 13.91
N SER C 1025 -21.78 3.66 12.81
CA SER C 1025 -21.70 2.22 12.87
C SER C 1025 -20.87 1.64 11.75
N ASN C 1026 -20.80 0.31 11.72
CA ASN C 1026 -20.16 -0.41 10.65
C ASN C 1026 -21.22 -1.15 9.85
N SER C 1027 -22.47 -1.03 10.31
CA SER C 1027 -23.59 -1.56 9.59
C SER C 1027 -24.34 -0.48 8.89
N ILE C 1028 -24.35 -0.57 7.58
CA ILE C 1028 -25.02 0.42 6.77
C ILE C 1028 -26.49 0.45 7.09
N GLN C 1029 -27.07 -0.72 7.32
CA GLN C 1029 -28.46 -0.75 7.66
C GLN C 1029 -28.69 0.00 8.95
N ALA C 1030 -27.83 -0.20 9.94
CA ALA C 1030 -28.02 0.50 11.19
C ALA C 1030 -27.97 2.00 11.01
N ILE C 1031 -27.12 2.47 10.11
CA ILE C 1031 -27.10 3.89 9.84
C ILE C 1031 -28.42 4.35 9.24
N TYR C 1032 -28.93 3.63 8.25
CA TYR C 1032 -30.17 4.07 7.60
C TYR C 1032 -31.40 3.92 8.49
N ASP C 1033 -31.33 3.10 9.52
CA ASP C 1033 -32.41 3.00 10.47
C ASP C 1033 -32.48 4.17 11.44
N ARG C 1034 -31.43 4.97 11.49
CA ARG C 1034 -31.33 6.03 12.45
C ARG C 1034 -31.38 7.41 11.81
N LEU C 1035 -30.67 7.56 10.70
CA LEU C 1035 -30.58 8.83 10.01
C LEU C 1035 -31.24 8.85 8.65
N ASP C 1036 -31.95 9.93 8.33
CA ASP C 1036 -32.36 10.22 6.96
C ASP C 1036 -31.17 10.36 6.04
N SER C 1037 -31.41 10.11 4.76
CA SER C 1037 -30.44 10.12 3.69
C SER C 1037 -29.56 11.35 3.67
N ILE C 1038 -30.11 12.49 4.03
CA ILE C 1038 -29.32 13.70 4.00
C ILE C 1038 -28.05 13.63 4.86
N GLN C 1039 -28.07 12.82 5.92
CA GLN C 1039 -26.91 12.61 6.76
C GLN C 1039 -26.38 11.20 6.56
N ALA C 1040 -27.29 10.26 6.39
CA ALA C 1040 -26.88 8.87 6.30
C ALA C 1040 -25.95 8.65 5.14
N ASP C 1041 -26.20 9.33 4.03
CA ASP C 1041 -25.35 9.14 2.88
C ASP C 1041 -23.90 9.59 3.16
N GLN C 1042 -23.70 10.49 4.11
CA GLN C 1042 -22.37 10.97 4.41
C GLN C 1042 -21.68 9.95 5.29
N GLN C 1043 -22.43 9.41 6.24
CA GLN C 1043 -21.88 8.41 7.12
C GLN C 1043 -21.48 7.19 6.32
N VAL C 1044 -22.34 6.81 5.38
CA VAL C 1044 -22.07 5.68 4.55
C VAL C 1044 -20.93 5.96 3.60
N ASP C 1045 -20.85 7.16 3.04
CA ASP C 1045 -19.73 7.45 2.18
C ASP C 1045 -18.40 7.27 2.91
N ARG C 1046 -18.36 7.58 4.19
CA ARG C 1046 -17.12 7.33 4.91
C ARG C 1046 -16.80 5.84 4.96
N LEU C 1047 -17.82 5.01 5.20
CA LEU C 1047 -17.59 3.57 5.22
C LEU C 1047 -17.16 3.07 3.86
N ILE C 1048 -17.78 3.61 2.81
CA ILE C 1048 -17.43 3.20 1.46
C ILE C 1048 -16.01 3.52 1.13
N THR C 1049 -15.57 4.73 1.45
CA THR C 1049 -14.21 5.09 1.18
C THR C 1049 -13.25 4.12 1.83
N GLY C 1050 -13.48 3.85 3.11
CA GLY C 1050 -12.62 2.95 3.85
C GLY C 1050 -12.56 1.57 3.22
N ARG C 1051 -13.72 1.01 2.89
CA ARG C 1051 -13.76 -0.31 2.34
C ARG C 1051 -13.12 -0.39 0.95
N LEU C 1052 -13.29 0.63 0.13
CA LEU C 1052 -12.61 0.62 -1.16
C LEU C 1052 -11.11 0.65 -0.97
N ALA C 1053 -10.64 1.42 0.00
CA ALA C 1053 -9.21 1.45 0.26
C ALA C 1053 -8.68 0.08 0.66
N ALA C 1054 -9.45 -0.63 1.48
CA ALA C 1054 -9.05 -1.97 1.88
C ALA C 1054 -8.91 -2.88 0.67
N LEU C 1055 -9.85 -2.78 -0.26
CA LEU C 1055 -9.75 -3.60 -1.46
C LEU C 1055 -8.54 -3.23 -2.29
N ASN C 1056 -8.24 -1.96 -2.40
CA ASN C 1056 -7.08 -1.59 -3.19
C ASN C 1056 -5.81 -2.19 -2.60
N ALA C 1057 -5.71 -2.18 -1.29
CA ALA C 1057 -4.56 -2.76 -0.61
C ALA C 1057 -4.46 -4.24 -0.91
N PHE C 1058 -5.59 -4.93 -0.82
CA PHE C 1058 -5.64 -6.36 -1.08
C PHE C 1058 -5.16 -6.66 -2.47
N VAL C 1059 -5.65 -5.93 -3.45
CA VAL C 1059 -5.24 -6.20 -4.81
C VAL C 1059 -3.75 -6.08 -4.95
N SER C 1060 -3.15 -5.05 -4.36
CA SER C 1060 -1.72 -4.90 -4.50
C SER C 1060 -1.00 -6.12 -3.95
N GLN C 1061 -1.44 -6.59 -2.79
CA GLN C 1061 -0.84 -7.77 -2.20
C GLN C 1061 -0.91 -8.98 -3.12
N VAL C 1062 -2.07 -9.18 -3.71
CA VAL C 1062 -2.25 -10.30 -4.62
C VAL C 1062 -1.31 -10.23 -5.80
N LEU C 1063 -1.19 -9.07 -6.39
CA LEU C 1063 -0.35 -8.95 -7.57
C LEU C 1063 1.10 -9.24 -7.22
N ASN C 1064 1.55 -8.80 -6.06
CA ASN C 1064 2.91 -9.08 -5.66
C ASN C 1064 3.15 -10.57 -5.52
N LYS C 1065 2.18 -11.30 -4.97
CA LYS C 1065 2.36 -12.72 -4.82
C LYS C 1065 2.48 -13.39 -6.18
N TYR C 1066 1.67 -12.95 -7.14
CA TYR C 1066 1.77 -13.56 -8.45
C TYR C 1066 3.15 -13.37 -9.04
N THR C 1067 3.72 -12.19 -8.86
CA THR C 1067 5.06 -11.95 -9.36
C THR C 1067 6.05 -12.94 -8.78
N GLU C 1068 5.99 -13.15 -7.46
CA GLU C 1068 6.88 -14.10 -6.82
C GLU C 1068 6.76 -15.48 -7.42
N VAL C 1069 5.52 -15.93 -7.58
CA VAL C 1069 5.30 -17.26 -8.10
C VAL C 1069 5.81 -17.40 -9.51
N ARG C 1070 5.67 -16.37 -10.34
CA ARG C 1070 6.19 -16.44 -11.70
C ARG C 1070 7.67 -16.72 -11.70
N GLY C 1071 8.39 -16.08 -10.78
CA GLY C 1071 9.81 -16.35 -10.65
C GLY C 1071 10.04 -17.84 -10.39
N SER C 1072 9.30 -18.38 -9.43
CA SER C 1072 9.43 -19.78 -9.07
C SER C 1072 9.09 -20.70 -10.23
N ARG C 1073 8.04 -20.39 -11.01
CA ARG C 1073 7.72 -21.23 -12.15
C ARG C 1073 8.85 -21.30 -13.15
N ARG C 1074 9.53 -20.19 -13.39
CA ARG C 1074 10.63 -20.24 -14.34
C ARG C 1074 11.67 -21.25 -13.88
N LEU C 1075 12.01 -21.20 -12.60
CA LEU C 1075 12.98 -22.14 -12.07
C LEU C 1075 12.51 -23.57 -12.18
N ALA C 1076 11.26 -23.79 -11.82
CA ALA C 1076 10.74 -25.14 -11.85
C ALA C 1076 10.85 -25.72 -13.23
N GLN C 1077 10.52 -24.94 -14.26
CA GLN C 1077 10.63 -25.45 -15.61
C GLN C 1077 12.05 -25.80 -15.97
N GLN C 1078 13.01 -24.98 -15.53
CA GLN C 1078 14.38 -25.34 -15.84
C GLN C 1078 14.73 -26.66 -15.21
N LYS C 1079 14.33 -26.87 -13.97
CA LYS C 1079 14.67 -28.13 -13.35
C LYS C 1079 13.99 -29.30 -14.03
N ILE C 1080 12.76 -29.12 -14.47
CA ILE C 1080 12.15 -30.22 -15.20
C ILE C 1080 12.95 -30.57 -16.45
N ASN C 1081 13.38 -29.56 -17.17
CA ASN C 1081 14.08 -29.88 -18.39
C ASN C 1081 15.45 -30.46 -18.14
N GLU C 1082 16.23 -29.79 -17.32
CA GLU C 1082 17.61 -30.17 -17.15
C GLU C 1082 17.80 -31.35 -16.22
N CYS C 1083 16.97 -31.50 -15.19
CA CYS C 1083 17.24 -32.49 -14.16
C CYS C 1083 16.32 -33.69 -14.21
N VAL C 1084 15.44 -33.73 -15.17
CA VAL C 1084 14.49 -34.83 -15.26
C VAL C 1084 14.61 -35.39 -16.64
N LYS C 1085 14.34 -34.56 -17.62
CA LYS C 1085 14.41 -35.02 -18.99
C LYS C 1085 15.84 -35.29 -19.46
N SER C 1086 16.76 -34.35 -19.27
CA SER C 1086 18.12 -34.54 -19.77
C SER C 1086 19.13 -35.25 -18.83
N GLN C 1087 19.47 -34.60 -17.71
CA GLN C 1087 20.58 -34.95 -16.80
C GLN C 1087 21.72 -33.97 -17.05
N SER C 1088 21.94 -33.07 -16.10
CA SER C 1088 22.90 -31.99 -16.28
C SER C 1088 24.26 -32.33 -15.72
N ASN C 1089 25.19 -31.42 -15.89
CA ASN C 1089 26.50 -31.49 -15.26
C ASN C 1089 26.72 -30.26 -14.40
N ARG C 1090 25.62 -29.61 -14.01
CA ARG C 1090 25.72 -28.36 -13.29
C ARG C 1090 25.91 -28.62 -11.82
N TYR C 1091 27.13 -28.95 -11.45
CA TYR C 1091 27.37 -29.26 -10.06
C TYR C 1091 26.86 -28.17 -9.17
N GLY C 1092 26.11 -28.55 -8.15
CA GLY C 1092 25.54 -27.62 -7.20
C GLY C 1092 24.09 -27.27 -7.51
N PHE C 1093 23.61 -27.71 -8.66
CA PHE C 1093 22.23 -27.49 -9.06
C PHE C 1093 21.39 -28.62 -8.47
N CYS C 1094 20.71 -29.39 -9.30
CA CYS C 1094 19.88 -30.47 -8.80
C CYS C 1094 20.58 -31.59 -8.04
N GLY C 1095 20.86 -31.31 -6.79
CA GLY C 1095 21.32 -32.30 -5.84
C GLY C 1095 22.78 -32.09 -5.47
N ASN C 1096 23.07 -32.18 -4.19
CA ASN C 1096 24.43 -31.95 -3.74
C ASN C 1096 25.27 -33.23 -3.88
N GLY C 1097 25.59 -33.56 -5.11
CA GLY C 1097 26.29 -34.83 -5.38
C GLY C 1097 26.26 -35.16 -6.86
N THR C 1098 26.44 -36.43 -7.20
CA THR C 1098 26.39 -36.77 -8.61
C THR C 1098 25.00 -37.13 -9.04
N HIS C 1099 24.40 -36.27 -9.83
CA HIS C 1099 22.99 -36.45 -10.18
C HIS C 1099 22.78 -37.54 -11.19
N ILE C 1100 21.90 -38.47 -10.84
CA ILE C 1100 21.57 -39.55 -11.73
C ILE C 1100 20.20 -39.31 -12.32
N PHE C 1101 19.22 -39.09 -11.46
CA PHE C 1101 17.87 -38.80 -11.95
C PHE C 1101 17.01 -38.13 -10.90
N SER C 1102 15.90 -37.53 -11.33
CA SER C 1102 14.97 -36.99 -10.37
C SER C 1102 13.54 -37.40 -10.64
N ILE C 1103 12.80 -37.52 -9.56
CA ILE C 1103 11.38 -37.82 -9.56
C ILE C 1103 10.59 -36.61 -9.16
N VAL C 1104 9.49 -36.36 -9.84
CA VAL C 1104 8.69 -35.20 -9.49
C VAL C 1104 7.30 -35.62 -9.07
N ASN C 1105 6.80 -35.03 -8.00
CA ASN C 1105 5.43 -35.27 -7.54
C ASN C 1105 4.73 -33.96 -7.27
N SER C 1106 3.41 -33.98 -7.15
CA SER C 1106 2.73 -32.74 -6.83
C SER C 1106 2.74 -32.50 -5.32
N ALA C 1107 2.54 -31.25 -4.96
CA ALA C 1107 2.48 -30.84 -3.58
C ALA C 1107 1.51 -29.68 -3.50
N PRO C 1108 1.06 -29.25 -2.32
CA PRO C 1108 0.16 -28.14 -2.25
C PRO C 1108 0.76 -26.95 -2.95
N ASP C 1109 0.05 -26.46 -3.97
CA ASP C 1109 0.42 -25.33 -4.82
C ASP C 1109 1.76 -25.46 -5.56
N GLY C 1110 2.30 -26.66 -5.68
CA GLY C 1110 3.65 -26.78 -6.21
C GLY C 1110 4.10 -28.18 -6.58
N LEU C 1111 5.40 -28.30 -6.75
CA LEU C 1111 6.04 -29.54 -7.12
C LEU C 1111 7.06 -29.95 -6.08
N LEU C 1112 7.15 -31.24 -5.85
CA LEU C 1112 8.18 -31.77 -5.00
C LEU C 1112 9.13 -32.57 -5.84
N PHE C 1113 10.40 -32.27 -5.73
CA PHE C 1113 11.42 -32.97 -6.47
C PHE C 1113 12.22 -33.85 -5.56
N LEU C 1114 12.44 -35.08 -6.00
CA LEU C 1114 13.26 -36.01 -5.27
C LEU C 1114 14.50 -36.30 -6.09
N HIS C 1115 15.62 -35.69 -5.72
CA HIS C 1115 16.81 -35.76 -6.54
C HIS C 1115 17.67 -36.91 -6.10
N THR C 1116 17.88 -37.88 -6.97
CA THR C 1116 18.65 -39.04 -6.60
C THR C 1116 20.09 -38.86 -7.04
N VAL C 1117 20.99 -38.83 -6.06
CA VAL C 1117 22.38 -38.57 -6.33
C VAL C 1117 23.26 -39.67 -5.79
N LEU C 1118 24.46 -39.75 -6.32
CA LEU C 1118 25.45 -40.65 -5.75
C LEU C 1118 26.37 -39.91 -4.82
N LEU C 1119 26.72 -40.60 -3.75
CA LEU C 1119 27.67 -40.12 -2.79
C LEU C 1119 28.78 -41.15 -2.61
N PRO C 1120 30.03 -40.76 -2.69
CA PRO C 1120 31.12 -41.67 -2.50
C PRO C 1120 31.10 -42.12 -1.07
N THR C 1121 31.54 -43.35 -0.84
CA THR C 1121 31.69 -43.88 0.50
C THR C 1121 33.16 -44.16 0.80
N ASP C 1122 33.80 -44.89 -0.12
CA ASP C 1122 35.20 -45.29 0.04
C ASP C 1122 35.99 -45.12 -1.24
N TYR C 1123 37.19 -44.57 -1.11
CA TYR C 1123 38.07 -44.35 -2.26
C TYR C 1123 39.44 -44.98 -2.09
N LYS C 1124 40.11 -45.23 -3.21
CA LYS C 1124 41.43 -45.85 -3.23
C LYS C 1124 42.56 -44.85 -3.33
N ASN C 1125 43.72 -45.23 -2.82
CA ASN C 1125 44.95 -44.45 -2.99
C ASN C 1125 45.67 -44.85 -4.27
N VAL C 1126 45.87 -43.88 -5.15
CA VAL C 1126 46.36 -44.13 -6.49
C VAL C 1126 47.68 -43.45 -6.84
N LYS C 1127 48.65 -44.26 -7.29
CA LYS C 1127 50.00 -43.76 -7.62
C LYS C 1127 50.07 -43.14 -9.01
N ALA C 1128 49.61 -41.91 -9.09
CA ALA C 1128 49.45 -41.21 -10.36
C ALA C 1128 50.75 -40.75 -10.94
N TRP C 1129 50.83 -40.73 -12.27
CA TRP C 1129 51.91 -40.13 -13.03
C TRP C 1129 51.43 -39.05 -13.98
N SER C 1130 52.22 -37.97 -14.09
CA SER C 1130 51.88 -36.87 -14.99
C SER C 1130 52.03 -37.22 -16.47
N GLY C 1131 52.76 -38.29 -16.78
CA GLY C 1131 52.98 -38.68 -18.16
C GLY C 1131 54.12 -39.68 -18.30
N ILE C 1132 54.38 -40.08 -19.55
CA ILE C 1132 55.45 -41.01 -19.89
C ILE C 1132 56.47 -40.33 -20.77
N CYS C 1133 57.74 -40.38 -20.45
CA CYS C 1133 58.75 -39.71 -21.27
C CYS C 1133 59.77 -40.66 -21.83
N VAL C 1134 59.42 -41.11 -23.01
CA VAL C 1134 60.10 -42.12 -23.75
C VAL C 1134 61.45 -41.64 -24.25
N ASP C 1135 62.46 -42.43 -23.93
CA ASP C 1135 63.84 -42.20 -24.30
C ASP C 1135 64.41 -40.91 -23.71
N GLY C 1136 63.72 -40.30 -22.75
CA GLY C 1136 64.20 -39.06 -22.15
C GLY C 1136 63.93 -37.85 -23.06
N ILE C 1137 63.18 -38.08 -24.14
CA ILE C 1137 62.92 -37.05 -25.13
C ILE C 1137 61.45 -36.77 -25.31
N TYR C 1138 60.64 -37.82 -25.39
CA TYR C 1138 59.26 -37.66 -25.81
C TYR C 1138 58.26 -37.92 -24.73
N GLY C 1139 57.76 -36.85 -24.11
CA GLY C 1139 56.65 -36.97 -23.21
C GLY C 1139 55.42 -37.33 -24.00
N TYR C 1140 54.61 -38.20 -23.43
CA TYR C 1140 53.28 -38.52 -23.87
C TYR C 1140 52.34 -38.44 -22.71
N VAL C 1141 51.23 -37.75 -22.90
CA VAL C 1141 50.28 -37.58 -21.82
C VAL C 1141 48.90 -37.94 -22.26
N LEU C 1142 48.04 -38.23 -21.31
CA LEU C 1142 46.70 -38.59 -21.71
C LEU C 1142 46.04 -37.38 -22.34
N ARG C 1143 45.36 -37.59 -23.45
CA ARG C 1143 44.65 -36.53 -24.14
C ARG C 1143 43.53 -35.92 -23.30
N GLN C 1144 42.82 -36.76 -22.57
CA GLN C 1144 41.65 -36.33 -21.83
C GLN C 1144 41.99 -36.05 -20.35
N PRO C 1145 41.83 -34.81 -19.87
CA PRO C 1145 42.26 -34.34 -18.58
C PRO C 1145 41.55 -35.02 -17.42
N ASN C 1146 40.47 -35.73 -17.69
CA ASN C 1146 39.68 -36.39 -16.67
C ASN C 1146 40.22 -37.75 -16.31
N LEU C 1147 41.31 -38.15 -16.96
CA LEU C 1147 41.91 -39.45 -16.71
C LEU C 1147 43.23 -39.40 -15.97
N VAL C 1148 43.47 -40.44 -15.19
CA VAL C 1148 44.70 -40.63 -14.46
C VAL C 1148 45.46 -41.83 -14.93
N LEU C 1149 46.73 -41.65 -15.25
CA LEU C 1149 47.61 -42.77 -15.52
C LEU C 1149 48.31 -43.14 -14.22
N TYR C 1150 48.24 -44.39 -13.82
CA TYR C 1150 48.86 -44.74 -12.55
C TYR C 1150 49.51 -46.10 -12.54
N SER C 1151 50.41 -46.30 -11.58
CA SER C 1151 51.14 -47.55 -11.43
C SER C 1151 50.51 -48.53 -10.44
N ASP C 1152 49.82 -49.52 -10.97
CA ASP C 1152 49.21 -50.55 -10.13
C ASP C 1152 50.28 -51.57 -9.82
N ASN C 1153 51.20 -51.17 -8.94
CA ASN C 1153 52.34 -51.99 -8.57
C ASN C 1153 53.14 -52.41 -9.79
N GLY C 1154 53.38 -51.46 -10.70
CA GLY C 1154 54.10 -51.74 -11.93
C GLY C 1154 53.20 -51.90 -13.14
N VAL C 1155 51.93 -52.24 -12.93
CA VAL C 1155 51.05 -52.33 -14.09
C VAL C 1155 50.39 -51.01 -14.37
N PHE C 1156 50.68 -50.44 -15.50
CA PHE C 1156 50.09 -49.15 -15.75
C PHE C 1156 48.67 -49.24 -16.21
N ARG C 1157 47.83 -48.46 -15.56
CA ARG C 1157 46.41 -48.44 -15.83
C ARG C 1157 45.88 -47.04 -15.89
N VAL C 1158 44.73 -46.88 -16.51
CA VAL C 1158 44.08 -45.60 -16.62
C VAL C 1158 42.72 -45.60 -15.95
N THR C 1159 42.45 -44.57 -15.15
CA THR C 1159 41.15 -44.44 -14.50
C THR C 1159 40.56 -43.06 -14.62
N SER C 1160 39.25 -43.00 -14.51
CA SER C 1160 38.58 -41.73 -14.33
C SER C 1160 39.05 -41.13 -13.03
N ARG C 1161 39.14 -39.79 -12.98
CA ARG C 1161 39.40 -39.05 -11.75
C ARG C 1161 38.20 -39.03 -10.81
N VAL C 1162 37.05 -39.46 -11.30
CA VAL C 1162 35.81 -39.40 -10.55
C VAL C 1162 35.49 -40.75 -9.97
N MET C 1163 35.51 -41.77 -10.82
CA MET C 1163 35.14 -43.11 -10.37
C MET C 1163 36.20 -44.14 -10.66
N PHE C 1164 36.46 -45.01 -9.70
CA PHE C 1164 37.51 -45.98 -9.90
C PHE C 1164 37.07 -47.14 -10.76
N GLN C 1165 37.06 -46.88 -12.05
CA GLN C 1165 36.79 -47.84 -13.10
C GLN C 1165 38.01 -47.94 -14.02
N PRO C 1166 39.05 -48.67 -13.63
CA PRO C 1166 40.32 -48.76 -14.30
C PRO C 1166 40.27 -49.60 -15.57
N ARG C 1167 41.11 -49.25 -16.53
CA ARG C 1167 41.34 -50.08 -17.70
C ARG C 1167 42.77 -49.95 -18.21
N LEU C 1168 43.18 -50.80 -19.13
CA LEU C 1168 44.50 -50.64 -19.71
C LEU C 1168 44.51 -49.49 -20.70
N PRO C 1169 45.63 -48.75 -20.83
CA PRO C 1169 45.87 -47.70 -21.79
C PRO C 1169 46.10 -48.22 -23.17
N VAL C 1170 45.76 -47.40 -24.15
CA VAL C 1170 46.13 -47.68 -25.53
C VAL C 1170 46.85 -46.47 -26.09
N LEU C 1171 47.52 -46.62 -27.21
CA LEU C 1171 48.21 -45.47 -27.80
C LEU C 1171 47.26 -44.34 -28.14
N SER C 1172 46.03 -44.69 -28.52
CA SER C 1172 45.04 -43.72 -28.90
C SER C 1172 44.54 -42.87 -27.74
N ASP C 1173 44.98 -43.17 -26.51
CA ASP C 1173 44.70 -42.33 -25.36
C ASP C 1173 45.66 -41.15 -25.23
N PHE C 1174 46.82 -41.20 -25.90
CA PHE C 1174 47.89 -40.26 -25.63
C PHE C 1174 48.21 -39.27 -26.75
N VAL C 1175 48.82 -38.16 -26.34
CA VAL C 1175 49.35 -37.17 -27.27
C VAL C 1175 50.82 -36.91 -26.98
N GLN C 1176 51.65 -36.61 -28.15
CA GLN C 1176 53.09 -36.39 -28.07
C GLN C 1176 53.48 -34.95 -27.91
N ILE C 1177 54.36 -34.66 -26.94
CA ILE C 1177 54.68 -33.27 -26.63
C ILE C 1177 56.14 -32.85 -26.40
N TYR C 1178 57.13 -33.63 -26.84
CA TYR C 1178 58.55 -33.27 -26.58
C TYR C 1178 58.86 -33.18 -25.08
N ASN C 1179 59.85 -32.35 -24.76
CA ASN C 1179 60.05 -31.73 -23.46
C ASN C 1179 60.35 -32.56 -22.22
N CYS C 1180 59.51 -33.54 -21.89
CA CYS C 1180 59.84 -34.38 -20.75
C CYS C 1180 60.15 -33.64 -19.46
N ASN C 1181 59.12 -32.99 -18.91
CA ASN C 1181 59.24 -32.14 -17.73
C ASN C 1181 59.41 -32.92 -16.43
N VAL C 1182 60.52 -33.64 -16.33
CA VAL C 1182 61.02 -34.37 -15.17
C VAL C 1182 60.14 -35.47 -14.61
N THR C 1183 58.99 -35.11 -14.08
CA THR C 1183 58.20 -35.99 -13.22
C THR C 1183 57.37 -37.03 -13.97
N PHE C 1184 57.87 -37.83 -14.93
CA PHE C 1184 57.40 -38.71 -15.98
C PHE C 1184 57.90 -40.11 -15.80
N VAL C 1185 57.18 -41.06 -16.33
CA VAL C 1185 57.69 -42.41 -16.30
C VAL C 1185 58.93 -42.43 -17.17
N ASN C 1186 60.04 -42.88 -16.59
CA ASN C 1186 61.30 -42.99 -17.32
C ASN C 1186 61.40 -44.31 -18.01
N ILE C 1187 61.42 -44.30 -19.33
CA ILE C 1187 61.27 -45.56 -20.04
C ILE C 1187 61.90 -45.52 -21.43
N SER C 1188 62.46 -46.64 -21.89
CA SER C 1188 62.90 -46.73 -23.28
C SER C 1188 61.76 -47.02 -24.21
N ARG C 1189 61.93 -46.67 -25.46
CA ARG C 1189 60.98 -47.04 -26.49
C ARG C 1189 60.62 -48.51 -26.49
N VAL C 1190 61.60 -49.36 -26.27
CA VAL C 1190 61.33 -50.78 -26.24
C VAL C 1190 60.46 -51.15 -25.05
N GLU C 1191 60.84 -50.66 -23.87
CA GLU C 1191 60.10 -50.97 -22.65
C GLU C 1191 58.68 -50.43 -22.68
N LEU C 1192 58.45 -49.41 -23.50
CA LEU C 1192 57.15 -48.79 -23.61
C LEU C 1192 56.02 -49.77 -23.84
N HIS C 1193 56.26 -50.89 -24.51
CA HIS C 1193 55.15 -51.81 -24.78
C HIS C 1193 54.62 -52.49 -23.52
N THR C 1194 55.36 -52.37 -22.41
CA THR C 1194 54.95 -52.94 -21.15
C THR C 1194 54.11 -51.93 -20.35
N VAL C 1195 54.06 -50.70 -20.83
CA VAL C 1195 53.28 -49.63 -20.22
C VAL C 1195 52.04 -49.39 -21.04
N ILE C 1196 52.21 -49.40 -22.36
CA ILE C 1196 51.08 -49.27 -23.26
C ILE C 1196 50.97 -50.49 -24.17
N PRO C 1197 50.11 -51.46 -23.85
CA PRO C 1197 49.94 -52.67 -24.59
C PRO C 1197 49.59 -52.33 -26.01
N ASP C 1198 50.05 -53.19 -26.92
CA ASP C 1198 49.89 -53.04 -28.36
C ASP C 1198 50.69 -51.91 -28.99
N TYR C 1199 51.54 -51.24 -28.22
CA TYR C 1199 52.53 -50.39 -28.85
C TYR C 1199 53.51 -51.21 -29.68
N VAL C 1200 53.75 -50.79 -30.91
CA VAL C 1200 54.70 -51.47 -31.77
C VAL C 1200 55.80 -50.55 -32.29
N ASP C 1201 57.03 -50.86 -31.95
CA ASP C 1201 58.14 -50.10 -32.50
C ASP C 1201 58.41 -50.59 -33.90
N VAL C 1202 57.69 -50.01 -34.84
CA VAL C 1202 57.77 -50.43 -36.22
C VAL C 1202 59.17 -50.33 -36.80
N ASN C 1203 59.91 -49.28 -36.45
CA ASN C 1203 61.26 -49.16 -37.01
C ASN C 1203 62.13 -50.31 -36.57
N LYS C 1204 62.12 -50.62 -35.27
CA LYS C 1204 62.90 -51.74 -34.78
C LYS C 1204 62.44 -53.02 -35.46
N THR C 1205 61.13 -53.17 -35.58
CA THR C 1205 60.56 -54.33 -36.21
C THR C 1205 61.06 -54.51 -37.63
N LEU C 1206 61.07 -53.43 -38.40
CA LEU C 1206 61.55 -53.48 -39.77
C LEU C 1206 63.03 -53.85 -39.85
N GLN C 1207 63.82 -53.41 -38.88
CA GLN C 1207 65.22 -53.76 -38.83
C GLN C 1207 65.41 -55.27 -38.54
N GLU C 1208 64.57 -55.84 -37.67
CA GLU C 1208 64.65 -57.27 -37.35
C GLU C 1208 64.03 -58.22 -38.39
N PHE C 1209 62.92 -57.80 -39.03
CA PHE C 1209 62.19 -58.63 -39.98
C PHE C 1209 62.32 -58.21 -41.45
#